data_8XLL
#
_entry.id   8XLL
#
_cell.length_a   1.00
_cell.length_b   1.00
_cell.length_c   1.00
_cell.angle_alpha   90.00
_cell.angle_beta   90.00
_cell.angle_gamma   90.00
#
_symmetry.space_group_name_H-M   'P 1'
#
_entity_poly.entity_id   1
_entity_poly.type   'polypeptide(L)'
_entity_poly.pdbx_seq_one_letter_code
;LKEAQNTCAMLTTFNEVDMSNIQEMRARHKDAFLKKHNLKLGFMSAFVKASAFALQEQPVVNAVIDDATKEVVYRDYIDI
SVAVATPRGLVVPVIRNVETMNYADIERTINELGEKARKNELAIEDMDGGTFTISNGGVFGSLFGTPIINPPQSAILGMH
GIFDRPVAVGGKVEVRPMMYVALTYDHRLIDGREAVTFLRKIKAAVEDPRVLLLDL
;
_entity_poly.pdbx_strand_id   A,B,C,D,E,F,G,H,I,J,K,L,M,N,O,P,R,S,T,U,V,W,X,Y
#
# COMPACT_ATOMS: atom_id res chain seq x y z
N ALA A 4 -68.61 7.21 -2.92
CA ALA A 4 -67.48 7.01 -2.04
C ALA A 4 -67.59 5.67 -1.31
N GLN A 5 -66.59 4.83 -1.47
CA GLN A 5 -66.53 3.52 -0.82
C GLN A 5 -67.75 2.67 -1.15
N ASN A 6 -68.86 2.93 -0.48
CA ASN A 6 -70.09 2.16 -0.69
C ASN A 6 -71.10 2.94 -1.54
N THR A 7 -71.03 4.27 -1.52
CA THR A 7 -71.97 5.07 -2.30
C THR A 7 -71.83 4.77 -3.79
N CYS A 8 -70.60 4.70 -4.28
CA CYS A 8 -70.34 4.38 -5.68
C CYS A 8 -69.14 3.44 -5.74
N ALA A 9 -68.78 3.05 -6.95
CA ALA A 9 -67.65 2.16 -7.17
C ALA A 9 -66.37 2.97 -7.35
N MET A 10 -65.52 2.96 -6.33
CA MET A 10 -64.25 3.68 -6.39
C MET A 10 -63.16 2.82 -7.01
N LEU A 11 -62.80 1.73 -6.35
CA LEU A 11 -61.79 0.79 -6.84
C LEU A 11 -60.50 1.51 -7.25
N THR A 12 -60.12 2.49 -6.45
CA THR A 12 -58.98 3.34 -6.80
C THR A 12 -57.73 2.52 -7.03
N THR A 13 -57.09 2.73 -8.18
CA THR A 13 -55.82 2.09 -8.50
C THR A 13 -54.69 3.10 -8.36
N PHE A 14 -53.50 2.59 -8.04
CA PHE A 14 -52.36 3.44 -7.73
C PHE A 14 -51.14 3.02 -8.55
N ASN A 15 -50.26 3.99 -8.78
CA ASN A 15 -48.99 3.76 -9.47
C ASN A 15 -47.98 4.79 -8.97
N GLU A 16 -46.70 4.49 -9.19
CA GLU A 16 -45.62 5.40 -8.86
C GLU A 16 -45.03 5.95 -10.14
N VAL A 17 -44.78 7.26 -10.17
CA VAL A 17 -44.21 7.95 -11.32
C VAL A 17 -42.92 8.62 -10.87
N ASP A 18 -41.80 8.21 -11.47
CA ASP A 18 -40.56 8.91 -11.15
C ASP A 18 -40.54 10.28 -11.82
N MET A 19 -39.89 11.23 -11.16
CA MET A 19 -39.90 12.62 -11.59
C MET A 19 -38.51 13.07 -11.99
N SER A 20 -37.61 12.13 -12.24
CA SER A 20 -36.26 12.50 -12.65
C SER A 20 -36.25 13.25 -13.96
N ASN A 21 -36.99 12.76 -14.94
CA ASN A 21 -37.01 13.40 -16.25
C ASN A 21 -37.60 14.81 -16.18
N ILE A 22 -38.79 14.94 -15.58
CA ILE A 22 -39.46 16.23 -15.57
C ILE A 22 -38.72 17.23 -14.69
N GLN A 23 -38.31 16.81 -13.50
CA GLN A 23 -37.59 17.72 -12.62
C GLN A 23 -36.27 18.15 -13.23
N GLU A 24 -35.51 17.22 -13.83
CA GLU A 24 -34.23 17.60 -14.41
C GLU A 24 -34.43 18.51 -15.62
N MET A 25 -35.48 18.24 -16.42
CA MET A 25 -35.80 19.11 -17.55
C MET A 25 -36.11 20.53 -17.09
N ARG A 26 -37.02 20.68 -16.13
CA ARG A 26 -37.36 22.01 -15.66
C ARG A 26 -36.17 22.66 -14.96
N ALA A 27 -35.32 21.88 -14.30
CA ALA A 27 -34.11 22.44 -13.70
C ALA A 27 -33.20 23.03 -14.75
N ARG A 28 -33.07 22.37 -15.90
CA ARG A 28 -32.23 22.88 -16.98
C ARG A 28 -33.05 23.43 -18.15
N HIS A 29 -34.29 23.86 -17.91
CA HIS A 29 -35.05 24.53 -18.96
C HIS A 29 -35.92 25.69 -18.46
N LYS A 30 -35.85 26.06 -17.18
CA LYS A 30 -36.81 27.02 -16.64
C LYS A 30 -36.45 28.46 -16.99
N ASP A 31 -35.16 28.79 -17.08
CA ASP A 31 -34.78 30.17 -17.35
C ASP A 31 -35.24 30.61 -18.73
N ALA A 32 -35.06 29.75 -19.73
CA ALA A 32 -35.52 30.07 -21.08
C ALA A 32 -37.02 30.25 -21.12
N PHE A 33 -37.76 29.41 -20.40
CA PHE A 33 -39.22 29.54 -20.36
C PHE A 33 -39.64 30.85 -19.70
N LEU A 34 -38.96 31.23 -18.61
CA LEU A 34 -39.24 32.51 -17.98
C LEU A 34 -38.91 33.68 -18.90
N LYS A 35 -37.90 33.53 -19.75
CA LYS A 35 -37.51 34.60 -20.66
C LYS A 35 -38.36 34.61 -21.93
N LYS A 36 -39.15 33.55 -22.17
CA LYS A 36 -39.88 33.39 -23.41
C LYS A 36 -41.37 33.65 -23.24
N HIS A 37 -42.03 32.94 -22.32
CA HIS A 37 -43.44 33.17 -22.02
C HIS A 37 -43.67 33.95 -20.74
N ASN A 38 -42.74 33.86 -19.78
CA ASN A 38 -42.64 34.63 -18.54
C ASN A 38 -43.53 34.14 -17.41
N LEU A 39 -44.23 33.01 -17.52
CA LEU A 39 -45.14 32.65 -16.44
C LEU A 39 -44.42 31.91 -15.29
N LYS A 40 -44.05 30.66 -15.54
CA LYS A 40 -43.56 29.64 -14.61
C LYS A 40 -43.25 28.40 -15.44
N LEU A 41 -42.79 27.36 -14.76
CA LEU A 41 -42.68 26.03 -15.34
C LEU A 41 -42.93 25.00 -14.26
N GLY A 42 -43.91 24.13 -14.47
CA GLY A 42 -44.27 23.13 -13.48
C GLY A 42 -44.63 21.81 -14.14
N PHE A 43 -44.92 20.82 -13.30
CA PHE A 43 -45.32 19.50 -13.75
C PHE A 43 -46.83 19.39 -14.01
N MET A 44 -47.59 20.44 -13.69
CA MET A 44 -49.02 20.44 -13.97
C MET A 44 -49.30 20.24 -15.46
N SER A 45 -48.57 20.97 -16.30
CA SER A 45 -48.76 20.87 -17.74
C SER A 45 -48.42 19.47 -18.24
N ALA A 46 -47.32 18.91 -17.73
CA ALA A 46 -46.91 17.57 -18.12
C ALA A 46 -47.99 16.55 -17.77
N PHE A 47 -48.53 16.63 -16.55
CA PHE A 47 -49.54 15.67 -16.14
C PHE A 47 -50.83 15.85 -16.91
N VAL A 48 -51.24 17.10 -17.17
CA VAL A 48 -52.46 17.33 -17.92
C VAL A 48 -52.34 16.80 -19.34
N LYS A 49 -51.21 17.06 -20.00
CA LYS A 49 -51.03 16.59 -21.37
C LYS A 49 -50.91 15.07 -21.42
N ALA A 50 -50.25 14.47 -20.43
CA ALA A 50 -50.17 13.01 -20.37
C ALA A 50 -51.55 12.39 -20.17
N SER A 51 -52.37 13.01 -19.32
CA SER A 51 -53.74 12.54 -19.16
C SER A 51 -54.52 12.64 -20.45
N ALA A 52 -54.33 13.73 -21.20
CA ALA A 52 -54.99 13.87 -22.49
C ALA A 52 -54.55 12.78 -23.46
N PHE A 53 -53.25 12.47 -23.48
CA PHE A 53 -52.75 11.43 -24.37
C PHE A 53 -53.36 10.08 -24.02
N ALA A 54 -53.32 9.72 -22.73
CA ALA A 54 -53.88 8.44 -22.30
C ALA A 54 -55.38 8.38 -22.55
N LEU A 55 -56.07 9.52 -22.44
CA LEU A 55 -57.50 9.57 -22.68
C LEU A 55 -57.81 9.37 -24.16
N GLN A 56 -56.95 9.89 -25.03
CA GLN A 56 -57.07 9.61 -26.45
C GLN A 56 -56.85 8.13 -26.74
N GLU A 57 -55.84 7.52 -26.12
CA GLU A 57 -55.56 6.12 -26.39
C GLU A 57 -56.66 5.20 -25.87
N GLN A 58 -57.31 5.57 -24.78
CA GLN A 58 -58.36 4.76 -24.16
C GLN A 58 -59.63 5.60 -24.14
N PRO A 59 -60.46 5.51 -25.18
CA PRO A 59 -61.64 6.39 -25.26
C PRO A 59 -62.76 6.00 -24.33
N VAL A 60 -62.71 4.81 -23.71
CA VAL A 60 -63.78 4.40 -22.81
C VAL A 60 -63.77 5.22 -21.54
N VAL A 61 -62.58 5.49 -21.00
CA VAL A 61 -62.47 6.28 -19.78
C VAL A 61 -63.01 7.69 -20.00
N ASN A 62 -62.91 8.19 -21.23
CA ASN A 62 -63.49 9.49 -21.54
C ASN A 62 -65.01 9.44 -21.51
N ALA A 63 -65.59 8.32 -21.93
CA ALA A 63 -67.04 8.20 -21.97
C ALA A 63 -67.64 8.19 -20.57
N VAL A 64 -68.74 8.91 -20.40
CA VAL A 64 -69.48 8.91 -19.15
C VAL A 64 -70.73 8.07 -19.33
N ILE A 65 -71.20 7.50 -18.24
CA ILE A 65 -72.42 6.71 -18.25
C ILE A 65 -73.60 7.64 -17.97
N ASP A 66 -74.77 7.25 -18.45
CA ASP A 66 -76.00 8.02 -18.29
C ASP A 66 -76.97 7.15 -17.49
N ASP A 67 -76.94 7.30 -16.17
CA ASP A 67 -77.74 6.45 -15.29
C ASP A 67 -79.23 6.55 -15.58
N ALA A 68 -79.68 7.68 -16.13
CA ALA A 68 -81.09 7.82 -16.49
C ALA A 68 -81.47 6.87 -17.62
N THR A 69 -80.54 6.62 -18.53
CA THR A 69 -80.81 5.79 -19.70
C THR A 69 -79.94 4.53 -19.78
N LYS A 70 -78.94 4.40 -18.92
CA LYS A 70 -77.96 3.31 -18.98
C LYS A 70 -77.32 3.25 -20.37
N GLU A 71 -76.90 4.41 -20.85
CA GLU A 71 -76.24 4.56 -22.14
C GLU A 71 -74.88 5.21 -21.94
N VAL A 72 -73.86 4.64 -22.58
CA VAL A 72 -72.53 5.24 -22.54
C VAL A 72 -72.47 6.36 -23.58
N VAL A 73 -71.94 7.52 -23.17
CA VAL A 73 -71.83 8.66 -24.05
C VAL A 73 -70.36 8.86 -24.37
N TYR A 74 -69.96 8.53 -25.60
CA TYR A 74 -68.55 8.58 -25.99
C TYR A 74 -68.17 10.02 -26.28
N ARG A 75 -67.92 10.77 -25.20
CA ARG A 75 -67.42 12.13 -25.34
C ARG A 75 -66.05 12.10 -26.00
N ASP A 76 -65.81 13.05 -26.91
CA ASP A 76 -64.57 13.08 -27.68
C ASP A 76 -63.63 14.19 -27.22
N TYR A 77 -64.11 15.41 -27.10
CA TYR A 77 -63.25 16.51 -26.66
C TYR A 77 -62.77 16.26 -25.24
N ILE A 78 -61.47 16.42 -25.02
CA ILE A 78 -60.87 16.23 -23.71
C ILE A 78 -61.03 17.53 -22.93
N ASP A 79 -61.68 17.45 -21.77
CA ASP A 79 -61.92 18.60 -20.92
C ASP A 79 -61.30 18.33 -19.54
N ILE A 80 -60.02 18.65 -19.41
CA ILE A 80 -59.36 18.48 -18.12
C ILE A 80 -59.83 19.58 -17.18
N SER A 81 -60.37 19.19 -16.03
CA SER A 81 -60.82 20.14 -15.01
C SER A 81 -59.82 20.07 -13.86
N VAL A 82 -59.08 21.15 -13.64
CA VAL A 82 -58.04 21.16 -12.62
C VAL A 82 -58.57 21.83 -11.35
N ALA A 83 -57.87 21.60 -10.25
CA ALA A 83 -58.27 22.10 -8.94
C ALA A 83 -57.29 23.17 -8.46
N VAL A 84 -57.81 24.15 -7.74
CA VAL A 84 -57.03 25.24 -7.17
C VAL A 84 -57.29 25.30 -5.67
N ALA A 85 -56.21 25.32 -4.89
CA ALA A 85 -56.30 25.35 -3.42
C ALA A 85 -56.38 26.81 -2.96
N THR A 86 -57.57 27.39 -3.12
CA THR A 86 -57.82 28.77 -2.74
C THR A 86 -57.90 28.90 -1.22
N PRO A 87 -57.74 30.12 -0.69
CA PRO A 87 -57.96 30.31 0.76
C PRO A 87 -59.35 29.88 1.21
N ARG A 88 -60.38 30.06 0.39
CA ARG A 88 -61.73 29.67 0.76
C ARG A 88 -62.00 28.21 0.39
N GLY A 89 -61.10 27.32 0.75
CA GLY A 89 -61.26 25.91 0.47
C GLY A 89 -60.58 25.45 -0.80
N LEU A 90 -61.37 25.04 -1.79
CA LEU A 90 -60.82 24.55 -3.04
C LEU A 90 -61.88 24.69 -4.14
N VAL A 91 -61.43 25.10 -5.32
CA VAL A 91 -62.31 25.31 -6.47
C VAL A 91 -61.73 24.56 -7.66
N VAL A 92 -62.62 24.11 -8.55
CA VAL A 92 -62.20 23.29 -9.68
C VAL A 92 -62.67 23.91 -11.00
N PRO A 93 -61.86 24.79 -11.61
CA PRO A 93 -62.15 25.25 -12.97
C PRO A 93 -61.81 24.17 -14.00
N VAL A 94 -62.05 24.51 -15.26
CA VAL A 94 -61.97 23.53 -16.35
C VAL A 94 -61.10 24.09 -17.48
N ILE A 95 -60.51 23.18 -18.26
CA ILE A 95 -59.75 23.51 -19.45
C ILE A 95 -60.31 22.68 -20.61
N ARG A 96 -60.58 23.32 -21.73
CA ARG A 96 -61.25 22.66 -22.84
C ARG A 96 -60.31 22.42 -24.01
N ASN A 97 -60.50 21.29 -24.68
CA ASN A 97 -59.74 20.90 -25.87
C ASN A 97 -58.23 20.80 -25.54
N VAL A 98 -57.92 19.86 -24.65
CA VAL A 98 -56.56 19.73 -24.14
C VAL A 98 -55.59 19.19 -25.19
N GLU A 99 -56.07 18.46 -26.19
CA GLU A 99 -55.17 17.78 -27.13
C GLU A 99 -54.33 18.76 -27.92
N THR A 100 -54.88 19.92 -28.26
CA THR A 100 -54.14 20.89 -29.07
C THR A 100 -52.94 21.46 -28.32
N MET A 101 -53.16 21.94 -27.10
CA MET A 101 -52.07 22.54 -26.32
C MET A 101 -51.01 21.51 -26.02
N ASN A 102 -49.75 21.91 -26.10
CA ASN A 102 -48.66 20.95 -25.86
C ASN A 102 -48.16 21.00 -24.42
N TYR A 103 -47.45 22.06 -24.04
CA TYR A 103 -47.09 22.32 -22.65
C TYR A 103 -47.35 23.78 -22.30
N ALA A 104 -47.10 24.67 -23.27
CA ALA A 104 -47.09 26.10 -22.99
C ALA A 104 -48.50 26.65 -22.81
N ASP A 105 -49.43 26.23 -23.66
CA ASP A 105 -50.80 26.74 -23.55
C ASP A 105 -51.49 26.20 -22.31
N ILE A 106 -51.21 24.95 -21.94
CA ILE A 106 -51.74 24.43 -20.68
C ILE A 106 -51.20 25.24 -19.51
N GLU A 107 -49.91 25.56 -19.53
CA GLU A 107 -49.33 26.36 -18.46
C GLU A 107 -49.97 27.75 -18.41
N ARG A 108 -50.21 28.35 -19.58
CA ARG A 108 -50.83 29.67 -19.62
C ARG A 108 -52.24 29.64 -19.05
N THR A 109 -53.03 28.63 -19.43
CA THR A 109 -54.38 28.51 -18.89
C THR A 109 -54.34 28.23 -17.38
N ILE A 110 -53.39 27.44 -16.93
CA ILE A 110 -53.26 27.15 -15.50
C ILE A 110 -52.98 28.44 -14.73
N ASN A 111 -52.03 29.23 -15.21
CA ASN A 111 -51.70 30.49 -14.54
C ASN A 111 -52.88 31.45 -14.55
N GLU A 112 -53.57 31.54 -15.69
CA GLU A 112 -54.73 32.44 -15.79
C GLU A 112 -55.82 32.03 -14.82
N LEU A 113 -56.14 30.74 -14.77
CA LEU A 113 -57.20 30.27 -13.90
C LEU A 113 -56.83 30.42 -12.43
N GLY A 114 -55.56 30.18 -12.10
CA GLY A 114 -55.12 30.39 -10.72
C GLY A 114 -55.24 31.84 -10.29
N GLU A 115 -54.82 32.77 -11.16
CA GLU A 115 -54.96 34.18 -10.84
C GLU A 115 -56.43 34.58 -10.73
N LYS A 116 -57.28 34.02 -11.58
CA LYS A 116 -58.71 34.31 -11.50
C LYS A 116 -59.31 33.80 -10.19
N ALA A 117 -58.94 32.58 -9.78
CA ALA A 117 -59.45 32.02 -8.54
C ALA A 117 -58.98 32.83 -7.34
N ARG A 118 -57.71 33.25 -7.34
CA ARG A 118 -57.22 34.11 -6.26
C ARG A 118 -57.99 35.42 -6.20
N LYS A 119 -58.50 35.88 -7.34
CA LYS A 119 -59.26 37.12 -7.41
C LYS A 119 -60.76 36.90 -7.29
N ASN A 120 -61.21 35.64 -7.27
CA ASN A 120 -62.64 35.29 -7.14
C ASN A 120 -63.44 35.84 -8.32
N GLU A 121 -62.96 35.58 -9.53
CA GLU A 121 -63.66 35.96 -10.76
C GLU A 121 -64.01 34.74 -11.61
N LEU A 122 -63.88 33.54 -11.04
CA LEU A 122 -64.13 32.31 -11.79
C LEU A 122 -65.62 32.20 -12.07
N ALA A 123 -66.01 32.49 -13.31
CA ALA A 123 -67.42 32.43 -13.69
C ALA A 123 -67.91 30.98 -13.69
N ILE A 124 -69.23 30.83 -13.58
CA ILE A 124 -69.84 29.51 -13.56
C ILE A 124 -69.75 28.82 -14.92
N GLU A 125 -69.37 29.56 -15.97
CA GLU A 125 -69.27 28.97 -17.29
C GLU A 125 -68.10 27.99 -17.37
N ASP A 126 -66.88 28.49 -17.15
CA ASP A 126 -65.68 27.65 -17.21
C ASP A 126 -65.42 27.02 -15.84
N MET A 127 -66.43 26.34 -15.32
CA MET A 127 -66.36 25.71 -14.02
C MET A 127 -66.78 24.25 -14.01
N ASP A 128 -67.57 23.80 -14.99
CA ASP A 128 -68.07 22.43 -15.01
C ASP A 128 -67.99 21.89 -16.43
N GLY A 129 -68.61 20.74 -16.65
CA GLY A 129 -68.65 20.14 -17.97
C GLY A 129 -67.40 19.39 -18.39
N GLY A 130 -66.54 19.03 -17.45
CA GLY A 130 -65.31 18.34 -17.81
C GLY A 130 -65.53 16.88 -18.12
N THR A 131 -64.49 16.26 -18.68
CA THR A 131 -64.47 14.83 -18.94
C THR A 131 -63.45 14.08 -18.08
N PHE A 132 -62.58 14.80 -17.37
CA PHE A 132 -61.54 14.20 -16.57
C PHE A 132 -61.02 15.25 -15.60
N THR A 133 -60.83 14.86 -14.35
CA THR A 133 -60.41 15.77 -13.29
C THR A 133 -59.04 15.37 -12.77
N ILE A 134 -58.24 16.36 -12.39
CA ILE A 134 -56.95 16.12 -11.76
C ILE A 134 -56.89 16.91 -10.45
N SER A 135 -56.77 16.19 -9.34
CA SER A 135 -56.62 16.80 -8.03
C SER A 135 -55.14 16.93 -7.68
N ASN A 136 -54.86 17.77 -6.69
CA ASN A 136 -53.50 17.99 -6.21
C ASN A 136 -53.49 17.89 -4.69
N GLY A 137 -52.97 16.79 -4.17
CA GLY A 137 -52.65 16.67 -2.77
C GLY A 137 -51.15 16.70 -2.61
N GLY A 138 -50.48 17.41 -3.52
CA GLY A 138 -49.03 17.47 -3.52
C GLY A 138 -48.48 18.71 -2.86
N VAL A 139 -49.22 19.81 -2.94
CA VAL A 139 -48.80 21.04 -2.27
C VAL A 139 -48.76 20.82 -0.77
N PHE A 140 -49.70 20.05 -0.23
CA PHE A 140 -49.64 19.56 1.14
C PHE A 140 -49.17 18.11 1.06
N GLY A 141 -47.91 17.88 1.39
CA GLY A 141 -47.29 16.60 1.09
C GLY A 141 -48.01 15.41 1.66
N SER A 142 -48.72 14.68 0.79
CA SER A 142 -49.41 13.46 1.16
C SER A 142 -48.81 12.31 0.36
N LEU A 143 -48.53 11.20 1.04
CA LEU A 143 -47.87 10.09 0.36
C LEU A 143 -48.77 9.51 -0.72
N PHE A 144 -50.00 9.17 -0.37
CA PHE A 144 -51.03 8.85 -1.36
C PHE A 144 -52.38 8.85 -0.68
N GLY A 145 -53.44 8.84 -1.48
CA GLY A 145 -54.78 8.88 -0.94
C GLY A 145 -55.81 8.51 -1.99
N THR A 146 -57.06 8.39 -1.53
CA THR A 146 -58.16 8.01 -2.40
C THR A 146 -58.90 9.25 -2.86
N PRO A 147 -58.90 9.56 -4.15
CA PRO A 147 -59.58 10.77 -4.64
C PRO A 147 -61.10 10.58 -4.72
N ILE A 148 -61.79 11.70 -4.57
CA ILE A 148 -63.24 11.72 -4.72
C ILE A 148 -63.59 12.00 -6.17
N ILE A 149 -64.42 11.15 -6.74
CA ILE A 149 -64.82 11.31 -8.14
C ILE A 149 -65.73 12.53 -8.26
N ASN A 150 -65.45 13.37 -9.26
CA ASN A 150 -66.24 14.56 -9.51
C ASN A 150 -67.31 14.23 -10.54
N PRO A 151 -68.60 14.27 -10.18
CA PRO A 151 -69.63 13.84 -11.12
C PRO A 151 -70.04 14.96 -12.08
N PRO A 152 -70.64 14.61 -13.22
CA PRO A 152 -70.98 13.27 -13.71
C PRO A 152 -69.80 12.61 -14.42
N GLN A 153 -68.59 13.12 -14.20
CA GLN A 153 -67.40 12.57 -14.82
C GLN A 153 -67.19 11.13 -14.32
N SER A 154 -66.40 10.36 -15.06
CA SER A 154 -66.27 8.95 -14.77
C SER A 154 -64.91 8.55 -14.21
N ALA A 155 -63.97 9.48 -14.06
CA ALA A 155 -62.67 9.17 -13.48
C ALA A 155 -62.02 10.45 -13.02
N ILE A 156 -60.92 10.32 -12.28
CA ILE A 156 -60.21 11.46 -11.73
C ILE A 156 -58.78 11.05 -11.42
N LEU A 157 -57.84 11.93 -11.71
CA LEU A 157 -56.44 11.72 -11.36
C LEU A 157 -56.13 12.41 -10.04
N GLY A 158 -55.46 11.70 -9.14
CA GLY A 158 -55.22 12.18 -7.80
C GLY A 158 -53.77 12.30 -7.40
N MET A 159 -52.94 12.92 -8.25
CA MET A 159 -51.51 12.94 -7.99
C MET A 159 -51.19 13.64 -6.68
N HIS A 160 -50.16 13.16 -6.00
CA HIS A 160 -49.75 13.62 -4.68
C HIS A 160 -48.33 14.17 -4.72
N GLY A 161 -47.76 14.41 -3.54
CA GLY A 161 -46.47 15.04 -3.44
C GLY A 161 -45.34 14.17 -3.93
N ILE A 162 -44.22 14.85 -4.24
CA ILE A 162 -43.01 14.20 -4.76
C ILE A 162 -42.00 14.10 -3.63
N PHE A 163 -41.54 12.88 -3.37
CA PHE A 163 -40.60 12.64 -2.28
C PHE A 163 -39.39 11.86 -2.80
N ASP A 164 -38.24 12.12 -2.20
CA ASP A 164 -37.02 11.38 -2.50
C ASP A 164 -37.12 10.01 -1.81
N ARG A 165 -37.19 8.94 -2.59
CA ARG A 165 -37.29 7.61 -2.04
C ARG A 165 -36.28 6.68 -2.69
N PRO A 166 -35.77 5.68 -1.97
CA PRO A 166 -34.85 4.73 -2.58
C PRO A 166 -35.60 3.74 -3.46
N VAL A 167 -35.24 3.70 -4.74
CA VAL A 167 -35.90 2.89 -5.74
C VAL A 167 -34.86 2.06 -6.47
N ALA A 168 -35.13 0.77 -6.64
CA ALA A 168 -34.18 -0.15 -7.26
C ALA A 168 -34.22 0.04 -8.77
N VAL A 169 -33.12 0.51 -9.34
CA VAL A 169 -32.96 0.61 -10.78
C VAL A 169 -31.80 -0.29 -11.19
N GLY A 170 -32.09 -1.33 -11.98
CA GLY A 170 -31.06 -2.23 -12.44
C GLY A 170 -30.34 -2.98 -11.35
N GLY A 171 -31.03 -3.32 -10.27
CA GLY A 171 -30.43 -4.08 -9.19
C GLY A 171 -29.65 -3.29 -8.16
N LYS A 172 -29.58 -1.96 -8.31
CA LYS A 172 -28.89 -1.12 -7.34
C LYS A 172 -29.86 -0.08 -6.79
N VAL A 173 -29.78 0.18 -5.50
CA VAL A 173 -30.66 1.12 -4.83
C VAL A 173 -30.10 2.52 -5.00
N GLU A 174 -30.85 3.39 -5.66
CA GLU A 174 -30.48 4.79 -5.80
C GLU A 174 -31.69 5.67 -5.52
N VAL A 175 -31.45 6.77 -4.80
CA VAL A 175 -32.53 7.67 -4.41
C VAL A 175 -33.00 8.45 -5.63
N ARG A 176 -34.30 8.38 -5.91
CA ARG A 176 -34.89 9.03 -7.06
C ARG A 176 -36.19 9.72 -6.64
N PRO A 177 -36.52 10.86 -7.28
CA PRO A 177 -37.73 11.58 -6.88
C PRO A 177 -39.00 10.90 -7.36
N MET A 178 -39.65 10.17 -6.46
CA MET A 178 -40.84 9.38 -6.74
C MET A 178 -42.09 10.11 -6.28
N MET A 179 -43.24 9.64 -6.78
CA MET A 179 -44.53 10.15 -6.35
C MET A 179 -45.61 9.16 -6.75
N TYR A 180 -46.55 8.92 -5.84
CA TYR A 180 -47.68 8.05 -6.13
C TYR A 180 -48.78 8.83 -6.82
N VAL A 181 -49.47 8.16 -7.74
CA VAL A 181 -50.58 8.73 -8.46
C VAL A 181 -51.75 7.75 -8.42
N ALA A 182 -52.96 8.30 -8.23
CA ALA A 182 -54.15 7.50 -8.04
C ALA A 182 -55.16 7.78 -9.15
N LEU A 183 -56.01 6.80 -9.41
CA LEU A 183 -57.10 6.94 -10.37
C LEU A 183 -58.35 6.32 -9.78
N THR A 184 -59.38 7.14 -9.56
CA THR A 184 -60.67 6.68 -9.06
C THR A 184 -61.60 6.58 -10.24
N TYR A 185 -61.75 5.38 -10.78
CA TYR A 185 -62.61 5.15 -11.94
C TYR A 185 -63.98 4.67 -11.49
N ASP A 186 -64.79 4.20 -12.43
CA ASP A 186 -66.11 3.66 -12.17
C ASP A 186 -66.14 2.22 -12.69
N HIS A 187 -66.15 1.26 -11.78
CA HIS A 187 -66.09 -0.15 -12.18
C HIS A 187 -67.31 -0.56 -12.98
N ARG A 188 -68.39 0.23 -12.92
CA ARG A 188 -69.59 -0.07 -13.70
C ARG A 188 -69.33 0.06 -15.20
N LEU A 189 -68.38 0.92 -15.59
CA LEU A 189 -68.06 1.14 -16.99
C LEU A 189 -66.63 0.73 -17.34
N ILE A 190 -65.66 1.14 -16.53
CA ILE A 190 -64.25 0.81 -16.78
C ILE A 190 -63.91 -0.46 -16.02
N ASP A 191 -63.28 -1.41 -16.71
CA ASP A 191 -62.83 -2.64 -16.08
C ASP A 191 -61.51 -2.39 -15.36
N GLY A 192 -61.01 -3.43 -14.69
CA GLY A 192 -59.69 -3.34 -14.10
C GLY A 192 -58.61 -3.17 -15.15
N ARG A 193 -58.73 -3.91 -16.25
CA ARG A 193 -57.75 -3.82 -17.32
C ARG A 193 -57.63 -2.40 -17.86
N GLU A 194 -58.77 -1.76 -18.14
CA GLU A 194 -58.75 -0.44 -18.75
C GLU A 194 -58.17 0.60 -17.80
N ALA A 195 -58.54 0.55 -16.52
CA ALA A 195 -58.01 1.52 -15.57
C ALA A 195 -56.51 1.31 -15.34
N VAL A 196 -56.08 0.06 -15.24
CA VAL A 196 -54.66 -0.22 -15.06
C VAL A 196 -53.87 0.27 -16.27
N THR A 197 -54.37 0.02 -17.48
CA THR A 197 -53.69 0.48 -18.68
C THR A 197 -53.68 2.01 -18.76
N PHE A 198 -54.77 2.65 -18.35
CA PHE A 198 -54.81 4.11 -18.26
C PHE A 198 -53.71 4.64 -17.36
N LEU A 199 -53.63 4.12 -16.13
CA LEU A 199 -52.63 4.61 -15.20
C LEU A 199 -51.22 4.34 -15.71
N ARG A 200 -50.99 3.17 -16.29
CA ARG A 200 -49.65 2.86 -16.79
C ARG A 200 -49.29 3.72 -17.99
N LYS A 201 -50.27 4.09 -18.82
CA LYS A 201 -49.99 4.98 -19.94
C LYS A 201 -49.68 6.38 -19.48
N ILE A 202 -50.40 6.88 -18.48
CA ILE A 202 -50.06 8.19 -17.91
C ILE A 202 -48.67 8.13 -17.27
N LYS A 203 -48.36 7.03 -16.59
CA LYS A 203 -47.03 6.86 -16.01
C LYS A 203 -45.95 6.89 -17.08
N ALA A 204 -46.19 6.22 -18.21
CA ALA A 204 -45.21 6.20 -19.30
C ALA A 204 -45.07 7.57 -19.95
N ALA A 205 -46.17 8.32 -20.04
CA ALA A 205 -46.13 9.62 -20.70
C ALA A 205 -45.57 10.72 -19.79
N VAL A 206 -45.52 10.48 -18.48
CA VAL A 206 -44.84 11.44 -17.60
C VAL A 206 -43.40 11.02 -17.36
N GLU A 207 -43.12 9.71 -17.31
CA GLU A 207 -41.76 9.25 -17.06
C GLU A 207 -40.81 9.65 -18.17
N ASP A 208 -41.32 9.79 -19.40
CA ASP A 208 -40.50 10.12 -20.56
C ASP A 208 -41.40 10.88 -21.51
N PRO A 209 -41.32 12.22 -21.51
CA PRO A 209 -42.26 13.01 -22.32
C PRO A 209 -42.15 12.76 -23.82
N ARG A 210 -41.04 12.20 -24.30
CA ARG A 210 -40.90 11.95 -25.73
C ARG A 210 -41.92 10.94 -26.25
N VAL A 211 -42.54 10.15 -25.36
CA VAL A 211 -43.59 9.24 -25.79
C VAL A 211 -44.74 10.01 -26.40
N LEU A 212 -45.04 11.18 -25.85
CA LEU A 212 -46.08 12.05 -26.41
C LEU A 212 -45.80 12.36 -27.88
N LEU A 213 -44.54 12.66 -28.21
CA LEU A 213 -44.16 12.91 -29.59
C LEU A 213 -44.22 11.62 -30.40
N LEU A 214 -43.81 10.51 -29.81
CA LEU A 214 -43.75 9.24 -30.52
C LEU A 214 -45.11 8.62 -30.74
N ASP A 215 -46.09 8.95 -29.90
CA ASP A 215 -47.43 8.35 -29.94
C ASP A 215 -47.36 6.84 -29.68
N LEU A 216 -46.94 6.49 -28.46
CA LEU A 216 -46.91 5.11 -28.03
C LEU A 216 -47.80 4.88 -26.82
N GLN B 5 24.26 62.83 -3.21
CA GLN B 5 25.00 62.32 -2.06
C GLN B 5 25.99 63.36 -1.56
N ASN B 6 26.29 64.34 -2.40
CA ASN B 6 27.27 65.38 -2.06
C ASN B 6 26.80 66.19 -0.86
N THR B 7 25.69 66.90 -0.99
CA THR B 7 25.15 67.71 0.11
C THR B 7 23.96 67.01 0.77
N CYS B 8 24.15 65.74 1.12
CA CYS B 8 23.11 65.01 1.84
C CYS B 8 23.62 64.33 3.11
N ALA B 9 24.87 63.85 3.13
CA ALA B 9 25.50 63.02 4.15
C ALA B 9 24.95 61.59 4.12
N MET B 10 23.80 61.39 3.45
CA MET B 10 23.39 60.13 2.80
C MET B 10 23.65 58.94 3.70
N LEU B 11 24.34 57.91 3.24
CA LEU B 11 24.84 56.85 4.07
C LEU B 11 23.68 56.14 4.79
N THR B 12 22.88 55.44 3.99
CA THR B 12 21.70 54.77 4.48
C THR B 12 22.01 53.33 4.86
N THR B 13 21.06 52.71 5.58
CA THR B 13 21.13 51.30 5.92
C THR B 13 19.73 50.69 5.81
N PHE B 14 19.69 49.40 5.53
CA PHE B 14 18.45 48.71 5.21
C PHE B 14 18.27 47.47 6.10
N ASN B 15 17.02 47.05 6.24
CA ASN B 15 16.68 45.88 7.04
C ASN B 15 15.35 45.33 6.57
N GLU B 16 15.04 44.11 6.98
CA GLU B 16 13.78 43.46 6.68
C GLU B 16 13.00 43.23 7.97
N VAL B 17 11.73 43.62 7.97
CA VAL B 17 10.85 43.43 9.12
C VAL B 17 9.70 42.54 8.70
N ASP B 18 9.45 41.49 9.47
CA ASP B 18 8.35 40.57 9.18
C ASP B 18 7.06 41.12 9.77
N MET B 19 6.01 41.17 8.96
CA MET B 19 4.75 41.78 9.36
C MET B 19 3.66 40.75 9.61
N SER B 20 4.03 39.49 9.86
CA SER B 20 3.02 38.47 10.14
C SER B 20 2.31 38.74 11.45
N ASN B 21 3.07 39.12 12.49
CA ASN B 21 2.46 39.35 13.80
C ASN B 21 1.55 40.56 13.80
N ILE B 22 1.92 41.61 13.06
CA ILE B 22 1.13 42.83 13.07
C ILE B 22 -0.19 42.63 12.34
N GLN B 23 -0.17 41.94 11.20
CA GLN B 23 -1.41 41.68 10.49
C GLN B 23 -2.32 40.74 11.27
N GLU B 24 -1.74 39.83 12.06
CA GLU B 24 -2.55 38.97 12.90
C GLU B 24 -3.31 39.78 13.94
N MET B 25 -2.64 40.77 14.56
CA MET B 25 -3.31 41.62 15.54
C MET B 25 -4.43 42.41 14.90
N ARG B 26 -4.21 42.92 13.69
CA ARG B 26 -5.25 43.65 12.98
C ARG B 26 -6.45 42.76 12.69
N ALA B 27 -6.19 41.57 12.13
CA ALA B 27 -7.28 40.66 11.84
C ALA B 27 -8.04 40.26 13.10
N ARG B 28 -7.34 40.15 14.22
CA ARG B 28 -7.99 39.73 15.46
C ARG B 28 -8.83 40.86 16.06
N HIS B 29 -8.32 42.10 16.04
CA HIS B 29 -8.90 43.16 16.85
C HIS B 29 -9.45 44.35 16.07
N LYS B 30 -9.54 44.27 14.74
CA LYS B 30 -10.00 45.45 14.00
C LYS B 30 -11.47 45.75 14.26
N ASP B 31 -12.30 44.72 14.43
CA ASP B 31 -13.71 44.94 14.73
C ASP B 31 -13.89 45.63 16.07
N ALA B 32 -13.19 45.16 17.09
CA ALA B 32 -13.27 45.80 18.40
C ALA B 32 -12.72 47.22 18.37
N PHE B 33 -11.62 47.43 17.62
CA PHE B 33 -11.04 48.76 17.52
C PHE B 33 -12.02 49.72 16.86
N LEU B 34 -12.69 49.29 15.80
CA LEU B 34 -13.69 50.14 15.14
C LEU B 34 -14.89 50.39 16.04
N LYS B 35 -15.32 49.37 16.79
CA LYS B 35 -16.44 49.55 17.70
C LYS B 35 -16.11 50.57 18.80
N LYS B 36 -14.91 50.50 19.35
CA LYS B 36 -14.58 51.35 20.49
C LYS B 36 -14.09 52.74 20.08
N HIS B 37 -12.99 52.81 19.33
CA HIS B 37 -12.37 54.09 19.00
C HIS B 37 -12.89 54.68 17.70
N ASN B 38 -13.75 53.96 16.98
CA ASN B 38 -14.33 54.44 15.73
C ASN B 38 -13.25 54.80 14.71
N LEU B 39 -12.20 53.97 14.64
CA LEU B 39 -11.10 54.19 13.71
C LEU B 39 -10.76 52.86 13.04
N LYS B 40 -9.76 52.90 12.17
CA LYS B 40 -9.27 51.73 11.47
C LYS B 40 -7.86 51.40 11.92
N LEU B 41 -7.52 50.11 11.85
CA LEU B 41 -6.22 49.62 12.28
C LEU B 41 -5.30 49.46 11.09
N GLY B 42 -4.13 50.11 11.16
CA GLY B 42 -3.10 49.96 10.15
C GLY B 42 -1.77 49.63 10.81
N PHE B 43 -0.74 49.53 9.97
CA PHE B 43 0.60 49.28 10.46
C PHE B 43 1.36 50.57 10.74
N MET B 44 0.72 51.72 10.58
CA MET B 44 1.39 52.99 10.81
C MET B 44 1.69 53.19 12.30
N SER B 45 0.71 52.86 13.15
CA SER B 45 0.89 53.05 14.59
C SER B 45 2.01 52.17 15.12
N ALA B 46 2.13 50.94 14.61
CA ALA B 46 3.21 50.06 15.04
C ALA B 46 4.57 50.69 14.77
N PHE B 47 4.74 51.27 13.59
CA PHE B 47 6.02 51.87 13.23
C PHE B 47 6.29 53.14 14.02
N VAL B 48 5.24 53.96 14.25
CA VAL B 48 5.45 55.17 15.03
C VAL B 48 5.83 54.83 16.47
N LYS B 49 5.15 53.84 17.08
CA LYS B 49 5.49 53.44 18.43
C LYS B 49 6.87 52.81 18.51
N ALA B 50 7.23 52.00 17.51
CA ALA B 50 8.56 51.42 17.48
C ALA B 50 9.65 52.49 17.37
N SER B 51 9.41 53.51 16.53
CA SER B 51 10.36 54.59 16.40
C SER B 51 10.47 55.37 17.71
N ALA B 52 9.35 55.60 18.39
CA ALA B 52 9.41 56.27 19.68
C ALA B 52 10.22 55.47 20.69
N PHE B 53 10.00 54.15 20.72
CA PHE B 53 10.75 53.30 21.65
C PHE B 53 12.24 53.33 21.35
N ALA B 54 12.60 53.22 20.07
CA ALA B 54 14.00 53.24 19.69
C ALA B 54 14.65 54.56 20.03
N LEU B 55 13.90 55.66 19.88
CA LEU B 55 14.44 56.97 20.24
C LEU B 55 14.60 57.11 21.75
N GLN B 56 13.71 56.49 22.52
CA GLN B 56 13.91 56.45 23.97
C GLN B 56 15.19 55.71 24.32
N GLU B 57 15.41 54.54 23.73
CA GLU B 57 16.51 53.69 24.16
C GLU B 57 17.89 54.23 23.75
N GLN B 58 17.95 55.21 22.85
CA GLN B 58 19.20 55.88 22.54
C GLN B 58 18.89 57.26 21.96
N PRO B 59 19.01 58.31 22.79
CA PRO B 59 18.62 59.65 22.36
C PRO B 59 19.64 60.39 21.51
N VAL B 60 20.83 59.81 21.29
CA VAL B 60 21.84 60.48 20.48
C VAL B 60 21.39 60.59 19.03
N VAL B 61 20.59 59.62 18.56
CA VAL B 61 19.99 59.73 17.24
C VAL B 61 19.06 60.94 17.18
N ASN B 62 18.26 61.14 18.23
CA ASN B 62 17.34 62.27 18.31
C ASN B 62 18.06 63.61 18.35
N ALA B 63 19.36 63.63 18.66
CA ALA B 63 20.09 64.87 18.77
C ALA B 63 20.33 65.49 17.40
N VAL B 64 20.67 66.78 17.39
CA VAL B 64 20.93 67.53 16.17
C VAL B 64 22.21 68.33 16.35
N ILE B 65 23.07 68.29 15.34
CA ILE B 65 24.30 69.07 15.34
C ILE B 65 23.98 70.52 15.03
N ASP B 66 24.43 71.43 15.89
CA ASP B 66 24.33 72.87 15.64
C ASP B 66 25.66 73.33 15.07
N ASP B 67 25.73 73.46 13.75
CA ASP B 67 26.96 73.90 13.09
C ASP B 67 27.30 75.36 13.42
N ALA B 68 26.32 76.13 13.91
CA ALA B 68 26.60 77.52 14.26
C ALA B 68 27.56 77.62 15.43
N THR B 69 27.50 76.68 16.38
CA THR B 69 28.36 76.70 17.55
C THR B 69 29.12 75.41 17.79
N LYS B 70 29.02 74.43 16.88
CA LYS B 70 29.60 73.11 17.08
C LYS B 70 29.13 72.52 18.41
N GLU B 71 27.82 72.40 18.55
CA GLU B 71 27.19 71.92 19.76
C GLU B 71 26.09 70.92 19.41
N VAL B 72 26.04 69.82 20.14
CA VAL B 72 25.02 68.80 19.93
C VAL B 72 23.97 68.95 21.03
N VAL B 73 22.71 69.12 20.63
CA VAL B 73 21.61 69.34 21.56
C VAL B 73 20.86 68.03 21.77
N TYR B 74 20.80 67.58 23.02
CA TYR B 74 20.15 66.32 23.37
C TYR B 74 18.76 66.63 23.91
N ARG B 75 17.82 66.84 22.98
CA ARG B 75 16.46 67.17 23.35
C ARG B 75 15.79 65.98 24.02
N ASP B 76 15.04 66.26 25.10
CA ASP B 76 14.47 65.17 25.89
C ASP B 76 13.14 64.71 25.34
N TYR B 77 12.32 65.63 24.82
CA TYR B 77 11.02 65.27 24.27
C TYR B 77 11.19 64.57 22.93
N ILE B 78 10.27 63.64 22.65
CA ILE B 78 10.26 62.89 21.39
C ILE B 78 9.15 63.45 20.52
N ASP B 79 9.48 63.84 19.30
CA ASP B 79 8.55 64.51 18.39
C ASP B 79 8.76 63.94 16.99
N ILE B 80 7.80 63.12 16.53
CA ILE B 80 7.95 62.39 15.29
C ILE B 80 7.03 63.01 14.24
N SER B 81 7.60 63.37 13.10
CA SER B 81 6.85 64.03 12.03
C SER B 81 6.43 62.97 11.01
N VAL B 82 5.23 62.44 11.17
CA VAL B 82 4.72 61.42 10.26
C VAL B 82 4.20 62.09 8.99
N ALA B 83 4.68 61.62 7.84
CA ALA B 83 4.30 62.19 6.57
C ALA B 83 3.08 61.49 6.01
N VAL B 84 2.04 62.27 5.70
CA VAL B 84 0.81 61.75 5.10
C VAL B 84 0.76 62.24 3.66
N ALA B 85 0.54 61.30 2.75
CA ALA B 85 0.53 61.62 1.32
C ALA B 85 -0.87 62.01 0.89
N THR B 86 -0.97 63.11 0.17
CA THR B 86 -2.20 63.61 -0.42
C THR B 86 -1.97 63.88 -1.90
N PRO B 87 -3.02 63.87 -2.72
CA PRO B 87 -2.85 64.17 -4.14
C PRO B 87 -2.17 65.52 -4.39
N ARG B 88 -2.43 66.52 -3.54
CA ARG B 88 -1.69 67.77 -3.63
C ARG B 88 -0.20 67.57 -3.39
N GLY B 89 0.17 66.64 -2.53
CA GLY B 89 1.57 66.36 -2.25
C GLY B 89 1.72 65.69 -0.90
N LEU B 90 2.98 65.48 -0.53
CA LEU B 90 3.30 64.93 0.77
C LEU B 90 3.70 66.05 1.72
N VAL B 91 3.14 66.03 2.92
CA VAL B 91 3.40 67.04 3.94
C VAL B 91 4.06 66.37 5.13
N VAL B 92 4.36 67.16 6.15
CA VAL B 92 5.01 66.64 7.34
C VAL B 92 4.29 67.08 8.60
N PRO B 93 3.07 66.60 8.86
CA PRO B 93 2.45 66.85 10.17
C PRO B 93 3.24 66.16 11.27
N VAL B 94 3.24 66.79 12.45
CA VAL B 94 4.07 66.35 13.55
C VAL B 94 3.16 65.89 14.69
N ILE B 95 3.48 64.73 15.26
CA ILE B 95 2.76 64.18 16.40
C ILE B 95 3.56 64.47 17.66
N ARG B 96 2.95 65.17 18.60
CA ARG B 96 3.65 65.67 19.77
C ARG B 96 3.62 64.65 20.91
N ASN B 97 4.76 64.53 21.59
CA ASN B 97 4.90 63.70 22.79
C ASN B 97 4.47 62.25 22.51
N VAL B 98 5.20 61.61 21.59
CA VAL B 98 4.91 60.23 21.26
C VAL B 98 5.34 59.26 22.36
N GLU B 99 6.17 59.70 23.29
CA GLU B 99 6.61 58.82 24.37
C GLU B 99 5.43 58.38 25.24
N THR B 100 4.51 59.31 25.53
CA THR B 100 3.32 58.99 26.30
C THR B 100 2.12 58.82 25.34
N MET B 101 2.09 57.65 24.70
CA MET B 101 1.08 57.40 23.68
C MET B 101 0.97 55.91 23.44
N ASN B 102 -0.15 55.49 22.86
CA ASN B 102 -0.37 54.10 22.50
C ASN B 102 -0.96 54.01 21.10
N TYR B 103 -1.30 52.79 20.68
CA TYR B 103 -1.71 52.55 19.30
C TYR B 103 -2.98 53.34 18.96
N ALA B 104 -3.96 53.32 19.87
CA ALA B 104 -5.21 54.03 19.61
C ALA B 104 -5.00 55.53 19.53
N ASP B 105 -4.24 56.09 20.47
CA ASP B 105 -3.97 57.53 20.44
C ASP B 105 -3.18 57.92 19.20
N ILE B 106 -2.20 57.10 18.81
CA ILE B 106 -1.39 57.40 17.64
C ILE B 106 -2.25 57.40 16.39
N GLU B 107 -3.11 56.39 16.25
CA GLU B 107 -4.02 56.33 15.10
C GLU B 107 -4.98 57.50 15.10
N ARG B 108 -5.51 57.87 16.26
CA ARG B 108 -6.44 58.99 16.34
C ARG B 108 -5.78 60.29 15.92
N THR B 109 -4.58 60.55 16.43
CA THR B 109 -3.88 61.79 16.08
C THR B 109 -3.47 61.79 14.61
N ILE B 110 -3.07 60.64 14.07
CA ILE B 110 -2.73 60.56 12.65
C ILE B 110 -3.94 60.88 11.80
N ASN B 111 -5.10 60.31 12.15
CA ASN B 111 -6.33 60.58 11.40
C ASN B 111 -6.74 62.04 11.52
N GLU B 112 -6.61 62.61 12.71
CA GLU B 112 -7.00 64.01 12.91
C GLU B 112 -6.10 64.95 12.12
N LEU B 113 -4.79 64.72 12.15
CA LEU B 113 -3.87 65.54 11.38
C LEU B 113 -4.09 65.37 9.88
N GLY B 114 -4.37 64.14 9.43
CA GLY B 114 -4.70 63.93 8.03
C GLY B 114 -5.96 64.66 7.61
N GLU B 115 -6.97 64.67 8.49
CA GLU B 115 -8.19 65.41 8.19
C GLU B 115 -7.94 66.90 8.11
N LYS B 116 -7.11 67.43 9.02
CA LYS B 116 -6.72 68.84 8.91
C LYS B 116 -5.98 69.10 7.61
N ALA B 117 -5.16 68.14 7.17
CA ALA B 117 -4.43 68.31 5.92
C ALA B 117 -5.36 68.30 4.72
N ARG B 118 -6.43 67.50 4.78
CA ARG B 118 -7.35 67.42 3.65
C ARG B 118 -8.03 68.76 3.40
N LYS B 119 -8.46 69.44 4.46
CA LYS B 119 -9.08 70.75 4.32
C LYS B 119 -8.07 71.89 4.43
N ASN B 120 -6.80 71.57 4.70
CA ASN B 120 -5.71 72.55 4.71
C ASN B 120 -5.87 73.57 5.85
N GLU B 121 -6.06 73.08 7.07
CA GLU B 121 -5.89 73.89 8.27
C GLU B 121 -4.54 73.66 8.94
N LEU B 122 -3.57 73.13 8.20
CA LEU B 122 -2.27 72.81 8.78
C LEU B 122 -1.51 74.10 9.05
N ALA B 123 -1.53 74.55 10.31
CA ALA B 123 -0.80 75.74 10.70
C ALA B 123 0.71 75.46 10.72
N ILE B 124 1.48 76.53 10.73
CA ILE B 124 2.94 76.40 10.77
C ILE B 124 3.38 75.75 12.07
N GLU B 125 2.66 76.00 13.17
CA GLU B 125 3.08 75.46 14.46
C GLU B 125 3.11 73.94 14.45
N ASP B 126 2.10 73.31 13.86
CA ASP B 126 2.11 71.85 13.72
C ASP B 126 2.69 71.42 12.37
N MET B 127 3.84 71.97 12.02
CA MET B 127 4.56 71.54 10.83
C MET B 127 6.08 71.49 11.03
N ASP B 128 6.58 71.78 12.22
CA ASP B 128 8.01 71.77 12.47
C ASP B 128 8.26 71.36 13.91
N GLY B 129 9.52 71.46 14.33
CA GLY B 129 9.90 71.04 15.66
C GLY B 129 10.01 69.55 15.84
N GLY B 130 9.84 68.77 14.78
CA GLY B 130 9.96 67.34 14.90
C GLY B 130 11.41 66.90 15.07
N THR B 131 11.58 65.80 15.79
CA THR B 131 12.91 65.22 16.00
C THR B 131 13.19 64.04 15.10
N PHE B 132 12.16 63.45 14.50
CA PHE B 132 12.34 62.28 13.65
C PHE B 132 11.24 62.32 12.59
N THR B 133 11.60 61.91 11.38
CA THR B 133 10.69 61.96 10.25
C THR B 133 10.39 60.55 9.79
N ILE B 134 9.09 60.24 9.67
CA ILE B 134 8.65 58.93 9.20
C ILE B 134 7.89 59.12 7.90
N SER B 135 8.48 58.67 6.79
CA SER B 135 7.89 58.83 5.47
C SER B 135 7.45 57.47 4.94
N ASN B 136 6.17 57.36 4.62
CA ASN B 136 5.60 56.11 4.13
C ASN B 136 5.40 56.22 2.62
N GLY B 137 6.31 55.62 1.87
CA GLY B 137 6.15 55.53 0.43
C GLY B 137 5.67 54.15 0.02
N GLY B 138 5.28 53.35 1.03
CA GLY B 138 4.80 52.00 0.77
C GLY B 138 3.37 51.92 0.30
N VAL B 139 2.59 52.99 0.47
CA VAL B 139 1.24 53.00 -0.09
C VAL B 139 1.28 52.89 -1.60
N PHE B 140 2.42 53.21 -2.21
CA PHE B 140 2.70 52.92 -3.60
C PHE B 140 3.68 51.75 -3.61
N GLY B 141 3.35 50.69 -4.35
CA GLY B 141 4.15 49.48 -4.32
C GLY B 141 5.59 49.70 -4.71
N SER B 142 6.49 49.62 -3.74
CA SER B 142 7.92 49.79 -3.98
C SER B 142 8.68 48.81 -3.11
N LEU B 143 9.70 48.17 -3.69
CA LEU B 143 10.48 47.21 -2.92
C LEU B 143 11.28 47.90 -1.83
N PHE B 144 12.21 48.77 -2.22
CA PHE B 144 12.92 49.61 -1.27
C PHE B 144 13.56 50.76 -2.02
N GLY B 145 13.97 51.77 -1.28
CA GLY B 145 14.61 52.94 -1.86
C GLY B 145 15.28 53.75 -0.77
N THR B 146 16.03 54.77 -1.21
CA THR B 146 16.76 55.60 -0.29
C THR B 146 16.04 56.93 -0.09
N PRO B 147 15.49 57.21 1.07
CA PRO B 147 14.86 58.51 1.33
C PRO B 147 15.92 59.56 1.65
N ILE B 148 15.45 60.75 2.02
CA ILE B 148 16.32 61.90 2.27
C ILE B 148 16.06 62.42 3.68
N ILE B 149 17.15 62.81 4.35
CA ILE B 149 17.05 63.39 5.68
C ILE B 149 16.30 64.72 5.61
N ASN B 150 15.33 64.87 6.50
CA ASN B 150 14.59 66.13 6.61
C ASN B 150 15.29 67.04 7.61
N PRO B 151 15.70 68.25 7.23
CA PRO B 151 16.33 69.14 8.20
C PRO B 151 15.30 69.69 9.17
N PRO B 152 15.69 70.02 10.40
CA PRO B 152 17.06 69.94 10.95
C PRO B 152 17.38 68.58 11.59
N GLN B 153 16.45 67.62 11.62
CA GLN B 153 16.75 66.34 12.25
C GLN B 153 17.71 65.54 11.38
N SER B 154 18.31 64.51 11.99
CA SER B 154 19.42 63.80 11.38
C SER B 154 19.09 62.36 11.01
N ALA B 155 17.80 62.03 10.88
CA ALA B 155 17.42 60.68 10.48
C ALA B 155 16.01 60.69 9.92
N ILE B 156 15.68 59.64 9.18
CA ILE B 156 14.34 59.44 8.62
C ILE B 156 14.15 57.96 8.39
N LEU B 157 12.99 57.44 8.79
CA LEU B 157 12.64 56.04 8.55
C LEU B 157 11.62 55.98 7.43
N GLY B 158 11.97 55.28 6.36
CA GLY B 158 11.06 55.13 5.25
C GLY B 158 10.67 53.69 5.01
N MET B 159 9.40 53.36 5.22
CA MET B 159 8.92 52.01 4.97
C MET B 159 8.41 51.90 3.54
N HIS B 160 8.32 50.66 3.06
CA HIS B 160 7.98 50.39 1.67
C HIS B 160 6.83 49.40 1.59
N GLY B 161 6.53 48.91 0.40
CA GLY B 161 5.41 48.02 0.23
C GLY B 161 5.59 46.69 0.94
N ILE B 162 4.46 46.07 1.27
CA ILE B 162 4.44 44.77 1.94
C ILE B 162 4.19 43.70 0.89
N PHE B 163 5.18 42.82 0.71
CA PHE B 163 5.06 41.72 -0.24
C PHE B 163 5.34 40.42 0.49
N ASP B 164 4.86 39.33 -0.09
CA ASP B 164 5.10 38.00 0.45
C ASP B 164 6.34 37.41 -0.22
N ARG B 165 7.32 37.06 0.60
CA ARG B 165 8.57 36.51 0.12
C ARG B 165 8.89 35.26 0.92
N PRO B 166 9.53 34.27 0.30
CA PRO B 166 9.96 33.09 1.05
C PRO B 166 11.13 33.42 1.96
N VAL B 167 11.03 33.01 3.22
CA VAL B 167 12.06 33.27 4.21
C VAL B 167 12.27 32.02 5.05
N ALA B 168 13.50 31.79 5.48
CA ALA B 168 13.84 30.60 6.24
C ALA B 168 13.55 30.82 7.72
N VAL B 169 12.76 29.93 8.32
CA VAL B 169 12.54 29.90 9.75
C VAL B 169 12.91 28.51 10.26
N GLY B 170 13.83 28.46 11.22
CA GLY B 170 14.30 27.19 11.73
C GLY B 170 14.90 26.27 10.70
N GLY B 171 15.45 26.83 9.62
CA GLY B 171 16.00 26.02 8.55
C GLY B 171 15.02 25.55 7.51
N LYS B 172 13.73 25.88 7.65
CA LYS B 172 12.70 25.50 6.70
C LYS B 172 12.21 26.73 5.97
N VAL B 173 11.86 26.56 4.70
CA VAL B 173 11.40 27.68 3.87
C VAL B 173 9.91 27.88 4.09
N GLU B 174 9.53 29.11 4.44
CA GLU B 174 8.12 29.44 4.68
C GLU B 174 7.85 30.83 4.15
N VAL B 175 6.69 31.00 3.52
CA VAL B 175 6.29 32.25 2.90
C VAL B 175 5.66 33.14 3.96
N ARG B 176 6.21 34.32 4.16
CA ARG B 176 5.70 35.29 5.11
C ARG B 176 5.64 36.67 4.50
N PRO B 177 4.70 37.51 4.93
CA PRO B 177 4.61 38.88 4.39
C PRO B 177 5.66 39.77 5.04
N MET B 178 6.51 40.37 4.22
CA MET B 178 7.66 41.11 4.73
C MET B 178 7.67 42.54 4.19
N MET B 179 8.47 43.37 4.84
CA MET B 179 8.67 44.76 4.46
C MET B 179 10.16 45.05 4.42
N TYR B 180 10.54 46.02 3.60
CA TYR B 180 11.88 46.58 3.61
C TYR B 180 11.81 47.96 4.25
N VAL B 181 12.70 48.21 5.20
CA VAL B 181 12.75 49.50 5.90
C VAL B 181 14.12 50.11 5.65
N ALA B 182 14.17 51.43 5.66
CA ALA B 182 15.39 52.18 5.38
C ALA B 182 15.59 53.25 6.43
N LEU B 183 16.84 53.65 6.64
CA LEU B 183 17.18 54.74 7.56
C LEU B 183 18.40 55.47 7.01
N THR B 184 18.23 56.75 6.71
CA THR B 184 19.33 57.61 6.26
C THR B 184 19.70 58.51 7.43
N TYR B 185 20.96 58.44 7.84
CA TYR B 185 21.40 59.12 9.05
C TYR B 185 22.67 59.91 8.76
N ASP B 186 22.82 61.04 9.43
CA ASP B 186 24.01 61.87 9.29
C ASP B 186 25.17 61.25 10.06
N HIS B 187 26.26 60.93 9.36
CA HIS B 187 27.37 60.27 10.03
C HIS B 187 28.18 61.22 10.90
N ARG B 188 27.89 62.52 10.86
CA ARG B 188 28.68 63.48 11.62
C ARG B 188 28.35 63.48 13.10
N LEU B 189 27.28 62.83 13.53
CA LEU B 189 26.95 62.73 14.94
C LEU B 189 26.69 61.30 15.40
N ILE B 190 26.22 60.43 14.53
CA ILE B 190 25.95 59.04 14.87
C ILE B 190 26.72 58.13 13.93
N ASP B 191 27.42 57.16 14.49
CA ASP B 191 28.24 56.23 13.72
C ASP B 191 27.36 55.11 13.16
N GLY B 192 28.01 54.17 12.46
CA GLY B 192 27.27 53.08 11.85
C GLY B 192 26.64 52.15 12.86
N ARG B 193 27.37 51.82 13.93
CA ARG B 193 26.86 50.90 14.94
C ARG B 193 25.56 51.40 15.54
N GLU B 194 25.54 52.68 15.92
CA GLU B 194 24.36 53.24 16.57
C GLU B 194 23.14 53.20 15.67
N ALA B 195 23.30 53.60 14.40
CA ALA B 195 22.16 53.65 13.50
C ALA B 195 21.67 52.26 13.12
N VAL B 196 22.61 51.31 12.93
CA VAL B 196 22.20 49.94 12.65
C VAL B 196 21.43 49.36 13.83
N THR B 197 21.90 49.64 15.06
CA THR B 197 21.18 49.17 16.23
C THR B 197 19.81 49.83 16.34
N PHE B 198 19.72 51.11 15.98
CA PHE B 198 18.44 51.81 15.99
C PHE B 198 17.43 51.15 15.04
N LEU B 199 17.87 50.87 13.82
CA LEU B 199 16.97 50.19 12.87
C LEU B 199 16.62 48.80 13.35
N ARG B 200 17.59 48.06 13.90
CA ARG B 200 17.29 46.73 14.42
C ARG B 200 16.27 46.80 15.54
N LYS B 201 16.34 47.82 16.38
CA LYS B 201 15.41 47.91 17.50
C LYS B 201 14.02 48.29 17.03
N ILE B 202 13.92 49.16 16.02
CA ILE B 202 12.61 49.44 15.42
C ILE B 202 12.02 48.16 14.83
N LYS B 203 12.86 47.39 14.13
CA LYS B 203 12.38 46.15 13.52
C LYS B 203 11.91 45.16 14.58
N ALA B 204 12.66 45.05 15.68
CA ALA B 204 12.28 44.14 16.76
C ALA B 204 10.98 44.59 17.42
N ALA B 205 10.79 45.90 17.59
CA ALA B 205 9.55 46.39 18.19
C ALA B 205 8.35 46.16 17.29
N VAL B 206 8.51 46.36 15.98
CA VAL B 206 7.39 46.14 15.07
C VAL B 206 7.07 44.66 14.95
N GLU B 207 8.10 43.82 14.89
CA GLU B 207 7.89 42.39 14.68
C GLU B 207 7.12 41.75 15.83
N ASP B 208 7.47 42.12 17.07
CA ASP B 208 6.84 41.59 18.27
C ASP B 208 6.42 42.77 19.14
N PRO B 209 5.18 43.24 19.02
CA PRO B 209 4.78 44.47 19.73
C PRO B 209 4.89 44.39 21.24
N ARG B 210 5.07 43.20 21.81
CA ARG B 210 5.09 43.10 23.27
C ARG B 210 6.40 43.56 23.89
N VAL B 211 7.46 43.77 23.08
CA VAL B 211 8.69 44.29 23.64
C VAL B 211 8.50 45.73 24.10
N LEU B 212 7.52 46.43 23.51
CA LEU B 212 7.17 47.76 24.00
C LEU B 212 6.70 47.71 25.45
N LEU B 213 5.87 46.71 25.78
CA LEU B 213 5.43 46.53 27.15
C LEU B 213 6.54 46.01 28.05
N LEU B 214 7.40 45.13 27.52
CA LEU B 214 8.48 44.58 28.34
C LEU B 214 9.64 45.54 28.52
N ASP B 215 9.71 46.60 27.71
CA ASP B 215 10.76 47.62 27.81
C ASP B 215 12.16 47.00 27.68
N LEU B 216 12.40 46.42 26.51
CA LEU B 216 13.71 45.84 26.23
C LEU B 216 14.61 46.81 25.48
N LYS C 2 21.73 -41.85 -52.29
CA LYS C 2 22.48 -41.53 -53.50
C LYS C 2 21.76 -40.49 -54.35
N GLU C 3 22.17 -40.42 -55.60
CA GLU C 3 21.53 -39.58 -56.64
C GLU C 3 21.70 -38.10 -56.28
N ALA C 4 20.71 -37.29 -56.65
CA ALA C 4 20.89 -35.83 -56.69
C ALA C 4 21.16 -35.24 -55.31
N GLN C 5 20.35 -35.60 -54.32
CA GLN C 5 20.52 -34.99 -53.00
C GLN C 5 21.86 -35.36 -52.39
N ASN C 6 22.26 -36.64 -52.52
CA ASN C 6 23.56 -37.05 -52.00
C ASN C 6 24.72 -36.49 -52.80
N THR C 7 24.49 -36.08 -54.04
CA THR C 7 25.47 -35.29 -54.76
C THR C 7 25.27 -33.79 -54.57
N CYS C 8 24.18 -33.39 -53.92
CA CYS C 8 23.90 -31.99 -53.58
C CYS C 8 23.90 -31.10 -54.82
N ALA C 9 23.10 -31.50 -55.81
CA ALA C 9 22.98 -30.68 -57.02
C ALA C 9 22.10 -29.46 -56.77
N MET C 10 21.13 -29.57 -55.88
CA MET C 10 20.19 -28.51 -55.59
C MET C 10 20.36 -28.03 -54.16
N LEU C 11 20.38 -26.71 -53.98
CA LEU C 11 20.48 -26.11 -52.66
C LEU C 11 19.19 -25.40 -52.31
N THR C 12 18.79 -25.50 -51.05
CA THR C 12 17.59 -24.85 -50.56
C THR C 12 17.96 -23.92 -49.42
N THR C 13 17.40 -22.71 -49.44
CA THR C 13 17.59 -21.75 -48.37
C THR C 13 16.23 -21.42 -47.75
N PHE C 14 16.23 -21.17 -46.45
CA PHE C 14 15.00 -20.90 -45.71
C PHE C 14 15.10 -19.54 -45.04
N ASN C 15 13.94 -18.95 -44.79
CA ASN C 15 13.87 -17.68 -44.09
C ASN C 15 12.49 -17.57 -43.46
N GLU C 16 12.37 -16.69 -42.48
CA GLU C 16 11.20 -16.61 -41.62
C GLU C 16 10.46 -15.31 -41.88
N VAL C 17 9.18 -15.40 -42.23
CA VAL C 17 8.37 -14.26 -42.65
C VAL C 17 7.22 -14.09 -41.68
N ASP C 18 6.95 -12.85 -41.27
CA ASP C 18 5.92 -12.53 -40.30
C ASP C 18 4.63 -12.23 -41.05
N MET C 19 3.55 -12.93 -40.69
CA MET C 19 2.30 -12.85 -41.45
C MET C 19 1.22 -12.11 -40.64
N SER C 20 1.67 -11.29 -39.71
CA SER C 20 0.76 -10.50 -38.89
C SER C 20 0.03 -9.44 -39.69
N ASN C 21 0.70 -8.83 -40.67
CA ASN C 21 0.08 -7.78 -41.46
C ASN C 21 -0.94 -8.36 -42.43
N ILE C 22 -0.59 -9.46 -43.11
CA ILE C 22 -1.49 -10.04 -44.09
C ILE C 22 -2.74 -10.58 -43.43
N GLN C 23 -2.60 -11.25 -42.28
CA GLN C 23 -3.75 -11.76 -41.56
C GLN C 23 -4.67 -10.64 -41.11
N GLU C 24 -4.09 -9.54 -40.61
CA GLU C 24 -4.89 -8.41 -40.18
C GLU C 24 -5.62 -7.78 -41.36
N MET C 25 -4.95 -7.62 -42.49
CA MET C 25 -5.59 -7.07 -43.68
C MET C 25 -6.73 -7.96 -44.15
N ARG C 26 -6.53 -9.28 -44.11
CA ARG C 26 -7.61 -10.20 -44.45
C ARG C 26 -8.79 -10.03 -43.51
N ALA C 27 -8.53 -10.09 -42.20
CA ALA C 27 -9.62 -9.98 -41.24
C ALA C 27 -10.31 -8.63 -41.31
N ARG C 28 -9.64 -7.63 -41.87
CA ARG C 28 -10.20 -6.29 -41.97
C ARG C 28 -11.00 -6.06 -43.24
N HIS C 29 -10.57 -6.65 -44.37
CA HIS C 29 -11.20 -6.37 -45.66
C HIS C 29 -11.91 -7.57 -46.28
N LYS C 30 -11.97 -8.72 -45.60
CA LYS C 30 -12.49 -9.94 -46.20
C LYS C 30 -13.97 -9.82 -46.52
N ASP C 31 -14.74 -9.21 -45.62
CA ASP C 31 -16.18 -9.09 -45.82
C ASP C 31 -16.49 -8.25 -47.06
N ALA C 32 -15.83 -7.09 -47.18
CA ALA C 32 -16.04 -6.25 -48.35
C ALA C 32 -15.54 -6.92 -49.62
N PHE C 33 -14.40 -7.59 -49.56
CA PHE C 33 -13.86 -8.25 -50.74
C PHE C 33 -14.80 -9.36 -51.22
N LEU C 34 -15.36 -10.13 -50.29
CA LEU C 34 -16.33 -11.15 -50.67
C LEU C 34 -17.61 -10.54 -51.22
N LYS C 35 -18.08 -9.46 -50.60
CA LYS C 35 -19.32 -8.82 -51.05
C LYS C 35 -19.16 -8.23 -52.45
N LYS C 36 -17.96 -7.77 -52.79
CA LYS C 36 -17.73 -7.14 -54.08
C LYS C 36 -17.22 -8.10 -55.15
N HIS C 37 -16.36 -9.06 -54.79
CA HIS C 37 -15.77 -9.97 -55.76
C HIS C 37 -16.25 -11.40 -55.62
N ASN C 38 -16.86 -11.78 -54.49
CA ASN C 38 -17.31 -13.15 -54.24
C ASN C 38 -16.13 -14.12 -54.23
N LEU C 39 -15.08 -13.74 -53.52
CA LEU C 39 -13.84 -14.48 -53.50
C LEU C 39 -13.37 -14.68 -52.06
N LYS C 40 -12.55 -15.70 -51.85
CA LYS C 40 -11.98 -15.99 -50.56
C LYS C 40 -10.56 -15.46 -50.50
N LEU C 41 -10.32 -14.46 -49.64
CA LEU C 41 -8.98 -13.93 -49.47
C LEU C 41 -8.08 -14.97 -48.81
N GLY C 42 -6.84 -15.07 -49.32
CA GLY C 42 -5.87 -15.98 -48.75
C GLY C 42 -4.47 -15.43 -48.92
N PHE C 43 -3.54 -16.06 -48.19
CA PHE C 43 -2.13 -15.70 -48.30
C PHE C 43 -1.54 -16.05 -49.66
N MET C 44 -2.22 -16.86 -50.47
CA MET C 44 -1.68 -17.28 -51.76
C MET C 44 -1.52 -16.08 -52.70
N SER C 45 -2.50 -15.19 -52.74
CA SER C 45 -2.40 -14.03 -53.62
C SER C 45 -1.25 -13.12 -53.21
N ALA C 46 -1.08 -12.91 -51.90
CA ALA C 46 0.04 -12.08 -51.42
C ALA C 46 1.37 -12.72 -51.79
N PHE C 47 1.50 -14.03 -51.60
CA PHE C 47 2.76 -14.69 -51.93
C PHE C 47 3.02 -14.68 -53.43
N VAL C 48 1.97 -14.80 -54.25
CA VAL C 48 2.15 -14.74 -55.69
C VAL C 48 2.61 -13.35 -56.12
N LYS C 49 2.02 -12.30 -55.53
CA LYS C 49 2.49 -10.95 -55.83
C LYS C 49 3.93 -10.74 -55.40
N ALA C 50 4.30 -11.23 -54.23
CA ALA C 50 5.68 -11.12 -53.78
C ALA C 50 6.63 -11.86 -54.73
N SER C 51 6.19 -13.02 -55.22
CA SER C 51 7.00 -13.78 -56.17
C SER C 51 7.20 -12.99 -57.45
N ALA C 52 6.14 -12.38 -57.97
CA ALA C 52 6.27 -11.56 -59.18
C ALA C 52 7.19 -10.37 -58.95
N PHE C 53 7.05 -9.71 -57.79
CA PHE C 53 7.92 -8.60 -57.45
C PHE C 53 9.39 -9.01 -57.43
N ALA C 54 9.69 -10.11 -56.72
CA ALA C 54 11.07 -10.57 -56.65
C ALA C 54 11.59 -10.99 -58.01
N LEU C 55 10.72 -11.57 -58.84
CA LEU C 55 11.15 -11.97 -60.18
C LEU C 55 11.48 -10.76 -61.05
N GLN C 56 10.72 -9.68 -60.93
CA GLN C 56 11.12 -8.45 -61.61
C GLN C 56 12.44 -7.92 -61.08
N GLU C 57 12.55 -7.79 -59.76
CA GLU C 57 13.78 -7.23 -59.20
C GLU C 57 14.97 -8.15 -59.42
N GLN C 58 14.73 -9.44 -59.64
CA GLN C 58 15.80 -10.44 -59.79
C GLN C 58 15.50 -11.28 -61.02
N PRO C 59 15.77 -10.74 -62.22
CA PRO C 59 15.48 -11.51 -63.44
C PRO C 59 16.35 -12.76 -63.59
N VAL C 60 17.46 -12.85 -62.87
CA VAL C 60 18.34 -14.00 -63.01
C VAL C 60 17.64 -15.28 -62.56
N VAL C 61 16.80 -15.20 -61.53
CA VAL C 61 16.06 -16.36 -61.06
C VAL C 61 15.07 -16.82 -62.12
N ASN C 62 14.60 -15.91 -62.97
CA ASN C 62 13.69 -16.26 -64.05
C ASN C 62 14.38 -16.97 -65.20
N ALA C 63 15.70 -16.92 -65.28
CA ALA C 63 16.42 -17.54 -66.39
C ALA C 63 16.51 -19.06 -66.19
N VAL C 64 16.77 -19.77 -67.28
CA VAL C 64 16.91 -21.21 -67.26
C VAL C 64 18.20 -21.62 -67.97
N ILE C 65 18.79 -22.71 -67.50
CA ILE C 65 19.98 -23.29 -68.09
C ILE C 65 19.57 -24.27 -69.19
N ASP C 66 20.04 -24.04 -70.40
CA ASP C 66 19.79 -24.93 -71.52
C ASP C 66 20.97 -25.89 -71.64
N ASP C 67 20.75 -27.16 -71.26
CA ASP C 67 21.81 -28.16 -71.28
C ASP C 67 22.21 -28.54 -72.70
N ALA C 68 21.45 -28.13 -73.71
CA ALA C 68 21.83 -28.45 -75.09
C ALA C 68 23.15 -27.81 -75.48
N THR C 69 23.35 -26.53 -75.10
CA THR C 69 24.58 -25.84 -75.46
C THR C 69 25.12 -24.99 -74.30
N LYS C 70 24.68 -25.23 -73.08
CA LYS C 70 25.08 -24.44 -71.91
C LYS C 70 24.82 -22.95 -72.15
N GLU C 71 23.56 -22.62 -72.40
CA GLU C 71 23.13 -21.26 -72.73
C GLU C 71 22.14 -20.77 -71.68
N VAL C 72 22.33 -19.53 -71.21
CA VAL C 72 21.39 -18.93 -70.28
C VAL C 72 20.33 -18.16 -71.05
N VAL C 73 19.07 -18.47 -70.79
CA VAL C 73 17.94 -17.85 -71.46
C VAL C 73 17.24 -16.95 -70.47
N TYR C 74 17.31 -15.63 -70.70
CA TYR C 74 16.68 -14.66 -69.81
C TYR C 74 15.23 -14.48 -70.23
N ARG C 75 14.32 -15.15 -69.52
CA ARG C 75 12.90 -15.03 -69.82
C ARG C 75 12.40 -13.62 -69.50
N ASP C 76 11.36 -13.20 -70.21
CA ASP C 76 10.82 -11.84 -70.07
C ASP C 76 9.29 -11.94 -69.97
N TYR C 77 8.82 -12.82 -69.10
CA TYR C 77 7.40 -12.93 -68.76
C TYR C 77 7.28 -13.77 -67.49
N ILE C 78 6.44 -13.30 -66.58
CA ILE C 78 6.27 -13.94 -65.27
C ILE C 78 5.02 -14.82 -65.33
N ASP C 79 5.21 -16.12 -65.16
CA ASP C 79 4.13 -17.10 -65.18
C ASP C 79 4.27 -17.97 -63.93
N ILE C 80 3.56 -17.61 -62.88
CA ILE C 80 3.63 -18.36 -61.64
C ILE C 80 2.76 -19.61 -61.74
N SER C 81 3.37 -20.77 -61.60
CA SER C 81 2.66 -22.05 -61.67
C SER C 81 2.28 -22.43 -60.24
N VAL C 82 1.06 -22.09 -59.85
CA VAL C 82 0.59 -22.34 -58.50
C VAL C 82 0.15 -23.80 -58.38
N ALA C 83 0.71 -24.51 -57.41
CA ALA C 83 0.39 -25.92 -57.18
C ALA C 83 -0.81 -26.00 -56.24
N VAL C 84 -1.86 -26.69 -56.69
CA VAL C 84 -3.04 -26.91 -55.90
C VAL C 84 -3.13 -28.39 -55.54
N ALA C 85 -3.84 -28.68 -54.46
CA ALA C 85 -3.96 -30.04 -53.95
C ALA C 85 -5.36 -30.58 -54.23
N THR C 86 -5.42 -31.76 -54.83
CA THR C 86 -6.65 -32.47 -55.10
C THR C 86 -6.44 -33.91 -54.66
N PRO C 87 -7.52 -34.65 -54.35
CA PRO C 87 -7.33 -36.04 -53.90
C PRO C 87 -6.62 -36.92 -54.90
N ARG C 88 -6.74 -36.65 -56.20
CA ARG C 88 -6.04 -37.45 -57.19
C ARG C 88 -4.53 -37.30 -57.07
N GLY C 89 -4.06 -36.07 -56.87
CA GLY C 89 -2.63 -35.81 -56.76
C GLY C 89 -2.35 -34.34 -56.87
N LEU C 90 -1.06 -34.01 -56.75
CA LEU C 90 -0.64 -32.62 -56.86
C LEU C 90 -0.64 -32.18 -58.32
N VAL C 91 -1.30 -31.06 -58.59
CA VAL C 91 -1.38 -30.50 -59.93
C VAL C 91 -0.74 -29.12 -59.91
N VAL C 92 -0.16 -28.73 -61.05
CA VAL C 92 0.58 -27.49 -61.15
C VAL C 92 0.08 -26.60 -62.30
N PRO C 93 -1.15 -26.09 -62.22
CA PRO C 93 -1.60 -25.11 -63.23
C PRO C 93 -0.86 -23.80 -63.06
N VAL C 94 -0.77 -23.04 -64.15
CA VAL C 94 0.06 -21.85 -64.22
C VAL C 94 -0.82 -20.64 -64.48
N ILE C 95 -0.58 -19.56 -63.73
CA ILE C 95 -1.18 -18.26 -63.99
C ILE C 95 -0.27 -17.51 -64.95
N ARG C 96 -0.87 -16.81 -65.92
CA ARG C 96 -0.12 -16.17 -66.98
C ARG C 96 -0.09 -14.66 -66.76
N ASN C 97 1.10 -14.07 -66.91
CA ASN C 97 1.31 -12.63 -66.81
C ASN C 97 0.84 -12.09 -65.46
N VAL C 98 1.45 -12.65 -64.39
CA VAL C 98 1.11 -12.25 -63.04
C VAL C 98 1.45 -10.78 -62.79
N GLU C 99 2.46 -10.27 -63.50
CA GLU C 99 2.96 -8.92 -63.24
C GLU C 99 1.94 -7.82 -63.55
N THR C 100 0.85 -8.15 -64.24
CA THR C 100 -0.24 -7.20 -64.51
C THR C 100 -1.52 -7.63 -63.80
N MET C 101 -1.39 -8.16 -62.59
CA MET C 101 -2.53 -8.60 -61.78
C MET C 101 -2.28 -8.13 -60.36
N ASN C 102 -3.22 -7.37 -59.78
CA ASN C 102 -2.88 -6.77 -58.50
C ASN C 102 -3.08 -7.71 -57.32
N TYR C 103 -4.32 -7.94 -56.89
CA TYR C 103 -4.61 -8.92 -55.85
C TYR C 103 -5.88 -9.73 -56.09
N ALA C 104 -6.83 -9.22 -56.85
CA ALA C 104 -8.08 -9.94 -57.10
C ALA C 104 -7.99 -10.82 -58.33
N ASP C 105 -7.31 -10.34 -59.38
CA ASP C 105 -7.11 -11.15 -60.57
C ASP C 105 -6.28 -12.39 -60.25
N ILE C 106 -5.27 -12.24 -59.37
CA ILE C 106 -4.46 -13.37 -58.96
C ILE C 106 -5.32 -14.41 -58.25
N GLU C 107 -6.16 -13.94 -57.33
CA GLU C 107 -6.99 -14.85 -56.56
C GLU C 107 -8.14 -15.42 -57.37
N ARG C 108 -8.68 -14.62 -58.31
CA ARG C 108 -9.75 -15.12 -59.17
C ARG C 108 -9.26 -16.22 -60.10
N THR C 109 -8.08 -16.02 -60.72
CA THR C 109 -7.51 -17.08 -61.54
C THR C 109 -7.17 -18.30 -60.71
N ILE C 110 -6.66 -18.10 -59.50
CA ILE C 110 -6.36 -19.23 -58.62
C ILE C 110 -7.61 -20.02 -58.32
N ASN C 111 -8.72 -19.32 -58.07
CA ASN C 111 -9.98 -20.00 -57.82
C ASN C 111 -10.44 -20.81 -59.03
N GLU C 112 -10.30 -20.25 -60.23
CA GLU C 112 -10.69 -20.96 -61.44
C GLU C 112 -9.85 -22.21 -61.65
N LEU C 113 -8.53 -22.10 -61.45
CA LEU C 113 -7.68 -23.26 -61.62
C LEU C 113 -7.96 -24.31 -60.55
N GLY C 114 -8.25 -23.90 -59.32
CA GLY C 114 -8.63 -24.85 -58.29
C GLY C 114 -9.92 -25.58 -58.64
N GLU C 115 -10.89 -24.84 -59.18
CA GLU C 115 -12.14 -25.47 -59.63
C GLU C 115 -11.87 -26.46 -60.76
N LYS C 116 -11.04 -26.08 -61.73
CA LYS C 116 -10.71 -26.98 -62.83
C LYS C 116 -9.88 -28.17 -62.37
N ALA C 117 -9.22 -28.08 -61.22
CA ALA C 117 -8.51 -29.23 -60.70
C ALA C 117 -9.43 -30.13 -59.89
N ARG C 118 -10.45 -29.54 -59.26
CA ARG C 118 -11.42 -30.35 -58.52
C ARG C 118 -12.21 -31.25 -59.46
N LYS C 119 -12.69 -30.70 -60.57
CA LYS C 119 -13.32 -31.47 -61.64
C LYS C 119 -12.43 -31.35 -62.86
N ASN C 120 -11.95 -32.49 -63.36
CA ASN C 120 -10.86 -32.50 -64.33
C ASN C 120 -11.27 -31.92 -65.68
N GLU C 121 -10.88 -30.67 -65.94
CA GLU C 121 -11.06 -30.05 -67.24
C GLU C 121 -9.82 -29.29 -67.70
N LEU C 122 -8.70 -29.40 -66.98
CA LEU C 122 -7.51 -28.62 -67.29
C LEU C 122 -6.86 -29.14 -68.57
N ALA C 123 -6.42 -28.20 -69.41
CA ALA C 123 -5.68 -28.58 -70.61
C ALA C 123 -4.21 -28.82 -70.28
N ILE C 124 -3.57 -29.66 -71.09
CA ILE C 124 -2.17 -29.99 -70.86
C ILE C 124 -1.28 -28.77 -71.04
N GLU C 125 -1.76 -27.77 -71.79
CA GLU C 125 -0.96 -26.56 -71.99
C GLU C 125 -0.79 -25.79 -70.68
N ASP C 126 -1.80 -25.79 -69.82
CA ASP C 126 -1.69 -25.10 -68.54
C ASP C 126 -0.89 -25.89 -67.51
N MET C 127 -0.55 -27.13 -67.79
CA MET C 127 0.31 -27.91 -66.90
C MET C 127 1.79 -27.58 -67.05
N ASP C 128 2.18 -26.84 -68.09
CA ASP C 128 3.58 -26.48 -68.28
C ASP C 128 3.65 -25.03 -68.78
N GLY C 129 4.86 -24.59 -69.12
CA GLY C 129 5.05 -23.23 -69.57
C GLY C 129 5.22 -22.22 -68.46
N GLY C 130 5.36 -22.67 -67.21
CA GLY C 130 5.54 -21.78 -66.09
C GLY C 130 7.01 -21.44 -65.88
N THR C 131 7.26 -20.22 -65.39
CA THR C 131 8.61 -19.75 -65.14
C THR C 131 9.00 -19.81 -63.67
N PHE C 132 8.06 -20.01 -62.76
CA PHE C 132 8.32 -20.03 -61.34
C PHE C 132 7.15 -20.72 -60.65
N THR C 133 7.45 -21.68 -59.78
CA THR C 133 6.44 -22.52 -59.15
C THR C 133 6.31 -22.16 -57.68
N ILE C 134 5.08 -22.30 -57.17
CA ILE C 134 4.80 -22.15 -55.74
C ILE C 134 4.12 -23.41 -55.25
N SER C 135 4.70 -24.02 -54.23
CA SER C 135 4.17 -25.23 -53.61
C SER C 135 3.69 -24.87 -52.21
N ASN C 136 2.40 -25.01 -51.96
CA ASN C 136 1.81 -24.69 -50.66
C ASN C 136 1.64 -26.00 -49.88
N GLY C 137 2.62 -26.30 -49.03
CA GLY C 137 2.47 -27.38 -48.08
C GLY C 137 1.82 -26.98 -46.79
N GLY C 138 1.41 -25.71 -46.68
CA GLY C 138 0.81 -25.22 -45.44
C GLY C 138 -0.60 -25.68 -45.21
N VAL C 139 -1.29 -26.13 -46.25
CA VAL C 139 -2.62 -26.69 -46.07
C VAL C 139 -2.55 -27.92 -45.18
N PHE C 140 -1.50 -28.71 -45.33
CA PHE C 140 -1.31 -29.93 -44.55
C PHE C 140 -0.53 -29.71 -43.27
N GLY C 141 -0.13 -28.48 -42.97
CA GLY C 141 0.43 -28.16 -41.67
C GLY C 141 1.88 -28.49 -41.44
N SER C 142 2.70 -28.51 -42.50
CA SER C 142 4.13 -28.73 -42.32
C SER C 142 4.78 -27.51 -41.66
N LEU C 143 5.80 -27.75 -40.85
CA LEU C 143 6.56 -26.64 -40.27
C LEU C 143 7.46 -26.01 -41.31
N PHE C 144 8.40 -26.78 -41.84
CA PHE C 144 9.24 -26.33 -42.95
C PHE C 144 9.89 -27.56 -43.57
N GLY C 145 10.19 -27.46 -44.87
CA GLY C 145 10.79 -28.57 -45.58
C GLY C 145 11.38 -28.11 -46.89
N THR C 146 12.12 -29.02 -47.52
CA THR C 146 12.77 -28.72 -48.79
C THR C 146 11.89 -29.18 -49.93
N PRO C 147 11.38 -28.28 -50.77
CA PRO C 147 10.61 -28.71 -51.94
C PRO C 147 11.54 -29.15 -53.07
N ILE C 148 10.92 -29.67 -54.13
CA ILE C 148 11.63 -30.18 -55.30
C ILE C 148 11.34 -29.27 -56.47
N ILE C 149 12.38 -28.92 -57.23
CA ILE C 149 12.20 -28.06 -58.40
C ILE C 149 11.66 -28.89 -59.55
N ASN C 150 10.53 -28.44 -60.11
CA ASN C 150 10.00 -29.06 -61.32
C ASN C 150 10.78 -28.57 -62.53
N PRO C 151 11.46 -29.43 -63.26
CA PRO C 151 12.28 -28.98 -64.39
C PRO C 151 11.40 -28.40 -65.49
N PRO C 152 11.96 -27.55 -66.36
CA PRO C 152 13.33 -27.04 -66.39
C PRO C 152 13.52 -25.72 -65.66
N GLN C 153 12.61 -25.36 -64.76
CA GLN C 153 12.68 -24.07 -64.08
C GLN C 153 13.89 -24.02 -63.14
N SER C 154 14.16 -22.83 -62.62
CA SER C 154 15.34 -22.59 -61.80
C SER C 154 15.05 -22.59 -60.30
N ALA C 155 13.82 -22.33 -59.89
CA ALA C 155 13.50 -22.24 -58.46
C ALA C 155 12.03 -22.53 -58.25
N ILE C 156 11.70 -22.85 -57.00
CA ILE C 156 10.32 -23.01 -56.56
C ILE C 156 10.22 -22.51 -55.12
N LEU C 157 9.16 -21.76 -54.83
CA LEU C 157 8.93 -21.22 -53.51
C LEU C 157 8.06 -22.17 -52.71
N GLY C 158 8.54 -22.58 -51.54
CA GLY C 158 7.77 -23.46 -50.69
C GLY C 158 7.18 -22.77 -49.49
N MET C 159 5.86 -22.73 -49.41
CA MET C 159 5.15 -22.18 -48.26
C MET C 159 4.70 -23.31 -47.35
N HIS C 160 4.77 -23.06 -46.04
CA HIS C 160 4.37 -24.06 -45.06
C HIS C 160 3.33 -23.51 -44.11
N GLY C 161 3.01 -24.26 -43.06
CA GLY C 161 1.94 -23.86 -42.18
C GLY C 161 2.26 -22.59 -41.42
N ILE C 162 1.20 -21.94 -40.93
CA ILE C 162 1.31 -20.72 -40.15
C ILE C 162 1.07 -21.08 -38.69
N PHE C 163 2.06 -20.79 -37.84
CA PHE C 163 1.99 -21.17 -36.44
C PHE C 163 2.38 -19.97 -35.58
N ASP C 164 1.95 -20.00 -34.33
CA ASP C 164 2.24 -18.92 -33.40
C ASP C 164 3.53 -19.25 -32.65
N ARG C 165 4.53 -18.40 -32.80
CA ARG C 165 5.80 -18.59 -32.11
C ARG C 165 6.21 -17.29 -31.43
N PRO C 166 6.93 -17.37 -30.31
CA PRO C 166 7.48 -16.16 -29.70
C PRO C 166 8.62 -15.62 -30.54
N VAL C 167 8.58 -14.32 -30.82
CA VAL C 167 9.63 -13.65 -31.57
C VAL C 167 10.13 -12.45 -30.79
N ALA C 168 11.39 -12.12 -30.98
CA ALA C 168 12.02 -11.00 -30.29
C ALA C 168 11.89 -9.75 -31.15
N VAL C 169 11.02 -8.84 -30.74
CA VAL C 169 10.80 -7.57 -31.44
C VAL C 169 11.22 -6.46 -30.49
N GLY C 170 12.34 -5.82 -30.78
CA GLY C 170 12.84 -4.77 -29.91
C GLY C 170 13.21 -5.25 -28.52
N GLY C 171 13.86 -6.41 -28.42
CA GLY C 171 14.33 -6.93 -27.15
C GLY C 171 13.31 -7.69 -26.32
N LYS C 172 12.03 -7.42 -26.54
CA LYS C 172 10.98 -8.08 -25.77
C LYS C 172 10.39 -9.24 -26.56
N VAL C 173 10.00 -10.28 -25.82
CA VAL C 173 9.42 -11.49 -26.41
C VAL C 173 7.95 -11.25 -26.65
N GLU C 174 7.51 -11.50 -27.88
CA GLU C 174 6.13 -11.30 -28.28
C GLU C 174 5.68 -12.46 -29.17
N VAL C 175 4.45 -12.91 -28.97
CA VAL C 175 3.89 -14.01 -29.74
C VAL C 175 3.30 -13.47 -31.03
N ARG C 176 3.72 -14.02 -32.16
CA ARG C 176 3.31 -13.54 -33.47
C ARG C 176 3.01 -14.73 -34.36
N PRO C 177 2.05 -14.59 -35.29
CA PRO C 177 1.78 -15.68 -36.24
C PRO C 177 2.85 -15.78 -37.31
N MET C 178 3.71 -16.78 -37.22
CA MET C 178 4.93 -16.84 -38.01
C MET C 178 4.75 -17.78 -39.20
N MET C 179 5.83 -17.92 -39.96
CA MET C 179 5.80 -18.66 -41.21
C MET C 179 7.22 -18.96 -41.66
N TYR C 180 7.50 -20.23 -41.95
CA TYR C 180 8.76 -20.62 -42.57
C TYR C 180 8.57 -20.74 -44.08
N VAL C 181 9.49 -20.15 -44.83
CA VAL C 181 9.43 -20.12 -46.27
C VAL C 181 10.74 -20.68 -46.82
N ALA C 182 10.63 -21.58 -47.79
CA ALA C 182 11.78 -22.23 -48.40
C ALA C 182 11.93 -21.79 -49.84
N LEU C 183 13.17 -21.79 -50.31
CA LEU C 183 13.48 -21.51 -51.71
C LEU C 183 14.62 -22.43 -52.13
N THR C 184 14.35 -23.37 -53.02
CA THR C 184 15.36 -24.27 -53.53
C THR C 184 15.76 -23.85 -54.94
N TYR C 185 17.06 -23.81 -55.19
CA TYR C 185 17.62 -23.31 -56.43
C TYR C 185 18.74 -24.25 -56.86
N ASP C 186 19.35 -23.93 -58.01
CA ASP C 186 20.51 -24.66 -58.49
C ASP C 186 21.72 -23.74 -58.45
N HIS C 187 22.78 -24.19 -57.77
CA HIS C 187 23.99 -23.39 -57.64
C HIS C 187 24.69 -23.17 -58.98
N ARG C 188 24.37 -23.97 -59.99
CA ARG C 188 25.02 -23.82 -61.29
C ARG C 188 24.65 -22.50 -61.94
N LEU C 189 23.41 -22.05 -61.78
CA LEU C 189 22.95 -20.79 -62.35
C LEU C 189 22.83 -19.68 -61.33
N ILE C 190 22.32 -19.99 -60.14
CA ILE C 190 22.08 -19.01 -59.09
C ILE C 190 23.03 -19.27 -57.94
N ASP C 191 23.86 -18.28 -57.62
CA ASP C 191 24.73 -18.38 -56.46
C ASP C 191 23.94 -18.13 -55.18
N GLY C 192 24.56 -18.46 -54.05
CA GLY C 192 23.86 -18.38 -52.78
C GLY C 192 23.38 -16.97 -52.46
N ARG C 193 24.22 -15.97 -52.76
CA ARG C 193 23.86 -14.59 -52.49
C ARG C 193 22.59 -14.19 -53.22
N GLU C 194 22.49 -14.56 -54.49
CA GLU C 194 21.34 -14.15 -55.29
C GLU C 194 20.06 -14.72 -54.72
N ALA C 195 20.08 -16.00 -54.34
CA ALA C 195 18.88 -16.64 -53.80
C ALA C 195 18.53 -16.11 -52.42
N VAL C 196 19.53 -15.83 -51.59
CA VAL C 196 19.25 -15.24 -50.29
C VAL C 196 18.58 -13.88 -50.45
N THR C 197 19.09 -13.06 -51.38
CA THR C 197 18.47 -11.77 -51.63
C THR C 197 17.06 -11.92 -52.16
N PHE C 198 16.85 -12.88 -53.06
CA PHE C 198 15.53 -13.14 -53.62
C PHE C 198 14.54 -13.50 -52.51
N LEU C 199 14.92 -14.43 -51.63
CA LEU C 199 14.01 -14.85 -50.56
C LEU C 199 13.79 -13.74 -49.55
N ARG C 200 14.82 -12.95 -49.28
CA ARG C 200 14.67 -11.82 -48.37
C ARG C 200 13.70 -10.79 -48.93
N LYS C 201 13.76 -10.56 -50.24
CA LYS C 201 12.80 -9.67 -50.89
C LYS C 201 11.38 -10.24 -50.82
N ILE C 202 11.24 -11.56 -51.02
CA ILE C 202 9.93 -12.19 -50.88
C ILE C 202 9.39 -11.97 -49.47
N LYS C 203 10.23 -12.18 -48.46
CA LYS C 203 9.80 -11.99 -47.08
C LYS C 203 9.40 -10.55 -46.82
N ALA C 204 10.16 -9.60 -47.37
CA ALA C 204 9.86 -8.19 -47.12
C ALA C 204 8.60 -7.73 -47.85
N ALA C 205 8.26 -8.37 -48.96
CA ALA C 205 7.08 -7.98 -49.72
C ALA C 205 5.79 -8.56 -49.16
N VAL C 206 5.86 -9.49 -48.21
CA VAL C 206 4.68 -10.04 -47.55
C VAL C 206 4.54 -9.50 -46.14
N GLU C 207 5.66 -9.23 -45.45
CA GLU C 207 5.60 -8.63 -44.13
C GLU C 207 5.01 -7.23 -44.19
N ASP C 208 5.06 -6.57 -45.33
CA ASP C 208 4.48 -5.24 -45.50
C ASP C 208 4.14 -5.07 -46.97
N PRO C 209 2.88 -5.30 -47.35
CA PRO C 209 2.52 -5.26 -48.78
C PRO C 209 2.71 -3.90 -49.42
N ARG C 210 2.81 -2.81 -48.65
CA ARG C 210 3.03 -1.50 -49.24
C ARG C 210 4.35 -1.39 -49.96
N VAL C 211 5.28 -2.32 -49.72
CA VAL C 211 6.55 -2.33 -50.43
C VAL C 211 6.31 -2.47 -51.94
N LEU C 212 5.26 -3.20 -52.31
CA LEU C 212 4.95 -3.42 -53.72
C LEU C 212 4.66 -2.09 -54.43
N LEU C 213 3.89 -1.21 -53.77
CA LEU C 213 3.58 0.08 -54.37
C LEU C 213 4.80 0.98 -54.42
N LEU C 214 5.53 1.10 -53.31
CA LEU C 214 6.69 1.97 -53.26
C LEU C 214 7.83 1.49 -54.14
N ASP C 215 7.85 0.20 -54.49
CA ASP C 215 8.85 -0.38 -55.40
C ASP C 215 10.26 -0.24 -54.82
N LEU C 216 10.50 -0.93 -53.71
CA LEU C 216 11.83 -0.94 -53.11
C LEU C 216 12.54 -2.26 -53.38
N ASN D 6 -23.27 27.61 -56.27
CA ASN D 6 -22.81 28.98 -56.09
C ASN D 6 -23.51 29.90 -57.08
N THR D 7 -24.51 29.36 -57.78
CA THR D 7 -25.16 30.10 -58.86
C THR D 7 -25.86 31.36 -58.35
N CYS D 8 -26.57 31.28 -57.22
CA CYS D 8 -27.35 32.41 -56.71
C CYS D 8 -27.21 32.47 -55.19
N ALA D 9 -26.21 33.22 -54.72
CA ALA D 9 -26.03 33.57 -53.31
C ALA D 9 -26.13 32.35 -52.40
N MET D 10 -25.23 31.40 -52.66
CA MET D 10 -25.13 30.21 -51.82
C MET D 10 -24.28 30.53 -50.60
N LEU D 11 -24.94 30.83 -49.49
CA LEU D 11 -24.30 31.02 -48.20
C LEU D 11 -24.70 29.88 -47.30
N THR D 12 -23.72 29.11 -46.83
CA THR D 12 -23.98 27.91 -46.04
C THR D 12 -23.42 28.10 -44.64
N THR D 13 -24.28 27.99 -43.64
CA THR D 13 -23.86 27.95 -42.25
C THR D 13 -23.86 26.50 -41.76
N PHE D 14 -22.96 26.20 -40.84
CA PHE D 14 -22.80 24.85 -40.31
C PHE D 14 -22.92 24.87 -38.79
N ASN D 15 -23.31 23.73 -38.24
CA ASN D 15 -23.44 23.55 -36.80
C ASN D 15 -23.28 22.08 -36.49
N GLU D 16 -23.01 21.78 -35.22
CA GLU D 16 -22.85 20.41 -34.74
C GLU D 16 -24.04 20.05 -33.85
N VAL D 17 -24.68 18.94 -34.16
CA VAL D 17 -25.87 18.48 -33.45
C VAL D 17 -25.49 17.26 -32.62
N ASP D 18 -25.85 17.28 -31.34
CA ASP D 18 -25.52 16.17 -30.44
C ASP D 18 -26.55 15.07 -30.61
N MET D 19 -26.13 13.94 -31.16
CA MET D 19 -27.01 12.80 -31.41
C MET D 19 -26.94 11.81 -30.24
N SER D 20 -27.20 12.34 -29.05
CA SER D 20 -27.23 11.52 -27.86
C SER D 20 -28.65 11.28 -27.36
N ASN D 21 -29.52 12.28 -27.48
CA ASN D 21 -30.90 12.11 -27.05
C ASN D 21 -31.68 11.21 -27.99
N ILE D 22 -31.49 11.38 -29.30
CA ILE D 22 -32.25 10.60 -30.27
C ILE D 22 -31.79 9.15 -30.29
N GLN D 23 -30.48 8.92 -30.18
CA GLN D 23 -29.99 7.55 -30.14
C GLN D 23 -30.53 6.80 -28.93
N GLU D 24 -30.53 7.44 -27.75
CA GLU D 24 -31.07 6.80 -26.56
C GLU D 24 -32.58 6.63 -26.66
N MET D 25 -33.25 7.60 -27.27
CA MET D 25 -34.70 7.53 -27.46
C MET D 25 -35.08 6.34 -28.34
N ARG D 26 -34.32 6.12 -29.42
CA ARG D 26 -34.56 4.96 -30.27
C ARG D 26 -34.01 3.67 -29.67
N ALA D 27 -33.15 3.77 -28.67
CA ALA D 27 -32.60 2.58 -28.02
C ALA D 27 -33.58 1.94 -27.04
N ARG D 28 -34.65 2.64 -26.68
CA ARG D 28 -35.61 2.13 -25.72
C ARG D 28 -37.07 2.22 -26.16
N HIS D 29 -37.36 2.86 -27.28
CA HIS D 29 -38.71 2.94 -27.82
C HIS D 29 -38.84 2.31 -29.20
N LYS D 30 -37.77 1.69 -29.71
CA LYS D 30 -37.81 1.11 -31.05
C LYS D 30 -38.75 -0.08 -31.12
N ASP D 31 -38.62 -0.99 -30.16
CA ASP D 31 -39.36 -2.25 -30.16
C ASP D 31 -40.86 -1.99 -29.95
N ALA D 32 -41.20 -1.09 -29.02
CA ALA D 32 -42.57 -0.65 -28.82
C ALA D 32 -43.15 0.00 -30.08
N PHE D 33 -42.37 0.86 -30.74
CA PHE D 33 -42.81 1.47 -31.99
C PHE D 33 -43.08 0.41 -33.05
N LEU D 34 -42.24 -0.63 -33.07
CA LEU D 34 -42.43 -1.70 -34.05
C LEU D 34 -43.72 -2.48 -33.78
N LYS D 35 -43.98 -2.83 -32.52
CA LYS D 35 -45.21 -3.56 -32.24
C LYS D 35 -46.44 -2.69 -32.36
N LYS D 36 -46.31 -1.38 -32.28
CA LYS D 36 -47.49 -0.53 -32.29
C LYS D 36 -47.82 0.05 -33.66
N HIS D 37 -46.85 0.67 -34.34
CA HIS D 37 -47.13 1.31 -35.63
C HIS D 37 -46.65 0.49 -36.82
N ASN D 38 -45.93 -0.61 -36.60
CA ASN D 38 -45.37 -1.50 -37.59
C ASN D 38 -44.29 -0.82 -38.43
N LEU D 39 -43.67 0.26 -37.92
CA LEU D 39 -42.61 0.97 -38.61
C LEU D 39 -41.34 1.00 -37.77
N LYS D 40 -40.25 1.40 -38.41
CA LYS D 40 -38.97 1.53 -37.73
C LYS D 40 -38.68 3.01 -37.45
N LEU D 41 -38.06 3.26 -36.31
CA LEU D 41 -37.72 4.61 -35.89
C LEU D 41 -36.42 5.05 -36.55
N GLY D 42 -36.40 6.28 -37.07
CA GLY D 42 -35.22 6.84 -37.67
C GLY D 42 -34.84 8.16 -37.02
N PHE D 43 -33.59 8.57 -37.27
CA PHE D 43 -33.11 9.84 -36.74
C PHE D 43 -33.81 11.02 -37.41
N MET D 44 -34.56 10.78 -38.48
CA MET D 44 -34.85 11.78 -39.49
C MET D 44 -36.22 12.44 -39.33
N SER D 45 -37.19 11.77 -38.71
CA SER D 45 -38.42 12.47 -38.34
C SER D 45 -38.14 13.58 -37.35
N ALA D 46 -37.15 13.39 -36.48
CA ALA D 46 -36.72 14.48 -35.61
C ALA D 46 -36.33 15.70 -36.41
N PHE D 47 -35.60 15.50 -37.52
CA PHE D 47 -35.18 16.62 -38.33
C PHE D 47 -36.35 17.25 -39.07
N VAL D 48 -37.28 16.43 -39.58
CA VAL D 48 -38.44 17.01 -40.26
C VAL D 48 -39.25 17.86 -39.31
N LYS D 49 -39.52 17.36 -38.11
CA LYS D 49 -40.33 18.11 -37.17
C LYS D 49 -39.59 19.32 -36.61
N ALA D 50 -38.28 19.19 -36.39
CA ALA D 50 -37.49 20.35 -35.95
C ALA D 50 -37.49 21.43 -37.02
N SER D 51 -37.40 21.04 -38.29
CA SER D 51 -37.48 22.01 -39.37
C SER D 51 -38.84 22.70 -39.37
N ALA D 52 -39.92 21.94 -39.20
CA ALA D 52 -41.25 22.57 -39.16
C ALA D 52 -41.37 23.53 -37.99
N PHE D 53 -40.86 23.14 -36.82
CA PHE D 53 -40.92 24.01 -35.65
C PHE D 53 -40.13 25.29 -35.88
N ALA D 54 -38.95 25.17 -36.49
CA ALA D 54 -38.12 26.33 -36.78
C ALA D 54 -38.78 27.25 -37.79
N LEU D 55 -39.46 26.66 -38.78
CA LEU D 55 -40.17 27.49 -39.76
C LEU D 55 -41.38 28.17 -39.14
N GLN D 56 -41.99 27.56 -38.12
CA GLN D 56 -42.98 28.30 -37.34
C GLN D 56 -42.35 29.49 -36.64
N GLU D 57 -41.26 29.25 -35.90
CA GLU D 57 -40.69 30.31 -35.08
C GLU D 57 -40.11 31.44 -35.93
N GLN D 58 -39.61 31.12 -37.11
CA GLN D 58 -38.94 32.08 -37.99
C GLN D 58 -39.60 32.01 -39.36
N PRO D 59 -40.75 32.66 -39.54
CA PRO D 59 -41.48 32.53 -40.81
C PRO D 59 -40.81 33.19 -42.00
N VAL D 60 -39.74 33.96 -41.77
CA VAL D 60 -39.03 34.59 -42.88
C VAL D 60 -38.40 33.53 -43.78
N VAL D 61 -37.90 32.44 -43.18
CA VAL D 61 -37.30 31.37 -43.97
C VAL D 61 -38.36 30.66 -44.80
N ASN D 62 -39.55 30.48 -44.24
CA ASN D 62 -40.67 29.93 -44.99
C ASN D 62 -41.02 30.76 -46.21
N ALA D 63 -40.89 32.07 -46.13
CA ALA D 63 -41.19 32.93 -47.27
C ALA D 63 -40.17 32.70 -48.38
N VAL D 64 -40.61 32.93 -49.62
CA VAL D 64 -39.75 32.78 -50.79
C VAL D 64 -39.65 34.12 -51.50
N ILE D 65 -38.46 34.39 -52.04
CA ILE D 65 -38.23 35.56 -52.86
C ILE D 65 -38.93 35.35 -54.18
N ASP D 66 -39.73 36.32 -54.60
CA ASP D 66 -40.42 36.26 -55.89
C ASP D 66 -39.66 37.13 -56.86
N ASP D 67 -38.86 36.51 -57.72
CA ASP D 67 -37.98 37.24 -58.63
C ASP D 67 -38.73 38.15 -59.59
N ALA D 68 -40.03 37.93 -59.78
CA ALA D 68 -40.81 38.81 -60.64
C ALA D 68 -40.88 40.22 -60.08
N THR D 69 -41.09 40.35 -58.77
CA THR D 69 -41.26 41.67 -58.16
C THR D 69 -40.42 41.87 -56.91
N LYS D 70 -39.62 40.88 -56.50
CA LYS D 70 -38.82 40.94 -55.27
C LYS D 70 -39.70 41.24 -54.07
N GLU D 71 -40.61 40.31 -53.79
CA GLU D 71 -41.55 40.42 -52.68
C GLU D 71 -41.39 39.22 -51.76
N VAL D 72 -41.61 39.46 -50.47
CA VAL D 72 -41.46 38.42 -49.45
C VAL D 72 -42.83 37.75 -49.31
N VAL D 73 -43.06 36.74 -50.15
CA VAL D 73 -44.33 36.01 -50.13
C VAL D 73 -44.37 35.16 -48.87
N TYR D 74 -45.11 35.61 -47.86
CA TYR D 74 -45.07 35.02 -46.52
C TYR D 74 -46.09 33.88 -46.46
N ARG D 75 -45.65 32.68 -46.82
CA ARG D 75 -46.51 31.51 -46.71
C ARG D 75 -46.55 31.01 -45.28
N ASP D 76 -47.65 30.34 -44.92
CA ASP D 76 -47.85 29.86 -43.55
C ASP D 76 -47.72 28.35 -43.42
N TYR D 77 -48.37 27.59 -44.31
CA TYR D 77 -48.28 26.13 -44.23
C TYR D 77 -46.86 25.68 -44.51
N ILE D 78 -46.42 24.65 -43.79
CA ILE D 78 -45.04 24.20 -43.85
C ILE D 78 -45.01 22.85 -44.57
N ASP D 79 -44.33 22.81 -45.71
CA ASP D 79 -44.21 21.61 -46.55
C ASP D 79 -42.74 21.30 -46.72
N ILE D 80 -42.27 20.23 -46.08
CA ILE D 80 -40.87 19.82 -46.21
C ILE D 80 -40.78 18.75 -47.29
N SER D 81 -39.97 19.01 -48.31
CA SER D 81 -39.74 18.06 -49.39
C SER D 81 -38.52 17.22 -49.03
N VAL D 82 -38.75 15.94 -48.80
CA VAL D 82 -37.69 15.02 -48.37
C VAL D 82 -37.10 14.33 -49.58
N ALA D 83 -35.78 14.17 -49.59
CA ALA D 83 -35.09 13.48 -50.67
C ALA D 83 -34.95 12.00 -50.31
N VAL D 84 -35.32 11.13 -51.24
CA VAL D 84 -35.26 9.69 -51.04
C VAL D 84 -34.10 9.14 -51.86
N ALA D 85 -33.15 8.49 -51.19
CA ALA D 85 -31.99 7.90 -51.85
C ALA D 85 -32.35 6.49 -52.29
N THR D 86 -32.58 6.32 -53.59
CA THR D 86 -32.98 5.06 -54.18
C THR D 86 -31.77 4.36 -54.78
N PRO D 87 -31.83 3.03 -54.94
CA PRO D 87 -30.77 2.35 -55.70
C PRO D 87 -30.63 2.89 -57.12
N ARG D 88 -31.74 3.28 -57.75
CA ARG D 88 -31.64 3.91 -59.07
C ARG D 88 -31.01 5.29 -58.99
N GLY D 89 -31.45 6.11 -58.03
CA GLY D 89 -30.94 7.47 -57.91
C GLY D 89 -31.48 8.22 -56.71
N LEU D 90 -31.79 9.50 -56.89
CA LEU D 90 -32.23 10.36 -55.80
C LEU D 90 -33.44 11.15 -56.25
N VAL D 91 -34.58 10.94 -55.57
CA VAL D 91 -35.83 11.60 -55.87
C VAL D 91 -36.32 12.29 -54.60
N VAL D 92 -37.09 13.36 -54.77
CA VAL D 92 -37.59 14.12 -53.63
C VAL D 92 -39.12 14.07 -53.57
N PRO D 93 -39.69 13.24 -52.71
CA PRO D 93 -41.11 13.38 -52.37
C PRO D 93 -41.34 14.56 -51.43
N VAL D 94 -42.61 14.90 -51.26
CA VAL D 94 -43.01 16.07 -50.46
C VAL D 94 -43.98 15.63 -49.37
N ILE D 95 -43.72 16.10 -48.15
CA ILE D 95 -44.64 15.94 -47.02
C ILE D 95 -45.47 17.21 -46.92
N ARG D 96 -46.77 17.06 -46.69
CA ARG D 96 -47.70 18.18 -46.75
C ARG D 96 -48.27 18.48 -45.36
N ASN D 97 -48.12 19.74 -44.93
CA ASN D 97 -48.59 20.19 -43.63
C ASN D 97 -47.95 19.40 -42.49
N VAL D 98 -46.63 19.51 -42.38
CA VAL D 98 -45.88 18.75 -41.38
C VAL D 98 -46.06 19.28 -39.97
N GLU D 99 -46.66 20.46 -39.81
CA GLU D 99 -46.81 21.04 -38.48
C GLU D 99 -47.80 20.29 -37.62
N THR D 100 -48.73 19.54 -38.22
CA THR D 100 -49.80 18.88 -37.49
C THR D 100 -49.53 17.41 -37.24
N MET D 101 -48.33 16.92 -37.57
CA MET D 101 -47.97 15.52 -37.35
C MET D 101 -46.94 15.42 -36.23
N ASN D 102 -46.95 14.26 -35.56
CA ASN D 102 -45.90 13.93 -34.61
C ASN D 102 -44.86 13.06 -35.32
N TYR D 103 -43.91 12.51 -34.55
CA TYR D 103 -42.85 11.71 -35.15
C TYR D 103 -43.40 10.49 -35.87
N ALA D 104 -44.41 9.84 -35.28
CA ALA D 104 -44.97 8.62 -35.87
C ALA D 104 -45.59 8.91 -37.23
N ASP D 105 -46.36 9.99 -37.33
CA ASP D 105 -47.04 10.31 -38.59
C ASP D 105 -46.03 10.67 -39.68
N ILE D 106 -45.01 11.46 -39.33
CA ILE D 106 -43.98 11.82 -40.31
C ILE D 106 -43.23 10.58 -40.77
N GLU D 107 -42.88 9.70 -39.83
CA GLU D 107 -42.21 8.46 -40.21
C GLU D 107 -43.08 7.62 -41.13
N ARG D 108 -44.38 7.55 -40.84
CA ARG D 108 -45.28 6.77 -41.69
C ARG D 108 -45.33 7.34 -43.10
N THR D 109 -45.46 8.66 -43.21
CA THR D 109 -45.52 9.28 -44.54
C THR D 109 -44.20 9.08 -45.29
N ILE D 110 -43.07 9.23 -44.60
CA ILE D 110 -41.79 9.04 -45.27
C ILE D 110 -41.63 7.61 -45.75
N ASN D 111 -42.00 6.63 -44.91
CA ASN D 111 -41.86 5.24 -45.30
C ASN D 111 -42.78 4.91 -46.48
N GLU D 112 -44.01 5.42 -46.45
CA GLU D 112 -44.93 5.18 -47.57
C GLU D 112 -44.39 5.78 -48.86
N LEU D 113 -43.90 7.01 -48.81
CA LEU D 113 -43.39 7.65 -50.02
C LEU D 113 -42.12 6.98 -50.52
N GLY D 114 -41.27 6.51 -49.60
CA GLY D 114 -40.09 5.77 -50.01
C GLY D 114 -40.42 4.45 -50.67
N GLU D 115 -41.43 3.75 -50.12
CA GLU D 115 -41.88 2.52 -50.76
C GLU D 115 -42.44 2.81 -52.14
N LYS D 116 -43.19 3.90 -52.28
CA LYS D 116 -43.75 4.28 -53.57
C LYS D 116 -42.65 4.61 -54.58
N ALA D 117 -41.63 5.35 -54.15
CA ALA D 117 -40.57 5.76 -55.06
C ALA D 117 -39.68 4.58 -55.45
N ARG D 118 -39.43 3.67 -54.51
CA ARG D 118 -38.64 2.49 -54.82
C ARG D 118 -39.37 1.55 -55.76
N LYS D 119 -40.67 1.74 -55.95
CA LYS D 119 -41.44 0.97 -56.92
C LYS D 119 -41.83 1.80 -58.15
N ASN D 120 -41.61 3.11 -58.11
CA ASN D 120 -41.70 4.06 -59.23
C ASN D 120 -43.15 4.51 -59.53
N GLU D 121 -44.13 4.24 -58.66
CA GLU D 121 -45.46 4.80 -58.85
C GLU D 121 -45.60 6.12 -58.08
N LEU D 122 -44.64 7.01 -58.28
CA LEU D 122 -44.58 8.27 -57.55
C LEU D 122 -45.18 9.38 -58.41
N ALA D 123 -46.24 10.02 -57.92
CA ALA D 123 -46.92 11.07 -58.66
C ALA D 123 -46.19 12.40 -58.54
N ILE D 124 -46.50 13.31 -59.46
CA ILE D 124 -45.87 14.62 -59.48
C ILE D 124 -46.30 15.48 -58.30
N GLU D 125 -47.57 15.38 -57.89
CA GLU D 125 -48.08 16.22 -56.81
C GLU D 125 -47.29 16.04 -55.52
N ASP D 126 -46.66 14.89 -55.32
CA ASP D 126 -45.82 14.67 -54.16
C ASP D 126 -44.38 15.14 -54.38
N MET D 127 -44.11 15.85 -55.48
CA MET D 127 -42.76 16.28 -55.78
C MET D 127 -42.59 17.78 -55.92
N ASP D 128 -43.66 18.56 -55.85
CA ASP D 128 -43.58 20.00 -56.11
C ASP D 128 -44.39 20.78 -55.07
N GLY D 129 -44.08 22.06 -54.97
CA GLY D 129 -44.77 22.97 -54.08
C GLY D 129 -44.25 23.03 -52.66
N GLY D 130 -43.13 22.38 -52.36
CA GLY D 130 -42.63 22.40 -51.00
C GLY D 130 -42.02 23.74 -50.64
N THR D 131 -42.04 24.05 -49.35
CA THR D 131 -41.44 25.26 -48.82
C THR D 131 -40.08 25.04 -48.19
N PHE D 132 -39.76 23.80 -47.83
CA PHE D 132 -38.45 23.44 -47.30
C PHE D 132 -38.02 22.12 -47.90
N THR D 133 -36.71 21.88 -47.88
CA THR D 133 -36.12 20.65 -48.40
C THR D 133 -35.08 20.16 -47.41
N ILE D 134 -34.97 18.84 -47.29
CA ILE D 134 -33.94 18.21 -46.48
C ILE D 134 -33.21 17.18 -47.34
N SER D 135 -31.88 17.21 -47.26
CA SER D 135 -31.04 16.29 -48.03
C SER D 135 -30.32 15.38 -47.06
N ASN D 136 -30.76 14.12 -46.97
CA ASN D 136 -30.13 13.15 -46.10
C ASN D 136 -28.98 12.50 -46.85
N GLY D 137 -27.84 13.18 -46.86
CA GLY D 137 -26.62 12.65 -47.44
C GLY D 137 -25.79 11.82 -46.51
N GLY D 138 -26.29 11.56 -45.29
CA GLY D 138 -25.53 10.81 -44.31
C GLY D 138 -25.56 9.31 -44.51
N VAL D 139 -26.44 8.81 -45.38
CA VAL D 139 -26.44 7.39 -45.69
C VAL D 139 -25.12 6.99 -46.32
N PHE D 140 -24.41 7.95 -46.91
CA PHE D 140 -23.03 7.80 -47.34
C PHE D 140 -22.18 8.65 -46.40
N GLY D 141 -21.14 8.05 -45.83
CA GLY D 141 -20.35 8.74 -44.84
C GLY D 141 -19.74 10.03 -45.35
N SER D 142 -20.32 11.16 -44.95
CA SER D 142 -19.83 12.48 -45.35
C SER D 142 -19.76 13.36 -44.12
N LEU D 143 -18.60 13.96 -43.88
CA LEU D 143 -18.44 14.83 -42.72
C LEU D 143 -19.36 16.04 -42.82
N PHE D 144 -19.29 16.77 -43.92
CA PHE D 144 -20.18 17.89 -44.19
C PHE D 144 -19.97 18.32 -45.64
N GLY D 145 -20.71 19.35 -46.03
CA GLY D 145 -20.66 19.82 -47.41
C GLY D 145 -21.80 20.75 -47.66
N THR D 146 -21.62 21.60 -48.68
CA THR D 146 -22.61 22.64 -48.97
C THR D 146 -23.73 22.05 -49.81
N PRO D 147 -24.97 22.07 -49.34
CA PRO D 147 -26.10 21.65 -50.18
C PRO D 147 -26.46 22.74 -51.18
N ILE D 148 -27.35 22.38 -52.09
CA ILE D 148 -27.78 23.28 -53.16
C ILE D 148 -29.25 23.62 -52.95
N ILE D 149 -29.58 24.91 -53.03
CA ILE D 149 -30.94 25.37 -52.78
C ILE D 149 -31.86 24.80 -53.86
N ASN D 150 -32.83 24.01 -53.44
CA ASN D 150 -33.80 23.49 -54.37
C ASN D 150 -34.82 24.57 -54.73
N PRO D 151 -35.02 24.86 -56.01
CA PRO D 151 -35.94 25.93 -56.39
C PRO D 151 -37.38 25.49 -56.21
N PRO D 152 -38.30 26.43 -55.93
CA PRO D 152 -38.09 27.87 -55.72
C PRO D 152 -37.90 28.26 -54.26
N GLN D 153 -37.59 27.32 -53.35
CA GLN D 153 -37.43 27.66 -51.95
C GLN D 153 -36.23 28.58 -51.75
N SER D 154 -36.08 29.07 -50.53
CA SER D 154 -34.96 29.93 -50.17
C SER D 154 -33.93 29.23 -49.29
N ALA D 155 -34.16 27.98 -48.92
CA ALA D 155 -33.23 27.27 -48.05
C ALA D 155 -33.44 25.77 -48.19
N ILE D 156 -32.42 25.02 -47.79
CA ILE D 156 -32.48 23.56 -47.75
C ILE D 156 -31.52 23.08 -46.68
N LEU D 157 -32.00 22.18 -45.83
CA LEU D 157 -31.20 21.61 -44.74
C LEU D 157 -30.47 20.38 -45.28
N GLY D 158 -29.15 20.40 -45.22
CA GLY D 158 -28.35 19.26 -45.59
C GLY D 158 -27.98 18.44 -44.37
N MET D 159 -28.30 17.16 -44.42
CA MET D 159 -27.89 16.24 -43.36
C MET D 159 -26.70 15.41 -43.82
N HIS D 160 -25.85 15.07 -42.85
CA HIS D 160 -24.63 14.33 -43.10
C HIS D 160 -24.59 13.14 -42.14
N GLY D 161 -23.49 12.40 -42.18
CA GLY D 161 -23.38 11.21 -41.37
C GLY D 161 -23.24 11.53 -39.90
N ILE D 162 -23.50 10.52 -39.08
CA ILE D 162 -23.36 10.62 -37.63
C ILE D 162 -22.12 9.86 -37.20
N PHE D 163 -21.17 10.55 -36.59
CA PHE D 163 -19.90 9.97 -36.19
C PHE D 163 -19.67 10.23 -34.71
N ASP D 164 -18.86 9.36 -34.10
CA ASP D 164 -18.43 9.54 -32.72
C ASP D 164 -17.19 10.41 -32.73
N ARG D 165 -17.26 11.58 -32.11
CA ARG D 165 -16.16 12.51 -32.04
C ARG D 165 -15.91 12.96 -30.62
N PRO D 166 -14.68 13.27 -30.25
CA PRO D 166 -14.42 13.80 -28.90
C PRO D 166 -14.95 15.20 -28.74
N VAL D 167 -15.90 15.39 -27.83
CA VAL D 167 -16.45 16.70 -27.53
C VAL D 167 -16.17 17.02 -26.08
N ALA D 168 -16.36 18.29 -25.73
CA ALA D 168 -16.07 18.79 -24.40
C ALA D 168 -17.35 19.16 -23.68
N VAL D 169 -17.55 18.57 -22.50
CA VAL D 169 -18.64 18.95 -21.60
C VAL D 169 -18.05 19.26 -20.23
N GLY D 170 -18.16 20.51 -19.80
CA GLY D 170 -17.60 20.90 -18.54
C GLY D 170 -16.09 20.81 -18.46
N GLY D 171 -15.40 20.86 -19.60
CA GLY D 171 -13.96 20.78 -19.61
C GLY D 171 -13.39 19.38 -19.65
N LYS D 172 -14.24 18.36 -19.80
CA LYS D 172 -13.79 16.98 -19.88
C LYS D 172 -14.09 16.41 -21.26
N VAL D 173 -13.13 15.67 -21.79
CA VAL D 173 -13.24 15.04 -23.10
C VAL D 173 -13.92 13.68 -22.96
N GLU D 174 -14.90 13.43 -23.83
CA GLU D 174 -15.50 12.10 -23.90
C GLU D 174 -16.16 11.95 -25.26
N VAL D 175 -16.16 10.71 -25.73
CA VAL D 175 -16.64 10.39 -27.08
C VAL D 175 -18.16 10.45 -27.06
N ARG D 176 -18.73 11.16 -28.03
CA ARG D 176 -20.17 11.39 -28.06
C ARG D 176 -20.66 11.46 -29.50
N PRO D 177 -21.78 10.79 -29.81
CA PRO D 177 -22.27 10.75 -31.19
C PRO D 177 -22.72 12.10 -31.70
N MET D 178 -22.05 12.63 -32.72
CA MET D 178 -22.31 13.97 -33.22
C MET D 178 -22.51 13.93 -34.73
N MET D 179 -23.02 15.04 -35.26
CA MET D 179 -23.27 15.14 -36.70
C MET D 179 -23.27 16.61 -37.10
N TYR D 180 -22.60 16.90 -38.21
CA TYR D 180 -22.58 18.23 -38.80
C TYR D 180 -23.85 18.43 -39.62
N VAL D 181 -24.47 19.60 -39.46
CA VAL D 181 -25.66 19.94 -40.23
C VAL D 181 -25.43 21.29 -40.89
N ALA D 182 -25.92 21.41 -42.12
CA ALA D 182 -25.69 22.59 -42.94
C ALA D 182 -27.01 23.15 -43.43
N LEU D 183 -26.99 24.44 -43.76
CA LEU D 183 -28.18 25.11 -44.28
C LEU D 183 -27.73 26.22 -45.21
N THR D 184 -27.99 26.07 -46.51
CA THR D 184 -27.70 27.11 -47.49
C THR D 184 -28.94 27.94 -47.73
N TYR D 185 -28.79 29.26 -47.65
CA TYR D 185 -29.91 30.18 -47.71
C TYR D 185 -29.65 31.24 -48.77
N ASP D 186 -30.59 32.18 -48.88
CA ASP D 186 -30.43 33.35 -49.73
C ASP D 186 -30.12 34.54 -48.84
N HIS D 187 -28.90 35.06 -48.93
CA HIS D 187 -28.54 36.24 -48.13
C HIS D 187 -29.40 37.44 -48.50
N ARG D 188 -29.99 37.43 -49.70
CA ARG D 188 -30.89 38.50 -50.12
C ARG D 188 -32.14 38.57 -49.25
N LEU D 189 -32.71 37.41 -48.91
CA LEU D 189 -33.90 37.35 -48.06
C LEU D 189 -33.58 37.13 -46.59
N ILE D 190 -32.60 36.30 -46.28
CA ILE D 190 -32.30 35.89 -44.91
C ILE D 190 -30.94 36.47 -44.54
N ASP D 191 -30.91 37.23 -43.44
CA ASP D 191 -29.64 37.73 -42.93
C ASP D 191 -28.84 36.60 -42.30
N GLY D 192 -27.56 36.85 -42.10
CA GLY D 192 -26.73 35.88 -41.39
C GLY D 192 -27.23 35.62 -39.99
N ARG D 193 -27.69 36.66 -39.30
CA ARG D 193 -28.23 36.49 -37.96
C ARG D 193 -29.44 35.56 -37.97
N GLU D 194 -30.32 35.73 -38.97
CA GLU D 194 -31.55 34.95 -39.01
C GLU D 194 -31.27 33.49 -39.36
N ALA D 195 -30.37 33.25 -40.31
CA ALA D 195 -30.04 31.86 -40.66
C ALA D 195 -29.29 31.17 -39.52
N VAL D 196 -28.42 31.90 -38.83
CA VAL D 196 -27.74 31.30 -37.69
C VAL D 196 -28.73 30.96 -36.58
N THR D 197 -29.71 31.85 -36.34
CA THR D 197 -30.75 31.55 -35.37
C THR D 197 -31.56 30.33 -35.81
N PHE D 198 -31.83 30.22 -37.10
CA PHE D 198 -32.54 29.06 -37.64
C PHE D 198 -31.80 27.77 -37.35
N LEU D 199 -30.50 27.75 -37.66
CA LEU D 199 -29.70 26.54 -37.42
C LEU D 199 -29.60 26.22 -35.93
N ARG D 200 -29.42 27.25 -35.10
CA ARG D 200 -29.39 27.03 -33.65
C ARG D 200 -30.72 26.44 -33.17
N LYS D 201 -31.83 26.88 -33.77
CA LYS D 201 -33.13 26.42 -33.29
C LYS D 201 -33.41 24.99 -33.75
N ILE D 202 -32.97 24.63 -34.96
CA ILE D 202 -33.07 23.24 -35.40
C ILE D 202 -32.19 22.36 -34.53
N LYS D 203 -30.99 22.85 -34.18
CA LYS D 203 -30.13 22.13 -33.26
C LYS D 203 -30.79 21.93 -31.91
N ALA D 204 -31.51 22.94 -31.42
CA ALA D 204 -32.11 22.86 -30.09
C ALA D 204 -33.25 21.85 -30.02
N ALA D 205 -33.90 21.56 -31.14
CA ALA D 205 -35.04 20.67 -31.15
C ALA D 205 -34.69 19.23 -31.51
N VAL D 206 -33.41 18.92 -31.70
CA VAL D 206 -32.99 17.55 -31.96
C VAL D 206 -32.04 17.12 -30.84
N GLU D 207 -31.37 18.09 -30.22
CA GLU D 207 -30.60 17.79 -29.01
C GLU D 207 -31.51 17.56 -27.81
N ASP D 208 -32.74 18.07 -27.85
CA ASP D 208 -33.69 17.89 -26.77
C ASP D 208 -35.10 18.00 -27.35
N PRO D 209 -35.70 16.87 -27.72
CA PRO D 209 -37.05 16.93 -28.33
C PRO D 209 -38.12 17.47 -27.40
N ARG D 210 -37.89 17.51 -26.09
CA ARG D 210 -38.90 18.06 -25.18
C ARG D 210 -39.06 19.57 -25.36
N VAL D 211 -38.13 20.20 -26.08
CA VAL D 211 -38.25 21.61 -26.44
C VAL D 211 -39.48 21.77 -27.32
N LEU D 212 -39.74 20.76 -28.15
CA LEU D 212 -40.89 20.80 -29.04
C LEU D 212 -42.19 20.93 -28.25
N LEU D 213 -42.35 20.12 -27.20
CA LEU D 213 -43.52 20.23 -26.34
C LEU D 213 -43.51 21.54 -25.56
N LEU D 214 -42.35 21.91 -25.01
CA LEU D 214 -42.26 23.15 -24.23
C LEU D 214 -42.54 24.38 -25.07
N ASP D 215 -42.29 24.31 -26.38
CA ASP D 215 -42.57 25.41 -27.31
C ASP D 215 -41.81 26.67 -26.92
N LEU D 216 -40.49 26.56 -26.96
CA LEU D 216 -39.63 27.71 -26.71
C LEU D 216 -39.62 28.66 -27.90
N ALA E 4 -27.71 -67.07 7.04
CA ALA E 4 -26.71 -68.00 6.54
C ALA E 4 -25.70 -67.29 5.64
N GLN E 5 -24.44 -67.26 6.10
CA GLN E 5 -23.33 -66.55 5.47
C GLN E 5 -23.77 -65.23 4.82
N ASN E 6 -24.33 -65.28 3.62
CA ASN E 6 -24.75 -64.06 2.91
C ASN E 6 -26.22 -63.75 3.20
N THR E 7 -26.58 -63.74 4.49
CA THR E 7 -27.93 -63.40 4.95
C THR E 7 -29.00 -64.11 4.12
N CYS E 8 -29.61 -63.35 3.21
CA CYS E 8 -30.55 -63.87 2.23
C CYS E 8 -30.29 -63.14 0.92
N ALA E 9 -31.21 -63.28 -0.03
CA ALA E 9 -31.06 -62.59 -1.31
C ALA E 9 -31.40 -61.12 -1.17
N MET E 10 -30.39 -60.31 -0.82
CA MET E 10 -30.60 -58.90 -0.51
C MET E 10 -29.53 -58.04 -1.18
N LEU E 11 -29.97 -56.93 -1.77
CA LEU E 11 -29.08 -55.93 -2.33
C LEU E 11 -29.40 -54.59 -1.68
N THR E 12 -28.40 -53.71 -1.68
CA THR E 12 -28.57 -52.36 -1.14
C THR E 12 -27.85 -51.36 -2.02
N THR E 13 -28.38 -50.14 -2.06
CA THR E 13 -27.76 -49.04 -2.78
C THR E 13 -27.75 -47.81 -1.87
N PHE E 14 -26.78 -46.94 -2.10
CA PHE E 14 -26.53 -45.81 -1.21
C PHE E 14 -26.61 -44.51 -1.99
N ASN E 15 -26.93 -43.44 -1.25
CA ASN E 15 -26.98 -42.10 -1.80
C ASN E 15 -26.82 -41.13 -0.64
N GLU E 16 -26.55 -39.88 -0.96
CA GLU E 16 -26.33 -38.85 0.05
C GLU E 16 -27.32 -37.71 -0.16
N VAL E 17 -27.81 -37.15 0.95
CA VAL E 17 -28.87 -36.15 0.94
C VAL E 17 -28.37 -34.90 1.62
N ASP E 18 -28.57 -33.76 0.97
CA ASP E 18 -28.17 -32.47 1.54
C ASP E 18 -29.23 -32.04 2.54
N MET E 19 -28.86 -32.02 3.82
CA MET E 19 -29.81 -31.73 4.88
C MET E 19 -29.88 -30.26 5.25
N SER E 20 -29.23 -29.39 4.48
CA SER E 20 -29.17 -27.98 4.83
C SER E 20 -30.56 -27.35 4.85
N ASN E 21 -31.39 -27.67 3.86
CA ASN E 21 -32.71 -27.07 3.76
C ASN E 21 -33.59 -27.47 4.95
N ILE E 22 -33.63 -28.76 5.27
CA ILE E 22 -34.45 -29.22 6.39
C ILE E 22 -33.91 -28.68 7.71
N GLN E 23 -32.59 -28.67 7.86
CA GLN E 23 -32.00 -28.13 9.09
C GLN E 23 -32.37 -26.66 9.27
N GLU E 24 -32.29 -25.88 8.21
CA GLU E 24 -32.64 -24.47 8.30
C GLU E 24 -34.13 -24.29 8.58
N MET E 25 -34.98 -25.09 7.94
CA MET E 25 -36.42 -25.01 8.18
C MET E 25 -36.75 -25.30 9.64
N ARG E 26 -36.15 -26.35 10.19
CA ARG E 26 -36.31 -26.62 11.62
C ARG E 26 -35.83 -25.45 12.45
N ALA E 27 -34.54 -25.09 12.34
CA ALA E 27 -33.99 -24.01 13.14
C ALA E 27 -34.76 -22.71 12.97
N ARG E 28 -35.60 -22.62 11.94
CA ARG E 28 -36.43 -21.43 11.76
C ARG E 28 -37.80 -21.58 12.43
N HIS E 29 -38.40 -22.76 12.36
CA HIS E 29 -39.80 -22.92 12.75
C HIS E 29 -40.02 -23.80 13.98
N LYS E 30 -38.95 -24.14 14.71
CA LYS E 30 -39.11 -24.91 15.95
C LYS E 30 -40.07 -24.23 16.92
N ASP E 31 -39.86 -22.92 17.16
CA ASP E 31 -40.66 -22.24 18.15
C ASP E 31 -42.12 -22.17 17.75
N ALA E 32 -42.40 -21.86 16.48
CA ALA E 32 -43.77 -21.82 16.01
C ALA E 32 -44.43 -23.19 16.09
N PHE E 33 -43.72 -24.24 15.69
CA PHE E 33 -44.27 -25.59 15.78
C PHE E 33 -44.57 -25.98 17.21
N LEU E 34 -43.65 -25.67 18.13
CA LEU E 34 -43.85 -26.03 19.53
C LEU E 34 -45.00 -25.25 20.13
N LYS E 35 -45.15 -23.98 19.77
CA LYS E 35 -46.23 -23.18 20.34
C LYS E 35 -47.58 -23.59 19.77
N LYS E 36 -47.62 -24.03 18.51
CA LYS E 36 -48.89 -24.36 17.88
C LYS E 36 -49.34 -25.79 18.19
N HIS E 37 -48.44 -26.76 18.11
CA HIS E 37 -48.79 -28.17 18.25
C HIS E 37 -48.29 -28.81 19.53
N ASN E 38 -47.40 -28.15 20.26
CA ASN E 38 -46.75 -28.72 21.44
C ASN E 38 -46.01 -30.02 21.08
N LEU E 39 -45.36 -30.02 19.92
CA LEU E 39 -44.52 -31.13 19.49
C LEU E 39 -43.17 -30.59 19.03
N LYS E 40 -42.14 -31.39 19.24
CA LYS E 40 -40.80 -31.07 18.76
C LYS E 40 -40.72 -31.36 17.28
N LEU E 41 -40.24 -30.38 16.50
CA LEU E 41 -40.07 -30.55 15.07
C LEU E 41 -38.84 -31.41 14.83
N GLY E 42 -38.99 -32.46 14.03
CA GLY E 42 -37.92 -33.42 13.87
C GLY E 42 -37.56 -33.74 12.44
N PHE E 43 -36.45 -34.47 12.28
CA PHE E 43 -35.95 -34.83 10.96
C PHE E 43 -36.75 -35.95 10.31
N MET E 44 -37.41 -36.79 11.11
CA MET E 44 -37.97 -38.04 10.59
C MET E 44 -39.23 -37.79 9.78
N SER E 45 -39.99 -36.75 10.10
CA SER E 45 -41.24 -36.50 9.40
C SER E 45 -41.01 -36.20 7.92
N ALA E 46 -40.00 -35.39 7.61
CA ALA E 46 -39.71 -35.06 6.22
C ALA E 46 -39.34 -36.29 5.43
N PHE E 47 -38.48 -37.15 6.01
CA PHE E 47 -38.10 -38.39 5.35
C PHE E 47 -39.29 -39.32 5.16
N VAL E 48 -40.18 -39.40 6.15
CA VAL E 48 -41.35 -40.28 6.04
C VAL E 48 -42.25 -39.80 4.92
N LYS E 49 -42.51 -38.50 4.87
CA LYS E 49 -43.39 -37.97 3.83
C LYS E 49 -42.78 -38.13 2.44
N ALA E 50 -41.47 -37.87 2.31
CA ALA E 50 -40.79 -38.05 1.04
C ALA E 50 -40.82 -39.51 0.59
N SER E 51 -40.60 -40.43 1.52
CA SER E 51 -40.64 -41.85 1.19
C SER E 51 -42.04 -42.26 0.75
N ALA E 52 -43.07 -41.72 1.40
CA ALA E 52 -44.44 -42.01 0.97
C ALA E 52 -44.70 -41.49 -0.43
N PHE E 53 -44.24 -40.28 -0.74
CA PHE E 53 -44.44 -39.72 -2.07
C PHE E 53 -43.73 -40.54 -3.13
N ALA E 54 -42.48 -40.95 -2.85
CA ALA E 54 -41.76 -41.80 -3.79
C ALA E 54 -42.44 -43.15 -3.97
N LEU E 55 -42.96 -43.74 -2.88
CA LEU E 55 -43.68 -45.00 -2.98
C LEU E 55 -44.93 -44.84 -3.83
N GLN E 56 -45.62 -43.72 -3.66
CA GLN E 56 -46.79 -43.43 -4.49
C GLN E 56 -46.42 -43.36 -5.96
N GLU E 57 -45.31 -42.67 -6.27
CA GLU E 57 -44.85 -42.60 -7.66
C GLU E 57 -44.37 -43.95 -8.20
N GLN E 58 -43.71 -44.75 -7.37
CA GLN E 58 -43.18 -46.05 -7.76
C GLN E 58 -43.91 -47.15 -6.99
N PRO E 59 -45.01 -47.67 -7.54
CA PRO E 59 -45.77 -48.69 -6.82
C PRO E 59 -45.08 -50.03 -6.72
N VAL E 60 -44.05 -50.29 -7.53
CA VAL E 60 -43.37 -51.59 -7.49
C VAL E 60 -42.71 -51.79 -6.14
N VAL E 61 -42.17 -50.71 -5.55
CA VAL E 61 -41.54 -50.80 -4.24
C VAL E 61 -42.57 -51.08 -3.15
N ASN E 62 -43.85 -50.87 -3.43
CA ASN E 62 -44.91 -51.04 -2.45
C ASN E 62 -45.63 -52.38 -2.59
N ALA E 63 -45.06 -53.30 -3.35
CA ALA E 63 -45.61 -54.64 -3.53
C ALA E 63 -44.78 -55.65 -2.74
N VAL E 64 -45.31 -56.87 -2.61
CA VAL E 64 -44.65 -57.92 -1.85
C VAL E 64 -44.82 -59.23 -2.61
N ILE E 65 -43.79 -60.08 -2.53
CA ILE E 65 -43.83 -61.40 -3.16
C ILE E 65 -44.24 -62.43 -2.12
N ASP E 66 -45.25 -63.23 -2.45
CA ASP E 66 -45.71 -64.32 -1.60
C ASP E 66 -45.21 -65.64 -2.15
N ASP E 67 -44.87 -66.56 -1.24
CA ASP E 67 -44.35 -67.86 -1.64
C ASP E 67 -45.43 -68.83 -2.10
N ALA E 68 -46.71 -68.49 -1.92
CA ALA E 68 -47.79 -69.41 -2.26
C ALA E 68 -47.79 -69.73 -3.75
N THR E 69 -48.01 -68.73 -4.59
CA THR E 69 -48.01 -68.91 -6.04
C THR E 69 -47.15 -67.85 -6.72
N LYS E 70 -46.06 -67.44 -6.06
CA LYS E 70 -45.24 -66.31 -6.51
C LYS E 70 -46.13 -65.09 -6.75
N GLU E 71 -46.89 -64.75 -5.71
CA GLU E 71 -47.91 -63.72 -5.80
C GLU E 71 -47.28 -62.35 -5.58
N VAL E 72 -47.54 -61.42 -6.50
CA VAL E 72 -47.11 -60.04 -6.37
C VAL E 72 -48.34 -59.24 -5.91
N VAL E 73 -48.50 -59.11 -4.60
CA VAL E 73 -49.62 -58.39 -4.03
C VAL E 73 -49.34 -56.90 -4.13
N TYR E 74 -50.20 -56.17 -4.84
CA TYR E 74 -50.03 -54.74 -5.05
C TYR E 74 -50.77 -53.99 -3.94
N ARG E 75 -50.08 -53.69 -2.85
CA ARG E 75 -50.67 -52.91 -1.78
C ARG E 75 -50.90 -51.48 -2.24
N ASP E 76 -52.01 -50.89 -1.80
CA ASP E 76 -52.30 -49.50 -2.10
C ASP E 76 -52.22 -48.59 -0.89
N TYR E 77 -52.49 -49.12 0.31
CA TYR E 77 -52.28 -48.37 1.53
C TYR E 77 -50.78 -48.29 1.81
N ILE E 78 -50.30 -47.09 2.14
CA ILE E 78 -48.89 -46.86 2.44
C ILE E 78 -48.73 -46.87 3.95
N ASP E 79 -47.92 -47.81 4.45
CA ASP E 79 -47.70 -48.00 5.89
C ASP E 79 -46.20 -47.91 6.15
N ILE E 80 -45.74 -46.74 6.56
CA ILE E 80 -44.33 -46.56 6.90
C ILE E 80 -44.11 -47.07 8.32
N SER E 81 -43.13 -47.95 8.48
CA SER E 81 -42.77 -48.49 9.79
C SER E 81 -41.49 -47.82 10.26
N VAL E 82 -41.53 -47.22 11.45
CA VAL E 82 -40.41 -46.50 12.02
C VAL E 82 -39.90 -47.27 13.23
N ALA E 83 -38.60 -47.16 13.49
CA ALA E 83 -37.98 -47.90 14.58
C ALA E 83 -37.72 -46.99 15.77
N VAL E 84 -37.89 -47.54 16.98
CA VAL E 84 -37.62 -46.83 18.22
C VAL E 84 -36.72 -47.72 19.08
N ALA E 85 -36.01 -47.08 20.01
CA ALA E 85 -35.10 -47.78 20.92
C ALA E 85 -35.61 -47.66 22.35
N THR E 86 -35.69 -48.79 23.03
CA THR E 86 -36.10 -48.86 24.42
C THR E 86 -35.09 -49.69 25.22
N PRO E 87 -34.97 -49.43 26.52
CA PRO E 87 -34.04 -50.24 27.33
C PRO E 87 -34.33 -51.73 27.29
N ARG E 88 -35.61 -52.12 27.25
CA ARG E 88 -35.95 -53.53 27.15
C ARG E 88 -35.61 -54.09 25.76
N GLY E 89 -35.85 -53.30 24.71
CA GLY E 89 -35.55 -53.72 23.37
C GLY E 89 -35.99 -52.74 22.31
N LEU E 90 -35.40 -52.81 21.11
CA LEU E 90 -35.78 -51.94 20.02
C LEU E 90 -37.10 -52.39 19.42
N VAL E 91 -38.02 -51.45 19.22
CA VAL E 91 -39.38 -51.75 18.78
C VAL E 91 -39.71 -50.91 17.56
N VAL E 92 -40.46 -51.49 16.62
CA VAL E 92 -40.76 -50.85 15.35
C VAL E 92 -42.27 -50.66 15.19
N PRO E 93 -42.82 -49.52 15.62
CA PRO E 93 -44.24 -49.24 15.37
C PRO E 93 -44.50 -48.93 13.90
N VAL E 94 -45.78 -48.95 13.53
CA VAL E 94 -46.21 -48.76 12.16
C VAL E 94 -47.11 -47.53 12.08
N ILE E 95 -46.81 -46.63 11.16
CA ILE E 95 -47.60 -45.43 10.93
C ILE E 95 -48.52 -45.70 9.74
N ARG E 96 -49.81 -45.45 9.91
CA ARG E 96 -50.82 -45.95 8.99
C ARG E 96 -51.29 -44.84 8.05
N ASN E 97 -51.40 -45.18 6.76
CA ASN E 97 -51.93 -44.31 5.72
C ASN E 97 -51.19 -42.97 5.69
N VAL E 98 -49.90 -43.07 5.37
CA VAL E 98 -49.01 -41.91 5.46
C VAL E 98 -49.22 -40.95 4.30
N GLU E 99 -49.85 -41.40 3.21
CA GLU E 99 -49.96 -40.61 2.00
C GLU E 99 -50.79 -39.35 2.18
N THR E 100 -51.61 -39.27 3.22
CA THR E 100 -52.48 -38.11 3.45
C THR E 100 -52.09 -37.34 4.71
N MET E 101 -50.88 -37.54 5.21
CA MET E 101 -50.41 -36.85 6.40
C MET E 101 -49.37 -35.81 6.01
N ASN E 102 -49.53 -34.60 6.52
CA ASN E 102 -48.54 -33.55 6.34
C ASN E 102 -47.43 -33.75 7.38
N TYR E 103 -46.57 -32.74 7.55
CA TYR E 103 -45.49 -32.85 8.52
C TYR E 103 -46.01 -32.91 9.95
N ALA E 104 -47.17 -32.29 10.22
CA ALA E 104 -47.69 -32.27 11.59
C ALA E 104 -48.23 -33.64 12.00
N ASP E 105 -49.01 -34.28 11.12
CA ASP E 105 -49.61 -35.55 11.46
C ASP E 105 -48.56 -36.63 11.67
N ILE E 106 -47.53 -36.67 10.82
CA ILE E 106 -46.47 -37.66 10.98
C ILE E 106 -45.76 -37.47 12.30
N GLU E 107 -45.46 -36.22 12.67
CA GLU E 107 -44.77 -35.96 13.93
C GLU E 107 -45.64 -36.34 15.12
N ARG E 108 -46.94 -36.03 15.07
CA ARG E 108 -47.79 -36.39 16.20
C ARG E 108 -47.94 -37.91 16.32
N THR E 109 -48.00 -38.61 15.19
CA THR E 109 -48.07 -40.06 15.23
C THR E 109 -46.77 -40.65 15.80
N ILE E 110 -45.63 -40.10 15.41
CA ILE E 110 -44.37 -40.57 15.95
C ILE E 110 -44.31 -40.34 17.46
N ASN E 111 -44.75 -39.17 17.90
CA ASN E 111 -44.76 -38.89 19.34
C ASN E 111 -45.66 -39.87 20.08
N GLU E 112 -46.85 -40.14 19.53
CA GLU E 112 -47.76 -41.08 20.18
C GLU E 112 -47.16 -42.48 20.25
N LEU E 113 -46.54 -42.93 19.15
CA LEU E 113 -45.96 -44.27 19.15
C LEU E 113 -44.79 -44.36 20.13
N GLY E 114 -43.97 -43.32 20.21
CA GLY E 114 -42.90 -43.32 21.19
C GLY E 114 -43.42 -43.35 22.62
N GLU E 115 -44.47 -42.57 22.90
CA GLU E 115 -45.06 -42.58 24.23
C GLU E 115 -45.61 -43.96 24.59
N LYS E 116 -46.30 -44.61 23.64
CA LYS E 116 -46.83 -45.93 23.93
C LYS E 116 -45.75 -47.00 23.95
N ALA E 117 -44.60 -46.75 23.34
CA ALA E 117 -43.48 -47.68 23.47
C ALA E 117 -42.82 -47.57 24.83
N ARG E 118 -42.65 -46.34 25.34
CA ARG E 118 -42.00 -46.17 26.64
C ARG E 118 -42.82 -46.73 27.78
N LYS E 119 -44.14 -46.60 27.73
CA LYS E 119 -45.00 -47.09 28.80
C LYS E 119 -45.42 -48.55 28.61
N ASN E 120 -45.01 -49.18 27.51
CA ASN E 120 -45.23 -50.60 27.26
C ASN E 120 -46.72 -50.97 27.22
N GLU E 121 -47.51 -50.23 26.46
CA GLU E 121 -48.86 -50.65 26.11
C GLU E 121 -49.05 -50.79 24.61
N LEU E 122 -47.97 -50.80 23.84
CA LEU E 122 -48.04 -51.04 22.40
C LEU E 122 -48.33 -52.52 22.17
N ALA E 123 -49.50 -52.81 21.60
CA ALA E 123 -49.93 -54.19 21.42
C ALA E 123 -49.26 -54.80 20.20
N ILE E 124 -49.49 -56.11 20.01
CA ILE E 124 -48.96 -56.80 18.84
C ILE E 124 -49.56 -56.23 17.56
N GLU E 125 -50.82 -55.82 17.61
CA GLU E 125 -51.47 -55.24 16.44
C GLU E 125 -50.74 -54.00 15.93
N ASP E 126 -50.05 -53.28 16.82
CA ASP E 126 -49.34 -52.08 16.38
C ASP E 126 -48.12 -52.43 15.53
N MET E 127 -47.32 -53.40 15.96
CA MET E 127 -46.02 -53.66 15.34
C MET E 127 -46.12 -54.74 14.26
N ASP E 128 -46.98 -54.53 13.27
CA ASP E 128 -47.07 -55.45 12.15
C ASP E 128 -47.90 -54.82 11.04
N GLY E 129 -47.95 -55.50 9.91
CA GLY E 129 -48.74 -55.08 8.76
C GLY E 129 -48.29 -53.81 8.08
N GLY E 130 -46.99 -53.64 7.88
CA GLY E 130 -46.46 -52.49 7.18
C GLY E 130 -46.07 -52.81 5.74
N THR E 131 -45.91 -51.76 4.94
CA THR E 131 -45.48 -51.89 3.56
C THR E 131 -44.12 -51.28 3.29
N PHE E 132 -43.59 -50.46 4.19
CA PHE E 132 -42.29 -49.83 4.02
C PHE E 132 -41.74 -49.52 5.40
N THR E 133 -40.42 -49.57 5.53
CA THR E 133 -39.77 -49.40 6.81
C THR E 133 -38.65 -48.38 6.70
N ILE E 134 -38.45 -47.62 7.78
CA ILE E 134 -37.37 -46.66 7.88
C ILE E 134 -36.60 -46.94 9.16
N SER E 135 -35.28 -47.05 9.05
CA SER E 135 -34.40 -47.33 10.18
C SER E 135 -33.50 -46.13 10.39
N ASN E 136 -33.48 -45.61 11.61
CA ASN E 136 -32.66 -44.45 11.96
C ASN E 136 -31.48 -44.90 12.80
N GLY E 137 -30.29 -44.84 12.21
CA GLY E 137 -29.07 -45.08 12.95
C GLY E 137 -28.41 -43.77 13.33
N GLY E 138 -29.08 -42.67 12.98
CA GLY E 138 -28.55 -41.35 13.25
C GLY E 138 -28.45 -41.01 14.72
N VAL E 139 -29.37 -41.51 15.54
CA VAL E 139 -29.33 -41.21 16.97
C VAL E 139 -28.04 -41.71 17.60
N PHE E 140 -27.55 -42.87 17.15
CA PHE E 140 -26.30 -43.41 17.65
C PHE E 140 -25.10 -43.06 16.79
N GLY E 141 -25.27 -42.20 15.78
CA GLY E 141 -24.15 -41.71 15.01
C GLY E 141 -23.52 -42.71 14.07
N SER E 142 -24.29 -43.16 13.09
CA SER E 142 -23.83 -44.11 12.08
C SER E 142 -23.52 -43.36 10.80
N LEU E 143 -22.30 -43.53 10.27
CA LEU E 143 -21.94 -42.90 9.01
C LEU E 143 -22.81 -43.42 7.89
N PHE E 144 -22.66 -44.71 7.56
CA PHE E 144 -23.57 -45.39 6.66
C PHE E 144 -23.40 -46.88 6.86
N GLY E 145 -24.42 -47.64 6.47
CA GLY E 145 -24.39 -49.07 6.66
C GLY E 145 -25.52 -49.72 5.87
N THR E 146 -25.60 -51.04 6.01
CA THR E 146 -26.59 -51.81 5.27
C THR E 146 -27.74 -52.19 6.20
N PRO E 147 -28.91 -51.56 6.07
CA PRO E 147 -30.04 -51.92 6.93
C PRO E 147 -30.66 -53.24 6.51
N ILE E 148 -31.27 -53.91 7.49
CA ILE E 148 -31.91 -55.20 7.29
C ILE E 148 -33.42 -54.99 7.38
N ILE E 149 -34.14 -55.46 6.36
CA ILE E 149 -35.59 -55.34 6.38
C ILE E 149 -36.18 -56.33 7.39
N ASN E 150 -37.28 -55.92 8.01
CA ASN E 150 -38.01 -56.81 8.89
C ASN E 150 -38.97 -57.66 8.07
N PRO E 151 -38.85 -58.98 8.09
CA PRO E 151 -39.63 -59.80 7.16
C PRO E 151 -41.10 -59.76 7.54
N PRO E 152 -42.00 -59.92 6.55
CA PRO E 152 -41.76 -60.15 5.13
C PRO E 152 -41.81 -58.87 4.30
N GLN E 153 -41.08 -57.83 4.70
CA GLN E 153 -41.12 -56.56 3.98
C GLN E 153 -40.48 -56.70 2.60
N SER E 154 -40.54 -55.62 1.82
CA SER E 154 -39.94 -55.60 0.50
C SER E 154 -38.82 -54.58 0.33
N ALA E 155 -38.78 -53.53 1.15
CA ALA E 155 -37.70 -52.56 1.09
C ALA E 155 -37.59 -51.85 2.43
N ILE E 156 -36.40 -51.34 2.71
CA ILE E 156 -36.14 -50.54 3.91
C ILE E 156 -35.36 -49.31 3.49
N LEU E 157 -35.52 -48.24 4.25
CA LEU E 157 -34.76 -47.01 4.05
C LEU E 157 -33.88 -46.79 5.27
N GLY E 158 -32.59 -46.54 5.03
CA GLY E 158 -31.67 -46.37 6.13
C GLY E 158 -31.28 -44.93 6.38
N MET E 159 -31.75 -44.38 7.50
CA MET E 159 -31.26 -43.09 7.97
C MET E 159 -29.89 -43.28 8.63
N HIS E 160 -29.11 -42.21 8.65
CA HIS E 160 -27.79 -42.26 9.23
C HIS E 160 -27.48 -40.90 9.87
N GLY E 161 -26.38 -40.85 10.59
CA GLY E 161 -25.99 -39.61 11.25
C GLY E 161 -25.71 -38.51 10.25
N ILE E 162 -26.04 -37.28 10.66
CA ILE E 162 -25.78 -36.09 9.84
C ILE E 162 -24.50 -35.45 10.34
N PHE E 163 -23.47 -35.46 9.49
CA PHE E 163 -22.17 -34.89 9.83
C PHE E 163 -21.83 -33.76 8.87
N ASP E 164 -21.16 -32.74 9.39
CA ASP E 164 -20.69 -31.64 8.56
C ASP E 164 -19.59 -32.14 7.64
N ARG E 165 -19.86 -32.12 6.33
CA ARG E 165 -18.91 -32.66 5.37
C ARG E 165 -18.61 -31.64 4.28
N PRO E 166 -17.37 -31.58 3.81
CA PRO E 166 -17.03 -30.69 2.70
C PRO E 166 -17.58 -31.23 1.38
N VAL E 167 -18.51 -30.51 0.77
CA VAL E 167 -19.10 -30.91 -0.51
C VAL E 167 -18.73 -29.83 -1.53
N ALA E 168 -18.54 -30.26 -2.77
CA ALA E 168 -18.21 -29.33 -3.85
C ALA E 168 -19.45 -29.01 -4.68
N VAL E 169 -19.99 -27.81 -4.51
CA VAL E 169 -21.13 -27.36 -5.29
C VAL E 169 -20.77 -26.03 -5.96
N GLY E 170 -20.95 -25.99 -7.28
CA GLY E 170 -20.55 -24.82 -8.04
C GLY E 170 -19.05 -24.65 -8.15
N GLY E 171 -18.28 -25.72 -7.95
CA GLY E 171 -16.84 -25.65 -8.01
C GLY E 171 -16.16 -25.13 -6.76
N LYS E 172 -16.92 -24.84 -5.71
CA LYS E 172 -16.35 -24.37 -4.45
C LYS E 172 -16.44 -25.47 -3.41
N VAL E 173 -15.69 -25.30 -2.32
CA VAL E 173 -15.67 -26.25 -1.22
C VAL E 173 -16.20 -25.55 0.01
N GLU E 174 -17.38 -25.95 0.47
CA GLU E 174 -17.95 -25.42 1.71
C GLU E 174 -18.51 -26.57 2.53
N VAL E 175 -18.43 -26.41 3.85
CA VAL E 175 -18.90 -27.44 4.77
C VAL E 175 -20.41 -27.42 4.80
N ARG E 176 -21.02 -28.60 4.64
CA ARG E 176 -22.47 -28.73 4.54
C ARG E 176 -22.93 -29.87 5.41
N PRO E 177 -24.14 -29.77 6.00
CA PRO E 177 -24.67 -30.90 6.76
C PRO E 177 -25.20 -32.00 5.86
N MET E 178 -24.47 -33.11 5.76
CA MET E 178 -24.74 -34.14 4.77
C MET E 178 -24.96 -35.47 5.50
N MET E 179 -25.90 -36.27 5.00
CA MET E 179 -26.13 -37.59 5.54
C MET E 179 -26.29 -38.60 4.42
N TYR E 180 -25.78 -39.81 4.66
CA TYR E 180 -25.85 -40.91 3.72
C TYR E 180 -27.14 -41.70 3.93
N VAL E 181 -27.89 -41.91 2.86
CA VAL E 181 -29.09 -42.74 2.92
C VAL E 181 -28.81 -44.04 2.18
N ALA E 182 -29.43 -45.12 2.65
CA ALA E 182 -29.31 -46.43 2.04
C ALA E 182 -30.70 -46.95 1.71
N LEU E 183 -30.75 -47.97 0.86
CA LEU E 183 -32.02 -48.59 0.47
C LEU E 183 -31.78 -50.06 0.19
N THR E 184 -32.03 -50.91 1.17
CA THR E 184 -31.93 -52.35 0.99
C THR E 184 -33.24 -52.86 0.40
N TYR E 185 -33.15 -53.38 -0.81
CA TYR E 185 -34.31 -53.85 -1.55
C TYR E 185 -34.04 -55.28 -2.01
N ASP E 186 -35.11 -56.07 -2.09
CA ASP E 186 -34.98 -57.44 -2.59
C ASP E 186 -34.74 -57.39 -4.10
N HIS E 187 -33.87 -58.26 -4.59
CA HIS E 187 -33.53 -58.24 -6.00
C HIS E 187 -34.61 -58.90 -6.85
N ARG E 188 -35.36 -59.83 -6.26
CA ARG E 188 -36.31 -60.63 -7.03
C ARG E 188 -37.48 -59.80 -7.54
N LEU E 189 -37.85 -58.74 -6.83
CA LEU E 189 -39.00 -57.92 -7.19
C LEU E 189 -38.60 -56.58 -7.81
N ILE E 190 -37.71 -55.84 -7.15
CA ILE E 190 -37.34 -54.49 -7.55
C ILE E 190 -36.01 -54.53 -8.29
N ASP E 191 -35.98 -53.96 -9.49
CA ASP E 191 -34.75 -53.88 -10.25
C ASP E 191 -33.81 -52.83 -9.65
N GLY E 192 -32.53 -52.93 -10.02
CA GLY E 192 -31.56 -51.96 -9.53
C GLY E 192 -31.88 -50.55 -9.96
N ARG E 193 -32.34 -50.38 -11.20
CA ARG E 193 -32.72 -49.06 -11.70
C ARG E 193 -33.88 -48.49 -10.88
N GLU E 194 -34.86 -49.32 -10.55
CA GLU E 194 -35.98 -48.86 -9.73
C GLU E 194 -35.49 -48.41 -8.37
N ALA E 195 -34.58 -49.15 -7.75
CA ALA E 195 -34.06 -48.77 -6.44
C ALA E 195 -33.29 -47.45 -6.52
N VAL E 196 -32.46 -47.29 -7.55
CA VAL E 196 -31.71 -46.05 -7.70
C VAL E 196 -32.65 -44.87 -7.89
N THR E 197 -33.68 -45.04 -8.72
CA THR E 197 -34.64 -43.96 -8.94
C THR E 197 -35.42 -43.64 -7.67
N PHE E 198 -35.79 -44.67 -6.90
CA PHE E 198 -36.50 -44.45 -5.65
C PHE E 198 -35.65 -43.68 -4.66
N LEU E 199 -34.39 -44.07 -4.51
CA LEU E 199 -33.50 -43.36 -3.58
C LEU E 199 -33.25 -41.94 -4.03
N ARG E 200 -33.08 -41.72 -5.33
CA ARG E 200 -32.89 -40.37 -5.83
C ARG E 200 -34.15 -39.53 -5.67
N LYS E 201 -35.32 -40.15 -5.77
CA LYS E 201 -36.57 -39.43 -5.55
C LYS E 201 -36.70 -38.99 -4.09
N ILE E 202 -36.36 -39.88 -3.16
CA ILE E 202 -36.35 -39.51 -1.75
C ILE E 202 -35.35 -38.38 -1.51
N LYS E 203 -34.17 -38.47 -2.12
CA LYS E 203 -33.16 -37.44 -1.97
C LYS E 203 -33.68 -36.10 -2.47
N ALA E 204 -34.35 -36.11 -3.63
CA ALA E 204 -34.89 -34.88 -4.20
C ALA E 204 -35.98 -34.28 -3.30
N ALA E 205 -36.85 -35.14 -2.75
CA ALA E 205 -37.94 -34.62 -1.93
C ALA E 205 -37.50 -34.20 -0.53
N VAL E 206 -36.36 -34.69 -0.05
CA VAL E 206 -35.86 -34.27 1.26
C VAL E 206 -34.93 -33.07 1.14
N GLU E 207 -34.00 -33.09 0.19
CA GLU E 207 -33.10 -31.97 0.01
C GLU E 207 -33.81 -30.72 -0.49
N ASP E 208 -35.06 -30.86 -0.92
CA ASP E 208 -35.91 -29.72 -1.25
C ASP E 208 -37.34 -30.17 -0.97
N PRO E 209 -37.86 -29.86 0.23
CA PRO E 209 -39.18 -30.39 0.61
C PRO E 209 -40.31 -29.82 -0.21
N ARG E 210 -40.05 -28.79 -1.01
CA ARG E 210 -41.04 -28.13 -1.84
C ARG E 210 -41.41 -28.94 -3.07
N VAL E 211 -40.61 -29.96 -3.42
CA VAL E 211 -40.97 -30.85 -4.52
C VAL E 211 -42.25 -31.59 -4.21
N LEU E 212 -42.45 -31.96 -2.94
CA LEU E 212 -43.69 -32.61 -2.52
C LEU E 212 -44.90 -31.80 -2.93
N LEU E 213 -44.81 -30.48 -2.80
CA LEU E 213 -45.93 -29.61 -3.14
C LEU E 213 -46.10 -29.47 -4.64
N LEU E 214 -45.04 -29.70 -5.40
CA LEU E 214 -45.05 -29.53 -6.85
C LEU E 214 -45.36 -30.82 -7.60
N ASP E 215 -45.24 -31.97 -6.93
CA ASP E 215 -45.56 -33.27 -7.50
C ASP E 215 -44.72 -33.51 -8.76
N LEU E 216 -43.41 -33.66 -8.53
CA LEU E 216 -42.47 -34.05 -9.59
C LEU E 216 -41.25 -34.75 -8.99
N THR F 7 19.28 -41.72 61.27
CA THR F 7 19.92 -41.06 60.14
C THR F 7 18.89 -40.34 59.28
N CYS F 8 19.21 -39.10 58.90
CA CYS F 8 18.30 -38.24 58.15
C CYS F 8 19.04 -37.58 56.99
N ALA F 9 19.77 -38.38 56.22
CA ALA F 9 20.47 -37.86 55.04
C ALA F 9 19.47 -37.32 54.03
N MET F 10 19.75 -36.14 53.48
CA MET F 10 18.82 -35.44 52.61
C MET F 10 19.53 -34.89 51.39
N LEU F 11 18.82 -34.84 50.27
CA LEU F 11 19.33 -34.29 49.02
C LEU F 11 18.16 -34.08 48.08
N THR F 12 18.13 -32.96 47.37
CA THR F 12 16.99 -32.56 46.56
C THR F 12 17.42 -32.29 45.13
N THR F 13 16.59 -32.69 44.17
CA THR F 13 16.79 -32.36 42.77
C THR F 13 15.49 -31.79 42.23
N PHE F 14 15.61 -31.00 41.15
CA PHE F 14 14.50 -30.21 40.64
C PHE F 14 14.38 -30.43 39.14
N ASN F 15 13.18 -30.17 38.62
CA ASN F 15 12.93 -30.27 37.19
C ASN F 15 11.65 -29.50 36.87
N GLU F 16 11.36 -29.39 35.58
CA GLU F 16 10.24 -28.61 35.07
C GLU F 16 9.41 -29.47 34.14
N VAL F 17 8.11 -29.58 34.42
CA VAL F 17 7.20 -30.41 33.64
C VAL F 17 6.18 -29.51 32.95
N ASP F 18 5.90 -29.79 31.69
CA ASP F 18 4.86 -29.09 30.96
C ASP F 18 3.52 -29.75 31.19
N MET F 19 2.52 -28.92 31.48
CA MET F 19 1.21 -29.37 31.93
C MET F 19 0.14 -28.92 30.95
N SER F 20 0.43 -29.09 29.65
CA SER F 20 -0.49 -28.67 28.59
C SER F 20 -1.33 -29.82 28.07
N ASN F 21 -0.71 -30.97 27.84
CA ASN F 21 -1.46 -32.15 27.40
C ASN F 21 -2.48 -32.58 28.44
N ILE F 22 -2.09 -32.58 29.72
CA ILE F 22 -3.00 -33.02 30.77
C ILE F 22 -4.13 -32.02 30.96
N GLN F 23 -3.83 -30.73 30.85
CA GLN F 23 -4.90 -29.73 30.89
C GLN F 23 -5.87 -29.91 29.73
N GLU F 24 -5.36 -30.20 28.53
CA GLU F 24 -6.27 -30.42 27.41
C GLU F 24 -7.12 -31.68 27.63
N MET F 25 -6.51 -32.74 28.15
CA MET F 25 -7.25 -33.96 28.46
C MET F 25 -8.35 -33.68 29.47
N ARG F 26 -8.02 -32.93 30.53
CA ARG F 26 -9.01 -32.58 31.55
C ARG F 26 -10.10 -31.68 30.98
N ALA F 27 -9.75 -30.84 30.00
CA ALA F 27 -10.75 -29.96 29.41
C ALA F 27 -11.65 -30.66 28.40
N ARG F 28 -11.19 -31.76 27.82
CA ARG F 28 -11.97 -32.43 26.77
C ARG F 28 -12.86 -33.53 27.33
N HIS F 29 -12.26 -34.58 27.91
CA HIS F 29 -13.02 -35.69 28.45
C HIS F 29 -13.24 -35.53 29.95
N LYS F 30 -13.97 -34.49 30.35
CA LYS F 30 -14.34 -34.33 31.75
C LYS F 30 -15.83 -34.47 32.00
N ASP F 31 -16.68 -34.17 31.01
CA ASP F 31 -18.11 -34.42 31.17
C ASP F 31 -18.41 -35.91 31.09
N ALA F 32 -17.78 -36.60 30.14
CA ALA F 32 -17.98 -38.05 30.03
C ALA F 32 -17.41 -38.78 31.24
N PHE F 33 -16.27 -38.32 31.76
CA PHE F 33 -15.69 -38.94 32.95
C PHE F 33 -16.64 -38.83 34.13
N LEU F 34 -17.21 -37.64 34.35
CA LEU F 34 -18.17 -37.46 35.43
C LEU F 34 -19.43 -38.29 35.20
N LYS F 35 -19.89 -38.35 33.95
CA LYS F 35 -21.11 -39.10 33.64
C LYS F 35 -20.92 -40.58 33.93
N LYS F 36 -19.77 -41.14 33.56
CA LYS F 36 -19.54 -42.58 33.73
C LYS F 36 -19.11 -42.97 35.14
N HIS F 37 -18.31 -42.14 35.81
CA HIS F 37 -17.73 -42.52 37.08
C HIS F 37 -18.11 -41.63 38.26
N ASN F 38 -18.61 -40.42 38.00
CA ASN F 38 -19.02 -39.48 39.05
C ASN F 38 -17.84 -39.02 39.91
N LEU F 39 -16.74 -38.66 39.27
CA LEU F 39 -15.65 -37.97 39.94
C LEU F 39 -15.07 -36.93 39.00
N LYS F 40 -14.37 -35.97 39.59
CA LYS F 40 -13.80 -34.84 38.87
C LYS F 40 -12.35 -35.15 38.52
N LEU F 41 -11.99 -34.96 37.26
CA LEU F 41 -10.60 -35.16 36.85
C LEU F 41 -9.67 -34.14 37.49
N GLY F 42 -8.50 -34.60 37.89
CA GLY F 42 -7.48 -33.73 38.44
C GLY F 42 -6.13 -34.04 37.85
N PHE F 43 -5.10 -33.41 38.42
CA PHE F 43 -3.73 -33.68 38.00
C PHE F 43 -3.12 -34.84 38.77
N MET F 44 -3.65 -35.13 39.95
CA MET F 44 -2.96 -36.05 40.85
C MET F 44 -2.94 -37.47 40.30
N SER F 45 -3.96 -37.83 39.51
CA SER F 45 -3.97 -39.15 38.90
C SER F 45 -2.81 -39.32 37.93
N ALA F 46 -2.55 -38.30 37.11
CA ALA F 46 -1.46 -38.39 36.14
C ALA F 46 -0.12 -38.53 36.84
N PHE F 47 0.11 -37.75 37.89
CA PHE F 47 1.38 -37.83 38.61
C PHE F 47 1.49 -39.13 39.40
N VAL F 48 0.38 -39.65 39.93
CA VAL F 48 0.43 -40.93 40.64
C VAL F 48 0.80 -42.05 39.68
N LYS F 49 0.18 -42.07 38.50
CA LYS F 49 0.50 -43.13 37.53
C LYS F 49 1.92 -42.97 37.00
N ALA F 50 2.37 -41.73 36.78
CA ALA F 50 3.74 -41.51 36.33
C ALA F 50 4.75 -41.95 37.39
N SER F 51 4.44 -41.69 38.66
CA SER F 51 5.31 -42.15 39.74
C SER F 51 5.35 -43.67 39.79
N ALA F 52 4.20 -44.32 39.60
CA ALA F 52 4.18 -45.79 39.57
C ALA F 52 5.03 -46.32 38.43
N PHE F 53 4.92 -45.69 37.25
CA PHE F 53 5.75 -46.08 36.11
C PHE F 53 7.23 -45.95 36.43
N ALA F 54 7.64 -44.77 36.90
CA ALA F 54 9.05 -44.51 37.20
C ALA F 54 9.57 -45.41 38.30
N LEU F 55 8.72 -45.81 39.25
CA LEU F 55 9.12 -46.79 40.25
C LEU F 55 9.27 -48.17 39.62
N GLN F 56 8.44 -48.47 38.62
CA GLN F 56 8.57 -49.76 37.93
C GLN F 56 9.89 -49.86 37.18
N GLU F 57 10.31 -48.78 36.52
CA GLU F 57 11.62 -48.83 35.85
C GLU F 57 12.77 -48.96 36.85
N GLN F 58 12.73 -48.21 37.93
CA GLN F 58 13.81 -48.22 38.92
C GLN F 58 13.33 -48.80 40.24
N PRO F 59 13.66 -50.06 40.54
CA PRO F 59 13.35 -50.60 41.87
C PRO F 59 14.27 -50.06 42.96
N VAL F 60 15.39 -49.43 42.60
CA VAL F 60 16.31 -48.90 43.60
C VAL F 60 15.66 -47.77 44.38
N VAL F 61 14.74 -47.04 43.77
CA VAL F 61 13.99 -46.01 44.48
C VAL F 61 13.01 -46.61 45.47
N ASN F 62 12.74 -47.89 45.37
CA ASN F 62 11.85 -48.59 46.30
C ASN F 62 12.59 -49.29 47.44
N ALA F 63 13.91 -49.12 47.52
CA ALA F 63 14.71 -49.85 48.50
C ALA F 63 14.88 -49.03 49.77
N VAL F 64 15.16 -49.75 50.87
CA VAL F 64 15.41 -49.15 52.17
C VAL F 64 16.62 -49.82 52.80
N ILE F 65 17.39 -49.04 53.56
CA ILE F 65 18.50 -49.57 54.33
C ILE F 65 17.98 -50.15 55.64
N ASP F 66 18.45 -51.34 56.00
CA ASP F 66 17.99 -52.02 57.24
C ASP F 66 18.77 -51.51 58.45
N ASP F 67 18.74 -50.18 58.62
CA ASP F 67 19.33 -49.46 59.76
C ASP F 67 20.63 -50.08 60.26
N ALA F 68 20.62 -50.59 61.50
CA ALA F 68 21.82 -51.14 62.10
C ALA F 68 22.31 -52.39 61.36
N THR F 69 21.38 -53.22 60.90
CA THR F 69 21.77 -54.42 60.16
C THR F 69 22.52 -54.07 58.88
N LYS F 70 22.27 -52.88 58.33
CA LYS F 70 22.93 -52.39 57.12
C LYS F 70 22.75 -53.36 55.96
N GLU F 71 21.48 -53.65 55.68
CA GLU F 71 21.09 -54.48 54.54
C GLU F 71 20.06 -53.72 53.71
N VAL F 72 20.30 -53.62 52.41
CA VAL F 72 19.41 -52.88 51.52
C VAL F 72 18.25 -53.81 51.16
N VAL F 73 17.02 -53.36 51.38
CA VAL F 73 15.84 -54.20 51.24
C VAL F 73 15.11 -53.79 49.97
N TYR F 74 14.99 -54.72 49.02
CA TYR F 74 14.16 -54.53 47.84
C TYR F 74 12.75 -55.01 48.11
N ARG F 75 11.76 -54.20 47.72
CA ARG F 75 10.36 -54.56 47.83
C ARG F 75 9.73 -54.56 46.43
N ASP F 76 8.89 -55.55 46.16
CA ASP F 76 8.30 -55.75 44.85
C ASP F 76 6.89 -55.18 44.75
N TYR F 77 6.34 -54.66 45.85
CA TYR F 77 5.02 -54.05 45.87
C TYR F 77 5.17 -52.53 45.98
N ILE F 78 4.43 -51.81 45.15
CA ILE F 78 4.50 -50.35 45.12
C ILE F 78 3.19 -49.79 45.66
N ASP F 79 3.31 -48.86 46.61
CA ASP F 79 2.18 -48.17 47.21
C ASP F 79 2.51 -46.69 47.23
N ILE F 80 1.62 -45.87 46.71
CA ILE F 80 1.85 -44.43 46.59
C ILE F 80 1.07 -43.72 47.69
N SER F 81 1.77 -42.90 48.47
CA SER F 81 1.18 -42.17 49.58
C SER F 81 0.80 -40.77 49.12
N VAL F 82 -0.37 -40.32 49.54
CA VAL F 82 -0.94 -39.04 49.12
C VAL F 82 -1.04 -38.12 50.33
N ALA F 83 -0.86 -36.82 50.10
CA ALA F 83 -0.95 -35.81 51.14
C ALA F 83 -2.33 -35.17 51.08
N VAL F 84 -3.16 -35.44 52.09
CA VAL F 84 -4.45 -34.78 52.24
C VAL F 84 -4.56 -34.23 53.66
N ALA F 85 -3.42 -33.76 54.19
CA ALA F 85 -3.27 -33.38 55.59
C ALA F 85 -4.45 -32.58 56.12
N THR F 86 -5.05 -33.08 57.20
CA THR F 86 -6.16 -32.46 57.90
C THR F 86 -5.67 -31.28 58.74
N PRO F 87 -6.52 -30.28 58.95
CA PRO F 87 -6.14 -29.21 59.91
C PRO F 87 -5.82 -29.74 61.31
N ARG F 88 -6.43 -30.85 61.72
CA ARG F 88 -6.07 -31.45 63.00
C ARG F 88 -4.61 -31.90 63.01
N GLY F 89 -4.16 -32.52 61.93
CA GLY F 89 -2.78 -32.96 61.85
C GLY F 89 -2.50 -33.51 60.46
N LEU F 90 -1.21 -33.62 60.16
CA LEU F 90 -0.79 -34.09 58.85
C LEU F 90 -1.19 -35.55 58.64
N VAL F 91 -1.78 -35.83 57.49
CA VAL F 91 -2.29 -37.16 57.15
C VAL F 91 -1.69 -37.58 55.83
N VAL F 92 -1.17 -38.81 55.78
CA VAL F 92 -0.54 -39.33 54.57
C VAL F 92 -1.12 -40.72 54.30
N PRO F 93 -2.35 -40.82 53.80
CA PRO F 93 -2.90 -42.12 53.46
C PRO F 93 -2.19 -42.75 52.28
N VAL F 94 -2.21 -44.08 52.24
CA VAL F 94 -1.44 -44.86 51.28
C VAL F 94 -2.39 -45.58 50.34
N ILE F 95 -2.18 -45.41 49.04
CA ILE F 95 -2.93 -46.17 48.04
C ILE F 95 -2.21 -47.48 47.80
N ARG F 96 -2.95 -48.59 47.84
CA ARG F 96 -2.38 -49.93 47.72
C ARG F 96 -2.43 -50.40 46.28
N ASN F 97 -1.34 -51.02 45.82
CA ASN F 97 -1.28 -51.76 44.55
C ASN F 97 -1.67 -50.86 43.37
N VAL F 98 -0.84 -49.84 43.16
CA VAL F 98 -1.08 -48.89 42.07
C VAL F 98 -0.62 -49.44 40.72
N GLU F 99 0.19 -50.50 40.71
CA GLU F 99 0.77 -50.97 39.46
C GLU F 99 -0.25 -51.58 38.52
N THR F 100 -1.38 -52.05 39.04
CA THR F 100 -2.50 -52.52 38.20
C THR F 100 -3.71 -51.61 38.31
N MET F 101 -3.51 -50.30 38.36
CA MET F 101 -4.58 -49.34 38.62
C MET F 101 -4.47 -48.20 37.62
N ASN F 102 -5.60 -47.85 37.00
CA ASN F 102 -5.63 -46.85 35.94
C ASN F 102 -6.06 -45.49 36.50
N TYR F 103 -6.31 -44.53 35.61
CA TYR F 103 -6.65 -43.18 36.03
C TYR F 103 -7.93 -43.17 36.85
N ALA F 104 -8.97 -43.85 36.37
CA ALA F 104 -10.24 -43.86 37.10
C ALA F 104 -10.10 -44.53 38.46
N ASP F 105 -9.38 -45.65 38.52
CA ASP F 105 -9.19 -46.33 39.80
C ASP F 105 -8.35 -45.50 40.76
N ILE F 106 -7.31 -44.84 40.24
CA ILE F 106 -6.47 -43.98 41.07
C ILE F 106 -7.31 -42.84 41.65
N GLU F 107 -8.13 -42.23 40.80
CA GLU F 107 -8.98 -41.13 41.27
C GLU F 107 -10.00 -41.61 42.30
N ARG F 108 -10.59 -42.79 42.07
CA ARG F 108 -11.56 -43.32 43.02
C ARG F 108 -10.92 -43.60 44.37
N THR F 109 -9.72 -44.20 44.36
CA THR F 109 -9.03 -44.47 45.62
C THR F 109 -8.65 -43.17 46.32
N ILE F 110 -8.24 -42.15 45.55
CA ILE F 110 -7.94 -40.86 46.14
C ILE F 110 -9.18 -40.28 46.82
N ASN F 111 -10.33 -40.38 46.14
CA ASN F 111 -11.57 -39.86 46.71
C ASN F 111 -11.96 -40.61 47.98
N GLU F 112 -11.82 -41.94 47.96
CA GLU F 112 -12.13 -42.74 49.15
C GLU F 112 -11.23 -42.35 50.32
N LEU F 113 -9.93 -42.22 50.06
CA LEU F 113 -9.00 -41.85 51.12
C LEU F 113 -9.30 -40.46 51.65
N GLY F 114 -9.67 -39.53 50.76
CA GLY F 114 -10.01 -38.19 51.21
C GLY F 114 -11.24 -38.16 52.08
N GLU F 115 -12.29 -38.90 51.69
CA GLU F 115 -13.49 -38.96 52.50
C GLU F 115 -13.21 -39.60 53.86
N LYS F 116 -12.43 -40.67 53.88
CA LYS F 116 -12.09 -41.30 55.16
C LYS F 116 -11.27 -40.38 56.04
N ALA F 117 -10.31 -39.66 55.46
CA ALA F 117 -9.46 -38.77 56.24
C ALA F 117 -10.23 -37.56 56.75
N ARG F 118 -11.26 -37.14 56.03
CA ARG F 118 -12.02 -35.97 56.46
C ARG F 118 -12.74 -36.20 57.79
N LYS F 119 -13.24 -37.42 58.00
CA LYS F 119 -13.98 -37.76 59.20
C LYS F 119 -13.14 -38.55 60.21
N ASN F 120 -11.82 -38.55 60.06
CA ASN F 120 -10.92 -39.27 60.95
C ASN F 120 -11.25 -40.77 61.00
N GLU F 121 -11.65 -41.32 59.85
CA GLU F 121 -11.95 -42.73 59.73
C GLU F 121 -10.75 -43.57 59.32
N LEU F 122 -9.63 -42.95 59.00
CA LEU F 122 -8.45 -43.69 58.58
C LEU F 122 -7.86 -44.45 59.76
N ALA F 123 -7.43 -45.68 59.51
CA ALA F 123 -6.95 -46.57 60.56
C ALA F 123 -5.43 -46.48 60.67
N ILE F 124 -4.87 -47.19 61.64
CA ILE F 124 -3.42 -47.20 61.82
C ILE F 124 -2.73 -47.87 60.64
N GLU F 125 -3.28 -49.01 60.18
CA GLU F 125 -2.65 -49.74 59.08
C GLU F 125 -2.69 -48.97 57.77
N ASP F 126 -3.55 -47.96 57.64
CA ASP F 126 -3.61 -47.22 56.39
C ASP F 126 -2.41 -46.29 56.24
N MET F 127 -2.01 -45.61 57.31
CA MET F 127 -0.83 -44.75 57.27
C MET F 127 0.43 -45.50 57.71
N ASP F 128 0.58 -46.72 57.17
CA ASP F 128 1.68 -47.60 57.52
C ASP F 128 2.00 -48.43 56.29
N GLY F 129 3.29 -48.63 56.04
CA GLY F 129 3.72 -49.45 54.94
C GLY F 129 3.83 -48.74 53.60
N GLY F 130 3.80 -47.41 53.58
CA GLY F 130 3.98 -46.70 52.33
C GLY F 130 5.37 -46.92 51.77
N THR F 131 5.46 -46.97 50.44
CA THR F 131 6.72 -47.17 49.75
C THR F 131 7.24 -45.88 49.14
N PHE F 132 6.42 -45.21 48.34
CA PHE F 132 6.77 -43.94 47.73
C PHE F 132 5.63 -42.97 47.99
N THR F 133 5.97 -41.72 48.27
CA THR F 133 5.01 -40.74 48.75
C THR F 133 5.06 -39.47 47.90
N ILE F 134 3.91 -38.80 47.84
CA ILE F 134 3.74 -37.57 47.09
C ILE F 134 3.38 -36.45 48.05
N SER F 135 3.98 -35.28 47.84
CA SER F 135 3.89 -34.16 48.77
C SER F 135 3.24 -32.97 48.09
N ASN F 136 2.11 -33.19 47.41
CA ASN F 136 1.43 -32.15 46.67
C ASN F 136 1.11 -30.94 47.54
N GLY F 137 1.79 -29.83 47.29
CA GLY F 137 1.50 -28.59 47.97
C GLY F 137 1.20 -27.49 46.99
N GLY F 138 0.72 -27.88 45.81
CA GLY F 138 0.42 -26.93 44.75
C GLY F 138 -0.95 -26.31 44.90
N VAL F 139 -1.79 -26.89 45.77
CA VAL F 139 -3.07 -26.26 46.08
C VAL F 139 -2.84 -24.88 46.67
N PHE F 140 -1.86 -24.77 47.57
CA PHE F 140 -1.40 -23.50 48.10
C PHE F 140 -0.26 -23.05 47.19
N GLY F 141 -0.55 -22.14 46.27
CA GLY F 141 0.36 -21.81 45.20
C GLY F 141 1.79 -21.52 45.61
N SER F 142 2.70 -22.41 45.25
CA SER F 142 4.12 -22.29 45.59
C SER F 142 4.94 -22.64 44.37
N LEU F 143 6.01 -21.87 44.14
CA LEU F 143 6.86 -22.12 42.98
C LEU F 143 7.61 -23.43 43.12
N PHE F 144 8.47 -23.54 44.13
CA PHE F 144 9.14 -24.79 44.45
C PHE F 144 9.67 -24.71 45.86
N GLY F 145 10.00 -25.86 46.41
CA GLY F 145 10.51 -25.95 47.77
C GLY F 145 11.24 -27.25 47.96
N THR F 146 11.35 -27.66 49.22
CA THR F 146 12.12 -28.86 49.58
C THR F 146 11.27 -29.74 50.48
N PRO F 147 10.73 -30.84 49.96
CA PRO F 147 9.96 -31.76 50.80
C PRO F 147 10.87 -32.59 51.69
N ILE F 148 10.27 -33.14 52.74
CA ILE F 148 10.98 -34.02 53.67
C ILE F 148 10.53 -35.44 53.44
N ILE F 149 11.44 -36.38 53.70
CA ILE F 149 11.17 -37.81 53.51
C ILE F 149 10.68 -38.38 54.84
N ASN F 150 9.40 -38.73 54.88
CA ASN F 150 8.85 -39.37 56.07
C ASN F 150 9.43 -40.78 56.21
N PRO F 151 9.70 -41.23 57.43
CA PRO F 151 10.26 -42.56 57.61
C PRO F 151 9.19 -43.62 57.39
N PRO F 152 9.59 -44.83 56.99
CA PRO F 152 10.94 -45.29 56.68
C PRO F 152 11.19 -45.44 55.18
N GLN F 153 10.76 -44.49 54.37
CA GLN F 153 10.94 -44.58 52.92
C GLN F 153 12.24 -43.91 52.51
N SER F 154 12.43 -43.70 51.20
CA SER F 154 13.67 -43.11 50.69
C SER F 154 13.45 -42.08 49.59
N ALA F 155 12.21 -41.66 49.34
CA ALA F 155 11.95 -40.70 48.29
C ALA F 155 10.64 -39.99 48.54
N ILE F 156 10.53 -38.77 48.01
CA ILE F 156 9.31 -37.95 48.05
C ILE F 156 9.24 -37.10 46.80
N LEU F 157 8.09 -37.11 46.13
CA LEU F 157 7.87 -36.18 45.03
C LEU F 157 7.33 -34.86 45.58
N GLY F 158 7.73 -33.79 44.93
CA GLY F 158 7.47 -32.45 45.43
C GLY F 158 6.55 -31.64 44.55
N MET F 159 5.43 -32.23 44.12
CA MET F 159 4.47 -31.58 43.24
C MET F 159 4.10 -30.19 43.74
N HIS F 160 4.49 -29.16 42.98
CA HIS F 160 4.27 -27.76 43.35
C HIS F 160 3.11 -27.17 42.58
N GLY F 161 2.94 -25.85 42.69
CA GLY F 161 1.89 -25.15 41.99
C GLY F 161 2.09 -25.16 40.48
N ILE F 162 1.05 -24.71 39.78
CA ILE F 162 0.92 -24.91 38.35
C ILE F 162 0.96 -23.53 37.67
N PHE F 163 1.77 -22.63 38.23
CA PHE F 163 1.85 -21.26 37.73
C PHE F 163 2.18 -21.23 36.24
N ASP F 164 1.78 -20.15 35.58
CA ASP F 164 1.97 -20.01 34.14
C ASP F 164 3.22 -19.18 33.85
N ARG F 165 4.06 -19.66 32.94
CA ARG F 165 5.34 -19.04 32.65
C ARG F 165 5.60 -19.07 31.15
N PRO F 166 6.38 -18.13 30.63
CA PRO F 166 6.72 -18.15 29.20
C PRO F 166 8.03 -18.86 28.92
N VAL F 167 7.97 -19.75 27.93
CA VAL F 167 9.05 -20.69 27.63
C VAL F 167 9.38 -20.66 26.15
N ALA F 168 10.47 -21.34 25.79
CA ALA F 168 10.96 -21.45 24.43
C ALA F 168 10.68 -22.85 23.90
N VAL F 169 9.94 -22.94 22.80
CA VAL F 169 9.68 -24.21 22.12
C VAL F 169 10.03 -24.02 20.65
N GLY F 170 11.01 -24.79 20.17
CA GLY F 170 11.45 -24.68 18.79
C GLY F 170 12.03 -23.32 18.45
N GLY F 171 12.64 -22.65 19.42
CA GLY F 171 13.23 -21.35 19.22
C GLY F 171 12.27 -20.19 19.36
N LYS F 172 10.98 -20.47 19.48
CA LYS F 172 9.98 -19.42 19.64
C LYS F 172 9.50 -19.36 21.09
N VAL F 173 9.06 -18.18 21.49
CA VAL F 173 8.61 -17.93 22.86
C VAL F 173 7.10 -18.11 22.91
N GLU F 174 6.64 -18.98 23.80
CA GLU F 174 5.22 -19.24 23.96
C GLU F 174 4.87 -19.24 25.44
N VAL F 175 3.56 -19.28 25.72
CA VAL F 175 3.05 -19.26 27.07
C VAL F 175 2.36 -20.60 27.34
N ARG F 176 2.85 -21.33 28.34
CA ARG F 176 2.34 -22.65 28.65
C ARG F 176 2.23 -22.83 30.16
N PRO F 177 1.28 -23.66 30.61
CA PRO F 177 1.16 -23.95 32.05
C PRO F 177 2.23 -24.95 32.46
N MET F 178 3.12 -24.54 33.36
CA MET F 178 4.16 -25.43 33.85
C MET F 178 4.04 -25.64 35.34
N MET F 179 4.69 -26.70 35.79
CA MET F 179 4.84 -27.01 37.19
C MET F 179 6.30 -27.36 37.45
N TYR F 180 6.85 -26.82 38.53
CA TYR F 180 8.14 -27.30 39.02
C TYR F 180 7.93 -28.54 39.87
N VAL F 181 8.83 -29.51 39.72
CA VAL F 181 8.73 -30.79 40.40
C VAL F 181 10.02 -31.02 41.17
N ALA F 182 9.90 -31.51 42.40
CA ALA F 182 11.04 -31.82 43.24
C ALA F 182 11.16 -33.32 43.44
N LEU F 183 12.29 -33.75 43.98
CA LEU F 183 12.52 -35.14 44.33
C LEU F 183 13.62 -35.17 45.39
N THR F 184 13.24 -35.47 46.62
CA THR F 184 14.20 -35.58 47.72
C THR F 184 14.52 -37.06 47.95
N TYR F 185 15.80 -37.38 47.99
CA TYR F 185 16.28 -38.75 48.09
C TYR F 185 17.49 -38.80 49.01
N ASP F 186 17.73 -39.96 49.62
CA ASP F 186 18.90 -40.13 50.47
C ASP F 186 20.09 -40.55 49.65
N HIS F 187 21.21 -39.84 49.82
CA HIS F 187 22.42 -40.15 49.08
C HIS F 187 23.07 -41.45 49.53
N ARG F 188 22.68 -41.99 50.69
CA ARG F 188 23.30 -43.21 51.18
C ARG F 188 22.89 -44.44 50.37
N LEU F 189 21.81 -44.36 49.60
CA LEU F 189 21.35 -45.48 48.80
C LEU F 189 21.10 -45.13 47.35
N ILE F 190 20.62 -43.91 47.06
CA ILE F 190 20.35 -43.46 45.70
C ILE F 190 21.38 -42.40 45.35
N ASP F 191 22.05 -42.58 44.21
CA ASP F 191 22.95 -41.56 43.72
C ASP F 191 22.17 -40.56 42.85
N GLY F 192 22.88 -39.55 42.34
CA GLY F 192 22.21 -38.49 41.60
C GLY F 192 21.63 -38.97 40.28
N ARG F 193 22.31 -39.91 39.62
CA ARG F 193 21.90 -40.31 38.28
C ARG F 193 20.52 -40.96 38.28
N GLU F 194 20.29 -41.91 39.19
CA GLU F 194 19.01 -42.61 39.22
C GLU F 194 17.87 -41.65 39.56
N ALA F 195 18.09 -40.74 40.51
CA ALA F 195 17.04 -39.78 40.85
C ALA F 195 16.75 -38.82 39.72
N VAL F 196 17.79 -38.36 39.02
CA VAL F 196 17.59 -37.46 37.89
C VAL F 196 16.79 -38.16 36.79
N THR F 197 17.16 -39.41 36.47
CA THR F 197 16.44 -40.14 35.45
C THR F 197 15.01 -40.45 35.89
N PHE F 198 14.80 -40.67 37.19
CA PHE F 198 13.46 -40.93 37.72
C PHE F 198 12.56 -39.71 37.55
N LEU F 199 13.08 -38.53 37.92
CA LEU F 199 12.32 -37.30 37.73
C LEU F 199 12.07 -37.04 36.25
N ARG F 200 13.06 -37.29 35.40
CA ARG F 200 12.89 -37.11 33.97
C ARG F 200 11.81 -38.04 33.42
N LYS F 201 11.77 -39.28 33.92
CA LYS F 201 10.74 -40.22 33.48
C LYS F 201 9.36 -39.75 33.90
N ILE F 202 9.22 -39.25 35.13
CA ILE F 202 7.92 -38.70 35.54
C ILE F 202 7.52 -37.54 34.64
N LYS F 203 8.47 -36.65 34.36
CA LYS F 203 8.19 -35.52 33.49
C LYS F 203 7.72 -35.97 32.12
N ALA F 204 8.39 -36.97 31.55
CA ALA F 204 8.01 -37.47 30.23
C ALA F 204 6.63 -38.11 30.26
N ALA F 205 6.31 -38.85 31.33
CA ALA F 205 5.03 -39.52 31.40
C ALA F 205 3.86 -38.54 31.57
N VAL F 206 4.03 -37.54 32.44
CA VAL F 206 2.96 -36.56 32.62
C VAL F 206 2.81 -35.67 31.39
N GLU F 207 3.93 -35.28 30.79
CA GLU F 207 3.90 -34.41 29.61
C GLU F 207 3.25 -35.09 28.41
N ASP F 208 3.18 -36.41 28.41
CA ASP F 208 2.59 -37.18 27.32
C ASP F 208 2.03 -38.47 27.88
N PRO F 209 0.72 -38.54 28.15
CA PRO F 209 0.17 -39.75 28.79
C PRO F 209 0.31 -41.01 27.95
N ARG F 210 0.48 -40.88 26.64
CA ARG F 210 0.60 -42.06 25.79
C ARG F 210 1.91 -42.81 26.00
N VAL F 211 2.87 -42.21 26.71
CA VAL F 211 4.10 -42.92 27.03
C VAL F 211 3.81 -44.11 27.92
N LEU F 212 2.84 -43.98 28.82
CA LEU F 212 2.50 -45.07 29.73
C LEU F 212 1.95 -46.27 28.97
N LEU F 213 1.34 -46.02 27.81
CA LEU F 213 0.84 -47.12 26.99
C LEU F 213 1.96 -47.83 26.25
N LEU F 214 3.08 -47.16 26.05
CA LEU F 214 4.18 -47.70 25.25
C LEU F 214 5.24 -48.41 26.07
N ASP F 215 5.18 -48.29 27.40
CA ASP F 215 6.12 -48.94 28.30
C ASP F 215 7.56 -48.64 27.90
N LEU F 216 7.84 -47.35 27.73
CA LEU F 216 9.20 -46.93 27.44
C LEU F 216 9.73 -45.99 28.52
N LEU G 1 -26.47 41.65 -53.66
CA LEU G 1 -25.31 40.84 -53.29
C LEU G 1 -25.11 39.67 -54.24
N LYS G 2 -26.12 39.39 -55.06
CA LYS G 2 -26.04 38.26 -55.99
C LYS G 2 -24.97 38.51 -57.05
N GLU G 3 -24.82 39.76 -57.47
CA GLU G 3 -23.85 40.11 -58.49
C GLU G 3 -22.40 40.11 -57.99
N ALA G 4 -22.15 39.52 -56.83
CA ALA G 4 -20.80 39.36 -56.33
C ALA G 4 -20.41 37.91 -56.04
N GLN G 5 -21.38 37.05 -55.73
CA GLN G 5 -21.07 35.66 -55.37
C GLN G 5 -20.56 34.85 -56.56
N ASN G 6 -20.76 35.35 -57.78
CA ASN G 6 -20.26 34.69 -58.98
C ASN G 6 -19.28 35.54 -59.77
N THR G 7 -19.45 36.86 -59.76
CA THR G 7 -18.51 37.72 -60.49
C THR G 7 -17.16 37.81 -59.80
N CYS G 8 -17.15 37.82 -58.46
CA CYS G 8 -15.91 37.87 -57.71
C CYS G 8 -15.23 36.50 -57.61
N ALA G 9 -15.93 35.43 -57.96
CA ALA G 9 -15.37 34.07 -57.91
C ALA G 9 -14.78 33.77 -56.53
N MET G 10 -15.60 33.96 -55.51
CA MET G 10 -15.14 33.82 -54.15
C MET G 10 -14.81 32.37 -53.81
N LEU G 11 -13.71 32.20 -53.07
CA LEU G 11 -13.38 30.95 -52.40
C LEU G 11 -13.25 31.24 -50.91
N THR G 12 -13.60 30.26 -50.09
CA THR G 12 -13.58 30.43 -48.65
C THR G 12 -12.52 29.51 -48.05
N THR G 13 -11.69 30.07 -47.16
CA THR G 13 -10.71 29.32 -46.41
C THR G 13 -11.01 29.45 -44.92
N PHE G 14 -10.76 28.38 -44.19
CA PHE G 14 -11.08 28.32 -42.77
C PHE G 14 -9.85 27.97 -41.95
N ASN G 15 -9.81 28.49 -40.73
CA ASN G 15 -8.77 28.16 -39.76
C ASN G 15 -9.37 28.22 -38.37
N GLU G 16 -8.63 27.65 -37.42
CA GLU G 16 -8.99 27.71 -36.01
C GLU G 16 -7.96 28.57 -35.27
N VAL G 17 -8.44 29.50 -34.45
CA VAL G 17 -7.57 30.32 -33.63
C VAL G 17 -7.83 29.98 -32.17
N ASP G 18 -6.75 29.88 -31.40
CA ASP G 18 -6.81 29.49 -30.00
C ASP G 18 -6.93 30.75 -29.15
N MET G 19 -8.11 30.98 -28.58
CA MET G 19 -8.35 32.16 -27.76
C MET G 19 -8.13 31.85 -26.28
N SER G 20 -6.92 31.39 -25.99
CA SER G 20 -6.46 31.21 -24.62
C SER G 20 -5.74 32.45 -24.11
N ASN G 21 -4.81 32.98 -24.90
CA ASN G 21 -4.08 34.19 -24.48
C ASN G 21 -5.01 35.40 -24.41
N ILE G 22 -5.95 35.50 -25.34
CA ILE G 22 -6.86 36.65 -25.34
C ILE G 22 -7.74 36.63 -24.08
N GLN G 23 -8.32 35.48 -23.76
CA GLN G 23 -9.12 35.38 -22.55
C GLN G 23 -8.28 35.58 -21.30
N GLU G 24 -7.04 35.06 -21.31
CA GLU G 24 -6.14 35.29 -20.17
C GLU G 24 -5.88 36.77 -19.97
N MET G 25 -5.61 37.49 -21.07
CA MET G 25 -5.30 38.91 -20.96
C MET G 25 -6.52 39.70 -20.53
N ARG G 26 -7.71 39.30 -20.99
CA ARG G 26 -8.93 39.96 -20.52
C ARG G 26 -9.14 39.74 -19.03
N ALA G 27 -9.05 38.49 -18.57
CA ALA G 27 -9.21 38.24 -17.15
C ALA G 27 -8.18 38.99 -16.32
N ARG G 28 -6.95 39.14 -16.81
CA ARG G 28 -5.91 39.81 -16.06
C ARG G 28 -6.04 41.33 -16.08
N HIS G 29 -6.53 41.92 -17.17
CA HIS G 29 -6.46 43.36 -17.35
C HIS G 29 -7.82 44.06 -17.46
N LYS G 30 -8.93 43.34 -17.30
CA LYS G 30 -10.24 43.97 -17.48
C LYS G 30 -10.53 45.00 -16.39
N ASP G 31 -10.19 44.68 -15.14
CA ASP G 31 -10.45 45.60 -14.04
C ASP G 31 -9.71 46.92 -14.25
N ALA G 32 -8.41 46.83 -14.56
CA ALA G 32 -7.62 48.04 -14.78
C ALA G 32 -8.05 48.76 -16.06
N PHE G 33 -8.45 48.03 -17.08
CA PHE G 33 -8.90 48.66 -18.32
C PHE G 33 -10.16 49.47 -18.10
N LEU G 34 -11.09 48.95 -17.30
CA LEU G 34 -12.29 49.71 -16.97
C LEU G 34 -11.97 50.87 -16.03
N LYS G 35 -11.08 50.65 -15.06
CA LYS G 35 -10.75 51.70 -14.11
C LYS G 35 -10.08 52.89 -14.80
N LYS G 36 -9.18 52.62 -15.74
CA LYS G 36 -8.41 53.70 -16.36
C LYS G 36 -9.06 54.23 -17.63
N HIS G 37 -9.46 53.34 -18.53
CA HIS G 37 -9.89 53.75 -19.87
C HIS G 37 -11.39 53.99 -19.96
N ASN G 38 -12.15 53.56 -18.95
CA ASN G 38 -13.62 53.67 -18.91
C ASN G 38 -14.20 53.00 -20.16
N LEU G 39 -13.86 51.72 -20.35
CA LEU G 39 -14.46 50.86 -21.36
C LEU G 39 -14.43 49.42 -20.87
N LYS G 40 -14.70 48.46 -21.75
CA LYS G 40 -14.58 47.04 -21.42
C LYS G 40 -13.79 46.33 -22.52
N LEU G 41 -12.81 45.52 -22.11
CA LEU G 41 -11.98 44.80 -23.06
C LEU G 41 -12.82 43.82 -23.86
N GLY G 42 -12.50 43.66 -25.15
CA GLY G 42 -13.28 42.81 -26.03
C GLY G 42 -12.47 41.90 -26.93
N PHE G 43 -13.15 41.04 -27.70
CA PHE G 43 -12.52 40.16 -28.67
C PHE G 43 -12.15 40.84 -29.98
N MET G 44 -12.97 41.82 -30.39
CA MET G 44 -12.89 42.41 -31.73
C MET G 44 -11.70 43.34 -31.92
N SER G 45 -11.21 43.97 -30.86
CA SER G 45 -10.00 44.79 -31.00
C SER G 45 -8.83 43.94 -31.46
N ALA G 46 -8.67 42.75 -30.87
CA ALA G 46 -7.59 41.86 -31.24
C ALA G 46 -7.71 41.45 -32.71
N PHE G 47 -8.93 41.14 -33.16
CA PHE G 47 -9.09 40.68 -34.53
C PHE G 47 -8.89 41.81 -35.53
N VAL G 48 -9.36 43.02 -35.20
CA VAL G 48 -9.15 44.16 -36.09
C VAL G 48 -7.67 44.50 -36.20
N LYS G 49 -6.96 44.49 -35.06
CA LYS G 49 -5.53 44.79 -35.11
C LYS G 49 -4.76 43.69 -35.84
N ALA G 50 -5.18 42.43 -35.67
CA ALA G 50 -4.55 41.34 -36.42
C ALA G 50 -4.77 41.51 -37.91
N SER G 51 -5.98 41.91 -38.31
CA SER G 51 -6.25 42.17 -39.73
C SER G 51 -5.39 43.30 -40.25
N ALA G 52 -5.22 44.35 -39.45
CA ALA G 52 -4.34 45.46 -39.86
C ALA G 52 -2.91 44.98 -40.02
N PHE G 53 -2.44 44.13 -39.10
CA PHE G 53 -1.10 43.57 -39.20
C PHE G 53 -0.93 42.77 -40.48
N ALA G 54 -1.89 41.88 -40.78
CA ALA G 54 -1.80 41.04 -41.97
C ALA G 54 -1.85 41.88 -43.23
N LEU G 55 -2.68 42.93 -43.25
CA LEU G 55 -2.74 43.79 -44.43
C LEU G 55 -1.48 44.65 -44.56
N GLN G 56 -0.79 44.91 -43.45
CA GLN G 56 0.53 45.53 -43.55
C GLN G 56 1.52 44.58 -44.21
N GLU G 57 1.61 43.34 -43.72
CA GLU G 57 2.61 42.42 -44.24
C GLU G 57 2.25 41.89 -45.63
N GLN G 58 0.97 41.95 -46.01
CA GLN G 58 0.53 41.43 -47.30
C GLN G 58 -0.38 42.46 -47.98
N PRO G 59 0.16 43.27 -48.89
CA PRO G 59 -0.62 44.39 -49.44
C PRO G 59 -1.45 44.04 -50.66
N VAL G 60 -1.27 42.86 -51.24
CA VAL G 60 -2.09 42.47 -52.38
C VAL G 60 -3.54 42.27 -51.96
N VAL G 61 -3.77 41.65 -50.81
CA VAL G 61 -5.12 41.49 -50.30
C VAL G 61 -5.74 42.84 -50.00
N ASN G 62 -4.95 43.77 -49.46
CA ASN G 62 -5.42 45.13 -49.20
C ASN G 62 -5.82 45.85 -50.48
N ALA G 63 -5.32 45.42 -51.63
CA ALA G 63 -5.62 46.07 -52.90
C ALA G 63 -7.01 45.67 -53.36
N VAL G 64 -7.47 46.30 -54.45
CA VAL G 64 -8.79 46.04 -55.00
C VAL G 64 -8.67 46.01 -56.52
N ILE G 65 -9.37 45.06 -57.14
CA ILE G 65 -9.48 45.04 -58.60
C ILE G 65 -10.25 46.29 -59.00
N ASP G 66 -9.56 47.21 -59.66
CA ASP G 66 -10.22 48.39 -60.22
C ASP G 66 -10.76 47.98 -61.58
N ASP G 67 -12.04 47.60 -61.62
CA ASP G 67 -12.63 47.05 -62.84
C ASP G 67 -12.61 48.04 -63.99
N ALA G 68 -12.47 49.34 -63.69
CA ALA G 68 -12.40 50.34 -64.74
C ALA G 68 -11.17 50.16 -65.62
N THR G 69 -10.02 49.84 -65.01
CA THR G 69 -8.77 49.76 -65.75
C THR G 69 -7.98 48.48 -65.46
N LYS G 70 -8.60 47.47 -64.84
CA LYS G 70 -7.92 46.23 -64.48
C LYS G 70 -6.67 46.50 -63.64
N GLU G 71 -6.77 47.48 -62.75
CA GLU G 71 -5.63 47.90 -61.94
C GLU G 71 -5.68 47.28 -60.56
N VAL G 72 -4.50 47.14 -59.96
CA VAL G 72 -4.35 46.61 -58.61
C VAL G 72 -3.63 47.69 -57.83
N VAL G 73 -4.40 48.55 -57.15
CA VAL G 73 -3.86 49.70 -56.45
C VAL G 73 -3.49 49.31 -55.02
N TYR G 74 -2.23 49.54 -54.67
CA TYR G 74 -1.72 49.15 -53.35
C TYR G 74 -1.88 50.33 -52.41
N ARG G 75 -2.95 50.29 -51.61
CA ARG G 75 -3.23 51.38 -50.68
C ARG G 75 -2.17 51.45 -49.60
N ASP G 76 -1.81 52.66 -49.20
CA ASP G 76 -0.92 52.89 -48.07
C ASP G 76 -1.68 53.05 -46.76
N TYR G 77 -3.00 52.87 -46.79
CA TYR G 77 -3.84 52.96 -45.61
C TYR G 77 -4.80 51.78 -45.59
N ILE G 78 -5.16 51.35 -44.38
CA ILE G 78 -6.05 50.23 -44.17
C ILE G 78 -7.34 50.74 -43.54
N ASP G 79 -8.47 50.34 -44.12
CA ASP G 79 -9.79 50.80 -43.69
C ASP G 79 -10.62 49.57 -43.32
N ILE G 80 -10.68 49.27 -42.04
CA ILE G 80 -11.42 48.11 -41.55
C ILE G 80 -12.87 48.50 -41.32
N SER G 81 -13.79 47.74 -41.90
CA SER G 81 -15.22 48.04 -41.82
C SER G 81 -15.89 46.95 -40.97
N VAL G 82 -15.98 47.20 -39.66
CA VAL G 82 -16.56 46.23 -38.74
C VAL G 82 -18.08 46.24 -38.87
N ALA G 83 -18.70 45.07 -38.69
CA ALA G 83 -20.15 44.96 -38.65
C ALA G 83 -20.61 45.11 -37.19
N VAL G 84 -21.16 46.27 -36.86
CA VAL G 84 -21.60 46.55 -35.49
C VAL G 84 -23.05 46.12 -35.34
N ALA G 85 -23.29 45.30 -34.32
CA ALA G 85 -24.62 44.75 -34.06
C ALA G 85 -25.45 45.78 -33.30
N THR G 86 -26.64 46.08 -33.84
CA THR G 86 -27.59 47.00 -33.25
C THR G 86 -28.95 46.33 -33.17
N PRO G 87 -29.81 46.77 -32.25
CA PRO G 87 -31.17 46.18 -32.20
C PRO G 87 -31.94 46.35 -33.49
N ARG G 88 -31.74 47.45 -34.20
CA ARG G 88 -32.40 47.64 -35.49
C ARG G 88 -31.90 46.62 -36.51
N GLY G 89 -30.61 46.33 -36.50
CA GLY G 89 -30.04 45.38 -37.45
C GLY G 89 -28.54 45.48 -37.45
N LEU G 90 -27.95 44.98 -38.54
CA LEU G 90 -26.50 45.01 -38.72
C LEU G 90 -26.11 46.14 -39.65
N VAL G 91 -25.19 46.99 -39.20
CA VAL G 91 -24.64 48.07 -40.01
C VAL G 91 -23.16 47.79 -40.24
N VAL G 92 -22.52 48.66 -41.01
CA VAL G 92 -21.10 48.49 -41.32
C VAL G 92 -20.32 49.76 -41.06
N PRO G 93 -20.08 50.13 -39.81
CA PRO G 93 -19.21 51.27 -39.52
C PRO G 93 -17.76 50.94 -39.86
N VAL G 94 -16.97 51.98 -40.10
CA VAL G 94 -15.60 51.84 -40.55
C VAL G 94 -14.66 52.45 -39.51
N ILE G 95 -13.47 51.86 -39.38
CA ILE G 95 -12.38 52.43 -38.60
C ILE G 95 -11.30 52.84 -39.59
N ARG G 96 -10.85 54.08 -39.51
CA ARG G 96 -9.89 54.63 -40.46
C ARG G 96 -8.52 54.77 -39.83
N ASN G 97 -7.49 54.50 -40.64
CA ASN G 97 -6.09 54.58 -40.21
C ASN G 97 -5.82 53.62 -39.07
N VAL G 98 -5.97 52.33 -39.38
CA VAL G 98 -5.82 51.27 -38.39
C VAL G 98 -4.37 50.79 -38.27
N GLU G 99 -3.45 51.34 -39.06
CA GLU G 99 -2.05 50.96 -38.94
C GLU G 99 -1.50 51.31 -37.57
N THR G 100 -1.84 52.51 -37.07
CA THR G 100 -1.32 52.99 -35.79
C THR G 100 -2.49 53.20 -34.84
N MET G 101 -2.92 52.10 -34.21
CA MET G 101 -3.81 52.15 -33.05
C MET G 101 -3.45 50.99 -32.14
N ASN G 102 -3.57 51.22 -30.84
CA ASN G 102 -3.44 50.15 -29.87
C ASN G 102 -4.80 49.48 -29.68
N TYR G 103 -4.85 48.48 -28.80
CA TYR G 103 -6.12 47.81 -28.52
C TYR G 103 -7.13 48.78 -27.91
N ALA G 104 -6.67 49.66 -27.03
CA ALA G 104 -7.57 50.59 -26.35
C ALA G 104 -8.19 51.58 -27.33
N ASP G 105 -7.40 52.07 -28.28
CA ASP G 105 -7.91 53.03 -29.25
C ASP G 105 -8.99 52.38 -30.12
N ILE G 106 -8.77 51.14 -30.56
CA ILE G 106 -9.78 50.43 -31.33
C ILE G 106 -11.04 50.19 -30.49
N GLU G 107 -10.85 49.83 -29.21
CA GLU G 107 -12.01 49.66 -28.33
C GLU G 107 -12.82 50.95 -28.23
N ARG G 108 -12.13 52.07 -28.04
CA ARG G 108 -12.82 53.36 -27.92
C ARG G 108 -13.57 53.69 -29.20
N THR G 109 -12.92 53.48 -30.35
CA THR G 109 -13.58 53.77 -31.62
C THR G 109 -14.81 52.89 -31.82
N ILE G 110 -14.69 51.60 -31.52
CA ILE G 110 -15.82 50.69 -31.70
C ILE G 110 -16.97 51.05 -30.77
N ASN G 111 -16.65 51.35 -29.50
CA ASN G 111 -17.70 51.69 -28.55
C ASN G 111 -18.39 53.00 -28.94
N GLU G 112 -17.61 54.00 -29.32
CA GLU G 112 -18.19 55.28 -29.73
C GLU G 112 -19.04 55.11 -30.97
N LEU G 113 -18.58 54.30 -31.93
CA LEU G 113 -19.32 54.10 -33.16
C LEU G 113 -20.61 53.32 -32.90
N GLY G 114 -20.56 52.36 -31.97
CA GLY G 114 -21.77 51.64 -31.60
C GLY G 114 -22.77 52.51 -30.88
N GLU G 115 -22.29 53.41 -29.99
CA GLU G 115 -23.19 54.36 -29.36
C GLU G 115 -23.80 55.30 -30.40
N LYS G 116 -23.02 55.70 -31.39
CA LYS G 116 -23.53 56.54 -32.46
C LYS G 116 -24.60 55.82 -33.28
N ALA G 117 -24.38 54.54 -33.57
CA ALA G 117 -25.31 53.79 -34.41
C ALA G 117 -26.59 53.44 -33.65
N ARG G 118 -26.47 53.02 -32.39
CA ARG G 118 -27.65 52.62 -31.63
C ARG G 118 -28.59 53.80 -31.42
N LYS G 119 -28.04 54.98 -31.13
CA LYS G 119 -28.83 56.19 -30.96
C LYS G 119 -29.13 56.88 -32.28
N ASN G 120 -28.94 56.19 -33.41
CA ASN G 120 -29.30 56.67 -34.74
C ASN G 120 -28.60 58.00 -35.05
N GLU G 121 -27.27 57.93 -35.11
CA GLU G 121 -26.46 59.08 -35.47
C GLU G 121 -25.40 58.73 -36.52
N LEU G 122 -25.31 57.47 -36.94
CA LEU G 122 -24.27 57.04 -37.87
C LEU G 122 -24.37 57.81 -39.18
N ALA G 123 -23.26 58.42 -39.58
CA ALA G 123 -23.18 59.14 -40.83
C ALA G 123 -22.62 58.25 -41.93
N ILE G 124 -22.72 58.73 -43.18
CA ILE G 124 -22.19 57.97 -44.31
C ILE G 124 -20.67 57.93 -44.26
N GLU G 125 -20.03 59.02 -43.84
CA GLU G 125 -18.57 59.06 -43.77
C GLU G 125 -18.05 58.00 -42.81
N ASP G 126 -18.84 57.63 -41.82
CA ASP G 126 -18.50 56.51 -40.93
C ASP G 126 -19.03 55.18 -41.44
N MET G 127 -19.43 55.10 -42.71
CA MET G 127 -20.02 53.88 -43.26
C MET G 127 -19.34 53.47 -44.57
N ASP G 128 -18.75 54.42 -45.29
CA ASP G 128 -18.18 54.14 -46.61
C ASP G 128 -16.66 54.11 -46.52
N GLY G 129 -16.05 53.55 -47.55
CA GLY G 129 -14.61 53.56 -47.67
C GLY G 129 -13.90 52.33 -47.14
N GLY G 130 -14.61 51.22 -46.93
CA GLY G 130 -13.99 50.03 -46.40
C GLY G 130 -12.96 49.42 -47.34
N THR G 131 -12.05 48.65 -46.75
CA THR G 131 -11.01 47.98 -47.50
C THR G 131 -10.97 46.51 -47.12
N PHE G 132 -11.41 46.21 -45.90
CA PHE G 132 -11.49 44.84 -45.41
C PHE G 132 -12.62 44.79 -44.40
N THR G 133 -13.30 43.64 -44.31
CA THR G 133 -14.47 43.50 -43.46
C THR G 133 -14.22 42.47 -42.37
N ILE G 134 -14.71 42.76 -41.17
CA ILE G 134 -14.53 41.91 -40.00
C ILE G 134 -15.90 41.51 -39.44
N SER G 135 -16.87 41.29 -40.33
CA SER G 135 -18.21 40.90 -39.92
C SER G 135 -18.18 39.78 -38.89
N ASN G 136 -18.81 40.02 -37.74
CA ASN G 136 -18.76 39.13 -36.60
C ASN G 136 -20.17 38.61 -36.31
N GLY G 137 -20.43 37.36 -36.71
CA GLY G 137 -21.64 36.66 -36.37
C GLY G 137 -21.48 35.64 -35.27
N GLY G 138 -20.50 35.81 -34.38
CA GLY G 138 -20.20 34.80 -33.38
C GLY G 138 -21.01 34.91 -32.12
N VAL G 139 -21.61 36.06 -31.85
CA VAL G 139 -22.42 36.25 -30.65
C VAL G 139 -23.75 35.53 -30.82
N PHE G 140 -23.95 34.93 -31.99
CA PHE G 140 -25.15 34.18 -32.30
C PHE G 140 -24.95 32.68 -32.22
N GLY G 141 -23.78 32.23 -31.78
CA GLY G 141 -23.54 30.81 -31.58
C GLY G 141 -23.24 30.01 -32.82
N SER G 142 -22.93 30.66 -33.94
CA SER G 142 -22.61 29.94 -35.16
C SER G 142 -21.28 29.21 -35.03
N LEU G 143 -21.21 28.01 -35.61
CA LEU G 143 -19.97 27.25 -35.60
C LEU G 143 -19.01 27.76 -36.67
N PHE G 144 -19.40 27.67 -37.94
CA PHE G 144 -18.64 28.23 -39.04
C PHE G 144 -19.52 28.28 -40.28
N GLY G 145 -19.24 29.24 -41.14
CA GLY G 145 -20.02 29.43 -42.35
C GLY G 145 -19.28 30.34 -43.30
N THR G 146 -19.83 30.47 -44.51
CA THR G 146 -19.16 31.20 -45.57
C THR G 146 -19.71 32.63 -45.64
N PRO G 147 -18.89 33.65 -45.40
CA PRO G 147 -19.35 35.03 -45.54
C PRO G 147 -19.33 35.45 -47.01
N ILE G 148 -19.74 36.70 -47.23
CA ILE G 148 -19.81 37.27 -48.58
C ILE G 148 -18.94 38.52 -48.64
N ILE G 149 -18.20 38.64 -49.74
CA ILE G 149 -17.31 39.78 -49.93
C ILE G 149 -18.12 41.06 -49.99
N ASN G 150 -17.74 42.04 -49.18
CA ASN G 150 -18.42 43.31 -49.14
C ASN G 150 -17.83 44.23 -50.21
N PRO G 151 -18.63 44.73 -51.16
CA PRO G 151 -18.07 45.56 -52.22
C PRO G 151 -17.70 46.94 -51.68
N PRO G 152 -16.72 47.61 -52.30
CA PRO G 152 -15.89 47.19 -53.44
C PRO G 152 -14.67 46.39 -52.98
N GLN G 153 -14.66 46.00 -51.71
CA GLN G 153 -13.53 45.31 -51.13
C GLN G 153 -13.32 43.95 -51.79
N SER G 154 -12.13 43.37 -51.58
CA SER G 154 -11.77 42.12 -52.21
C SER G 154 -11.67 40.93 -51.27
N ALA G 155 -12.00 41.09 -49.98
CA ALA G 155 -11.99 39.98 -49.05
C ALA G 155 -12.81 40.36 -47.82
N ILE G 156 -13.08 39.36 -46.99
CA ILE G 156 -13.83 39.55 -45.75
C ILE G 156 -13.44 38.46 -44.76
N LEU G 157 -13.32 38.85 -43.50
CA LEU G 157 -13.04 37.92 -42.41
C LEU G 157 -14.33 37.67 -41.65
N GLY G 158 -14.76 36.41 -41.58
CA GLY G 158 -15.94 36.01 -40.84
C GLY G 158 -15.53 35.33 -39.55
N MET G 159 -16.05 35.87 -38.44
CA MET G 159 -15.82 35.30 -37.12
C MET G 159 -17.08 34.66 -36.61
N HIS G 160 -16.91 33.56 -35.88
CA HIS G 160 -18.03 32.74 -35.43
C HIS G 160 -17.91 32.54 -33.93
N GLY G 161 -18.74 31.65 -33.39
CA GLY G 161 -18.77 31.44 -31.96
C GLY G 161 -17.54 30.75 -31.44
N ILE G 162 -17.29 30.93 -30.15
CA ILE G 162 -16.18 30.31 -29.44
C ILE G 162 -16.72 29.18 -28.59
N PHE G 163 -16.17 27.99 -28.78
CA PHE G 163 -16.60 26.81 -28.05
C PHE G 163 -15.37 26.09 -27.51
N ASP G 164 -15.52 25.49 -26.33
CA ASP G 164 -14.46 24.68 -25.76
C ASP G 164 -14.41 23.36 -26.52
N ARG G 165 -13.28 23.07 -27.15
CA ARG G 165 -13.15 21.86 -27.94
C ARG G 165 -11.85 21.16 -27.61
N PRO G 166 -11.83 19.83 -27.66
CA PRO G 166 -10.57 19.10 -27.43
C PRO G 166 -9.59 19.37 -28.55
N VAL G 167 -8.35 19.63 -28.17
CA VAL G 167 -7.26 19.86 -29.11
C VAL G 167 -6.04 19.09 -28.65
N ALA G 168 -5.03 19.04 -29.51
CA ALA G 168 -3.79 18.33 -29.24
C ALA G 168 -2.68 19.35 -29.03
N VAL G 169 -2.00 19.26 -27.89
CA VAL G 169 -0.87 20.11 -27.56
C VAL G 169 0.25 19.22 -27.05
N GLY G 170 1.29 19.04 -27.85
CA GLY G 170 2.39 18.19 -27.46
C GLY G 170 2.06 16.73 -27.38
N GLY G 171 1.01 16.29 -28.08
CA GLY G 171 0.60 14.90 -28.05
C GLY G 171 -0.42 14.56 -27.00
N LYS G 172 -0.71 15.47 -26.08
CA LYS G 172 -1.73 15.30 -25.06
C LYS G 172 -3.03 15.95 -25.52
N VAL G 173 -4.12 15.64 -24.84
CA VAL G 173 -5.43 16.18 -25.17
C VAL G 173 -5.85 17.14 -24.07
N GLU G 174 -6.10 18.39 -24.44
CA GLU G 174 -6.52 19.41 -23.49
C GLU G 174 -7.66 20.22 -24.09
N VAL G 175 -8.64 20.56 -23.26
CA VAL G 175 -9.77 21.37 -23.67
C VAL G 175 -9.43 22.83 -23.48
N ARG G 176 -9.63 23.63 -24.52
CA ARG G 176 -9.37 25.05 -24.46
C ARG G 176 -10.31 25.78 -25.40
N PRO G 177 -10.66 27.04 -25.11
CA PRO G 177 -11.65 27.75 -25.92
C PRO G 177 -11.16 28.00 -27.33
N MET G 178 -11.74 27.29 -28.29
CA MET G 178 -11.25 27.26 -29.65
C MET G 178 -12.28 27.91 -30.57
N MET G 179 -11.79 28.54 -31.63
CA MET G 179 -12.57 29.46 -32.43
C MET G 179 -12.37 29.17 -33.91
N TYR G 180 -13.47 29.18 -34.66
CA TYR G 180 -13.44 28.92 -36.10
C TYR G 180 -13.56 30.25 -36.84
N VAL G 181 -12.61 30.51 -37.74
CA VAL G 181 -12.56 31.77 -38.46
C VAL G 181 -12.53 31.47 -39.96
N ALA G 182 -13.11 32.37 -40.74
CA ALA G 182 -13.26 32.18 -42.18
C ALA G 182 -12.78 33.41 -42.93
N LEU G 183 -12.28 33.18 -44.14
CA LEU G 183 -11.89 34.25 -45.05
C LEU G 183 -12.41 33.94 -46.44
N THR G 184 -13.22 34.83 -46.98
CA THR G 184 -13.77 34.71 -48.33
C THR G 184 -13.09 35.74 -49.21
N TYR G 185 -12.42 35.28 -50.26
CA TYR G 185 -11.52 36.12 -51.04
C TYR G 185 -11.85 36.05 -52.52
N ASP G 186 -11.38 37.05 -53.25
CA ASP G 186 -11.49 37.11 -54.70
C ASP G 186 -10.29 36.40 -55.31
N HIS G 187 -10.52 35.23 -55.90
CA HIS G 187 -9.40 34.40 -56.35
C HIS G 187 -8.73 34.96 -57.59
N ARG G 188 -9.28 36.00 -58.22
CA ARG G 188 -8.63 36.59 -59.38
C ARG G 188 -7.39 37.39 -58.98
N LEU G 189 -7.41 38.03 -57.80
CA LEU G 189 -6.24 38.72 -57.27
C LEU G 189 -5.44 37.88 -56.29
N ILE G 190 -6.09 37.08 -55.46
CA ILE G 190 -5.44 36.38 -54.37
C ILE G 190 -5.33 34.91 -54.75
N ASP G 191 -4.11 34.40 -54.79
CA ASP G 191 -3.86 32.98 -54.96
C ASP G 191 -4.25 32.25 -53.68
N GLY G 192 -4.28 30.92 -53.77
CA GLY G 192 -4.50 30.12 -52.57
C GLY G 192 -3.43 30.36 -51.52
N ARG G 193 -2.17 30.46 -51.97
CA ARG G 193 -1.07 30.72 -51.04
C ARG G 193 -1.25 32.04 -50.31
N GLU G 194 -1.65 33.09 -51.03
CA GLU G 194 -1.79 34.40 -50.41
C GLU G 194 -2.89 34.40 -49.35
N ALA G 195 -4.04 33.80 -49.67
CA ALA G 195 -5.15 33.78 -48.71
C ALA G 195 -4.84 32.90 -47.52
N VAL G 196 -4.23 31.74 -47.75
CA VAL G 196 -3.86 30.88 -46.64
C VAL G 196 -2.85 31.57 -45.73
N THR G 197 -1.87 32.26 -46.33
CA THR G 197 -0.88 32.99 -45.54
C THR G 197 -1.54 34.13 -44.77
N PHE G 198 -2.53 34.78 -45.39
CA PHE G 198 -3.28 35.84 -44.70
C PHE G 198 -3.96 35.29 -43.45
N LEU G 199 -4.66 34.16 -43.59
CA LEU G 199 -5.33 33.58 -42.43
C LEU G 199 -4.33 33.10 -41.38
N ARG G 200 -3.19 32.53 -41.82
CA ARG G 200 -2.18 32.12 -40.84
C ARG G 200 -1.63 33.31 -40.08
N LYS G 201 -1.40 34.44 -40.76
CA LYS G 201 -0.90 35.62 -40.08
C LYS G 201 -1.92 36.16 -39.09
N ILE G 202 -3.20 36.19 -39.48
CA ILE G 202 -4.24 36.65 -38.56
C ILE G 202 -4.32 35.72 -37.35
N LYS G 203 -4.29 34.41 -37.59
CA LYS G 203 -4.37 33.43 -36.50
C LYS G 203 -3.19 33.55 -35.56
N ALA G 204 -1.98 33.75 -36.10
CA ALA G 204 -0.80 33.91 -35.26
C ALA G 204 -0.84 35.20 -34.47
N ALA G 205 -1.36 36.27 -35.07
CA ALA G 205 -1.47 37.54 -34.34
C ALA G 205 -2.48 37.45 -33.21
N VAL G 206 -3.61 36.78 -33.45
CA VAL G 206 -4.63 36.66 -32.41
C VAL G 206 -4.17 35.72 -31.30
N GLU G 207 -3.55 34.59 -31.67
CA GLU G 207 -3.14 33.61 -30.67
C GLU G 207 -2.12 34.18 -29.70
N ASP G 208 -1.13 34.92 -30.22
CA ASP G 208 -0.05 35.49 -29.41
C ASP G 208 0.07 36.95 -29.80
N PRO G 209 -0.69 37.85 -29.14
CA PRO G 209 -0.69 39.27 -29.52
C PRO G 209 0.68 39.93 -29.39
N ARG G 210 1.60 39.29 -28.67
CA ARG G 210 2.95 39.83 -28.54
C ARG G 210 3.66 39.95 -29.88
N VAL G 211 3.18 39.24 -30.89
CA VAL G 211 3.75 39.32 -32.23
C VAL G 211 3.66 40.74 -32.77
N LEU G 212 2.56 41.43 -32.48
CA LEU G 212 2.39 42.80 -32.98
C LEU G 212 3.50 43.71 -32.49
N LEU G 213 3.82 43.65 -31.20
CA LEU G 213 4.97 44.39 -30.70
C LEU G 213 6.27 43.87 -31.31
N LEU G 214 6.43 42.55 -31.32
CA LEU G 214 7.66 41.94 -31.82
C LEU G 214 7.83 42.14 -33.31
N ASP G 215 6.76 42.50 -34.02
CA ASP G 215 6.79 42.77 -35.46
C ASP G 215 7.40 41.58 -36.20
N LEU G 216 6.79 40.41 -36.02
CA LEU G 216 7.23 39.20 -36.68
C LEU G 216 6.28 38.94 -37.85
N THR H 7 23.32 -29.63 62.43
CA THR H 7 22.83 -29.47 63.80
C THR H 7 21.32 -29.63 63.87
N CYS H 8 20.60 -28.60 63.39
CA CYS H 8 19.15 -28.59 63.42
C CYS H 8 18.59 -28.89 62.02
N ALA H 9 17.36 -29.39 62.00
CA ALA H 9 16.69 -29.79 60.76
C ALA H 9 15.83 -28.65 60.25
N MET H 10 16.14 -28.16 59.06
CA MET H 10 15.47 -27.03 58.44
C MET H 10 14.99 -27.37 57.03
N LEU H 11 13.96 -26.66 56.59
CA LEU H 11 13.38 -26.84 55.27
C LEU H 11 13.19 -25.48 54.61
N THR H 12 13.26 -25.45 53.28
CA THR H 12 13.22 -24.21 52.52
C THR H 12 12.16 -24.29 51.44
N THR H 13 11.46 -23.18 51.21
CA THR H 13 10.50 -23.03 50.13
C THR H 13 10.72 -21.70 49.43
N PHE H 14 10.58 -21.70 48.10
CA PHE H 14 10.90 -20.56 47.27
C PHE H 14 9.65 -20.03 46.59
N ASN H 15 9.70 -18.75 46.24
CA ASN H 15 8.64 -18.08 45.52
C ASN H 15 9.24 -16.84 44.88
N GLU H 16 8.45 -16.16 44.05
CA GLU H 16 8.95 -15.00 43.32
C GLU H 16 7.99 -13.83 43.46
N VAL H 17 8.57 -12.63 43.53
CA VAL H 17 7.85 -11.38 43.76
C VAL H 17 8.12 -10.45 42.58
N ASP H 18 7.06 -9.89 42.02
CA ASP H 18 7.17 -8.93 40.93
C ASP H 18 7.55 -7.58 41.50
N MET H 19 8.80 -7.17 41.29
CA MET H 19 9.36 -5.99 41.95
C MET H 19 9.16 -4.74 41.08
N SER H 20 7.90 -4.45 40.78
CA SER H 20 7.54 -3.33 39.91
C SER H 20 6.89 -2.18 40.65
N ASN H 21 5.88 -2.47 41.49
CA ASN H 21 5.23 -1.40 42.25
C ASN H 21 6.19 -0.73 43.20
N ILE H 22 7.04 -1.51 43.88
CA ILE H 22 8.00 -0.93 44.80
C ILE H 22 9.01 -0.07 44.05
N GLN H 23 9.44 -0.52 42.87
CA GLN H 23 10.38 0.29 42.09
C GLN H 23 9.73 1.56 41.57
N GLU H 24 8.45 1.51 41.18
CA GLU H 24 7.75 2.72 40.78
C GLU H 24 7.62 3.68 41.95
N MET H 25 7.30 3.15 43.14
CA MET H 25 7.28 3.98 44.35
C MET H 25 8.61 4.65 44.59
N ARG H 26 9.70 3.87 44.52
CA ARG H 26 11.03 4.41 44.77
C ARG H 26 11.45 5.41 43.71
N ALA H 27 10.93 5.29 42.49
CA ALA H 27 11.26 6.22 41.42
C ALA H 27 10.29 7.39 41.35
N ARG H 28 9.25 7.40 42.18
CA ARG H 28 8.28 8.49 42.16
C ARG H 28 8.40 9.41 43.37
N HIS H 29 8.74 8.87 44.53
CA HIS H 29 8.84 9.65 45.76
C HIS H 29 10.24 9.63 46.35
N LYS H 30 11.26 9.51 45.49
CA LYS H 30 12.63 9.48 45.98
C LYS H 30 13.06 10.84 46.52
N ASP H 31 12.80 11.91 45.74
CA ASP H 31 13.23 13.23 46.16
C ASP H 31 12.43 13.74 47.35
N ALA H 32 11.12 13.49 47.37
CA ALA H 32 10.30 13.93 48.49
C ALA H 32 10.73 13.22 49.78
N PHE H 33 11.01 11.92 49.70
CA PHE H 33 11.50 11.19 50.86
C PHE H 33 12.87 11.69 51.30
N LEU H 34 13.76 11.95 50.35
CA LEU H 34 15.09 12.46 50.69
C LEU H 34 15.02 13.88 51.25
N LYS H 35 13.96 14.62 50.94
CA LYS H 35 13.82 15.98 51.44
C LYS H 35 13.15 16.04 52.81
N LYS H 36 12.14 15.21 53.04
CA LYS H 36 11.40 15.29 54.30
C LYS H 36 12.10 14.53 55.42
N HIS H 37 12.68 13.37 55.11
CA HIS H 37 13.32 12.53 56.12
C HIS H 37 14.82 12.43 55.97
N ASN H 38 15.40 12.97 54.90
CA ASN H 38 16.83 12.87 54.64
C ASN H 38 17.29 11.42 54.62
N LEU H 39 16.48 10.57 54.01
CA LEU H 39 16.75 9.14 53.93
C LEU H 39 16.88 8.71 52.47
N LYS H 40 17.71 7.70 52.24
CA LYS H 40 18.06 7.27 50.89
C LYS H 40 17.15 6.18 50.35
N LEU H 41 16.11 5.79 51.08
CA LEU H 41 15.13 4.80 50.64
C LEU H 41 15.76 3.43 50.37
N GLY H 42 15.00 2.57 49.73
CA GLY H 42 15.41 1.21 49.41
C GLY H 42 14.19 0.30 49.34
N PHE H 43 14.45 -0.95 48.99
CA PHE H 43 13.39 -1.95 49.00
C PHE H 43 13.36 -2.76 50.29
N MET H 44 14.29 -2.50 51.22
CA MET H 44 14.30 -3.22 52.49
C MET H 44 13.03 -2.93 53.29
N SER H 45 12.58 -1.68 53.29
CA SER H 45 11.45 -1.29 54.11
C SER H 45 10.17 -2.02 53.71
N ALA H 46 9.95 -2.18 52.40
CA ALA H 46 8.75 -2.88 51.93
C ALA H 46 8.73 -4.33 52.41
N PHE H 47 9.86 -5.02 52.29
CA PHE H 47 9.91 -6.41 52.73
C PHE H 47 9.80 -6.52 54.25
N VAL H 48 10.39 -5.57 54.98
CA VAL H 48 10.28 -5.60 56.43
C VAL H 48 8.82 -5.41 56.86
N LYS H 49 8.13 -4.46 56.22
CA LYS H 49 6.73 -4.24 56.55
C LYS H 49 5.87 -5.44 56.18
N ALA H 50 6.13 -6.05 55.02
CA ALA H 50 5.35 -7.22 54.61
C ALA H 50 5.61 -8.40 55.54
N SER H 51 6.87 -8.59 55.96
CA SER H 51 7.18 -9.63 56.93
C SER H 51 6.47 -9.39 58.24
N ALA H 52 6.45 -8.14 58.71
CA ALA H 52 5.72 -7.82 59.93
C ALA H 52 4.24 -8.13 59.78
N PHE H 53 3.66 -7.78 58.63
CA PHE H 53 2.25 -8.03 58.39
C PHE H 53 1.94 -9.53 58.42
N ALA H 54 2.69 -10.31 57.66
CA ALA H 54 2.44 -11.76 57.60
C ALA H 54 2.72 -12.42 58.94
N LEU H 55 3.70 -11.92 59.70
CA LEU H 55 3.98 -12.46 61.03
C LEU H 55 2.82 -12.18 61.98
N GLN H 56 2.27 -10.97 61.92
CA GLN H 56 1.16 -10.63 62.80
C GLN H 56 -0.10 -11.37 62.40
N GLU H 57 -0.19 -11.78 61.13
CA GLU H 57 -1.32 -12.61 60.72
C GLU H 57 -1.29 -13.98 61.41
N GLN H 58 -0.23 -14.75 61.15
CA GLN H 58 -0.08 -16.07 61.76
C GLN H 58 1.03 -16.04 62.80
N PRO H 59 0.72 -16.13 64.09
CA PRO H 59 1.76 -16.01 65.12
C PRO H 59 2.56 -17.28 65.35
N VAL H 60 2.33 -18.35 64.57
CA VAL H 60 3.06 -19.59 64.78
C VAL H 60 4.54 -19.41 64.43
N VAL H 61 4.86 -18.52 63.49
CA VAL H 61 6.24 -18.33 63.09
C VAL H 61 7.04 -17.68 64.22
N ASN H 62 6.40 -16.84 65.03
CA ASN H 62 7.09 -16.22 66.14
C ASN H 62 7.39 -17.21 67.26
N ALA H 63 6.76 -18.38 67.24
CA ALA H 63 6.94 -19.35 68.31
C ALA H 63 8.33 -19.98 68.25
N VAL H 64 8.70 -20.64 69.33
CA VAL H 64 10.01 -21.27 69.48
C VAL H 64 9.86 -22.43 70.46
N ILE H 65 10.68 -23.46 70.29
CA ILE H 65 10.68 -24.60 71.19
C ILE H 65 11.90 -24.49 72.10
N ASP H 66 11.66 -24.54 73.42
CA ASP H 66 12.73 -24.54 74.41
C ASP H 66 12.99 -25.99 74.83
N ASP H 67 14.11 -26.55 74.36
CA ASP H 67 14.41 -27.95 74.59
C ASP H 67 14.71 -28.26 76.06
N ALA H 68 14.95 -27.24 76.88
CA ALA H 68 15.16 -27.48 78.31
C ALA H 68 13.90 -28.03 78.98
N THR H 69 12.72 -27.62 78.51
CA THR H 69 11.47 -28.10 79.07
C THR H 69 10.44 -28.51 78.02
N LYS H 70 10.77 -28.42 76.73
CA LYS H 70 9.85 -28.72 75.63
C LYS H 70 8.59 -27.87 75.74
N GLU H 71 8.78 -26.56 75.59
CA GLU H 71 7.70 -25.58 75.66
C GLU H 71 7.69 -24.76 74.39
N VAL H 72 6.49 -24.51 73.86
CA VAL H 72 6.32 -23.65 72.68
C VAL H 72 6.10 -22.24 73.20
N VAL H 73 7.17 -21.45 73.22
CA VAL H 73 7.14 -20.11 73.76
C VAL H 73 6.64 -19.17 72.66
N TYR H 74 5.42 -18.67 72.82
CA TYR H 74 4.91 -17.65 71.92
C TYR H 74 5.48 -16.29 72.31
N ARG H 75 5.30 -15.31 71.41
CA ARG H 75 5.64 -13.93 71.69
C ARG H 75 4.74 -13.02 70.88
N ASP H 76 4.35 -11.89 71.49
CA ASP H 76 3.52 -10.90 70.83
C ASP H 76 4.37 -9.83 70.15
N TYR H 77 5.40 -9.35 70.83
CA TYR H 77 6.29 -8.36 70.25
C TYR H 77 7.04 -8.96 69.05
N ILE H 78 7.22 -8.14 68.03
CA ILE H 78 7.90 -8.55 66.80
C ILE H 78 9.24 -7.83 66.72
N ASP H 79 10.33 -8.59 66.75
CA ASP H 79 11.69 -8.07 66.67
C ASP H 79 12.32 -8.64 65.40
N ILE H 80 12.20 -7.90 64.30
CA ILE H 80 12.74 -8.33 63.03
C ILE H 80 14.23 -8.02 62.98
N SER H 81 15.05 -9.04 62.74
CA SER H 81 16.49 -8.88 62.62
C SER H 81 16.90 -8.84 61.16
N VAL H 82 17.74 -7.87 60.83
CA VAL H 82 18.15 -7.59 59.45
C VAL H 82 19.66 -7.71 59.36
N ALA H 83 20.13 -8.45 58.35
CA ALA H 83 21.56 -8.65 58.15
C ALA H 83 22.17 -7.37 57.60
N VAL H 84 23.26 -6.91 58.24
CA VAL H 84 23.96 -5.70 57.84
C VAL H 84 25.42 -6.05 57.59
N ALA H 85 25.95 -5.60 56.46
CA ALA H 85 27.32 -5.93 56.06
C ALA H 85 28.28 -4.86 56.58
N THR H 86 29.38 -5.32 57.17
CA THR H 86 30.44 -4.47 57.68
C THR H 86 31.77 -4.94 57.10
N PRO H 87 32.73 -4.03 56.90
CA PRO H 87 34.00 -4.43 56.28
C PRO H 87 34.75 -5.50 57.04
N ARG H 88 34.63 -5.58 58.37
CA ARG H 88 35.38 -6.57 59.12
C ARG H 88 34.72 -7.95 59.04
N GLY H 89 33.43 -8.04 59.38
CA GLY H 89 32.73 -9.30 59.35
C GLY H 89 31.29 -9.15 58.89
N LEU H 90 30.35 -9.70 59.65
CA LEU H 90 28.93 -9.54 59.38
C LEU H 90 28.18 -9.44 60.70
N VAL H 91 27.34 -8.42 60.82
CA VAL H 91 26.56 -8.17 62.03
C VAL H 91 25.08 -8.21 61.67
N VAL H 92 24.28 -8.55 62.67
CA VAL H 92 22.83 -8.63 62.49
C VAL H 92 22.19 -7.78 63.58
N PRO H 93 21.92 -6.51 63.32
CA PRO H 93 21.10 -5.72 64.25
C PRO H 93 19.63 -6.06 64.16
N VAL H 94 18.92 -5.77 65.25
CA VAL H 94 17.52 -6.13 65.42
C VAL H 94 16.68 -4.87 65.55
N ILE H 95 15.61 -4.81 64.77
CA ILE H 95 14.63 -3.75 64.88
C ILE H 95 13.59 -4.15 65.92
N ARG H 96 13.38 -3.32 66.93
CA ARG H 96 12.50 -3.63 68.04
C ARG H 96 11.10 -3.11 67.76
N ASN H 97 10.10 -3.97 67.94
CA ASN H 97 8.69 -3.59 67.86
C ASN H 97 8.36 -2.97 66.51
N VAL H 98 8.50 -3.77 65.46
CA VAL H 98 8.32 -3.29 64.09
C VAL H 98 6.86 -3.23 63.68
N GLU H 99 5.94 -3.76 64.48
CA GLU H 99 4.53 -3.74 64.12
C GLU H 99 3.99 -2.31 64.09
N THR H 100 4.45 -1.46 65.01
CA THR H 100 3.87 -0.13 65.15
C THR H 100 4.41 0.84 64.11
N MET H 101 5.52 0.51 63.46
CA MET H 101 6.20 1.48 62.61
C MET H 101 5.92 1.23 61.13
N ASN H 102 6.18 2.26 60.32
CA ASN H 102 5.92 2.27 58.89
C ASN H 102 7.24 2.45 58.13
N TYR H 103 7.12 2.72 56.83
CA TYR H 103 8.28 2.74 55.94
C TYR H 103 9.35 3.72 56.42
N ALA H 104 8.94 4.95 56.75
CA ALA H 104 9.91 5.96 57.17
C ALA H 104 10.62 5.54 58.44
N ASP H 105 9.87 5.02 59.42
CA ASP H 105 10.50 4.59 60.67
C ASP H 105 11.43 3.40 60.43
N ILE H 106 11.04 2.47 59.56
CA ILE H 106 11.90 1.34 59.24
C ILE H 106 13.20 1.83 58.61
N GLU H 107 13.10 2.78 57.68
CA GLU H 107 14.30 3.29 57.03
C GLU H 107 15.21 4.00 58.03
N ARG H 108 14.63 4.81 58.92
CA ARG H 108 15.46 5.52 59.89
C ARG H 108 16.11 4.54 60.86
N THR H 109 15.39 3.49 61.26
CA THR H 109 15.98 2.49 62.14
C THR H 109 17.12 1.75 61.44
N ILE H 110 16.94 1.41 60.17
CA ILE H 110 18.01 0.75 59.42
C ILE H 110 19.23 1.65 59.31
N ASN H 111 19.00 2.94 59.06
CA ASN H 111 20.12 3.89 58.99
C ASN H 111 20.84 3.99 60.31
N GLU H 112 20.10 4.04 61.42
CA GLU H 112 20.74 4.10 62.73
C GLU H 112 21.54 2.83 63.02
N LEU H 113 20.99 1.67 62.67
CA LEU H 113 21.72 0.42 62.89
C LEU H 113 22.97 0.36 62.03
N GLY H 114 22.91 0.85 60.79
CA GLY H 114 24.09 0.92 59.97
C GLY H 114 25.16 1.83 60.54
N GLU H 115 24.76 3.01 61.00
CA GLU H 115 25.72 3.94 61.58
C GLU H 115 26.34 3.37 62.86
N LYS H 116 25.55 2.61 63.62
CA LYS H 116 26.10 1.97 64.82
C LYS H 116 27.03 0.81 64.46
N ALA H 117 26.77 0.15 63.32
CA ALA H 117 27.67 -0.91 62.88
C ALA H 117 28.99 -0.32 62.37
N ARG H 118 28.94 0.88 61.81
CA ARG H 118 30.16 1.48 61.24
C ARG H 118 31.18 1.81 62.32
N LYS H 119 30.74 2.46 63.40
CA LYS H 119 31.66 2.89 64.45
C LYS H 119 31.98 1.77 65.45
N ASN H 120 31.35 0.61 65.31
CA ASN H 120 31.67 -0.58 66.11
C ASN H 120 31.45 -0.32 67.60
N GLU H 121 30.26 0.19 67.91
CA GLU H 121 29.85 0.37 69.31
C GLU H 121 28.52 -0.34 69.59
N LEU H 122 28.12 -1.26 68.72
CA LEU H 122 26.88 -2.00 68.91
C LEU H 122 26.99 -2.86 70.16
N ALA H 123 26.30 -2.46 71.22
CA ALA H 123 26.37 -3.19 72.48
C ALA H 123 25.68 -4.54 72.36
N ILE H 124 26.12 -5.48 73.20
CA ILE H 124 25.51 -6.81 73.20
C ILE H 124 24.07 -6.75 73.70
N GLU H 125 23.69 -5.68 74.40
CA GLU H 125 22.32 -5.56 74.90
C GLU H 125 21.34 -5.22 73.79
N ASP H 126 21.79 -4.54 72.75
CA ASP H 126 20.95 -4.17 71.61
C ASP H 126 21.24 -5.01 70.38
N MET H 127 21.69 -6.25 70.57
CA MET H 127 22.02 -7.14 69.47
C MET H 127 21.19 -8.42 69.46
N ASP H 128 21.01 -9.08 70.59
CA ASP H 128 20.29 -10.33 70.70
C ASP H 128 18.83 -10.07 71.04
N GLY H 129 17.96 -10.95 70.55
CA GLY H 129 16.55 -10.89 70.84
C GLY H 129 15.61 -10.82 69.66
N GLY H 130 16.09 -11.12 68.45
CA GLY H 130 15.21 -11.10 67.29
C GLY H 130 14.27 -12.27 67.26
N THR H 131 13.27 -12.18 66.37
CA THR H 131 12.28 -13.25 66.21
C THR H 131 12.09 -13.70 64.77
N PHE H 132 12.60 -12.96 63.78
CA PHE H 132 12.44 -13.33 62.39
C PHE H 132 13.54 -12.64 61.58
N THR H 133 14.57 -13.39 61.22
CA THR H 133 15.70 -12.82 60.49
C THR H 133 15.34 -12.58 59.03
N ILE H 134 15.87 -11.50 58.46
CA ILE H 134 15.75 -11.20 57.05
C ILE H 134 17.18 -11.06 56.50
N SER H 135 17.56 -11.96 55.60
CA SER H 135 18.90 -11.96 55.02
C SER H 135 18.82 -11.46 53.59
N ASN H 136 19.51 -10.37 53.30
CA ASN H 136 19.51 -9.76 51.98
C ASN H 136 20.80 -10.19 51.27
N GLY H 137 20.75 -11.37 50.64
CA GLY H 137 21.86 -11.87 49.86
C GLY H 137 21.89 -11.37 48.44
N GLY H 138 20.96 -10.50 48.05
CA GLY H 138 20.90 -10.00 46.69
C GLY H 138 21.80 -8.83 46.39
N VAL H 139 22.48 -8.29 47.39
CA VAL H 139 23.41 -7.19 47.15
C VAL H 139 24.55 -7.65 46.25
N PHE H 140 25.05 -8.86 46.48
CA PHE H 140 26.09 -9.44 45.61
C PHE H 140 25.48 -10.32 44.52
N GLY H 141 24.43 -9.82 43.87
CA GLY H 141 23.81 -10.46 42.71
C GLY H 141 23.60 -11.95 42.77
N SER H 142 22.74 -12.43 43.67
CA SER H 142 22.43 -13.85 43.80
C SER H 142 21.07 -14.13 43.20
N LEU H 143 20.95 -15.24 42.48
CA LEU H 143 19.67 -15.60 41.87
C LEU H 143 18.69 -16.08 42.93
N PHE H 144 19.01 -17.19 43.60
CA PHE H 144 18.27 -17.65 44.77
C PHE H 144 19.14 -18.67 45.49
N GLY H 145 18.72 -19.03 46.70
CA GLY H 145 19.49 -19.95 47.51
C GLY H 145 18.83 -20.15 48.86
N THR H 146 19.50 -20.95 49.68
CA THR H 146 18.97 -21.34 50.98
C THR H 146 19.68 -20.60 52.09
N PRO H 147 19.00 -19.75 52.85
CA PRO H 147 19.63 -19.10 54.00
C PRO H 147 19.63 -19.99 55.23
N ILE H 148 20.41 -19.57 56.22
CA ILE H 148 20.57 -20.31 57.47
C ILE H 148 19.79 -19.59 58.57
N ILE H 149 19.36 -20.36 59.57
CA ILE H 149 18.61 -19.83 60.69
C ILE H 149 19.55 -19.66 61.88
N ASN H 150 19.46 -18.50 62.52
CA ASN H 150 20.24 -18.22 63.72
C ASN H 150 19.38 -18.44 64.95
N PRO H 151 19.89 -19.14 65.97
CA PRO H 151 19.08 -19.37 67.16
C PRO H 151 18.90 -18.09 67.96
N PRO H 152 17.83 -17.99 68.76
CA PRO H 152 16.76 -18.97 68.97
C PRO H 152 15.57 -18.71 68.05
N GLN H 153 15.81 -18.14 66.88
CA GLN H 153 14.74 -17.79 65.96
C GLN H 153 14.22 -19.03 65.24
N SER H 154 13.05 -18.89 64.63
CA SER H 154 12.36 -20.04 64.04
C SER H 154 12.39 -20.05 62.52
N ALA H 155 12.42 -18.90 61.85
CA ALA H 155 12.39 -18.86 60.41
C ALA H 155 13.13 -17.62 59.92
N ILE H 156 13.56 -17.67 58.66
CA ILE H 156 14.29 -16.57 58.04
C ILE H 156 13.81 -16.41 56.61
N LEU H 157 13.63 -15.16 56.18
CA LEU H 157 13.26 -14.86 54.80
C LEU H 157 14.49 -14.50 53.99
N GLY H 158 14.69 -15.21 52.88
CA GLY H 158 15.86 -14.98 52.05
C GLY H 158 15.60 -14.08 50.86
N MET H 159 16.00 -12.82 50.96
CA MET H 159 15.92 -11.89 49.86
C MET H 159 17.05 -12.13 48.89
N HIS H 160 16.76 -12.03 47.59
CA HIS H 160 17.75 -12.28 46.55
C HIS H 160 17.79 -11.07 45.60
N GLY H 161 18.65 -11.16 44.59
CA GLY H 161 18.85 -10.04 43.70
C GLY H 161 17.69 -9.83 42.75
N ILE H 162 17.51 -8.58 42.35
CA ILE H 162 16.45 -8.21 41.42
C ILE H 162 17.01 -8.29 40.01
N PHE H 163 16.52 -9.24 39.23
CA PHE H 163 16.98 -9.45 37.87
C PHE H 163 15.82 -9.29 36.92
N ASP H 164 16.05 -8.61 35.80
CA ASP H 164 15.00 -8.24 34.88
C ASP H 164 14.67 -9.46 34.01
N ARG H 165 13.70 -10.26 34.44
CA ARG H 165 13.37 -11.54 33.84
C ARG H 165 12.08 -11.46 33.03
N PRO H 166 11.99 -12.15 31.89
CA PRO H 166 10.74 -12.13 31.10
C PRO H 166 9.69 -13.03 31.75
N VAL H 167 8.57 -12.42 32.13
CA VAL H 167 7.47 -13.14 32.76
C VAL H 167 6.20 -12.86 31.97
N ALA H 168 5.35 -13.89 31.87
CA ALA H 168 4.11 -13.80 31.10
C ALA H 168 2.97 -13.45 32.04
N VAL H 169 2.36 -12.28 31.81
CA VAL H 169 1.18 -11.86 32.54
C VAL H 169 0.12 -11.46 31.52
N GLY H 170 -1.13 -11.82 31.80
CA GLY H 170 -2.21 -11.53 30.88
C GLY H 170 -2.15 -12.29 29.57
N GLY H 171 -1.47 -13.43 29.54
CA GLY H 171 -1.32 -14.20 28.32
C GLY H 171 -0.25 -13.70 27.37
N LYS H 172 0.45 -12.63 27.73
CA LYS H 172 1.49 -12.06 26.87
C LYS H 172 2.78 -12.00 27.67
N VAL H 173 3.89 -12.16 26.96
CA VAL H 173 5.21 -12.10 27.58
C VAL H 173 5.61 -10.64 27.74
N GLU H 174 6.17 -10.31 28.91
CA GLU H 174 6.68 -8.99 29.19
C GLU H 174 7.97 -9.12 29.97
N VAL H 175 8.73 -8.04 30.02
CA VAL H 175 10.01 -7.99 30.72
C VAL H 175 9.82 -7.18 32.00
N ARG H 176 9.91 -7.84 33.14
CA ARG H 176 9.62 -7.25 34.43
C ARG H 176 10.75 -7.53 35.40
N PRO H 177 11.00 -6.63 36.35
CA PRO H 177 11.98 -6.89 37.42
C PRO H 177 11.40 -7.83 38.46
N MET H 178 12.04 -8.99 38.62
CA MET H 178 11.58 -10.02 39.53
C MET H 178 12.73 -10.49 40.41
N MET H 179 12.41 -10.80 41.67
CA MET H 179 13.36 -11.45 42.56
C MET H 179 12.72 -12.70 43.14
N TYR H 180 13.58 -13.63 43.56
CA TYR H 180 13.16 -14.85 44.23
C TYR H 180 13.27 -14.66 45.73
N VAL H 181 12.23 -15.05 46.47
CA VAL H 181 12.22 -15.00 47.92
C VAL H 181 12.23 -16.44 48.42
N ALA H 182 12.98 -16.68 49.50
CA ALA H 182 13.12 -18.01 50.09
C ALA H 182 12.72 -17.94 51.55
N LEU H 183 12.07 -19.00 52.03
CA LEU H 183 11.70 -19.13 53.44
C LEU H 183 12.31 -20.41 53.99
N THR H 184 13.27 -20.27 54.89
CA THR H 184 13.86 -21.41 55.58
C THR H 184 13.24 -21.50 56.97
N TYR H 185 12.54 -22.60 57.22
CA TYR H 185 11.78 -22.78 58.45
C TYR H 185 12.06 -24.17 59.00
N ASP H 186 11.95 -24.29 60.32
CA ASP H 186 12.07 -25.60 60.95
C ASP H 186 10.74 -26.33 60.90
N HIS H 187 10.79 -27.61 60.52
CA HIS H 187 9.58 -28.40 60.38
C HIS H 187 9.00 -28.86 61.70
N ARG H 188 9.76 -28.76 62.79
CA ARG H 188 9.24 -29.17 64.10
C ARG H 188 8.14 -28.24 64.61
N LEU H 189 8.01 -27.04 64.03
CA LEU H 189 7.01 -26.08 64.47
C LEU H 189 6.05 -25.67 63.36
N ILE H 190 6.56 -25.35 62.18
CA ILE H 190 5.76 -24.85 61.07
C ILE H 190 5.69 -25.94 60.00
N ASP H 191 4.48 -26.22 59.53
CA ASP H 191 4.30 -27.18 58.45
C ASP H 191 4.41 -26.50 57.10
N GLY H 192 4.33 -27.29 56.03
CA GLY H 192 4.56 -26.75 54.70
C GLY H 192 3.46 -25.80 54.24
N ARG H 193 2.21 -26.11 54.57
CA ARG H 193 1.09 -25.26 54.18
C ARG H 193 1.24 -23.86 54.75
N GLU H 194 1.53 -23.77 56.05
CA GLU H 194 1.64 -22.48 56.71
C GLU H 194 2.81 -21.69 56.17
N ALA H 195 3.94 -22.35 55.92
CA ALA H 195 5.10 -21.67 55.36
C ALA H 195 4.81 -21.14 53.95
N VAL H 196 4.14 -21.94 53.12
CA VAL H 196 3.80 -21.49 51.78
C VAL H 196 2.86 -20.31 51.83
N THR H 197 1.84 -20.36 52.70
CA THR H 197 0.92 -19.24 52.82
C THR H 197 1.62 -18.00 53.35
N PHE H 198 2.57 -18.17 54.28
CA PHE H 198 3.31 -17.04 54.82
C PHE H 198 4.15 -16.36 53.74
N LEU H 199 4.88 -17.16 52.96
CA LEU H 199 5.69 -16.58 51.89
C LEU H 199 4.82 -15.93 50.82
N ARG H 200 3.67 -16.53 50.52
CA ARG H 200 2.74 -15.95 49.57
C ARG H 200 2.17 -14.63 50.08
N LYS H 201 1.90 -14.54 51.39
CA LYS H 201 1.45 -13.28 51.97
C LYS H 201 2.51 -12.21 51.85
N ILE H 202 3.77 -12.57 52.12
CA ILE H 202 4.86 -11.59 51.94
C ILE H 202 4.93 -11.14 50.50
N LYS H 203 4.83 -12.07 49.56
CA LYS H 203 4.91 -11.73 48.14
C LYS H 203 3.77 -10.81 47.73
N ALA H 204 2.55 -11.10 48.20
CA ALA H 204 1.41 -10.27 47.83
C ALA H 204 1.49 -8.89 48.46
N ALA H 205 2.04 -8.79 49.67
CA ALA H 205 2.15 -7.49 50.32
C ALA H 205 3.24 -6.64 49.69
N VAL H 206 4.37 -7.26 49.32
CA VAL H 206 5.45 -6.52 48.67
C VAL H 206 5.03 -6.10 47.26
N GLU H 207 4.42 -7.02 46.51
CA GLU H 207 4.06 -6.74 45.13
C GLU H 207 3.00 -5.65 45.03
N ASP H 208 2.00 -5.67 45.90
CA ASP H 208 1.05 -4.58 45.99
C ASP H 208 1.07 -4.00 47.40
N PRO H 209 1.74 -2.86 47.61
CA PRO H 209 1.90 -2.33 48.97
C PRO H 209 0.60 -1.91 49.65
N ARG H 210 -0.48 -1.72 48.89
CA ARG H 210 -1.75 -1.31 49.49
C ARG H 210 -2.36 -2.39 50.38
N VAL H 211 -1.89 -3.64 50.27
CA VAL H 211 -2.41 -4.70 51.12
C VAL H 211 -2.09 -4.43 52.59
N LEU H 212 -0.90 -3.87 52.85
CA LEU H 212 -0.51 -3.59 54.23
C LEU H 212 -1.50 -2.64 54.90
N LEU H 213 -1.85 -1.55 54.23
CA LEU H 213 -2.78 -0.59 54.83
C LEU H 213 -4.22 -1.05 54.67
N LEU H 214 -4.46 -2.04 53.81
CA LEU H 214 -5.79 -2.62 53.68
C LEU H 214 -6.01 -3.84 54.56
N ASP H 215 -5.03 -4.19 55.39
CA ASP H 215 -5.15 -5.22 56.43
C ASP H 215 -5.87 -6.47 55.91
N LEU H 216 -5.23 -7.14 54.97
CA LEU H 216 -5.79 -8.37 54.42
C LEU H 216 -5.35 -9.59 55.21
N GLU I 3 75.49 2.34 -4.33
CA GLU I 3 74.08 2.48 -4.66
C GLU I 3 73.31 3.18 -3.54
N ALA I 4 72.06 3.52 -3.82
CA ALA I 4 71.22 4.13 -2.78
C ALA I 4 70.94 3.14 -1.66
N GLN I 5 70.67 1.87 -2.00
CA GLN I 5 70.45 0.86 -0.96
C GLN I 5 71.74 0.43 -0.30
N ASN I 6 72.84 0.39 -1.06
CA ASN I 6 74.11 -0.09 -0.50
C ASN I 6 74.69 0.92 0.48
N THR I 7 74.62 2.21 0.17
CA THR I 7 75.21 3.24 1.03
C THR I 7 74.18 3.78 2.02
N CYS I 8 73.08 4.32 1.52
CA CYS I 8 72.00 4.79 2.37
C CYS I 8 71.10 3.64 2.78
N ALA I 9 70.26 3.88 3.78
CA ALA I 9 69.36 2.86 4.31
C ALA I 9 67.93 3.17 3.88
N MET I 10 67.37 2.29 3.05
CA MET I 10 66.02 2.51 2.53
C MET I 10 64.98 2.24 3.61
N LEU I 11 63.89 3.00 3.57
CA LEU I 11 62.77 2.78 4.46
C LEU I 11 61.55 3.42 3.83
N THR I 12 60.41 2.71 3.84
CA THR I 12 59.23 3.15 3.10
C THR I 12 57.99 3.09 3.99
N THR I 13 57.11 4.09 3.82
CA THR I 13 55.80 4.11 4.45
C THR I 13 54.77 4.53 3.41
N PHE I 14 53.52 4.13 3.63
CA PHE I 14 52.44 4.34 2.67
C PHE I 14 51.27 5.03 3.35
N ASN I 15 50.43 5.70 2.56
CA ASN I 15 49.23 6.34 3.09
C ASN I 15 48.22 6.51 1.96
N GLU I 16 47.03 6.96 2.34
CA GLU I 16 45.89 7.00 1.45
C GLU I 16 45.34 8.43 1.39
N VAL I 17 45.04 8.88 0.17
CA VAL I 17 44.68 10.26 -0.11
C VAL I 17 43.36 10.29 -0.86
N ASP I 18 42.40 11.06 -0.34
CA ASP I 18 41.11 11.23 -0.99
C ASP I 18 41.17 12.41 -1.95
N MET I 19 41.01 12.14 -3.23
CA MET I 19 41.18 13.14 -4.28
C MET I 19 39.86 13.75 -4.74
N SER I 20 38.77 13.52 -4.02
CA SER I 20 37.46 14.01 -4.47
C SER I 20 37.42 15.53 -4.50
N ASN I 21 37.98 16.18 -3.48
CA ASN I 21 38.01 17.64 -3.45
C ASN I 21 38.82 18.22 -4.61
N ILE I 22 39.99 17.63 -4.88
CA ILE I 22 40.83 18.13 -5.97
C ILE I 22 40.14 17.90 -7.31
N GLN I 23 39.51 16.73 -7.50
CA GLN I 23 38.78 16.46 -8.73
C GLN I 23 37.64 17.47 -8.92
N GLU I 24 36.90 17.76 -7.85
CA GLU I 24 35.81 18.72 -7.95
C GLU I 24 36.33 20.12 -8.28
N MET I 25 37.40 20.55 -7.62
CA MET I 25 37.99 21.85 -7.89
C MET I 25 38.47 21.95 -9.32
N ARG I 26 39.13 20.90 -9.81
CA ARG I 26 39.62 20.89 -11.19
C ARG I 26 38.46 20.95 -12.18
N ALA I 27 37.46 20.09 -11.99
CA ALA I 27 36.32 20.07 -12.91
C ALA I 27 35.51 21.35 -12.85
N ARG I 28 35.64 22.10 -11.75
CA ARG I 28 34.89 23.36 -11.64
C ARG I 28 35.66 24.52 -12.26
N HIS I 29 36.98 24.56 -12.14
CA HIS I 29 37.75 25.74 -12.51
C HIS I 29 38.68 25.53 -13.70
N LYS I 30 38.62 24.38 -14.38
CA LYS I 30 39.55 24.15 -15.49
C LYS I 30 39.32 25.14 -16.63
N ASP I 31 38.06 25.47 -16.92
CA ASP I 31 37.78 26.39 -18.02
C ASP I 31 38.37 27.77 -17.75
N ALA I 32 38.15 28.31 -16.55
CA ALA I 32 38.71 29.61 -16.21
C ALA I 32 40.22 29.57 -16.15
N PHE I 33 40.79 28.48 -15.64
CA PHE I 33 42.24 28.37 -15.59
C PHE I 33 42.84 28.40 -16.98
N LEU I 34 42.25 27.66 -17.92
CA LEU I 34 42.74 27.66 -19.29
C LEU I 34 42.50 29.01 -19.96
N LYS I 35 41.40 29.68 -19.61
CA LYS I 35 41.13 31.00 -20.19
C LYS I 35 42.15 32.04 -19.76
N LYS I 36 42.50 32.05 -18.48
CA LYS I 36 43.43 33.07 -18.00
C LYS I 36 44.88 32.69 -18.29
N HIS I 37 45.33 31.56 -17.73
CA HIS I 37 46.75 31.22 -17.78
C HIS I 37 47.13 30.36 -18.95
N ASN I 38 46.18 29.95 -19.79
CA ASN I 38 46.45 29.16 -20.99
C ASN I 38 47.17 27.85 -20.67
N LEU I 39 46.89 27.29 -19.49
CA LEU I 39 47.48 26.04 -19.05
C LEU I 39 46.40 25.03 -18.74
N LYS I 40 46.82 23.80 -18.45
CA LYS I 40 45.93 22.72 -18.09
C LYS I 40 46.08 22.42 -16.60
N LEU I 41 44.95 22.28 -15.91
CA LEU I 41 44.94 22.02 -14.47
C LEU I 41 45.01 20.53 -14.23
N GLY I 42 45.86 20.12 -13.28
CA GLY I 42 46.04 18.71 -12.98
C GLY I 42 46.23 18.39 -11.52
N PHE I 43 46.97 17.32 -11.23
CA PHE I 43 47.25 16.91 -9.86
C PHE I 43 48.63 17.29 -9.38
N MET I 44 49.58 17.48 -10.30
CA MET I 44 50.97 17.72 -9.91
C MET I 44 51.10 18.99 -9.06
N SER I 45 50.32 20.01 -9.38
CA SER I 45 50.41 21.26 -8.63
C SER I 45 50.00 21.05 -7.17
N ALA I 46 48.93 20.30 -6.93
CA ALA I 46 48.46 20.07 -5.57
C ALA I 46 49.50 19.35 -4.73
N PHE I 47 50.07 18.27 -5.28
CA PHE I 47 51.05 17.50 -4.52
C PHE I 47 52.36 18.28 -4.37
N VAL I 48 52.72 19.10 -5.35
CA VAL I 48 53.93 19.91 -5.23
C VAL I 48 53.75 20.95 -4.12
N LYS I 49 52.60 21.61 -4.08
CA LYS I 49 52.33 22.55 -3.00
C LYS I 49 52.29 21.87 -1.64
N ALA I 50 51.64 20.70 -1.56
CA ALA I 50 51.59 19.98 -0.29
C ALA I 50 52.98 19.57 0.17
N SER I 51 53.81 19.09 -0.76
CA SER I 51 55.17 18.73 -0.41
C SER I 51 55.97 19.94 0.05
N ALA I 52 55.82 21.07 -0.62
CA ALA I 52 56.53 22.28 -0.21
C ALA I 52 56.10 22.72 1.18
N PHE I 53 54.80 22.64 1.46
CA PHE I 53 54.28 23.07 2.76
C PHE I 53 54.78 22.16 3.88
N ALA I 54 54.72 20.84 3.64
CA ALA I 54 55.19 19.90 4.66
C ALA I 54 56.69 20.00 4.86
N LEU I 55 57.43 20.33 3.79
CA LEU I 55 58.87 20.55 3.94
C LEU I 55 59.14 21.82 4.73
N GLN I 56 58.31 22.85 4.54
CA GLN I 56 58.45 24.06 5.33
C GLN I 56 58.23 23.77 6.81
N GLU I 57 57.21 22.96 7.13
CA GLU I 57 56.92 22.70 8.53
C GLU I 57 57.96 21.80 9.19
N GLN I 58 58.58 20.89 8.46
CA GLN I 58 59.61 20.00 9.00
C GLN I 58 60.87 20.13 8.16
N PRO I 59 61.78 21.02 8.54
CA PRO I 59 63.06 21.14 7.81
C PRO I 59 63.95 19.92 7.96
N VAL I 60 63.64 19.01 8.88
CA VAL I 60 64.47 17.82 9.06
C VAL I 60 64.52 16.99 7.79
N VAL I 61 63.40 16.87 7.08
CA VAL I 61 63.37 16.09 5.85
C VAL I 61 64.25 16.74 4.78
N ASN I 62 64.46 18.06 4.88
CA ASN I 62 65.34 18.74 3.94
C ASN I 62 66.82 18.55 4.26
N ALA I 63 67.15 18.09 5.46
CA ALA I 63 68.54 17.90 5.82
C ALA I 63 69.14 16.73 5.04
N VAL I 64 70.47 16.73 4.97
CA VAL I 64 71.22 15.69 4.27
C VAL I 64 72.49 15.38 5.06
N ILE I 65 72.92 14.13 5.00
CA ILE I 65 74.13 13.71 5.72
C ILE I 65 75.32 13.78 4.77
N ASP I 66 76.38 14.44 5.22
CA ASP I 66 77.63 14.55 4.48
C ASP I 66 78.58 13.48 5.01
N ASP I 67 78.73 12.39 4.24
CA ASP I 67 79.57 11.28 4.69
C ASP I 67 81.04 11.68 4.81
N ALA I 68 81.47 12.67 4.04
CA ALA I 68 82.86 13.09 4.09
C ALA I 68 83.23 13.65 5.46
N THR I 69 82.34 14.47 6.04
CA THR I 69 82.60 15.12 7.31
C THR I 69 81.70 14.63 8.44
N LYS I 70 80.79 13.69 8.16
CA LYS I 70 79.87 13.15 9.16
C LYS I 70 79.06 14.26 9.83
N GLU I 71 78.62 15.24 9.05
CA GLU I 71 77.85 16.36 9.55
C GLU I 71 76.54 16.49 8.77
N VAL I 72 75.46 16.74 9.51
CA VAL I 72 74.14 16.91 8.93
C VAL I 72 73.94 18.39 8.67
N VAL I 73 73.81 18.76 7.40
CA VAL I 73 73.66 20.16 7.02
C VAL I 73 72.18 20.42 6.73
N TYR I 74 71.76 21.67 6.91
CA TYR I 74 70.40 22.09 6.68
C TYR I 74 70.37 23.10 5.54
N ARG I 75 69.25 23.14 4.81
CA ARG I 75 69.10 24.01 3.66
C ARG I 75 67.85 24.86 3.83
N ASP I 76 67.99 26.17 3.64
CA ASP I 76 66.87 27.08 3.76
C ASP I 76 65.94 26.96 2.56
N TYR I 77 66.51 26.92 1.35
CA TYR I 77 65.72 26.90 0.13
C TYR I 77 65.00 25.56 -0.02
N ILE I 78 63.92 25.58 -0.79
CA ILE I 78 63.13 24.38 -1.08
C ILE I 78 63.07 24.24 -2.59
N ASP I 79 63.68 23.18 -3.12
CA ASP I 79 63.63 22.85 -4.53
C ASP I 79 63.01 21.47 -4.67
N ILE I 80 61.95 21.37 -5.46
CA ILE I 80 61.20 20.13 -5.61
C ILE I 80 61.44 19.59 -7.02
N SER I 81 62.12 18.46 -7.12
CA SER I 81 62.34 17.81 -8.40
C SER I 81 61.11 17.00 -8.78
N VAL I 82 60.67 17.16 -10.02
CA VAL I 82 59.49 16.49 -10.54
C VAL I 82 59.92 15.53 -11.63
N ALA I 83 59.62 14.24 -11.46
CA ALA I 83 60.01 13.24 -12.44
C ALA I 83 59.12 13.34 -13.67
N VAL I 84 59.73 13.44 -14.84
CA VAL I 84 59.03 13.48 -16.12
C VAL I 84 59.55 12.33 -16.97
N ALA I 85 58.64 11.54 -17.52
CA ALA I 85 59.00 10.42 -18.38
C ALA I 85 59.26 10.92 -19.79
N THR I 86 60.38 10.50 -20.37
CA THR I 86 60.77 10.87 -21.71
C THR I 86 61.13 9.61 -22.49
N PRO I 87 61.02 9.65 -23.82
CA PRO I 87 61.44 8.48 -24.61
C PRO I 87 62.89 8.09 -24.40
N ARG I 88 63.78 9.06 -24.19
CA ARG I 88 65.17 8.75 -23.90
C ARG I 88 65.35 8.10 -22.53
N GLY I 89 64.39 8.29 -21.61
CA GLY I 89 64.50 7.72 -20.29
C GLY I 89 63.81 8.56 -19.23
N LEU I 90 64.32 8.50 -18.00
CA LEU I 90 63.74 9.25 -16.89
C LEU I 90 64.55 10.51 -16.66
N VAL I 91 63.89 11.67 -16.76
CA VAL I 91 64.51 12.96 -16.48
C VAL I 91 63.87 13.52 -15.22
N VAL I 92 64.68 14.25 -14.44
CA VAL I 92 64.21 14.79 -13.17
C VAL I 92 64.49 16.28 -13.12
N PRO I 93 63.75 17.11 -13.84
CA PRO I 93 63.93 18.55 -13.72
C PRO I 93 63.56 19.06 -12.34
N VAL I 94 64.23 20.13 -11.92
CA VAL I 94 64.10 20.67 -10.58
C VAL I 94 63.37 22.01 -10.64
N ILE I 95 62.39 22.17 -9.78
CA ILE I 95 61.69 23.44 -9.61
C ILE I 95 62.28 24.17 -8.42
N ARG I 96 62.72 25.41 -8.63
CA ARG I 96 63.44 26.17 -7.61
C ARG I 96 62.48 27.09 -6.86
N ASN I 97 62.69 27.18 -5.54
CA ASN I 97 61.96 28.10 -4.67
C ASN I 97 60.45 27.90 -4.79
N VAL I 98 60.01 26.69 -4.46
CA VAL I 98 58.58 26.39 -4.54
C VAL I 98 57.82 26.99 -3.36
N GLU I 99 58.51 27.41 -2.30
CA GLU I 99 57.82 27.94 -1.13
C GLU I 99 57.06 29.23 -1.44
N THR I 100 57.51 30.00 -2.42
CA THR I 100 56.85 31.24 -2.82
C THR I 100 56.11 31.09 -4.15
N MET I 101 55.55 29.90 -4.39
CA MET I 101 54.91 29.58 -5.65
C MET I 101 53.54 28.97 -5.37
N ASN I 102 52.56 29.30 -6.21
CA ASN I 102 51.21 28.80 -6.04
C ASN I 102 50.82 27.90 -7.22
N TYR I 103 49.56 27.48 -7.24
CA TYR I 103 49.11 26.45 -8.19
C TYR I 103 49.33 26.89 -9.64
N ALA I 104 49.10 28.16 -9.95
CA ALA I 104 49.25 28.63 -11.32
C ALA I 104 50.71 28.63 -11.76
N ASP I 105 51.59 29.20 -10.93
CA ASP I 105 53.00 29.26 -11.31
C ASP I 105 53.66 27.89 -11.28
N ILE I 106 53.17 26.99 -10.42
CA ILE I 106 53.68 25.61 -10.42
C ILE I 106 53.33 24.93 -11.74
N GLU I 107 52.10 25.11 -12.21
CA GLU I 107 51.73 24.58 -13.52
C GLU I 107 52.56 25.22 -14.62
N ARG I 108 52.82 26.53 -14.51
CA ARG I 108 53.67 27.21 -15.48
C ARG I 108 55.05 26.57 -15.55
N THR I 109 55.70 26.41 -14.39
CA THR I 109 57.05 25.87 -14.36
C THR I 109 57.08 24.41 -14.82
N ILE I 110 56.06 23.63 -14.43
CA ILE I 110 56.02 22.24 -14.88
C ILE I 110 55.88 22.17 -16.40
N ASN I 111 55.03 23.03 -16.97
CA ASN I 111 54.90 23.06 -18.42
C ASN I 111 56.20 23.47 -19.09
N GLU I 112 56.88 24.49 -18.55
CA GLU I 112 58.14 24.93 -19.15
C GLU I 112 59.18 23.81 -19.10
N LEU I 113 59.30 23.14 -17.96
CA LEU I 113 60.28 22.06 -17.84
C LEU I 113 59.93 20.88 -18.75
N GLY I 114 58.65 20.56 -18.87
CA GLY I 114 58.25 19.51 -19.79
C GLY I 114 58.54 19.84 -21.24
N GLU I 115 58.27 21.08 -21.63
CA GLU I 115 58.60 21.52 -22.99
C GLU I 115 60.10 21.48 -23.23
N LYS I 116 60.88 21.94 -22.27
CA LYS I 116 62.34 21.92 -22.40
C LYS I 116 62.88 20.50 -22.45
N ALA I 117 62.24 19.56 -21.73
CA ALA I 117 62.68 18.17 -21.78
C ALA I 117 62.25 17.50 -23.08
N ARG I 118 61.16 17.97 -23.70
CA ARG I 118 60.75 17.40 -24.98
C ARG I 118 61.77 17.69 -26.06
N LYS I 119 62.36 18.89 -26.06
CA LYS I 119 63.38 19.26 -27.03
C LYS I 119 64.78 18.84 -26.60
N ASN I 120 64.91 18.21 -25.43
CA ASN I 120 66.20 17.74 -24.92
C ASN I 120 67.20 18.89 -24.76
N GLU I 121 66.69 20.06 -24.40
CA GLU I 121 67.52 21.24 -24.17
C GLU I 121 67.56 21.62 -22.69
N LEU I 122 67.38 20.64 -21.80
CA LEU I 122 67.54 20.88 -20.38
C LEU I 122 68.99 21.23 -20.08
N ALA I 123 69.19 22.27 -19.28
CA ALA I 123 70.53 22.72 -18.97
C ALA I 123 71.26 21.72 -18.08
N ILE I 124 72.59 21.82 -18.06
CA ILE I 124 73.40 20.94 -17.23
C ILE I 124 73.07 21.15 -15.75
N GLU I 125 72.97 22.41 -15.34
CA GLU I 125 72.68 22.73 -13.95
C GLU I 125 71.18 22.76 -13.64
N ASP I 126 70.32 22.58 -14.64
CA ASP I 126 68.88 22.61 -14.41
C ASP I 126 68.31 21.25 -14.01
N MET I 127 69.14 20.22 -13.92
CA MET I 127 68.67 18.89 -13.55
C MET I 127 69.36 18.35 -12.29
N ASP I 128 70.07 19.20 -11.57
CA ASP I 128 70.74 18.79 -10.34
C ASP I 128 70.66 19.90 -9.32
N GLY I 129 70.85 19.54 -8.05
CA GLY I 129 70.78 20.51 -6.97
C GLY I 129 69.42 20.54 -6.32
N GLY I 130 68.69 19.43 -6.39
CA GLY I 130 67.38 19.36 -5.77
C GLY I 130 67.45 19.03 -4.28
N THR I 131 66.33 19.22 -3.60
CA THR I 131 66.19 18.93 -2.18
C THR I 131 65.21 17.81 -1.91
N PHE I 132 64.05 17.84 -2.55
CA PHE I 132 63.03 16.81 -2.43
C PHE I 132 62.51 16.48 -3.81
N THR I 133 62.14 15.23 -4.03
CA THR I 133 61.75 14.78 -5.35
C THR I 133 60.37 14.13 -5.31
N ILE I 134 59.65 14.25 -6.42
CA ILE I 134 58.33 13.66 -6.58
C ILE I 134 58.35 12.80 -7.83
N SER I 135 58.04 11.52 -7.69
CA SER I 135 57.97 10.59 -8.81
C SER I 135 56.51 10.25 -9.07
N ASN I 136 56.02 10.58 -10.26
CA ASN I 136 54.63 10.35 -10.62
C ASN I 136 54.57 9.08 -11.47
N GLY I 137 54.53 7.93 -10.80
CA GLY I 137 54.33 6.67 -11.48
C GLY I 137 52.88 6.30 -11.68
N GLY I 138 51.96 7.18 -11.27
CA GLY I 138 50.55 6.85 -11.36
C GLY I 138 49.96 7.00 -12.75
N VAL I 139 50.55 7.86 -13.58
CA VAL I 139 50.08 8.02 -14.95
C VAL I 139 50.22 6.74 -15.75
N PHE I 140 51.00 5.78 -15.27
CA PHE I 140 51.07 4.44 -15.85
C PHE I 140 50.03 3.49 -15.29
N GLY I 141 49.36 3.85 -14.20
CA GLY I 141 48.31 3.04 -13.64
C GLY I 141 48.70 2.12 -12.50
N SER I 142 49.78 2.41 -11.78
CA SER I 142 50.19 1.55 -10.68
C SER I 142 49.28 1.76 -9.47
N LEU I 143 49.16 0.70 -8.67
CA LEU I 143 48.40 0.78 -7.43
C LEU I 143 49.22 1.47 -6.33
N PHE I 144 50.32 0.84 -5.93
CA PHE I 144 51.26 1.42 -4.98
C PHE I 144 52.56 0.64 -5.05
N GLY I 145 53.66 1.33 -4.76
CA GLY I 145 54.98 0.71 -4.81
C GLY I 145 55.97 1.57 -4.07
N THR I 146 57.19 1.06 -3.99
CA THR I 146 58.26 1.73 -3.23
C THR I 146 59.20 2.45 -4.19
N PRO I 147 59.20 3.78 -4.21
CA PRO I 147 60.17 4.50 -5.04
C PRO I 147 61.55 4.52 -4.41
N ILE I 148 62.55 4.84 -5.23
CA ILE I 148 63.94 4.86 -4.79
C ILE I 148 64.44 6.29 -4.77
N ILE I 149 65.12 6.65 -3.68
CA ILE I 149 65.68 7.98 -3.52
C ILE I 149 66.84 8.18 -4.49
N ASN I 150 66.99 9.40 -4.99
CA ASN I 150 68.12 9.77 -5.81
C ASN I 150 69.12 10.58 -4.99
N PRO I 151 70.33 10.07 -4.75
CA PRO I 151 71.26 10.81 -3.92
C PRO I 151 71.67 12.10 -4.59
N PRO I 152 72.14 13.10 -3.82
CA PRO I 152 72.35 13.08 -2.37
C PRO I 152 71.13 13.53 -1.58
N GLN I 153 69.93 13.34 -2.12
CA GLN I 153 68.72 13.78 -1.45
C GLN I 153 68.37 12.85 -0.30
N SER I 154 67.31 13.19 0.43
CA SER I 154 66.95 12.48 1.64
C SER I 154 65.67 11.67 1.54
N ALA I 155 64.65 12.17 0.84
CA ALA I 155 63.38 11.47 0.76
C ALA I 155 62.75 11.70 -0.61
N ILE I 156 61.91 10.75 -1.02
CA ILE I 156 61.17 10.84 -2.27
C ILE I 156 59.72 10.47 -2.01
N LEU I 157 58.80 11.24 -2.58
CA LEU I 157 57.37 10.95 -2.49
C LEU I 157 56.94 10.20 -3.74
N GLY I 158 56.40 9.01 -3.56
CA GLY I 158 55.89 8.25 -4.66
C GLY I 158 54.40 8.46 -4.82
N MET I 159 53.98 8.93 -5.99
CA MET I 159 52.58 9.21 -6.26
C MET I 159 52.07 8.23 -7.29
N HIS I 160 51.02 7.49 -6.93
CA HIS I 160 50.54 6.35 -7.71
C HIS I 160 49.19 6.68 -8.36
N GLY I 161 48.61 5.68 -9.00
CA GLY I 161 47.38 5.90 -9.74
C GLY I 161 46.18 6.14 -8.86
N ILE I 162 45.18 6.78 -9.44
CA ILE I 162 43.96 7.16 -8.74
C ILE I 162 42.81 6.33 -9.29
N PHE I 163 42.13 5.61 -8.41
CA PHE I 163 41.07 4.67 -8.78
C PHE I 163 39.84 4.92 -7.92
N ASP I 164 38.72 4.37 -8.36
CA ASP I 164 37.46 4.47 -7.63
C ASP I 164 37.34 3.30 -6.67
N ARG I 165 37.51 3.56 -5.38
CA ARG I 165 37.44 2.52 -4.38
C ARG I 165 36.34 2.83 -3.37
N PRO I 166 35.70 1.80 -2.80
CA PRO I 166 34.70 2.06 -1.75
C PRO I 166 35.39 2.41 -0.44
N VAL I 167 34.92 3.49 0.18
CA VAL I 167 35.46 3.95 1.45
C VAL I 167 34.31 4.10 2.43
N ALA I 168 34.63 4.04 3.72
CA ALA I 168 33.66 4.20 4.79
C ALA I 168 33.83 5.58 5.40
N VAL I 169 32.86 6.46 5.16
CA VAL I 169 32.86 7.81 5.71
C VAL I 169 31.62 7.97 6.57
N GLY I 170 31.82 8.36 7.82
CA GLY I 170 30.71 8.48 8.75
C GLY I 170 29.99 7.18 9.04
N GLY I 171 30.69 6.06 8.93
CA GLY I 171 30.09 4.76 9.16
C GLY I 171 29.30 4.20 7.99
N LYS I 172 29.24 4.91 6.88
CA LYS I 172 28.50 4.48 5.70
C LYS I 172 29.46 4.26 4.55
N VAL I 173 29.16 3.27 3.71
CA VAL I 173 30.03 2.90 2.60
C VAL I 173 29.75 3.81 1.42
N GLU I 174 30.80 4.39 0.86
CA GLU I 174 30.69 5.28 -0.28
C GLU I 174 31.84 5.01 -1.25
N VAL I 175 31.61 5.35 -2.52
CA VAL I 175 32.61 5.18 -3.57
C VAL I 175 33.21 6.54 -3.87
N ARG I 176 34.54 6.65 -3.81
CA ARG I 176 35.21 7.92 -4.00
C ARG I 176 36.51 7.69 -4.76
N PRO I 177 36.96 8.64 -5.54
CA PRO I 177 38.22 8.45 -6.26
C PRO I 177 39.42 8.55 -5.32
N MET I 178 40.01 7.40 -5.00
CA MET I 178 41.04 7.32 -3.99
C MET I 178 42.40 7.05 -4.64
N MET I 179 43.46 7.33 -3.89
CA MET I 179 44.83 7.29 -4.38
C MET I 179 45.76 6.83 -3.27
N TYR I 180 46.82 6.12 -3.65
CA TYR I 180 47.81 5.62 -2.71
C TYR I 180 49.13 6.38 -2.86
N VAL I 181 49.68 6.85 -1.74
CA VAL I 181 50.94 7.59 -1.75
C VAL I 181 51.95 6.83 -0.90
N ALA I 182 53.22 7.04 -1.22
CA ALA I 182 54.34 6.41 -0.55
C ALA I 182 55.38 7.46 -0.19
N LEU I 183 56.30 7.08 0.70
CA LEU I 183 57.40 7.96 1.09
C LEU I 183 58.60 7.10 1.45
N THR I 184 59.63 7.14 0.62
CA THR I 184 60.90 6.49 0.91
C THR I 184 61.83 7.49 1.59
N TYR I 185 62.49 7.05 2.65
CA TYR I 185 63.33 7.93 3.44
C TYR I 185 64.46 7.13 4.04
N ASP I 186 65.47 7.84 4.54
CA ASP I 186 66.64 7.23 5.15
C ASP I 186 66.48 7.39 6.66
N HIS I 187 66.57 6.28 7.39
CA HIS I 187 66.31 6.33 8.82
C HIS I 187 67.49 6.81 9.65
N ARG I 188 68.68 6.96 9.04
CA ARG I 188 69.80 7.51 9.78
C ARG I 188 69.55 8.97 10.15
N LEU I 189 68.67 9.66 9.44
CA LEU I 189 68.34 11.05 9.72
C LEU I 189 66.87 11.24 10.05
N ILE I 190 65.98 10.61 9.30
CA ILE I 190 64.54 10.76 9.49
C ILE I 190 64.01 9.51 10.18
N ASP I 191 63.51 9.67 11.40
CA ASP I 191 62.90 8.56 12.10
C ASP I 191 61.47 8.34 11.61
N GLY I 192 60.90 7.19 11.99
CA GLY I 192 59.60 6.81 11.45
C GLY I 192 58.50 7.78 11.80
N ARG I 193 58.55 8.34 13.01
CA ARG I 193 57.52 9.29 13.43
C ARG I 193 57.49 10.51 12.52
N GLU I 194 58.67 11.06 12.21
CA GLU I 194 58.73 12.25 11.37
C GLU I 194 58.22 11.97 9.96
N ALA I 195 58.59 10.83 9.38
CA ALA I 195 58.15 10.50 8.04
C ALA I 195 56.63 10.27 8.00
N VAL I 196 56.09 9.59 9.01
CA VAL I 196 54.65 9.37 9.06
C VAL I 196 53.91 10.71 9.18
N THR I 197 54.41 11.60 10.04
CA THR I 197 53.78 12.91 10.18
C THR I 197 53.88 13.71 8.88
N PHE I 198 55.01 13.61 8.19
CA PHE I 198 55.20 14.31 6.92
C PHE I 198 54.21 13.84 5.87
N LEU I 199 54.06 12.52 5.73
CA LEU I 199 53.13 11.98 4.75
C LEU I 199 51.69 12.33 5.11
N ARG I 200 51.35 12.27 6.40
CA ARG I 200 50.02 12.65 6.83
C ARG I 200 49.75 14.13 6.54
N LYS I 201 50.75 14.98 6.74
CA LYS I 201 50.58 16.40 6.49
C LYS I 201 50.35 16.65 5.00
N ILE I 202 51.10 15.96 4.13
CA ILE I 202 50.89 16.09 2.70
C ILE I 202 49.50 15.63 2.31
N LYS I 203 49.06 14.50 2.85
CA LYS I 203 47.74 13.98 2.53
C LYS I 203 46.64 14.94 2.98
N ALA I 204 46.79 15.52 4.16
CA ALA I 204 45.81 16.49 4.65
C ALA I 204 45.79 17.74 3.79
N ALA I 205 46.97 18.19 3.35
CA ALA I 205 47.02 19.38 2.49
C ALA I 205 46.35 19.12 1.14
N VAL I 206 46.56 17.95 0.55
CA VAL I 206 45.94 17.65 -0.74
C VAL I 206 44.45 17.44 -0.59
N GLU I 207 44.01 16.76 0.47
CA GLU I 207 42.59 16.51 0.67
C GLU I 207 41.82 17.82 0.87
N ASP I 208 42.39 18.75 1.63
CA ASP I 208 41.80 20.06 1.85
C ASP I 208 42.84 21.13 1.51
N PRO I 209 42.77 21.73 0.32
CA PRO I 209 43.76 22.74 -0.05
C PRO I 209 43.77 23.97 0.84
N ARG I 210 42.69 24.23 1.59
CA ARG I 210 42.66 25.40 2.47
C ARG I 210 43.62 25.27 3.64
N VAL I 211 44.16 24.08 3.89
CA VAL I 211 45.19 23.92 4.91
C VAL I 211 46.41 24.76 4.57
N LEU I 212 46.73 24.84 3.27
CA LEU I 212 47.83 25.71 2.85
C LEU I 212 47.51 27.17 3.16
N LEU I 213 46.27 27.58 2.98
CA LEU I 213 45.89 28.97 3.25
C LEU I 213 45.93 29.26 4.74
N LEU I 214 45.57 28.29 5.58
CA LEU I 214 45.50 28.49 7.02
C LEU I 214 46.83 28.28 7.73
N ASP I 215 47.88 27.89 7.01
CA ASP I 215 49.18 27.56 7.62
C ASP I 215 49.02 26.50 8.71
N LEU I 216 48.15 25.53 8.46
CA LEU I 216 47.83 24.52 9.45
C LEU I 216 48.86 23.42 9.48
N ALA J 9 -22.58 40.23 51.58
CA ALA J 9 -21.64 41.23 51.06
C ALA J 9 -20.73 40.61 50.00
N MET J 10 -19.82 39.75 50.44
CA MET J 10 -18.90 39.10 49.53
C MET J 10 -19.65 38.22 48.53
N LEU J 11 -19.20 38.25 47.28
CA LEU J 11 -19.81 37.49 46.20
C LEU J 11 -18.77 37.32 45.10
N THR J 12 -18.72 36.13 44.49
CA THR J 12 -17.62 35.77 43.60
C THR J 12 -18.13 35.22 42.28
N THR J 13 -17.36 35.46 41.21
CA THR J 13 -17.62 34.90 39.89
C THR J 13 -16.30 34.47 39.26
N PHE J 14 -16.34 33.35 38.54
CA PHE J 14 -15.14 32.70 38.04
C PHE J 14 -15.08 32.75 36.53
N ASN J 15 -13.88 32.51 36.00
CA ASN J 15 -13.62 32.46 34.57
C ASN J 15 -12.27 31.75 34.39
N GLU J 16 -11.87 31.56 33.13
CA GLU J 16 -10.62 30.90 32.83
C GLU J 16 -9.82 31.72 31.82
N VAL J 17 -8.50 31.68 31.97
CA VAL J 17 -7.59 32.43 31.12
C VAL J 17 -6.61 31.47 30.46
N ASP J 18 -6.48 31.58 29.14
CA ASP J 18 -5.49 30.80 28.40
C ASP J 18 -4.14 31.50 28.50
N MET J 19 -3.24 30.92 29.28
CA MET J 19 -1.94 31.54 29.53
C MET J 19 -0.89 31.03 28.54
N SER J 20 -1.14 31.20 27.26
CA SER J 20 -0.23 30.75 26.21
C SER J 20 0.72 31.85 25.74
N ASN J 21 0.23 33.08 25.60
CA ASN J 21 1.10 34.17 25.18
C ASN J 21 2.10 34.54 26.25
N ILE J 22 1.69 34.52 27.52
CA ILE J 22 2.60 34.91 28.59
C ILE J 22 3.73 33.89 28.73
N GLN J 23 3.42 32.61 28.62
CA GLN J 23 4.47 31.61 28.67
C GLN J 23 5.41 31.73 27.49
N GLU J 24 4.88 32.07 26.31
CA GLU J 24 5.74 32.29 25.16
C GLU J 24 6.66 33.49 25.38
N MET J 25 6.12 34.58 25.94
CA MET J 25 6.96 35.74 26.26
C MET J 25 8.06 35.36 27.24
N ARG J 26 7.70 34.67 28.33
CA ARG J 26 8.70 34.27 29.30
C ARG J 26 9.72 33.32 28.70
N ALA J 27 9.35 32.53 27.70
CA ALA J 27 10.30 31.69 27.00
C ALA J 27 11.23 32.45 26.09
N ARG J 28 10.74 33.49 25.41
CA ARG J 28 11.53 34.23 24.42
C ARG J 28 12.19 35.48 24.98
N HIS J 29 11.93 35.85 26.24
CA HIS J 29 12.45 37.10 26.77
C HIS J 29 12.96 36.97 28.19
N LYS J 30 13.27 35.76 28.67
CA LYS J 30 13.81 35.63 30.01
C LYS J 30 15.27 36.07 30.08
N ASP J 31 16.07 35.70 29.08
CA ASP J 31 17.49 36.07 29.11
C ASP J 31 17.69 37.55 28.82
N ALA J 32 16.86 38.12 27.95
CA ALA J 32 16.93 39.56 27.70
C ALA J 32 16.65 40.35 28.97
N PHE J 33 15.62 39.96 29.73
CA PHE J 33 15.38 40.57 31.02
C PHE J 33 16.54 40.34 31.97
N LEU J 34 17.08 39.12 32.01
CA LEU J 34 18.14 38.84 32.98
C LEU J 34 19.37 39.69 32.70
N LYS J 35 19.68 39.94 31.43
CA LYS J 35 20.88 40.67 31.06
C LYS J 35 20.63 42.15 30.79
N LYS J 36 19.39 42.63 30.91
CA LYS J 36 19.15 44.06 30.80
C LYS J 36 18.59 44.70 32.06
N HIS J 37 17.95 43.94 32.94
CA HIS J 37 17.33 44.48 34.14
C HIS J 37 17.79 43.80 35.41
N ASN J 38 18.51 42.67 35.31
CA ASN J 38 18.96 41.91 36.48
C ASN J 38 17.79 41.51 37.37
N LEU J 39 16.70 41.07 36.74
CA LEU J 39 15.54 40.55 37.45
C LEU J 39 14.91 39.45 36.62
N LYS J 40 14.09 38.63 37.27
CA LYS J 40 13.51 37.44 36.67
C LYS J 40 12.11 37.74 36.19
N LEU J 41 11.82 37.38 34.94
CA LEU J 41 10.49 37.62 34.38
C LEU J 41 9.48 36.63 34.94
N GLY J 42 8.25 37.11 35.14
CA GLY J 42 7.18 36.27 35.64
C GLY J 42 5.85 36.72 35.09
N PHE J 43 4.82 35.92 35.36
CA PHE J 43 3.48 36.23 34.89
C PHE J 43 2.69 37.09 35.87
N MET J 44 3.31 37.54 36.95
CA MET J 44 2.66 38.48 37.86
C MET J 44 2.38 39.81 37.17
N SER J 45 3.35 40.31 36.40
CA SER J 45 3.22 41.64 35.81
C SER J 45 2.09 41.69 34.80
N ALA J 46 1.88 40.60 34.06
CA ALA J 46 0.80 40.56 33.10
C ALA J 46 -0.55 40.77 33.78
N PHE J 47 -0.77 40.08 34.90
CA PHE J 47 -2.04 40.24 35.62
C PHE J 47 -2.14 41.59 36.32
N VAL J 48 -1.04 42.12 36.85
CA VAL J 48 -1.09 43.43 37.47
C VAL J 48 -1.48 44.50 36.44
N LYS J 49 -0.87 44.42 35.26
CA LYS J 49 -1.18 45.41 34.22
C LYS J 49 -2.57 45.21 33.66
N ALA J 50 -3.02 43.95 33.52
CA ALA J 50 -4.38 43.71 33.08
C ALA J 50 -5.40 44.26 34.08
N SER J 51 -5.13 44.06 35.37
CA SER J 51 -6.00 44.61 36.39
C SER J 51 -6.01 46.13 36.35
N ALA J 52 -4.84 46.74 36.11
CA ALA J 52 -4.80 48.19 35.98
C ALA J 52 -5.63 48.67 34.80
N PHE J 53 -5.52 47.99 33.67
CA PHE J 53 -6.30 48.36 32.49
C PHE J 53 -7.79 48.23 32.76
N ALA J 54 -8.20 47.15 33.43
CA ALA J 54 -9.61 46.97 33.75
C ALA J 54 -10.11 48.01 34.74
N LEU J 55 -9.29 48.36 35.74
CA LEU J 55 -9.68 49.42 36.67
C LEU J 55 -9.83 50.76 35.95
N GLN J 56 -8.92 51.06 35.03
CA GLN J 56 -9.04 52.29 34.26
C GLN J 56 -10.29 52.27 33.40
N GLU J 57 -10.67 51.09 32.90
CA GLU J 57 -11.87 50.99 32.07
C GLU J 57 -13.13 51.17 32.90
N GLN J 58 -13.19 50.55 34.08
CA GLN J 58 -14.35 50.61 34.96
C GLN J 58 -13.96 51.24 36.28
N PRO J 59 -14.19 52.54 36.47
CA PRO J 59 -13.85 53.16 37.76
C PRO J 59 -14.73 52.70 38.91
N VAL J 60 -15.84 52.02 38.62
CA VAL J 60 -16.74 51.57 39.68
C VAL J 60 -16.03 50.58 40.60
N VAL J 61 -15.29 49.64 40.03
CA VAL J 61 -14.55 48.66 40.83
C VAL J 61 -13.44 49.30 41.64
N ASN J 62 -13.02 50.51 41.28
CA ASN J 62 -11.99 51.23 42.01
C ASN J 62 -12.56 52.09 43.14
N ALA J 63 -13.87 52.03 43.38
CA ALA J 63 -14.52 52.87 44.39
C ALA J 63 -14.56 52.15 45.74
N VAL J 64 -15.17 52.81 46.72
CA VAL J 64 -15.23 52.28 48.09
C VAL J 64 -16.43 52.91 48.79
N ILE J 65 -17.12 52.09 49.58
CA ILE J 65 -18.20 52.58 50.44
C ILE J 65 -17.60 52.93 51.79
N ASP J 66 -17.81 54.17 52.24
CA ASP J 66 -17.30 54.61 53.53
C ASP J 66 -18.39 54.43 54.58
N ASP J 67 -18.16 53.50 55.51
CA ASP J 67 -19.13 53.25 56.57
C ASP J 67 -19.20 54.37 57.59
N ALA J 68 -18.25 55.32 57.56
CA ALA J 68 -18.30 56.43 58.50
C ALA J 68 -19.46 57.36 58.21
N THR J 69 -19.73 57.64 56.93
CA THR J 69 -20.78 58.60 56.58
C THR J 69 -21.61 58.15 55.38
N LYS J 70 -21.52 56.88 54.98
CA LYS J 70 -22.34 56.30 53.91
C LYS J 70 -22.16 57.09 52.60
N GLU J 71 -20.93 57.06 52.10
CA GLU J 71 -20.58 57.76 50.87
C GLU J 71 -19.83 56.81 49.94
N VAL J 72 -19.93 57.10 48.65
CA VAL J 72 -19.24 56.35 47.61
C VAL J 72 -18.03 57.18 47.21
N VAL J 73 -16.85 56.78 47.67
CA VAL J 73 -15.63 57.55 47.44
C VAL J 73 -14.92 56.99 46.22
N TYR J 74 -14.66 57.85 45.23
CA TYR J 74 -13.89 57.47 44.06
C TYR J 74 -12.43 57.80 44.29
N ARG J 75 -11.54 56.93 43.83
CA ARG J 75 -10.11 57.15 43.89
C ARG J 75 -9.53 57.17 42.49
N ASP J 76 -8.66 58.14 42.23
CA ASP J 76 -8.03 58.26 40.92
C ASP J 76 -6.80 57.36 40.79
N TYR J 77 -6.01 57.24 41.84
CA TYR J 77 -4.82 56.39 41.80
C TYR J 77 -5.23 54.92 41.75
N ILE J 78 -4.41 54.12 41.08
CA ILE J 78 -4.58 52.68 41.00
C ILE J 78 -3.41 52.01 41.71
N ASP J 79 -3.70 51.26 42.77
CA ASP J 79 -2.69 50.57 43.57
C ASP J 79 -3.12 49.12 43.72
N ILE J 80 -2.33 48.19 43.18
CA ILE J 80 -2.59 46.77 43.34
C ILE J 80 -1.79 46.25 44.51
N SER J 81 -2.48 45.64 45.48
CA SER J 81 -1.86 45.11 46.69
C SER J 81 -1.51 43.65 46.44
N VAL J 82 -0.34 43.42 45.83
CA VAL J 82 0.13 42.07 45.61
C VAL J 82 0.47 41.42 46.94
N ALA J 83 0.38 40.09 46.99
CA ALA J 83 0.68 39.33 48.19
C ALA J 83 2.07 38.73 48.08
N VAL J 84 2.86 38.86 49.15
CA VAL J 84 4.22 38.33 49.22
C VAL J 84 4.29 37.35 50.38
N ALA J 85 4.78 36.14 50.09
CA ALA J 85 4.88 35.10 51.10
C ALA J 85 6.15 35.27 51.91
N THR J 86 6.03 35.20 53.23
CA THR J 86 7.15 35.31 54.14
C THR J 86 7.05 34.19 55.17
N PRO J 87 8.19 33.72 55.71
CA PRO J 87 8.12 32.69 56.75
C PRO J 87 7.31 33.10 57.97
N ARG J 88 7.32 34.39 58.32
CA ARG J 88 6.58 34.82 59.51
C ARG J 88 5.07 34.78 59.29
N GLY J 89 4.61 34.80 58.04
CA GLY J 89 3.19 34.78 57.76
C GLY J 89 2.86 35.22 56.34
N LEU J 90 1.92 36.15 56.21
CA LEU J 90 1.54 36.70 54.92
C LEU J 90 1.53 38.22 55.02
N VAL J 91 2.48 38.87 54.36
CA VAL J 91 2.55 40.32 54.30
C VAL J 91 2.15 40.76 52.89
N VAL J 92 1.29 41.76 52.82
CA VAL J 92 0.77 42.26 51.56
C VAL J 92 1.26 43.70 51.38
N PRO J 93 2.26 43.92 50.53
CA PRO J 93 2.67 45.28 50.19
C PRO J 93 1.90 45.83 49.01
N VAL J 94 1.75 47.16 49.01
CA VAL J 94 0.95 47.87 48.03
C VAL J 94 1.89 48.58 47.08
N ILE J 95 1.79 48.25 45.79
CA ILE J 95 2.55 48.96 44.76
C ILE J 95 1.71 50.13 44.26
N ARG J 96 2.33 51.28 44.14
CA ARG J 96 1.62 52.55 44.00
C ARG J 96 1.65 53.04 42.56
N ASN J 97 0.56 53.68 42.15
CA ASN J 97 0.45 54.35 40.85
C ASN J 97 0.83 53.41 39.70
N VAL J 98 0.00 52.38 39.53
CA VAL J 98 0.32 51.33 38.57
C VAL J 98 0.04 51.79 37.14
N GLU J 99 -0.72 52.87 36.96
CA GLU J 99 -1.00 53.38 35.62
C GLU J 99 0.26 53.72 34.85
N THR J 100 1.26 54.28 35.54
CA THR J 100 2.45 54.83 34.89
C THR J 100 3.63 53.87 34.90
N MET J 101 3.39 52.57 34.90
CA MET J 101 4.46 51.59 34.85
C MET J 101 4.12 50.47 33.88
N ASN J 102 5.12 50.01 33.14
CA ASN J 102 4.98 48.84 32.28
C ASN J 102 5.45 47.59 33.04
N TYR J 103 5.71 46.50 32.31
CA TYR J 103 6.09 45.26 32.96
C TYR J 103 7.39 45.39 33.72
N ALA J 104 8.36 46.12 33.17
CA ALA J 104 9.67 46.23 33.82
C ALA J 104 9.56 46.90 35.18
N ASP J 105 8.78 47.99 35.27
CA ASP J 105 8.66 48.69 36.54
C ASP J 105 7.86 47.88 37.55
N ILE J 106 6.85 47.14 37.09
CA ILE J 106 6.09 46.27 37.99
C ILE J 106 7.01 45.20 38.57
N GLU J 107 7.84 44.59 37.72
CA GLU J 107 8.79 43.59 38.20
C GLU J 107 9.79 44.21 39.17
N ARG J 108 10.26 45.43 38.88
CA ARG J 108 11.18 46.10 39.79
C ARG J 108 10.56 46.32 41.15
N THR J 109 9.31 46.81 41.17
CA THR J 109 8.63 47.04 42.43
C THR J 109 8.43 45.74 43.20
N ILE J 110 8.09 44.66 42.50
CA ILE J 110 7.89 43.38 43.16
C ILE J 110 9.19 42.88 43.76
N ASN J 111 10.30 42.98 43.02
CA ASN J 111 11.58 42.56 43.54
C ASN J 111 12.00 43.38 44.75
N GLU J 112 11.79 44.70 44.68
CA GLU J 112 12.14 45.56 45.81
C GLU J 112 11.32 45.20 47.04
N LEU J 113 10.02 44.96 46.85
CA LEU J 113 9.17 44.62 47.98
C LEU J 113 9.55 43.27 48.56
N GLY J 114 9.92 42.30 47.72
CA GLY J 114 10.38 41.02 48.24
C GLY J 114 11.67 41.14 49.04
N GLU J 115 12.64 41.88 48.50
CA GLU J 115 13.90 42.07 49.22
C GLU J 115 13.68 42.76 50.55
N LYS J 116 12.84 43.80 50.58
CA LYS J 116 12.60 44.51 51.82
C LYS J 116 11.75 43.70 52.78
N ALA J 117 10.91 42.80 52.26
CA ALA J 117 10.05 41.99 53.11
C ALA J 117 10.83 40.89 53.81
N ARG J 118 11.76 40.25 53.09
CA ARG J 118 12.52 39.17 53.72
C ARG J 118 13.37 39.66 54.88
N LYS J 119 13.70 40.94 54.93
CA LYS J 119 14.60 41.46 55.96
C LYS J 119 13.86 41.98 57.19
N ASN J 120 12.53 41.89 57.21
CA ASN J 120 11.71 42.42 58.31
C ASN J 120 11.86 43.93 58.46
N GLU J 121 12.10 44.61 57.33
CA GLU J 121 12.27 46.06 57.36
C GLU J 121 11.31 46.73 56.39
N LEU J 122 10.06 46.30 56.39
CA LEU J 122 8.98 46.92 55.64
C LEU J 122 8.11 47.68 56.63
N ALA J 123 8.04 49.01 56.49
CA ALA J 123 7.41 49.87 57.48
C ALA J 123 5.89 49.91 57.29
N ILE J 124 5.22 50.55 58.25
CA ILE J 124 3.76 50.59 58.26
C ILE J 124 3.19 51.47 57.14
N GLU J 125 3.98 52.39 56.59
CA GLU J 125 3.48 53.23 55.50
C GLU J 125 3.34 52.45 54.21
N ASP J 126 3.91 51.26 54.12
CA ASP J 126 3.87 50.45 52.91
C ASP J 126 2.78 49.38 52.93
N MET J 127 1.90 49.41 53.94
CA MET J 127 0.80 48.46 54.01
C MET J 127 -0.53 49.06 53.57
N ASP J 128 -0.73 50.35 53.81
CA ASP J 128 -2.04 50.96 53.76
C ASP J 128 -2.20 51.80 52.51
N GLY J 129 -3.44 52.18 52.24
CA GLY J 129 -3.76 52.96 51.07
C GLY J 129 -4.07 52.18 49.83
N GLY J 130 -4.12 50.85 49.91
CA GLY J 130 -4.42 50.05 48.74
C GLY J 130 -5.84 50.23 48.25
N THR J 131 -6.00 50.11 46.94
CA THR J 131 -7.30 50.26 46.30
C THR J 131 -7.74 49.04 45.52
N PHE J 132 -6.87 48.04 45.36
CA PHE J 132 -7.21 46.80 44.69
C PHE J 132 -6.20 45.75 45.14
N THR J 133 -6.70 44.54 45.38
CA THR J 133 -5.87 43.46 45.89
C THR J 133 -5.80 42.34 44.86
N ILE J 134 -4.65 41.70 44.78
CA ILE J 134 -4.44 40.50 43.96
C ILE J 134 -3.76 39.44 44.81
N SER J 135 -4.41 38.30 44.96
CA SER J 135 -3.92 37.21 45.80
C SER J 135 -3.51 36.05 44.88
N ASN J 136 -2.20 35.83 44.74
CA ASN J 136 -1.69 34.73 43.94
C ASN J 136 -1.67 33.48 44.81
N GLY J 137 -2.77 32.74 44.76
CA GLY J 137 -2.87 31.45 45.41
C GLY J 137 -2.33 30.30 44.60
N GLY J 138 -1.79 30.57 43.41
CA GLY J 138 -1.27 29.52 42.56
C GLY J 138 0.14 29.08 42.86
N VAL J 139 0.88 29.86 43.66
CA VAL J 139 2.22 29.42 44.06
C VAL J 139 2.13 28.18 44.92
N PHE J 140 1.01 27.98 45.61
CA PHE J 140 0.82 26.79 46.41
C PHE J 140 0.15 25.67 45.63
N GLY J 141 -0.63 25.99 44.60
CA GLY J 141 -1.16 24.97 43.71
C GLY J 141 -2.66 24.73 43.78
N SER J 142 -3.46 25.78 43.98
CA SER J 142 -4.90 25.63 44.03
C SER J 142 -5.50 25.59 42.62
N LEU J 143 -6.64 24.90 42.49
CA LEU J 143 -7.35 24.86 41.22
C LEU J 143 -8.19 26.11 41.02
N PHE J 144 -9.16 26.33 41.91
CA PHE J 144 -9.82 27.63 42.04
C PHE J 144 -10.40 27.71 43.44
N GLY J 145 -11.01 28.84 43.75
CA GLY J 145 -11.56 29.05 45.07
C GLY J 145 -11.96 30.50 45.28
N THR J 146 -12.31 30.82 46.53
CA THR J 146 -12.85 32.11 46.88
C THR J 146 -11.83 32.92 47.67
N PRO J 147 -11.42 34.08 47.19
CA PRO J 147 -10.58 34.98 47.99
C PRO J 147 -11.44 35.89 48.87
N ILE J 148 -10.77 36.50 49.84
CA ILE J 148 -11.42 37.41 50.79
C ILE J 148 -10.95 38.83 50.51
N ILE J 149 -11.86 39.79 50.68
CA ILE J 149 -11.53 41.19 50.45
C ILE J 149 -10.96 41.79 51.73
N ASN J 150 -9.72 42.23 51.67
CA ASN J 150 -9.12 42.90 52.83
C ASN J 150 -9.69 44.31 52.93
N PRO J 151 -10.09 44.77 54.11
CA PRO J 151 -10.65 46.11 54.24
C PRO J 151 -9.58 47.16 53.99
N PRO J 152 -9.97 48.36 53.53
CA PRO J 152 -11.30 48.81 53.19
C PRO J 152 -11.52 48.89 51.68
N GLN J 153 -11.13 47.85 50.94
CA GLN J 153 -11.22 47.85 49.49
C GLN J 153 -12.60 47.36 49.07
N SER J 154 -12.77 47.10 47.77
CA SER J 154 -14.06 46.68 47.24
C SER J 154 -14.03 45.45 46.37
N ALA J 155 -12.85 44.97 45.98
CA ALA J 155 -12.75 43.76 45.17
C ALA J 155 -11.35 43.18 45.32
N ILE J 156 -11.24 41.89 45.01
CA ILE J 156 -9.95 41.20 45.02
C ILE J 156 -9.96 40.16 43.91
N LEU J 157 -8.91 40.18 43.09
CA LEU J 157 -8.72 39.19 42.03
C LEU J 157 -7.73 38.14 42.52
N GLY J 158 -8.20 36.91 42.67
CA GLY J 158 -7.34 35.82 43.07
C GLY J 158 -7.04 34.90 41.88
N MET J 159 -5.76 34.63 41.69
CA MET J 159 -5.30 33.67 40.70
C MET J 159 -5.05 32.34 41.36
N HIS J 160 -4.87 31.31 40.54
CA HIS J 160 -4.69 29.96 41.01
C HIS J 160 -3.60 29.30 40.18
N GLY J 161 -3.43 28.00 40.35
CA GLY J 161 -2.39 27.28 39.66
C GLY J 161 -2.60 27.26 38.16
N ILE J 162 -1.49 27.18 37.44
CA ILE J 162 -1.50 27.07 35.99
C ILE J 162 -1.42 25.60 35.62
N PHE J 163 -2.50 25.05 35.08
CA PHE J 163 -2.61 23.62 34.85
C PHE J 163 -2.85 23.35 33.38
N ASP J 164 -2.12 22.38 32.82
CA ASP J 164 -2.34 21.96 31.45
C ASP J 164 -3.66 21.20 31.36
N ARG J 165 -4.64 21.79 30.71
CA ARG J 165 -5.99 21.27 30.66
C ARG J 165 -6.48 21.26 29.21
N PRO J 166 -7.21 20.22 28.80
CA PRO J 166 -7.69 20.16 27.41
C PRO J 166 -8.82 21.14 27.18
N VAL J 167 -8.69 21.96 26.15
CA VAL J 167 -9.69 22.96 25.81
C VAL J 167 -10.06 22.78 24.35
N ALA J 168 -11.30 23.15 24.02
CA ALA J 168 -11.82 23.05 22.67
C ALA J 168 -11.63 24.41 22.00
N VAL J 169 -10.49 24.58 21.34
CA VAL J 169 -10.18 25.79 20.60
C VAL J 169 -10.26 25.45 19.11
N GLY J 170 -11.12 26.15 18.39
CA GLY J 170 -11.32 25.87 16.98
C GLY J 170 -12.12 24.63 16.69
N GLY J 171 -12.75 24.03 17.69
CA GLY J 171 -13.47 22.79 17.51
C GLY J 171 -12.64 21.53 17.75
N LYS J 172 -11.36 21.68 18.08
CA LYS J 172 -10.49 20.55 18.36
C LYS J 172 -10.04 20.59 19.81
N VAL J 173 -9.67 19.43 20.33
CA VAL J 173 -9.19 19.31 21.70
C VAL J 173 -7.68 19.39 21.71
N GLU J 174 -7.14 20.32 22.49
CA GLU J 174 -5.70 20.44 22.65
C GLU J 174 -5.39 20.80 24.10
N VAL J 175 -4.23 20.37 24.56
CA VAL J 175 -3.78 20.66 25.92
C VAL J 175 -3.13 22.03 25.93
N ARG J 176 -3.64 22.92 26.78
CA ARG J 176 -3.16 24.29 26.84
C ARG J 176 -2.97 24.72 28.29
N PRO J 177 -1.99 25.58 28.57
CA PRO J 177 -1.83 26.09 29.93
C PRO J 177 -2.90 27.08 30.31
N MET J 178 -3.82 26.68 31.19
CA MET J 178 -4.96 27.49 31.56
C MET J 178 -5.00 27.63 33.07
N MET J 179 -5.51 28.77 33.55
CA MET J 179 -5.76 28.96 34.96
C MET J 179 -7.13 29.57 35.17
N TYR J 180 -7.70 29.32 36.35
CA TYR J 180 -8.99 29.85 36.73
C TYR J 180 -8.80 31.17 37.46
N VAL J 181 -9.53 32.20 37.04
CA VAL J 181 -9.48 33.51 37.66
C VAL J 181 -10.82 33.80 38.31
N ALA J 182 -10.79 34.28 39.55
CA ALA J 182 -11.99 34.66 40.28
C ALA J 182 -11.78 36.02 40.91
N LEU J 183 -12.82 36.84 40.91
CA LEU J 183 -12.82 38.08 41.68
C LEU J 183 -14.00 38.06 42.64
N THR J 184 -13.75 38.41 43.88
CA THR J 184 -14.80 38.54 44.89
C THR J 184 -15.11 40.02 45.06
N TYR J 185 -16.36 40.38 44.90
CA TYR J 185 -16.79 41.77 44.94
C TYR J 185 -18.02 41.88 45.83
N ASP J 186 -18.14 43.03 46.51
CA ASP J 186 -19.34 43.32 47.27
C ASP J 186 -20.47 43.74 46.33
N HIS J 187 -21.70 43.35 46.67
CA HIS J 187 -22.84 43.64 45.82
C HIS J 187 -23.41 45.03 46.08
N ARG J 188 -23.03 45.67 47.18
CA ARG J 188 -23.56 46.99 47.50
C ARG J 188 -23.06 48.07 46.55
N LEU J 189 -21.94 47.84 45.87
CA LEU J 189 -21.35 48.84 44.99
C LEU J 189 -21.24 48.35 43.54
N ILE J 190 -20.66 47.18 43.31
CA ILE J 190 -20.46 46.64 41.97
C ILE J 190 -21.60 45.68 41.67
N ASP J 191 -22.21 45.83 40.50
CA ASP J 191 -23.26 44.93 40.06
C ASP J 191 -22.66 43.68 39.44
N GLY J 192 -23.53 42.70 39.16
CA GLY J 192 -23.06 41.44 38.60
C GLY J 192 -22.47 41.61 37.20
N ARG J 193 -23.16 42.36 36.35
CA ARG J 193 -22.68 42.55 34.99
C ARG J 193 -21.34 43.29 34.97
N GLU J 194 -21.19 44.30 35.84
CA GLU J 194 -19.92 45.02 35.91
C GLU J 194 -18.78 44.07 36.28
N ALA J 195 -19.01 43.19 37.25
CA ALA J 195 -17.98 42.24 37.66
C ALA J 195 -17.66 41.26 36.53
N VAL J 196 -18.68 40.77 35.83
CA VAL J 196 -18.43 39.82 34.75
C VAL J 196 -17.62 40.48 33.64
N THR J 197 -17.98 41.70 33.25
CA THR J 197 -17.23 42.38 32.20
C THR J 197 -15.83 42.77 32.66
N PHE J 198 -15.66 43.08 33.95
CA PHE J 198 -14.34 43.37 34.50
C PHE J 198 -13.44 42.14 34.40
N LEU J 199 -13.95 40.99 34.82
CA LEU J 199 -13.16 39.76 34.73
C LEU J 199 -12.85 39.41 33.28
N ARG J 200 -13.81 39.63 32.38
CA ARG J 200 -13.57 39.34 30.97
C ARG J 200 -12.55 40.29 30.36
N LYS J 201 -12.53 41.55 30.79
CA LYS J 201 -11.50 42.47 30.35
C LYS J 201 -10.13 42.03 30.82
N ILE J 202 -10.02 41.60 32.08
CA ILE J 202 -8.75 41.06 32.57
C ILE J 202 -8.33 39.85 31.77
N LYS J 203 -9.29 38.97 31.47
CA LYS J 203 -9.02 37.78 30.66
C LYS J 203 -8.49 38.16 29.29
N ALA J 204 -9.11 39.14 28.65
CA ALA J 204 -8.68 39.57 27.32
C ALA J 204 -7.29 40.20 27.37
N ALA J 205 -7.01 41.02 28.39
CA ALA J 205 -5.73 41.69 28.47
C ALA J 205 -4.59 40.71 28.72
N VAL J 206 -4.79 39.73 29.60
CA VAL J 206 -3.75 38.74 29.84
C VAL J 206 -3.61 37.81 28.64
N GLU J 207 -4.73 37.40 28.05
CA GLU J 207 -4.72 36.48 26.91
C GLU J 207 -4.05 37.10 25.69
N ASP J 208 -4.10 38.41 25.55
CA ASP J 208 -3.50 39.11 24.40
C ASP J 208 -2.91 40.41 24.91
N PRO J 209 -1.61 40.45 25.22
CA PRO J 209 -1.02 41.68 25.76
C PRO J 209 -1.11 42.86 24.82
N ARG J 210 -1.27 42.63 23.52
CA ARG J 210 -1.40 43.71 22.56
C ARG J 210 -2.70 44.50 22.74
N VAL J 211 -3.67 43.96 23.48
CA VAL J 211 -4.87 44.71 23.81
C VAL J 211 -4.51 45.94 24.64
N LEU J 212 -3.59 45.78 25.59
CA LEU J 212 -3.13 46.91 26.39
C LEU J 212 -2.54 48.01 25.52
N LEU J 213 -1.86 47.64 24.43
CA LEU J 213 -1.33 48.62 23.51
C LEU J 213 -2.43 49.24 22.65
N LEU J 214 -3.42 48.44 22.25
CA LEU J 214 -4.50 48.94 21.41
C LEU J 214 -5.53 49.72 22.20
N ASP J 215 -5.54 49.58 23.53
CA ASP J 215 -6.45 50.32 24.41
C ASP J 215 -7.90 50.00 24.02
N LEU J 216 -8.26 48.73 24.03
CA LEU J 216 -9.62 48.32 23.71
C LEU J 216 -10.07 47.24 24.68
N ASN K 6 27.47 70.28 -5.17
CA ASN K 6 26.59 71.40 -4.85
C ASN K 6 25.59 71.65 -5.97
N THR K 7 25.60 70.78 -6.96
CA THR K 7 24.72 70.92 -8.12
C THR K 7 23.49 70.00 -8.04
N CYS K 8 23.73 68.70 -7.88
CA CYS K 8 22.64 67.72 -7.86
C CYS K 8 22.73 66.88 -6.59
N ALA K 9 21.59 66.70 -5.92
CA ALA K 9 21.46 65.80 -4.79
C ALA K 9 20.78 64.53 -5.29
N MET K 10 21.45 63.40 -5.10
CA MET K 10 21.03 62.13 -5.71
C MET K 10 20.34 61.23 -4.71
N LEU K 11 19.20 60.68 -5.12
CA LEU K 11 18.52 59.65 -4.34
C LEU K 11 17.98 58.60 -5.32
N THR K 12 17.80 57.39 -4.81
CA THR K 12 17.55 56.23 -5.64
C THR K 12 16.40 55.41 -5.06
N THR K 13 15.58 54.84 -5.95
CA THR K 13 14.57 53.87 -5.58
C THR K 13 14.76 52.62 -6.42
N PHE K 14 14.41 51.47 -5.83
CA PHE K 14 14.63 50.18 -6.46
C PHE K 14 13.30 49.45 -6.56
N ASN K 15 13.29 48.40 -7.36
CA ASN K 15 12.14 47.54 -7.57
C ASN K 15 12.63 46.29 -8.27
N GLU K 16 11.73 45.33 -8.46
CA GLU K 16 12.09 44.04 -9.03
C GLU K 16 11.13 43.67 -10.15
N VAL K 17 11.68 43.08 -11.22
CA VAL K 17 10.92 42.77 -12.42
C VAL K 17 11.02 41.28 -12.70
N ASP K 18 9.88 40.63 -12.91
CA ASP K 18 9.84 39.21 -13.20
C ASP K 18 10.02 39.00 -14.70
N MET K 19 11.22 38.61 -15.09
CA MET K 19 11.55 38.39 -16.51
C MET K 19 11.18 36.98 -16.94
N SER K 20 9.98 36.53 -16.60
CA SER K 20 9.55 35.18 -16.94
C SER K 20 8.73 35.13 -18.21
N ASN K 21 8.28 36.27 -18.71
CA ASN K 21 7.55 36.37 -19.97
C ASN K 21 8.42 36.79 -21.13
N ILE K 22 9.38 37.69 -20.89
CA ILE K 22 10.30 38.10 -21.94
C ILE K 22 11.21 36.93 -22.34
N GLN K 23 11.63 36.13 -21.35
CA GLN K 23 12.41 34.94 -21.67
C GLN K 23 11.63 33.98 -22.55
N GLU K 24 10.32 33.81 -22.32
CA GLU K 24 9.52 32.97 -23.19
C GLU K 24 9.45 33.52 -24.61
N MET K 25 9.29 34.84 -24.77
CA MET K 25 9.28 35.43 -26.10
C MET K 25 10.61 35.19 -26.80
N ARG K 26 11.72 35.42 -26.11
CA ARG K 26 13.03 35.17 -26.68
C ARG K 26 13.29 33.69 -26.92
N ALA K 27 12.55 32.80 -26.25
CA ALA K 27 12.73 31.37 -26.42
C ALA K 27 11.89 30.78 -27.54
N ARG K 28 10.76 31.41 -27.87
CA ARG K 28 9.90 30.90 -28.93
C ARG K 28 10.15 31.59 -30.27
N HIS K 29 10.19 32.93 -30.27
CA HIS K 29 10.52 33.67 -31.49
C HIS K 29 12.00 34.01 -31.58
N LYS K 30 12.89 33.03 -31.38
CA LYS K 30 14.31 33.31 -31.51
C LYS K 30 14.81 33.05 -32.92
N ASP K 31 14.23 32.07 -33.62
CA ASP K 31 14.69 31.74 -34.96
C ASP K 31 13.90 32.48 -36.02
N ALA K 32 12.59 32.68 -35.80
CA ALA K 32 11.79 33.44 -36.75
C ALA K 32 12.26 34.89 -36.83
N PHE K 33 12.54 35.50 -35.68
CA PHE K 33 13.03 36.88 -35.66
C PHE K 33 14.37 37.00 -36.36
N LEU K 34 15.29 36.06 -36.09
CA LEU K 34 16.60 36.09 -36.73
C LEU K 34 16.49 35.82 -38.23
N LYS K 35 15.51 35.02 -38.65
CA LYS K 35 15.35 34.73 -40.06
C LYS K 35 14.74 35.90 -40.81
N LYS K 36 13.81 36.61 -40.16
CA LYS K 36 13.10 37.71 -40.83
C LYS K 36 13.84 39.05 -40.74
N HIS K 37 14.64 39.27 -39.70
CA HIS K 37 15.32 40.54 -39.52
C HIS K 37 16.84 40.43 -39.41
N ASN K 38 17.38 39.25 -39.07
CA ASN K 38 18.82 39.04 -38.91
C ASN K 38 19.39 39.80 -37.71
N LEU K 39 18.72 39.69 -36.56
CA LEU K 39 19.27 40.18 -35.31
C LEU K 39 18.88 39.23 -34.17
N LYS K 40 19.66 39.28 -33.10
CA LYS K 40 19.43 38.48 -31.90
C LYS K 40 18.45 39.23 -31.00
N LEU K 41 17.43 38.52 -30.53
CA LEU K 41 16.47 39.11 -29.59
C LEU K 41 17.13 39.29 -28.22
N GLY K 42 16.77 40.37 -27.53
CA GLY K 42 17.37 40.66 -26.25
C GLY K 42 16.40 41.32 -25.29
N PHE K 43 16.80 41.40 -24.03
CA PHE K 43 15.98 42.02 -23.01
C PHE K 43 15.88 43.53 -23.20
N MET K 44 16.84 44.12 -23.91
CA MET K 44 17.00 45.57 -23.89
C MET K 44 15.86 46.27 -24.60
N SER K 45 15.32 45.66 -25.67
CA SER K 45 14.22 46.28 -26.40
C SER K 45 12.97 46.39 -25.54
N ALA K 46 12.68 45.34 -24.76
CA ALA K 46 11.51 45.39 -23.89
C ALA K 46 11.61 46.52 -22.87
N PHE K 47 12.79 46.68 -22.27
CA PHE K 47 12.98 47.74 -21.30
C PHE K 47 12.96 49.11 -21.94
N VAL K 48 13.50 49.25 -23.16
CA VAL K 48 13.44 50.52 -23.85
C VAL K 48 12.01 50.90 -24.18
N LYS K 49 11.22 49.93 -24.64
CA LYS K 49 9.82 50.21 -24.96
C LYS K 49 9.00 50.52 -23.72
N ALA K 50 9.24 49.80 -22.62
CA ALA K 50 8.54 50.11 -21.38
C ALA K 50 8.95 51.47 -20.85
N SER K 51 10.23 51.83 -21.00
CA SER K 51 10.67 53.16 -20.59
C SER K 51 9.98 54.24 -21.41
N ALA K 52 9.84 54.00 -22.72
CA ALA K 52 9.11 54.96 -23.56
C ALA K 52 7.65 55.07 -23.14
N PHE K 53 7.02 53.94 -22.85
CA PHE K 53 5.62 53.95 -22.43
C PHE K 53 5.43 54.73 -21.13
N ALA K 54 6.30 54.46 -20.15
CA ALA K 54 6.19 55.15 -18.86
C ALA K 54 6.54 56.62 -18.97
N LEU K 55 7.51 56.98 -19.82
CA LEU K 55 7.83 58.39 -20.04
C LEU K 55 6.67 59.12 -20.68
N GLN K 56 5.98 58.45 -21.62
CA GLN K 56 4.77 59.03 -22.20
C GLN K 56 3.70 59.23 -21.15
N GLU K 57 3.54 58.25 -20.25
CA GLU K 57 2.51 58.36 -19.22
C GLU K 57 2.78 59.51 -18.26
N GLN K 58 4.04 59.71 -17.88
CA GLN K 58 4.41 60.73 -16.89
C GLN K 58 5.44 61.66 -17.52
N PRO K 59 4.99 62.77 -18.12
CA PRO K 59 5.94 63.68 -18.80
C PRO K 59 6.85 64.45 -17.85
N VAL K 60 6.56 64.49 -16.55
CA VAL K 60 7.43 65.22 -15.63
C VAL K 60 8.79 64.55 -15.55
N VAL K 61 8.85 63.24 -15.67
CA VAL K 61 10.13 62.53 -15.69
C VAL K 61 10.92 62.92 -16.94
N ASN K 62 10.23 63.29 -18.02
CA ASN K 62 10.92 63.68 -19.24
C ASN K 62 11.50 65.10 -19.14
N ALA K 63 10.92 65.93 -18.29
CA ALA K 63 11.35 67.33 -18.18
C ALA K 63 12.73 67.41 -17.54
N VAL K 64 13.27 68.63 -17.51
CA VAL K 64 14.60 68.88 -16.94
C VAL K 64 14.64 70.33 -16.45
N ILE K 65 15.33 70.54 -15.33
CA ILE K 65 15.48 71.87 -14.75
C ILE K 65 16.70 72.53 -15.36
N ASP K 66 16.54 73.80 -15.77
CA ASP K 66 17.67 74.60 -16.26
C ASP K 66 18.23 75.38 -15.08
N ASP K 67 19.38 74.94 -14.57
CA ASP K 67 19.95 75.55 -13.37
C ASP K 67 20.32 77.00 -13.59
N ALA K 68 20.66 77.37 -14.83
CA ALA K 68 21.07 78.74 -15.12
C ALA K 68 19.95 79.73 -14.88
N THR K 69 18.72 79.38 -15.27
CA THR K 69 17.58 80.26 -15.15
C THR K 69 16.48 79.72 -14.24
N LYS K 70 16.72 78.59 -13.57
CA LYS K 70 15.73 77.97 -12.68
C LYS K 70 14.41 77.74 -13.40
N GLU K 71 14.49 77.25 -14.63
CA GLU K 71 13.32 77.01 -15.47
C GLU K 71 13.21 75.52 -15.78
N VAL K 72 11.98 75.01 -15.77
CA VAL K 72 11.72 73.60 -16.06
C VAL K 72 11.32 73.49 -17.53
N VAL K 73 12.12 72.76 -18.30
CA VAL K 73 11.88 72.60 -19.73
C VAL K 73 11.23 71.25 -19.95
N TYR K 74 10.06 71.24 -20.61
CA TYR K 74 9.33 70.03 -20.92
C TYR K 74 9.62 69.65 -22.37
N ARG K 75 10.10 68.43 -22.58
CA ARG K 75 10.49 67.95 -23.91
C ARG K 75 9.48 66.91 -24.37
N ASP K 76 8.83 67.19 -25.49
CA ASP K 76 7.83 66.27 -26.04
C ASP K 76 8.48 65.08 -26.74
N TYR K 77 9.64 65.26 -27.36
CA TYR K 77 10.36 64.13 -27.90
C TYR K 77 10.96 63.32 -26.77
N ILE K 78 11.10 62.01 -26.99
CA ILE K 78 11.69 61.12 -25.98
C ILE K 78 12.78 60.29 -26.65
N ASP K 79 13.95 60.22 -26.00
CA ASP K 79 15.11 59.49 -26.51
C ASP K 79 15.82 58.85 -25.33
N ILE K 80 15.94 57.52 -25.35
CA ILE K 80 16.73 56.80 -24.35
C ILE K 80 18.17 56.73 -24.82
N SER K 81 19.10 57.15 -23.96
CA SER K 81 20.52 57.13 -24.25
C SER K 81 21.11 55.83 -23.70
N VAL K 82 20.99 54.76 -24.50
CA VAL K 82 21.47 53.45 -24.07
C VAL K 82 22.99 53.49 -23.91
N ALA K 83 23.53 52.48 -23.25
CA ALA K 83 24.95 52.42 -22.93
C ALA K 83 25.54 51.13 -23.46
N VAL K 84 26.77 51.21 -23.97
CA VAL K 84 27.53 50.05 -24.43
C VAL K 84 28.96 50.19 -23.90
N ALA K 85 29.49 49.10 -23.37
CA ALA K 85 30.83 49.11 -22.79
C ALA K 85 31.89 48.87 -23.86
N THR K 86 33.02 49.55 -23.70
CA THR K 86 34.18 49.42 -24.57
C THR K 86 35.42 49.24 -23.72
N PRO K 87 36.46 48.60 -24.26
CA PRO K 87 37.70 48.45 -23.48
C PRO K 87 38.32 49.76 -23.04
N ARG K 88 38.15 50.84 -23.81
CA ARG K 88 38.72 52.13 -23.47
C ARG K 88 37.85 52.93 -22.51
N GLY K 89 36.69 52.41 -22.14
CA GLY K 89 35.76 53.13 -21.28
C GLY K 89 34.34 52.99 -21.80
N LEU K 90 33.38 53.09 -20.88
CA LEU K 90 31.98 52.97 -21.26
C LEU K 90 31.51 54.22 -21.99
N VAL K 91 30.80 54.03 -23.10
CA VAL K 91 30.28 55.11 -23.91
C VAL K 91 28.77 54.96 -24.01
N VAL K 92 28.07 56.08 -24.08
CA VAL K 92 26.62 56.12 -24.06
C VAL K 92 26.14 56.67 -25.41
N PRO K 93 25.67 55.81 -26.30
CA PRO K 93 24.98 56.29 -27.50
C PRO K 93 23.61 56.85 -27.15
N VAL K 94 22.86 57.22 -28.18
CA VAL K 94 21.52 57.76 -28.02
C VAL K 94 20.60 57.10 -29.04
N ILE K 95 19.53 56.48 -28.57
CA ILE K 95 18.44 56.02 -29.43
C ILE K 95 17.46 57.17 -29.56
N ARG K 96 17.16 57.57 -30.79
CA ARG K 96 16.42 58.79 -31.04
C ARG K 96 15.00 58.47 -31.50
N ASN K 97 14.02 59.17 -30.92
CA ASN K 97 12.63 59.13 -31.34
C ASN K 97 12.07 57.71 -31.26
N VAL K 98 11.94 57.24 -30.02
CA VAL K 98 11.60 55.84 -29.75
C VAL K 98 10.10 55.61 -29.53
N GLU K 99 9.31 56.66 -29.35
CA GLU K 99 7.90 56.48 -29.04
C GLU K 99 7.11 55.88 -30.20
N THR K 100 7.71 55.70 -31.37
CA THR K 100 7.00 55.15 -32.52
C THR K 100 7.76 53.96 -33.11
N MET K 101 8.58 53.28 -32.32
CA MET K 101 9.31 52.11 -32.77
C MET K 101 8.83 50.90 -31.97
N ASN K 102 8.63 49.78 -32.66
CA ASN K 102 8.34 48.51 -32.01
C ASN K 102 9.66 47.84 -31.64
N TYR K 103 9.60 46.55 -31.29
CA TYR K 103 10.79 45.86 -30.81
C TYR K 103 11.84 45.72 -31.92
N ALA K 104 11.40 45.51 -33.15
CA ALA K 104 12.35 45.32 -34.25
C ALA K 104 13.21 46.56 -34.47
N ASP K 105 12.59 47.73 -34.50
CA ASP K 105 13.33 48.96 -34.75
C ASP K 105 14.29 49.27 -33.60
N ILE K 106 13.83 49.08 -32.36
CA ILE K 106 14.70 49.31 -31.21
C ILE K 106 15.90 48.37 -31.26
N GLU K 107 15.66 47.09 -31.55
CA GLU K 107 16.76 46.13 -31.63
C GLU K 107 17.74 46.50 -32.72
N ARG K 108 17.24 46.93 -33.89
CA ARG K 108 18.16 47.24 -34.99
C ARG K 108 18.97 48.49 -34.70
N THR K 109 18.35 49.52 -34.11
CA THR K 109 19.11 50.71 -33.74
C THR K 109 20.16 50.38 -32.70
N ILE K 110 19.81 49.55 -31.71
CA ILE K 110 20.78 49.14 -30.70
C ILE K 110 21.94 48.40 -31.33
N ASN K 111 21.66 47.48 -32.27
CA ASN K 111 22.72 46.73 -32.91
C ASN K 111 23.65 47.65 -33.69
N GLU K 112 23.08 48.57 -34.48
CA GLU K 112 23.91 49.48 -35.27
C GLU K 112 24.78 50.35 -34.38
N LEU K 113 24.20 50.91 -33.32
CA LEU K 113 24.96 51.79 -32.46
C LEU K 113 26.05 51.02 -31.71
N GLY K 114 25.74 49.79 -31.29
CA GLY K 114 26.76 48.98 -30.64
C GLY K 114 27.92 48.66 -31.57
N GLU K 115 27.62 48.31 -32.82
CA GLU K 115 28.69 48.02 -33.78
C GLU K 115 29.54 49.26 -34.04
N LYS K 116 28.89 50.43 -34.18
CA LYS K 116 29.64 51.66 -34.39
C LYS K 116 30.52 52.00 -33.19
N ALA K 117 30.02 51.78 -31.97
CA ALA K 117 30.85 52.02 -30.79
C ALA K 117 32.01 51.04 -30.73
N ARG K 118 31.78 49.77 -31.08
CA ARG K 118 32.86 48.79 -31.04
C ARG K 118 33.94 49.09 -32.06
N LYS K 119 33.57 49.53 -33.27
CA LYS K 119 34.55 49.88 -34.28
C LYS K 119 34.94 51.36 -34.26
N ASN K 120 34.45 52.12 -33.30
CA ASN K 120 34.91 53.49 -33.02
C ASN K 120 34.73 54.40 -34.24
N GLU K 121 33.46 54.58 -34.64
CA GLU K 121 33.10 55.55 -35.65
C GLU K 121 31.95 56.45 -35.19
N LEU K 122 31.80 56.63 -33.88
CA LEU K 122 30.75 57.47 -33.32
C LEU K 122 31.37 58.77 -32.83
N ALA K 123 30.83 59.90 -33.29
CA ALA K 123 31.29 61.21 -32.87
C ALA K 123 30.28 61.85 -31.92
N ILE K 124 30.55 63.09 -31.54
CA ILE K 124 29.75 63.77 -30.53
C ILE K 124 28.40 64.24 -31.05
N GLU K 125 28.15 64.12 -32.36
CA GLU K 125 26.93 64.68 -32.92
C GLU K 125 25.67 63.98 -32.40
N ASP K 126 25.75 62.68 -32.13
CA ASP K 126 24.61 61.93 -31.59
C ASP K 126 24.86 61.45 -30.17
N MET K 127 26.03 61.74 -29.61
CA MET K 127 26.32 61.43 -28.22
C MET K 127 25.69 62.43 -27.26
N ASP K 128 25.42 63.65 -27.70
CA ASP K 128 24.81 64.69 -26.88
C ASP K 128 23.31 64.73 -27.16
N GLY K 129 22.54 65.06 -26.14
CA GLY K 129 21.10 65.05 -26.24
C GLY K 129 20.50 63.78 -25.66
N GLY K 130 19.17 63.75 -25.66
CA GLY K 130 18.44 62.63 -25.09
C GLY K 130 17.67 63.03 -23.85
N THR K 131 16.57 62.33 -23.58
CA THR K 131 15.73 62.62 -22.43
C THR K 131 15.78 61.53 -21.36
N PHE K 132 16.23 60.32 -21.71
CA PHE K 132 16.37 59.23 -20.77
C PHE K 132 17.67 58.47 -21.02
N THR K 133 18.12 57.76 -20.00
CA THR K 133 19.34 56.99 -20.05
C THR K 133 19.06 55.59 -19.50
N ILE K 134 19.80 54.61 -20.01
CA ILE K 134 19.72 53.24 -19.50
C ILE K 134 21.14 52.73 -19.32
N SER K 135 21.47 52.29 -18.11
CA SER K 135 22.79 51.77 -17.78
C SER K 135 22.64 50.27 -17.51
N ASN K 136 22.73 49.48 -18.57
CA ASN K 136 22.60 48.02 -18.45
C ASN K 136 23.88 47.45 -17.87
N GLY K 137 23.89 47.29 -16.54
CA GLY K 137 25.03 46.71 -15.86
C GLY K 137 24.87 45.22 -15.67
N GLY K 138 23.97 44.61 -16.43
CA GLY K 138 23.71 43.19 -16.30
C GLY K 138 24.64 42.30 -17.08
N VAL K 139 25.41 42.89 -18.00
CA VAL K 139 26.40 42.11 -18.75
C VAL K 139 27.42 41.52 -17.80
N PHE K 140 27.90 42.33 -16.86
CA PHE K 140 28.75 41.88 -15.76
C PHE K 140 27.86 41.73 -14.54
N GLY K 141 27.66 40.48 -14.09
CA GLY K 141 26.64 40.17 -13.11
C GLY K 141 26.64 41.03 -11.86
N SER K 142 25.60 41.85 -11.73
CA SER K 142 25.43 42.71 -10.57
C SER K 142 24.05 42.49 -10.01
N LEU K 143 23.95 42.41 -8.68
CA LEU K 143 22.65 42.21 -8.05
C LEU K 143 21.80 43.48 -8.17
N PHE K 144 22.26 44.56 -7.54
CA PHE K 144 21.64 45.87 -7.69
C PHE K 144 22.64 46.92 -7.23
N GLY K 145 22.37 48.16 -7.58
CA GLY K 145 23.29 49.23 -7.24
C GLY K 145 22.72 50.58 -7.63
N THR K 146 23.45 51.61 -7.24
CA THR K 146 23.02 52.98 -7.49
C THR K 146 23.65 53.48 -8.79
N PRO K 147 22.85 53.73 -9.83
CA PRO K 147 23.42 54.32 -11.05
C PRO K 147 23.49 55.83 -10.97
N ILE K 148 24.53 56.38 -11.58
CA ILE K 148 24.75 57.82 -11.60
C ILE K 148 23.91 58.44 -12.70
N ILE K 149 23.43 59.66 -12.47
CA ILE K 149 22.72 60.40 -13.49
C ILE K 149 23.76 61.11 -14.36
N ASN K 150 23.80 60.75 -15.63
CA ASN K 150 24.70 61.55 -16.46
C ASN K 150 24.02 62.84 -16.88
N PRO K 151 24.75 63.94 -17.00
CA PRO K 151 24.11 65.23 -17.31
C PRO K 151 23.82 65.33 -18.80
N PRO K 152 22.82 66.13 -19.20
CA PRO K 152 21.92 66.92 -18.37
C PRO K 152 20.54 66.25 -18.25
N GLN K 153 20.50 64.95 -17.98
CA GLN K 153 19.23 64.23 -17.89
C GLN K 153 18.57 64.51 -16.55
N SER K 154 17.43 63.87 -16.33
CA SER K 154 16.69 64.00 -15.08
C SER K 154 16.46 62.68 -14.37
N ALA K 155 16.65 61.54 -15.03
CA ALA K 155 16.53 60.23 -14.42
C ALA K 155 17.28 59.21 -15.27
N ILE K 156 17.69 58.11 -14.66
CA ILE K 156 18.35 57.02 -15.35
C ILE K 156 17.84 55.69 -14.79
N LEU K 157 17.56 54.75 -15.69
CA LEU K 157 17.19 53.39 -15.32
C LEU K 157 18.45 52.53 -15.24
N GLY K 158 18.64 51.87 -14.11
CA GLY K 158 19.75 50.95 -13.97
C GLY K 158 19.29 49.51 -13.99
N MET K 159 19.53 48.80 -15.10
CA MET K 159 19.22 47.40 -15.19
C MET K 159 20.43 46.56 -14.80
N HIS K 160 20.18 45.51 -14.03
CA HIS K 160 21.23 44.65 -13.50
C HIS K 160 21.05 43.25 -14.05
N GLY K 161 21.83 42.30 -13.53
CA GLY K 161 21.79 40.95 -14.04
C GLY K 161 20.48 40.25 -13.71
N ILE K 162 20.19 39.23 -14.51
CA ILE K 162 19.02 38.38 -14.30
C ILE K 162 19.47 37.13 -13.56
N PHE K 163 18.87 36.87 -12.40
CA PHE K 163 19.21 35.72 -11.59
C PHE K 163 17.96 34.94 -11.26
N ASP K 164 18.15 33.65 -10.99
CA ASP K 164 17.07 32.76 -10.59
C ASP K 164 17.02 32.72 -9.07
N ARG K 165 15.99 33.31 -8.49
CA ARG K 165 15.83 33.29 -7.04
C ARG K 165 14.42 32.86 -6.69
N PRO K 166 14.23 32.21 -5.54
CA PRO K 166 12.90 31.71 -5.19
C PRO K 166 11.98 32.86 -4.80
N VAL K 167 10.85 32.96 -5.50
CA VAL K 167 9.84 33.97 -5.23
C VAL K 167 8.53 33.26 -4.90
N ALA K 168 7.66 33.97 -4.19
CA ALA K 168 6.39 33.41 -3.73
C ALA K 168 5.27 33.99 -4.60
N VAL K 169 4.65 33.13 -5.40
CA VAL K 169 3.48 33.49 -6.19
C VAL K 169 2.34 32.56 -5.82
N GLY K 170 1.21 33.15 -5.45
CA GLY K 170 0.06 32.37 -5.01
C GLY K 170 0.29 31.67 -3.69
N GLY K 171 1.25 32.15 -2.91
CA GLY K 171 1.57 31.54 -1.63
C GLY K 171 2.50 30.35 -1.71
N LYS K 172 3.04 30.04 -2.89
CA LYS K 172 3.94 28.91 -3.06
C LYS K 172 5.29 29.39 -3.57
N VAL K 173 6.35 28.76 -3.07
CA VAL K 173 7.70 29.14 -3.45
C VAL K 173 7.98 28.62 -4.86
N GLU K 174 8.37 29.52 -5.76
CA GLU K 174 8.68 29.18 -7.13
C GLU K 174 9.99 29.85 -7.53
N VAL K 175 10.67 29.27 -8.51
CA VAL K 175 11.93 29.79 -9.01
C VAL K 175 11.66 30.42 -10.37
N ARG K 176 11.82 31.73 -10.47
CA ARG K 176 11.63 32.46 -11.71
C ARG K 176 12.80 33.39 -11.94
N PRO K 177 13.13 33.67 -13.21
CA PRO K 177 14.21 34.62 -13.50
C PRO K 177 13.79 36.05 -13.18
N MET K 178 14.49 36.67 -12.25
CA MET K 178 14.11 37.99 -11.75
C MET K 178 15.25 38.98 -11.97
N MET K 179 14.88 40.26 -12.06
CA MET K 179 15.85 41.33 -12.23
C MET K 179 15.52 42.46 -11.28
N TYR K 180 16.56 43.02 -10.65
CA TYR K 180 16.43 44.20 -9.80
C TYR K 180 16.61 45.43 -10.69
N VAL K 181 15.63 46.32 -10.68
CA VAL K 181 15.72 47.55 -11.45
C VAL K 181 15.86 48.73 -10.48
N ALA K 182 16.43 49.81 -10.99
CA ALA K 182 16.66 51.01 -10.19
C ALA K 182 16.24 52.24 -10.98
N LEU K 183 16.06 53.34 -10.27
CA LEU K 183 15.69 54.61 -10.89
C LEU K 183 16.29 55.74 -10.05
N THR K 184 17.38 56.32 -10.53
CA THR K 184 18.01 57.46 -9.86
C THR K 184 17.41 58.73 -10.44
N TYR K 185 16.62 59.42 -9.62
CA TYR K 185 15.98 60.68 -9.96
C TYR K 185 16.49 61.77 -9.01
N ASP K 186 16.02 62.99 -9.23
CA ASP K 186 16.35 64.11 -8.36
C ASP K 186 15.09 64.64 -7.71
N HIS K 187 15.11 64.75 -6.38
CA HIS K 187 13.94 65.22 -5.65
C HIS K 187 13.60 66.66 -6.00
N ARG K 188 14.54 67.40 -6.57
CA ARG K 188 14.29 68.79 -6.93
C ARG K 188 13.24 68.93 -8.02
N LEU K 189 12.98 67.87 -8.78
CA LEU K 189 12.01 67.90 -9.86
C LEU K 189 10.92 66.84 -9.73
N ILE K 190 11.27 65.62 -9.34
CA ILE K 190 10.34 64.50 -9.27
C ILE K 190 10.20 64.09 -7.81
N ASP K 191 8.97 63.91 -7.36
CA ASP K 191 8.73 63.43 -6.01
C ASP K 191 8.87 61.92 -5.96
N GLY K 192 8.91 61.38 -4.73
CA GLY K 192 9.09 59.95 -4.57
C GLY K 192 7.94 59.15 -5.14
N ARG K 193 6.71 59.66 -4.99
CA ARG K 193 5.54 58.95 -5.51
C ARG K 193 5.63 58.80 -7.02
N GLU K 194 6.01 59.87 -7.72
CA GLU K 194 6.08 59.81 -9.17
C GLU K 194 7.14 58.84 -9.64
N ALA K 195 8.32 58.85 -8.99
CA ALA K 195 9.36 57.91 -9.36
C ALA K 195 8.95 56.47 -9.09
N VAL K 196 8.29 56.22 -7.96
CA VAL K 196 7.82 54.87 -7.65
C VAL K 196 6.81 54.41 -8.69
N THR K 197 5.87 55.29 -9.06
CA THR K 197 4.89 54.94 -10.06
C THR K 197 5.53 54.67 -11.42
N PHE K 198 6.53 55.48 -11.79
CA PHE K 198 7.24 55.28 -13.05
C PHE K 198 7.94 53.93 -13.09
N LEU K 199 8.67 53.60 -12.02
CA LEU K 199 9.37 52.31 -11.99
C LEU K 199 8.38 51.15 -11.98
N ARG K 200 7.28 51.28 -11.23
CA ARG K 200 6.29 50.21 -11.19
C ARG K 200 5.63 50.03 -12.54
N LYS K 201 5.45 51.12 -13.29
CA LYS K 201 4.83 51.03 -14.61
C LYS K 201 5.77 50.38 -15.60
N ILE K 202 7.06 50.69 -15.52
CA ILE K 202 8.05 49.97 -16.34
C ILE K 202 8.03 48.50 -16.01
N LYS K 203 7.96 48.16 -14.73
CA LYS K 203 7.92 46.76 -14.32
C LYS K 203 6.68 46.08 -14.89
N ALA K 204 5.53 46.75 -14.85
CA ALA K 204 4.30 46.17 -15.39
C ALA K 204 4.39 45.98 -16.90
N ALA K 205 4.96 46.95 -17.61
CA ALA K 205 5.02 46.87 -19.07
C ALA K 205 6.05 45.84 -19.54
N VAL K 206 7.05 45.54 -18.71
CA VAL K 206 8.02 44.51 -19.11
C VAL K 206 7.51 43.12 -18.74
N GLU K 207 6.98 42.96 -17.52
CA GLU K 207 6.57 41.64 -17.07
C GLU K 207 5.30 41.16 -17.76
N ASP K 208 4.63 42.02 -18.51
CA ASP K 208 3.51 41.62 -19.37
C ASP K 208 3.48 42.56 -20.56
N PRO K 209 4.10 42.20 -21.67
CA PRO K 209 4.22 43.13 -22.81
C PRO K 209 2.89 43.54 -23.41
N ARG K 210 1.82 42.77 -23.17
CA ARG K 210 0.52 43.10 -23.74
C ARG K 210 -0.05 44.40 -23.20
N VAL K 211 0.49 44.91 -22.09
CA VAL K 211 0.05 46.20 -21.55
C VAL K 211 0.33 47.31 -22.55
N LEU K 212 1.45 47.21 -23.27
CA LEU K 212 1.77 48.20 -24.30
C LEU K 212 0.69 48.24 -25.38
N LEU K 213 0.22 47.07 -25.81
CA LEU K 213 -0.87 47.02 -26.77
C LEU K 213 -2.17 47.51 -26.16
N LEU K 214 -2.38 47.30 -24.87
CA LEU K 214 -3.60 47.66 -24.19
C LEU K 214 -3.60 49.10 -23.67
N ASP K 215 -2.43 49.74 -23.61
CA ASP K 215 -2.28 51.08 -23.05
C ASP K 215 -2.80 51.11 -21.62
N LEU K 216 -2.12 50.38 -20.75
CA LEU K 216 -2.50 50.30 -19.35
C LEU K 216 -1.45 50.91 -18.44
N CYS L 8 -23.21 -67.67 -1.95
CA CYS L 8 -21.80 -67.92 -1.64
C CYS L 8 -21.26 -66.87 -0.68
N ALA L 9 -19.95 -66.94 -0.41
CA ALA L 9 -19.30 -65.94 0.42
C ALA L 9 -19.25 -64.62 -0.33
N MET L 10 -20.26 -63.78 -0.14
CA MET L 10 -20.44 -62.57 -0.93
C MET L 10 -19.80 -61.39 -0.21
N LEU L 11 -18.58 -61.07 -0.60
CA LEU L 11 -17.93 -59.85 -0.15
C LEU L 11 -18.00 -58.81 -1.25
N THR L 12 -17.88 -57.54 -0.85
CA THR L 12 -17.90 -56.41 -1.77
C THR L 12 -16.88 -55.39 -1.30
N THR L 13 -16.10 -54.86 -2.24
CA THR L 13 -15.10 -53.85 -1.93
C THR L 13 -15.29 -52.66 -2.86
N PHE L 14 -15.09 -51.47 -2.32
CA PHE L 14 -15.32 -50.22 -3.03
C PHE L 14 -14.00 -49.46 -3.13
N ASN L 15 -13.96 -48.57 -4.12
CA ASN L 15 -12.81 -47.68 -4.30
C ASN L 15 -13.25 -46.51 -5.15
N GLU L 16 -12.48 -45.43 -5.09
CA GLU L 16 -12.77 -44.21 -5.84
C GLU L 16 -11.80 -44.06 -6.98
N VAL L 17 -12.27 -43.50 -8.10
CA VAL L 17 -11.45 -43.31 -9.29
C VAL L 17 -11.59 -41.87 -9.77
N ASP L 18 -10.46 -41.21 -10.00
CA ASP L 18 -10.45 -39.85 -10.51
C ASP L 18 -10.60 -39.87 -12.03
N MET L 19 -11.58 -39.13 -12.53
CA MET L 19 -11.91 -39.18 -13.95
C MET L 19 -11.52 -37.91 -14.69
N SER L 20 -10.66 -37.07 -14.10
CA SER L 20 -10.24 -35.84 -14.77
C SER L 20 -9.51 -36.14 -16.07
N ASN L 21 -8.63 -37.14 -16.06
CA ASN L 21 -7.86 -37.47 -17.25
C ASN L 21 -8.76 -37.97 -18.38
N ILE L 22 -9.77 -38.79 -18.03
CA ILE L 22 -10.65 -39.33 -19.06
C ILE L 22 -11.54 -38.23 -19.64
N GLN L 23 -12.04 -37.32 -18.79
CA GLN L 23 -12.78 -36.18 -19.29
C GLN L 23 -11.91 -35.31 -20.20
N GLU L 24 -10.65 -35.11 -19.82
CA GLU L 24 -9.74 -34.31 -20.64
C GLU L 24 -9.52 -34.97 -22.00
N MET L 25 -9.29 -36.28 -22.02
CA MET L 25 -9.10 -37.00 -23.28
C MET L 25 -10.35 -36.92 -24.14
N ARG L 26 -11.51 -37.11 -23.51
CA ARG L 26 -12.77 -37.08 -24.24
C ARG L 26 -13.00 -35.72 -24.88
N ALA L 27 -12.80 -34.65 -24.10
CA ALA L 27 -12.97 -33.31 -24.63
C ALA L 27 -11.97 -33.02 -25.75
N ARG L 28 -10.73 -33.48 -25.60
CA ARG L 28 -9.71 -33.17 -26.60
C ARG L 28 -9.97 -33.89 -27.91
N HIS L 29 -10.42 -35.15 -27.86
CA HIS L 29 -10.40 -36.01 -29.04
C HIS L 29 -11.77 -36.48 -29.49
N LYS L 30 -12.87 -36.00 -28.90
CA LYS L 30 -14.18 -36.51 -29.29
C LYS L 30 -14.55 -36.09 -30.70
N ASP L 31 -14.19 -34.88 -31.12
CA ASP L 31 -14.51 -34.42 -32.47
C ASP L 31 -13.79 -35.26 -33.52
N ALA L 32 -12.49 -35.49 -33.33
CA ALA L 32 -11.74 -36.32 -34.26
C ALA L 32 -12.26 -37.75 -34.25
N PHE L 33 -12.61 -38.27 -33.07
CA PHE L 33 -13.13 -39.63 -32.99
C PHE L 33 -14.43 -39.77 -33.74
N LEU L 34 -15.33 -38.79 -33.62
CA LEU L 34 -16.59 -38.81 -34.35
C LEU L 34 -16.35 -38.68 -35.86
N LYS L 35 -15.41 -37.83 -36.27
CA LYS L 35 -15.12 -37.68 -37.68
C LYS L 35 -14.57 -38.97 -38.29
N LYS L 36 -13.66 -39.64 -37.57
CA LYS L 36 -13.00 -40.82 -38.10
C LYS L 36 -13.89 -42.05 -38.01
N HIS L 37 -14.29 -42.43 -36.79
CA HIS L 37 -15.01 -43.69 -36.59
C HIS L 37 -16.51 -43.54 -36.54
N ASN L 38 -17.03 -42.32 -36.64
CA ASN L 38 -18.48 -42.06 -36.58
C ASN L 38 -19.10 -42.64 -35.31
N LEU L 39 -18.50 -42.29 -34.17
CA LEU L 39 -18.89 -42.87 -32.89
C LEU L 39 -18.74 -41.81 -31.81
N LYS L 40 -19.38 -42.04 -30.67
CA LYS L 40 -19.23 -41.13 -29.53
C LYS L 40 -18.28 -41.74 -28.50
N LEU L 41 -17.59 -40.86 -27.78
CA LEU L 41 -16.70 -41.29 -26.71
C LEU L 41 -17.48 -41.42 -25.40
N GLY L 42 -17.44 -42.62 -24.83
CA GLY L 42 -18.09 -42.86 -23.55
C GLY L 42 -17.09 -43.24 -22.48
N PHE L 43 -17.58 -43.49 -21.27
CA PHE L 43 -16.73 -43.93 -20.18
C PHE L 43 -16.62 -45.44 -20.11
N MET L 44 -17.43 -46.16 -20.88
CA MET L 44 -17.42 -47.61 -20.80
C MET L 44 -16.17 -48.20 -21.43
N SER L 45 -15.65 -47.55 -22.47
CA SER L 45 -14.45 -48.06 -23.13
C SER L 45 -13.27 -48.15 -22.17
N ALA L 46 -13.04 -47.07 -21.42
CA ALA L 46 -11.92 -47.06 -20.47
C ALA L 46 -12.10 -48.13 -19.41
N PHE L 47 -13.32 -48.29 -18.90
CA PHE L 47 -13.56 -49.24 -17.82
C PHE L 47 -13.42 -50.67 -18.31
N VAL L 48 -13.92 -50.98 -19.50
CA VAL L 48 -13.82 -52.34 -20.01
C VAL L 48 -12.38 -52.67 -20.38
N LYS L 49 -11.65 -51.71 -20.94
CA LYS L 49 -10.24 -51.97 -21.25
C LYS L 49 -9.44 -52.16 -19.97
N ALA L 50 -9.70 -51.35 -18.94
CA ALA L 50 -9.03 -51.53 -17.66
C ALA L 50 -9.37 -52.87 -17.04
N SER L 51 -10.63 -53.30 -17.16
CA SER L 51 -11.03 -54.59 -16.62
C SER L 51 -10.31 -55.73 -17.34
N ALA L 52 -10.20 -55.64 -18.67
CA ALA L 52 -9.47 -56.67 -19.41
C ALA L 52 -8.00 -56.69 -19.00
N PHE L 53 -7.38 -55.52 -18.86
CA PHE L 53 -5.98 -55.46 -18.48
C PHE L 53 -5.77 -56.06 -17.08
N ALA L 54 -6.64 -55.71 -16.13
CA ALA L 54 -6.53 -56.25 -14.79
C ALA L 54 -6.78 -57.76 -14.78
N LEU L 55 -7.67 -58.23 -15.64
CA LEU L 55 -7.88 -59.67 -15.78
C LEU L 55 -6.61 -60.36 -16.30
N GLN L 56 -5.89 -59.69 -17.20
CA GLN L 56 -4.62 -60.25 -17.68
C GLN L 56 -3.59 -60.33 -16.56
N GLU L 57 -3.47 -59.25 -15.76
CA GLU L 57 -2.48 -59.28 -14.69
C GLU L 57 -2.82 -60.28 -13.58
N GLN L 58 -4.06 -60.74 -13.49
CA GLN L 58 -4.43 -61.80 -12.55
C GLN L 58 -5.53 -62.67 -13.14
N PRO L 59 -5.18 -63.81 -13.73
CA PRO L 59 -6.21 -64.70 -14.28
C PRO L 59 -7.04 -65.40 -13.22
N VAL L 60 -6.58 -65.43 -11.96
CA VAL L 60 -7.33 -66.14 -10.92
C VAL L 60 -8.69 -65.50 -10.72
N VAL L 61 -8.77 -64.18 -10.85
CA VAL L 61 -10.06 -63.51 -10.78
C VAL L 61 -10.91 -63.84 -12.00
N ASN L 62 -10.28 -64.17 -13.13
CA ASN L 62 -11.02 -64.59 -14.31
C ASN L 62 -11.49 -66.04 -14.23
N ALA L 63 -10.90 -66.84 -13.35
CA ALA L 63 -11.22 -68.26 -13.28
C ALA L 63 -12.63 -68.48 -12.71
N VAL L 64 -13.10 -69.71 -12.82
CA VAL L 64 -14.41 -70.11 -12.31
C VAL L 64 -14.24 -71.38 -11.51
N ILE L 65 -15.20 -71.64 -10.62
CA ILE L 65 -15.21 -72.84 -9.80
C ILE L 65 -16.26 -73.78 -10.37
N ASP L 66 -15.85 -75.03 -10.64
CA ASP L 66 -16.74 -76.05 -11.19
C ASP L 66 -17.24 -76.92 -10.06
N ASP L 67 -18.54 -76.79 -9.73
CA ASP L 67 -19.11 -77.55 -8.64
C ASP L 67 -19.25 -79.04 -8.97
N ALA L 68 -19.17 -79.40 -10.25
CA ALA L 68 -19.23 -80.81 -10.62
C ALA L 68 -18.05 -81.58 -10.05
N THR L 69 -16.85 -81.01 -10.11
CA THR L 69 -15.64 -81.65 -9.60
C THR L 69 -15.05 -80.93 -8.41
N LYS L 70 -15.65 -79.81 -7.98
CA LYS L 70 -15.16 -79.02 -6.85
C LYS L 70 -13.72 -78.55 -7.07
N GLU L 71 -13.37 -78.33 -8.33
CA GLU L 71 -12.06 -77.82 -8.71
C GLU L 71 -12.19 -76.39 -9.23
N VAL L 72 -11.05 -75.81 -9.58
CA VAL L 72 -10.97 -74.44 -10.08
C VAL L 72 -10.64 -74.49 -11.56
N VAL L 73 -11.45 -73.83 -12.38
CA VAL L 73 -11.28 -73.83 -13.83
C VAL L 73 -10.85 -72.44 -14.26
N TYR L 74 -9.60 -72.34 -14.73
CA TYR L 74 -9.04 -71.10 -15.23
C TYR L 74 -9.41 -70.93 -16.70
N ARG L 75 -9.45 -69.69 -17.17
CA ARG L 75 -9.57 -69.38 -18.58
C ARG L 75 -8.48 -68.42 -18.99
N ASP L 76 -8.02 -68.55 -20.24
CA ASP L 76 -7.00 -67.66 -20.80
C ASP L 76 -7.57 -66.72 -21.86
N TYR L 77 -8.89 -66.64 -21.99
CA TYR L 77 -9.54 -65.76 -22.95
C TYR L 77 -10.43 -64.77 -22.21
N ILE L 78 -10.39 -63.51 -22.64
CA ILE L 78 -11.05 -62.42 -21.94
C ILE L 78 -12.31 -62.05 -22.71
N ASP L 79 -13.46 -62.50 -22.21
CA ASP L 79 -14.76 -62.11 -22.74
C ASP L 79 -15.58 -61.54 -21.59
N ILE L 80 -16.07 -60.32 -21.75
CA ILE L 80 -16.75 -59.61 -20.68
C ILE L 80 -18.18 -59.29 -21.10
N SER L 81 -19.09 -59.30 -20.14
CA SER L 81 -20.49 -59.01 -20.37
C SER L 81 -20.77 -57.58 -19.95
N VAL L 82 -21.27 -56.78 -20.89
CA VAL L 82 -21.57 -55.37 -20.66
C VAL L 82 -23.07 -55.24 -20.47
N ALA L 83 -23.48 -54.70 -19.33
CA ALA L 83 -24.89 -54.52 -19.04
C ALA L 83 -25.42 -53.31 -19.80
N VAL L 84 -26.54 -53.49 -20.49
CA VAL L 84 -27.17 -52.44 -21.27
C VAL L 84 -28.53 -52.15 -20.65
N ALA L 85 -28.77 -50.88 -20.32
CA ALA L 85 -30.05 -50.48 -19.78
C ALA L 85 -31.08 -50.47 -20.89
N THR L 86 -32.15 -51.23 -20.72
CA THR L 86 -33.23 -51.34 -21.68
C THR L 86 -34.56 -51.17 -20.95
N PRO L 87 -35.60 -50.72 -21.66
CA PRO L 87 -36.92 -50.59 -21.01
C PRO L 87 -37.44 -51.89 -20.42
N ARG L 88 -37.08 -53.04 -20.98
CA ARG L 88 -37.54 -54.31 -20.44
C ARG L 88 -36.80 -54.72 -19.17
N GLY L 89 -35.69 -54.05 -18.84
CA GLY L 89 -34.94 -54.40 -17.66
C GLY L 89 -33.44 -54.37 -17.87
N LEU L 90 -32.74 -55.40 -17.40
CA LEU L 90 -31.29 -55.50 -17.53
C LEU L 90 -30.94 -56.63 -18.49
N VAL L 91 -30.12 -56.32 -19.49
CA VAL L 91 -29.61 -57.32 -20.43
C VAL L 91 -28.10 -57.31 -20.35
N VAL L 92 -27.50 -58.44 -20.71
CA VAL L 92 -26.04 -58.57 -20.62
C VAL L 92 -25.46 -59.14 -21.91
N PRO L 93 -25.50 -58.40 -23.02
CA PRO L 93 -24.72 -58.82 -24.20
C PRO L 93 -23.23 -58.77 -23.88
N VAL L 94 -22.49 -59.71 -24.46
CA VAL L 94 -21.08 -59.87 -24.13
C VAL L 94 -20.23 -59.38 -25.30
N ILE L 95 -18.97 -59.13 -25.02
CA ILE L 95 -17.97 -58.76 -26.01
C ILE L 95 -16.87 -59.81 -26.00
N ARG L 96 -16.43 -60.23 -27.18
CA ARG L 96 -15.50 -61.33 -27.32
C ARG L 96 -14.09 -60.83 -27.57
N ASN L 97 -13.14 -61.41 -26.83
CA ASN L 97 -11.71 -61.15 -27.01
C ASN L 97 -11.40 -59.66 -26.88
N VAL L 98 -11.62 -59.16 -25.66
CA VAL L 98 -11.36 -57.75 -25.38
C VAL L 98 -9.87 -57.50 -25.19
N GLU L 99 -9.09 -58.53 -24.81
CA GLU L 99 -7.66 -58.33 -24.60
C GLU L 99 -6.94 -57.98 -25.90
N THR L 100 -7.57 -58.21 -27.05
CA THR L 100 -7.04 -57.80 -28.34
C THR L 100 -7.92 -56.73 -28.99
N MET L 101 -8.41 -55.77 -28.21
CA MET L 101 -9.32 -54.74 -28.67
C MET L 101 -8.89 -53.40 -28.08
N ASN L 102 -9.08 -52.34 -28.86
CA ASN L 102 -8.76 -51.00 -28.40
C ASN L 102 -10.03 -50.18 -28.22
N TYR L 103 -9.88 -48.91 -27.86
CA TYR L 103 -11.03 -48.10 -27.45
C TYR L 103 -12.06 -47.98 -28.57
N ALA L 104 -11.60 -47.76 -29.80
CA ALA L 104 -12.51 -47.56 -30.92
C ALA L 104 -13.29 -48.83 -31.22
N ASP L 105 -12.60 -49.96 -31.34
CA ASP L 105 -13.27 -51.22 -31.59
C ASP L 105 -14.18 -51.61 -30.44
N ILE L 106 -13.73 -51.36 -29.20
CA ILE L 106 -14.56 -51.66 -28.03
C ILE L 106 -15.86 -50.87 -28.08
N GLU L 107 -15.76 -49.57 -28.36
CA GLU L 107 -16.94 -48.72 -28.37
C GLU L 107 -17.85 -49.05 -29.55
N ARG L 108 -17.25 -49.44 -30.68
CA ARG L 108 -18.05 -49.89 -31.83
C ARG L 108 -18.85 -51.14 -31.47
N THR L 109 -18.19 -52.13 -30.84
CA THR L 109 -18.88 -53.34 -30.46
C THR L 109 -19.97 -53.05 -29.43
N ILE L 110 -19.68 -52.18 -28.46
CA ILE L 110 -20.66 -51.82 -27.45
C ILE L 110 -21.87 -51.17 -28.11
N ASN L 111 -21.64 -50.28 -29.08
CA ASN L 111 -22.73 -49.64 -29.79
C ASN L 111 -23.54 -50.67 -30.57
N GLU L 112 -22.88 -51.64 -31.20
CA GLU L 112 -23.59 -52.65 -31.97
C GLU L 112 -24.49 -53.51 -31.07
N LEU L 113 -23.94 -54.02 -29.96
CA LEU L 113 -24.76 -54.81 -29.05
C LEU L 113 -25.88 -53.97 -28.45
N GLY L 114 -25.60 -52.71 -28.13
CA GLY L 114 -26.64 -51.85 -27.60
C GLY L 114 -27.77 -51.63 -28.59
N GLU L 115 -27.42 -51.42 -29.86
CA GLU L 115 -28.44 -51.26 -30.90
C GLU L 115 -29.27 -52.53 -31.05
N LYS L 116 -28.61 -53.69 -31.06
CA LYS L 116 -29.34 -54.96 -31.17
C LYS L 116 -30.28 -55.15 -29.98
N ALA L 117 -29.81 -54.87 -28.77
CA ALA L 117 -30.64 -55.05 -27.59
C ALA L 117 -31.80 -54.07 -27.56
N ARG L 118 -31.56 -52.82 -27.96
CA ARG L 118 -32.63 -51.82 -27.99
C ARG L 118 -33.69 -52.19 -29.02
N LYS L 119 -33.27 -52.74 -30.15
CA LYS L 119 -34.21 -53.21 -31.16
C LYS L 119 -34.65 -54.65 -30.92
N ASN L 120 -34.12 -55.30 -29.87
CA ASN L 120 -34.48 -56.66 -29.49
C ASN L 120 -34.11 -57.67 -30.58
N GLU L 121 -32.81 -57.77 -30.83
CA GLU L 121 -32.26 -58.81 -31.69
C GLU L 121 -31.17 -59.62 -30.99
N LEU L 122 -31.18 -59.68 -29.66
CA LEU L 122 -30.11 -60.34 -28.92
C LEU L 122 -30.35 -61.84 -28.88
N ALA L 123 -29.56 -62.59 -29.66
CA ALA L 123 -29.62 -64.04 -29.62
C ALA L 123 -29.02 -64.54 -28.30
N ILE L 124 -29.48 -65.73 -27.89
CA ILE L 124 -29.08 -66.26 -26.59
C ILE L 124 -27.58 -66.45 -26.50
N GLU L 125 -26.91 -66.63 -27.65
CA GLU L 125 -25.45 -66.75 -27.66
C GLU L 125 -24.75 -65.47 -27.23
N ASP L 126 -25.46 -64.34 -27.16
CA ASP L 126 -24.86 -63.08 -26.79
C ASP L 126 -24.77 -62.84 -25.29
N MET L 127 -25.47 -63.63 -24.47
CA MET L 127 -25.42 -63.44 -23.03
C MET L 127 -24.68 -64.54 -22.28
N ASP L 128 -24.21 -65.58 -22.95
CA ASP L 128 -23.53 -66.68 -22.28
C ASP L 128 -22.06 -66.72 -22.69
N GLY L 129 -21.25 -67.31 -21.82
CA GLY L 129 -19.82 -67.37 -22.02
C GLY L 129 -19.07 -66.17 -21.51
N GLY L 130 -19.77 -65.13 -21.03
CA GLY L 130 -19.09 -63.99 -20.47
C GLY L 130 -18.33 -64.36 -19.21
N THR L 131 -17.05 -64.03 -19.19
CA THR L 131 -16.19 -64.37 -18.07
C THR L 131 -16.22 -63.34 -16.94
N PHE L 132 -16.77 -62.16 -17.17
CA PHE L 132 -16.75 -61.10 -16.18
C PHE L 132 -17.75 -60.03 -16.62
N THR L 133 -18.56 -59.55 -15.68
CA THR L 133 -19.65 -58.65 -16.00
C THR L 133 -19.32 -57.22 -15.58
N ILE L 134 -19.77 -56.26 -16.39
CA ILE L 134 -19.67 -54.84 -16.07
C ILE L 134 -21.08 -54.27 -16.12
N SER L 135 -21.55 -53.74 -14.99
CA SER L 135 -22.87 -53.14 -14.89
C SER L 135 -22.72 -51.64 -14.67
N ASN L 136 -23.50 -50.86 -15.40
CA ASN L 136 -23.42 -49.40 -15.34
C ASN L 136 -24.76 -48.92 -14.82
N GLY L 137 -24.89 -48.84 -13.49
CA GLY L 137 -26.05 -48.27 -12.86
C GLY L 137 -25.95 -46.80 -12.56
N GLY L 138 -24.90 -46.13 -13.04
CA GLY L 138 -24.71 -44.72 -12.76
C GLY L 138 -25.44 -43.79 -13.70
N VAL L 139 -25.98 -44.31 -14.80
CA VAL L 139 -26.76 -43.48 -15.70
C VAL L 139 -27.99 -42.93 -14.99
N PHE L 140 -28.50 -43.67 -14.00
CA PHE L 140 -29.61 -43.21 -13.18
C PHE L 140 -29.17 -42.35 -12.01
N GLY L 141 -27.87 -42.23 -11.75
CA GLY L 141 -27.38 -41.31 -10.75
C GLY L 141 -27.07 -41.89 -9.39
N SER L 142 -26.75 -43.17 -9.31
CA SER L 142 -26.42 -43.78 -8.02
C SER L 142 -25.07 -43.29 -7.53
N LEU L 143 -24.95 -43.16 -6.20
CA LEU L 143 -23.65 -42.81 -5.60
C LEU L 143 -22.75 -44.04 -5.54
N PHE L 144 -23.17 -45.06 -4.79
CA PHE L 144 -22.52 -46.36 -4.84
C PHE L 144 -23.47 -47.41 -4.26
N GLY L 145 -23.23 -48.66 -4.63
CA GLY L 145 -24.08 -49.75 -4.18
C GLY L 145 -23.40 -51.08 -4.43
N THR L 146 -24.06 -52.14 -3.99
CA THR L 146 -23.49 -53.48 -4.09
C THR L 146 -24.12 -54.24 -5.25
N PRO L 147 -23.38 -54.52 -6.32
CA PRO L 147 -23.93 -55.34 -7.41
C PRO L 147 -23.90 -56.82 -7.07
N ILE L 148 -24.58 -57.60 -7.90
CA ILE L 148 -24.70 -59.05 -7.73
C ILE L 148 -24.09 -59.70 -8.97
N ILE L 149 -23.23 -60.69 -8.76
CA ILE L 149 -22.59 -61.37 -9.87
C ILE L 149 -23.63 -62.17 -10.65
N ASN L 150 -23.65 -61.99 -11.96
CA ASN L 150 -24.45 -62.86 -12.81
C ASN L 150 -23.79 -64.23 -12.91
N PRO L 151 -24.48 -65.31 -12.55
CA PRO L 151 -23.83 -66.62 -12.58
C PRO L 151 -23.42 -66.99 -13.99
N PRO L 152 -22.40 -67.84 -14.14
CA PRO L 152 -21.59 -68.47 -13.09
C PRO L 152 -20.27 -67.74 -12.82
N GLN L 153 -20.17 -66.47 -13.17
CA GLN L 153 -18.93 -65.74 -12.98
C GLN L 153 -18.64 -65.55 -11.49
N SER L 154 -17.39 -65.17 -11.20
CA SER L 154 -16.95 -64.96 -9.83
C SER L 154 -16.75 -63.49 -9.47
N ALA L 155 -17.07 -62.57 -10.37
CA ALA L 155 -16.88 -61.16 -10.07
C ALA L 155 -17.75 -60.31 -10.99
N ILE L 156 -17.97 -59.07 -10.56
CA ILE L 156 -18.68 -58.07 -11.35
C ILE L 156 -18.19 -56.69 -10.92
N LEU L 157 -18.02 -55.80 -11.90
CA LEU L 157 -17.64 -54.42 -11.63
C LEU L 157 -18.86 -53.54 -11.89
N GLY L 158 -19.39 -52.94 -10.83
CA GLY L 158 -20.52 -52.03 -10.94
C GLY L 158 -20.03 -50.60 -10.83
N MET L 159 -20.33 -49.81 -11.85
CA MET L 159 -19.92 -48.42 -11.92
C MET L 159 -21.12 -47.52 -11.66
N HIS L 160 -20.85 -46.35 -11.08
CA HIS L 160 -21.92 -45.47 -10.63
C HIS L 160 -21.80 -44.09 -11.27
N GLY L 161 -22.54 -43.12 -10.75
CA GLY L 161 -22.53 -41.80 -11.33
C GLY L 161 -21.22 -41.07 -11.10
N ILE L 162 -21.01 -40.03 -11.90
CA ILE L 162 -19.80 -39.21 -11.84
C ILE L 162 -20.17 -37.90 -11.16
N PHE L 163 -19.54 -37.62 -10.02
CA PHE L 163 -19.83 -36.44 -9.23
C PHE L 163 -18.54 -35.68 -8.97
N ASP L 164 -18.68 -34.43 -8.55
CA ASP L 164 -17.54 -33.59 -8.21
C ASP L 164 -17.40 -33.55 -6.69
N ARG L 165 -16.24 -33.95 -6.19
CA ARG L 165 -15.95 -33.95 -4.77
C ARG L 165 -14.63 -33.24 -4.52
N PRO L 166 -14.47 -32.61 -3.36
CA PRO L 166 -13.15 -32.10 -2.98
C PRO L 166 -12.22 -33.26 -2.66
N VAL L 167 -11.01 -33.22 -3.20
CA VAL L 167 -10.01 -34.25 -2.97
C VAL L 167 -8.69 -33.60 -2.62
N ALA L 168 -7.93 -34.27 -1.77
CA ALA L 168 -6.64 -33.77 -1.29
C ALA L 168 -5.54 -34.38 -2.13
N VAL L 169 -4.92 -33.57 -2.98
CA VAL L 169 -3.74 -33.96 -3.74
C VAL L 169 -2.61 -33.00 -3.42
N GLY L 170 -1.42 -33.54 -3.16
CA GLY L 170 -0.31 -32.70 -2.78
C GLY L 170 -0.47 -31.99 -1.46
N GLY L 171 -1.38 -32.45 -0.61
CA GLY L 171 -1.64 -31.80 0.65
C GLY L 171 -2.58 -30.61 0.59
N LYS L 172 -3.18 -30.35 -0.57
CA LYS L 172 -4.09 -29.23 -0.76
C LYS L 172 -5.40 -29.73 -1.34
N VAL L 173 -6.46 -28.98 -1.08
CA VAL L 173 -7.81 -29.39 -1.45
C VAL L 173 -8.11 -28.92 -2.87
N GLU L 174 -8.59 -29.84 -3.70
CA GLU L 174 -8.97 -29.55 -5.08
C GLU L 174 -10.29 -30.23 -5.39
N VAL L 175 -11.02 -29.67 -6.36
CA VAL L 175 -12.30 -30.21 -6.79
C VAL L 175 -12.10 -30.95 -8.11
N ARG L 176 -12.34 -32.25 -8.10
CA ARG L 176 -12.14 -33.10 -9.25
C ARG L 176 -13.37 -33.95 -9.48
N PRO L 177 -13.66 -34.32 -10.74
CA PRO L 177 -14.80 -35.20 -11.01
C PRO L 177 -14.47 -36.63 -10.59
N MET L 178 -15.02 -37.05 -9.46
CA MET L 178 -14.71 -38.33 -8.86
C MET L 178 -15.77 -39.36 -9.23
N MET L 179 -15.55 -40.59 -8.80
CA MET L 179 -16.45 -41.67 -9.14
C MET L 179 -16.23 -42.84 -8.19
N TYR L 180 -17.31 -43.54 -7.84
CA TYR L 180 -17.26 -44.69 -6.96
C TYR L 180 -17.48 -45.95 -7.80
N VAL L 181 -16.63 -46.95 -7.59
CA VAL L 181 -16.73 -48.23 -8.27
C VAL L 181 -16.77 -49.33 -7.22
N ALA L 182 -17.45 -50.42 -7.55
CA ALA L 182 -17.61 -51.55 -6.64
C ALA L 182 -17.23 -52.84 -7.36
N LEU L 183 -16.84 -53.85 -6.57
CA LEU L 183 -16.49 -55.17 -7.10
C LEU L 183 -17.00 -56.22 -6.14
N THR L 184 -17.91 -57.07 -6.60
CA THR L 184 -18.47 -58.15 -5.80
C THR L 184 -17.84 -59.46 -6.25
N TYR L 185 -17.26 -60.19 -5.30
CA TYR L 185 -16.47 -61.37 -5.59
C TYR L 185 -16.83 -62.50 -4.64
N ASP L 186 -16.21 -63.66 -4.86
CA ASP L 186 -16.41 -64.83 -4.01
C ASP L 186 -15.19 -65.01 -3.11
N HIS L 187 -15.42 -65.03 -1.80
CA HIS L 187 -14.30 -65.23 -0.87
C HIS L 187 -13.75 -66.64 -0.96
N ARG L 188 -14.59 -67.62 -1.29
CA ARG L 188 -14.14 -69.01 -1.39
C ARG L 188 -13.18 -69.24 -2.54
N LEU L 189 -13.13 -68.33 -3.51
CA LEU L 189 -12.18 -68.39 -4.62
C LEU L 189 -11.16 -67.27 -4.58
N ILE L 190 -11.57 -66.09 -4.13
CA ILE L 190 -10.74 -64.89 -4.20
C ILE L 190 -10.54 -64.36 -2.79
N ASP L 191 -9.28 -64.24 -2.37
CA ASP L 191 -9.02 -63.62 -1.08
C ASP L 191 -9.14 -62.11 -1.21
N GLY L 192 -9.26 -61.43 -0.06
CA GLY L 192 -9.42 -59.99 -0.09
C GLY L 192 -8.25 -59.28 -0.73
N ARG L 193 -7.03 -59.79 -0.52
CA ARG L 193 -5.84 -59.22 -1.14
C ARG L 193 -6.00 -59.14 -2.65
N GLU L 194 -6.42 -60.24 -3.27
CA GLU L 194 -6.40 -60.32 -4.73
C GLU L 194 -7.49 -59.43 -5.33
N ALA L 195 -8.68 -59.45 -4.76
CA ALA L 195 -9.76 -58.60 -5.26
C ALA L 195 -9.44 -57.11 -5.06
N VAL L 196 -8.86 -56.76 -3.90
CA VAL L 196 -8.47 -55.38 -3.67
C VAL L 196 -7.42 -54.95 -4.68
N THR L 197 -6.43 -55.82 -4.94
CA THR L 197 -5.41 -55.49 -5.93
C THR L 197 -6.01 -55.35 -7.33
N PHE L 198 -6.98 -56.20 -7.66
CA PHE L 198 -7.64 -56.12 -8.97
C PHE L 198 -8.38 -54.80 -9.14
N LEU L 199 -9.12 -54.39 -8.11
CA LEU L 199 -9.83 -53.11 -8.19
C LEU L 199 -8.85 -51.94 -8.23
N ARG L 200 -7.78 -52.01 -7.44
CA ARG L 200 -6.75 -50.97 -7.49
C ARG L 200 -6.14 -50.88 -8.87
N LYS L 201 -5.97 -52.02 -9.54
CA LYS L 201 -5.33 -52.03 -10.85
C LYS L 201 -6.27 -51.46 -11.92
N ILE L 202 -7.56 -51.76 -11.81
CA ILE L 202 -8.54 -51.12 -12.70
C ILE L 202 -8.54 -49.62 -12.49
N LYS L 203 -8.53 -49.19 -11.22
CA LYS L 203 -8.45 -47.77 -10.92
C LYS L 203 -7.23 -47.13 -11.57
N ALA L 204 -6.07 -47.78 -11.45
CA ALA L 204 -4.85 -47.23 -12.03
C ALA L 204 -4.93 -47.16 -13.55
N ALA L 205 -5.48 -48.20 -14.18
CA ALA L 205 -5.54 -48.22 -15.63
C ALA L 205 -6.57 -47.24 -16.18
N VAL L 206 -7.55 -46.84 -15.37
CA VAL L 206 -8.52 -45.85 -15.84
C VAL L 206 -8.01 -44.43 -15.57
N GLU L 207 -7.44 -44.19 -14.39
CA GLU L 207 -6.95 -42.85 -14.06
C GLU L 207 -5.87 -42.40 -15.03
N ASP L 208 -4.93 -43.29 -15.35
CA ASP L 208 -3.88 -43.01 -16.31
C ASP L 208 -4.00 -44.01 -17.46
N PRO L 209 -4.63 -43.64 -18.58
CA PRO L 209 -4.78 -44.59 -19.69
C PRO L 209 -3.45 -45.05 -20.26
N ARG L 210 -2.37 -44.30 -20.05
CA ARG L 210 -1.07 -44.75 -20.53
C ARG L 210 -0.60 -46.01 -19.83
N VAL L 211 -1.16 -46.32 -18.65
CA VAL L 211 -0.78 -47.54 -17.96
C VAL L 211 -1.09 -48.76 -18.81
N LEU L 212 -2.14 -48.68 -19.64
CA LEU L 212 -2.44 -49.79 -20.55
C LEU L 212 -1.31 -50.00 -21.55
N LEU L 213 -0.72 -48.91 -22.03
CA LEU L 213 0.40 -49.03 -22.97
C LEU L 213 1.67 -49.50 -22.27
N LEU L 214 1.97 -48.94 -21.10
CA LEU L 214 3.20 -49.29 -20.40
C LEU L 214 3.22 -50.73 -19.91
N ASP L 215 2.06 -51.39 -19.85
CA ASP L 215 1.94 -52.75 -19.36
C ASP L 215 2.53 -52.88 -17.97
N LEU L 216 1.95 -52.12 -17.04
CA LEU L 216 2.43 -52.09 -15.66
C LEU L 216 1.70 -53.11 -14.80
N GLN M 5 -75.19 -0.27 -3.34
CA GLN M 5 -74.61 -1.19 -2.38
C GLN M 5 -74.22 -0.45 -1.09
N ASN M 6 -75.05 -0.57 -0.07
CA ASN M 6 -74.77 0.01 1.24
C ASN M 6 -74.70 -1.01 2.35
N THR M 7 -75.14 -2.25 2.12
CA THR M 7 -75.18 -3.25 3.18
C THR M 7 -73.79 -3.68 3.59
N CYS M 8 -72.91 -3.96 2.62
CA CYS M 8 -71.58 -4.47 2.93
C CYS M 8 -70.65 -3.32 3.30
N ALA M 9 -70.08 -3.39 4.49
CA ALA M 9 -69.08 -2.42 4.94
C ALA M 9 -67.76 -2.82 4.29
N MET M 10 -67.50 -2.27 3.10
CA MET M 10 -66.33 -2.64 2.33
C MET M 10 -65.08 -2.00 2.90
N LEU M 11 -64.08 -2.82 3.18
CA LEU M 11 -62.78 -2.36 3.69
C LEU M 11 -61.69 -3.13 2.99
N THR M 12 -60.56 -2.47 2.75
CA THR M 12 -59.41 -3.08 2.09
C THR M 12 -58.18 -2.98 2.98
N THR M 13 -57.47 -4.08 3.13
CA THR M 13 -56.15 -4.10 3.76
C THR M 13 -55.12 -4.54 2.74
N PHE M 14 -53.86 -4.17 3.00
CA PHE M 14 -52.78 -4.43 2.07
C PHE M 14 -51.59 -5.02 2.81
N ASN M 15 -50.79 -5.81 2.09
CA ASN M 15 -49.56 -6.39 2.62
C ASN M 15 -48.61 -6.62 1.47
N GLU M 16 -47.32 -6.60 1.80
CA GLU M 16 -46.24 -6.83 0.85
C GLU M 16 -45.64 -8.21 1.08
N VAL M 17 -45.56 -9.01 0.02
CA VAL M 17 -45.10 -10.39 0.11
C VAL M 17 -43.78 -10.51 -0.65
N ASP M 18 -42.85 -11.26 -0.08
CA ASP M 18 -41.56 -11.48 -0.73
C ASP M 18 -41.69 -12.61 -1.74
N MET M 19 -41.15 -12.39 -2.94
CA MET M 19 -41.33 -13.34 -4.02
C MET M 19 -40.06 -14.13 -4.35
N SER M 20 -38.95 -13.88 -3.64
CA SER M 20 -37.70 -14.53 -3.99
C SER M 20 -37.79 -16.04 -3.85
N ASN M 21 -38.47 -16.53 -2.81
CA ASN M 21 -38.57 -17.97 -2.59
C ASN M 21 -39.28 -18.66 -3.75
N ILE M 22 -40.41 -18.10 -4.17
CA ILE M 22 -41.14 -18.70 -5.28
C ILE M 22 -40.40 -18.47 -6.60
N GLN M 23 -39.70 -17.35 -6.74
CA GLN M 23 -38.89 -17.15 -7.94
C GLN M 23 -37.83 -18.23 -8.08
N GLU M 24 -37.13 -18.55 -6.98
CA GLU M 24 -36.11 -19.58 -7.04
C GLU M 24 -36.72 -20.96 -7.24
N MET M 25 -37.88 -21.21 -6.62
CA MET M 25 -38.58 -22.47 -6.85
C MET M 25 -38.90 -22.64 -8.32
N ARG M 26 -39.43 -21.59 -8.95
CA ARG M 26 -39.78 -21.65 -10.36
C ARG M 26 -38.56 -21.84 -11.23
N ALA M 27 -37.51 -21.05 -10.99
CA ALA M 27 -36.31 -21.15 -11.81
C ALA M 27 -35.67 -22.53 -11.71
N ARG M 28 -35.71 -23.14 -10.52
CA ARG M 28 -35.09 -24.44 -10.34
C ARG M 28 -35.94 -25.61 -10.81
N HIS M 29 -37.27 -25.52 -10.71
CA HIS M 29 -38.12 -26.67 -11.02
C HIS M 29 -38.98 -26.51 -12.26
N LYS M 30 -38.81 -25.42 -13.03
CA LYS M 30 -39.65 -25.18 -14.19
C LYS M 30 -39.45 -26.23 -15.27
N ASP M 31 -38.19 -26.55 -15.56
CA ASP M 31 -37.90 -27.55 -16.61
C ASP M 31 -38.46 -28.91 -16.23
N ALA M 32 -38.26 -29.32 -14.98
CA ALA M 32 -38.77 -30.62 -14.53
C ALA M 32 -40.28 -30.65 -14.54
N PHE M 33 -40.93 -29.55 -14.11
CA PHE M 33 -42.38 -29.50 -14.11
C PHE M 33 -42.94 -29.60 -15.53
N LEU M 34 -42.32 -28.89 -16.48
CA LEU M 34 -42.75 -28.98 -17.87
C LEU M 34 -42.53 -30.38 -18.43
N LYS M 35 -41.39 -31.00 -18.10
CA LYS M 35 -41.10 -32.35 -18.59
C LYS M 35 -42.11 -33.36 -18.06
N LYS M 36 -42.49 -33.24 -16.78
CA LYS M 36 -43.27 -34.29 -16.15
C LYS M 36 -44.77 -34.05 -16.33
N HIS M 37 -45.26 -32.87 -15.94
CA HIS M 37 -46.69 -32.58 -15.96
C HIS M 37 -47.16 -31.89 -17.24
N ASN M 38 -46.24 -31.50 -18.12
CA ASN M 38 -46.51 -30.87 -19.41
C ASN M 38 -46.96 -29.41 -19.27
N LEU M 39 -47.16 -28.93 -18.05
CA LEU M 39 -47.66 -27.59 -17.79
C LEU M 39 -46.50 -26.61 -17.61
N LYS M 40 -46.85 -25.34 -17.47
CA LYS M 40 -45.88 -24.30 -17.14
C LYS M 40 -46.13 -23.81 -15.72
N LEU M 41 -45.08 -23.83 -14.90
CA LEU M 41 -45.20 -23.41 -13.51
C LEU M 41 -45.38 -21.89 -13.45
N GLY M 42 -46.36 -21.46 -12.65
CA GLY M 42 -46.67 -20.04 -12.55
C GLY M 42 -46.81 -19.55 -11.13
N PHE M 43 -47.44 -18.39 -10.96
CA PHE M 43 -47.67 -17.80 -9.65
C PHE M 43 -49.07 -18.09 -9.12
N MET M 44 -50.01 -18.41 -10.00
CA MET M 44 -51.40 -18.58 -9.61
C MET M 44 -51.57 -19.72 -8.62
N SER M 45 -50.87 -20.84 -8.82
CA SER M 45 -51.04 -21.99 -7.95
C SER M 45 -50.66 -21.66 -6.51
N ALA M 46 -49.57 -20.90 -6.33
CA ALA M 46 -49.14 -20.55 -4.97
C ALA M 46 -50.19 -19.75 -4.25
N PHE M 47 -50.78 -18.75 -4.93
CA PHE M 47 -51.76 -17.90 -4.27
C PHE M 47 -53.06 -18.64 -4.01
N VAL M 48 -53.47 -19.52 -4.95
CA VAL M 48 -54.67 -20.31 -4.73
C VAL M 48 -54.49 -21.25 -3.55
N LYS M 49 -53.36 -21.94 -3.47
CA LYS M 49 -53.15 -22.87 -2.38
C LYS M 49 -52.96 -22.15 -1.06
N ALA M 50 -52.32 -20.98 -1.08
CA ALA M 50 -52.21 -20.17 0.13
C ALA M 50 -53.58 -19.71 0.61
N SER M 51 -54.45 -19.32 -0.31
CA SER M 51 -55.81 -18.95 0.06
C SER M 51 -56.56 -20.13 0.66
N ALA M 52 -56.42 -21.31 0.06
CA ALA M 52 -57.06 -22.49 0.61
C ALA M 52 -56.55 -22.80 2.02
N PHE M 53 -55.24 -22.71 2.22
CA PHE M 53 -54.67 -23.00 3.53
C PHE M 53 -55.15 -21.98 4.57
N ALA M 54 -55.20 -20.71 4.20
CA ALA M 54 -55.69 -19.69 5.11
C ALA M 54 -57.15 -19.89 5.45
N LEU M 55 -57.95 -20.31 4.47
CA LEU M 55 -59.37 -20.58 4.74
C LEU M 55 -59.54 -21.81 5.61
N GLN M 56 -58.66 -22.81 5.46
CA GLN M 56 -58.71 -23.95 6.36
C GLN M 56 -58.39 -23.54 7.80
N GLU M 57 -57.31 -22.79 8.00
CA GLU M 57 -56.94 -22.39 9.34
C GLU M 57 -57.87 -21.33 9.93
N GLN M 58 -58.71 -20.71 9.10
CA GLN M 58 -59.59 -19.63 9.56
C GLN M 58 -60.90 -19.71 8.81
N PRO M 59 -61.94 -20.45 9.28
CA PRO M 59 -63.16 -20.61 8.49
C PRO M 59 -64.03 -19.37 8.54
N VAL M 60 -63.80 -18.51 9.53
CA VAL M 60 -64.69 -17.36 9.68
C VAL M 60 -64.82 -16.61 8.36
N VAL M 61 -63.70 -16.41 7.67
CA VAL M 61 -63.72 -15.69 6.40
C VAL M 61 -64.48 -16.48 5.33
N ASN M 62 -64.39 -17.81 5.37
CA ASN M 62 -65.03 -18.63 4.36
C ASN M 62 -66.54 -18.56 4.42
N ALA M 63 -67.11 -18.25 5.57
CA ALA M 63 -68.56 -18.21 5.73
C ALA M 63 -69.14 -16.98 5.04
N VAL M 64 -70.46 -16.83 5.14
CA VAL M 64 -71.17 -15.68 4.61
C VAL M 64 -72.50 -15.55 5.36
N ILE M 65 -72.87 -14.31 5.70
CA ILE M 65 -74.21 -14.03 6.22
C ILE M 65 -75.19 -14.16 5.05
N ASP M 66 -76.11 -15.10 5.15
CA ASP M 66 -77.23 -15.20 4.22
C ASP M 66 -78.33 -14.27 4.72
N ASP M 67 -78.59 -13.20 3.98
CA ASP M 67 -79.51 -12.18 4.45
C ASP M 67 -80.95 -12.68 4.56
N ALA M 68 -81.25 -13.86 3.98
CA ALA M 68 -82.57 -14.43 4.14
C ALA M 68 -82.85 -14.77 5.60
N THR M 69 -81.85 -15.31 6.30
CA THR M 69 -81.99 -15.68 7.70
C THR M 69 -81.10 -14.89 8.63
N LYS M 70 -80.21 -14.04 8.09
CA LYS M 70 -79.31 -13.22 8.89
C LYS M 70 -78.43 -14.08 9.80
N GLU M 71 -77.94 -15.20 9.26
CA GLU M 71 -77.10 -16.11 10.02
C GLU M 71 -75.84 -16.42 9.24
N VAL M 72 -74.72 -16.49 9.96
CA VAL M 72 -73.44 -16.85 9.35
C VAL M 72 -73.50 -18.31 8.92
N VAL M 73 -73.16 -18.57 7.67
CA VAL M 73 -73.28 -19.90 7.08
C VAL M 73 -71.87 -20.45 6.93
N TYR M 74 -71.41 -21.21 7.92
CA TYR M 74 -70.13 -21.88 7.82
C TYR M 74 -70.13 -22.90 6.70
N ARG M 75 -69.05 -22.96 5.95
CA ARG M 75 -68.88 -23.95 4.89
C ARG M 75 -67.57 -24.70 5.13
N ASP M 76 -67.64 -26.02 5.13
CA ASP M 76 -66.46 -26.83 5.41
C ASP M 76 -65.64 -27.12 4.16
N TYR M 77 -66.14 -26.78 2.98
CA TYR M 77 -65.43 -26.98 1.73
C TYR M 77 -65.02 -25.63 1.13
N ILE M 78 -63.83 -25.59 0.55
CA ILE M 78 -63.25 -24.37 0.03
C ILE M 78 -63.29 -24.43 -1.50
N ASP M 79 -64.02 -23.50 -2.10
CA ASP M 79 -64.08 -23.35 -3.56
C ASP M 79 -63.58 -21.97 -3.92
N ILE M 80 -62.51 -21.91 -4.71
CA ILE M 80 -61.82 -20.66 -5.02
C ILE M 80 -62.13 -20.31 -6.47
N SER M 81 -62.76 -19.16 -6.68
CA SER M 81 -63.08 -18.69 -8.02
C SER M 81 -61.95 -17.79 -8.51
N VAL M 82 -61.23 -18.24 -9.54
CA VAL M 82 -60.06 -17.54 -10.05
C VAL M 82 -60.45 -16.78 -11.31
N ALA M 83 -60.14 -15.50 -11.33
CA ALA M 83 -60.38 -14.66 -12.50
C ALA M 83 -59.21 -14.80 -13.46
N VAL M 84 -59.49 -15.32 -14.66
CA VAL M 84 -58.47 -15.58 -15.67
C VAL M 84 -58.67 -14.60 -16.82
N ALA M 85 -57.58 -14.04 -17.32
CA ALA M 85 -57.64 -13.04 -18.37
C ALA M 85 -57.98 -13.69 -19.70
N THR M 86 -59.01 -13.17 -20.36
CA THR M 86 -59.53 -13.59 -21.65
C THR M 86 -59.36 -12.46 -22.66
N PRO M 87 -59.00 -12.77 -23.91
CA PRO M 87 -58.84 -11.69 -24.90
C PRO M 87 -60.08 -10.86 -25.10
N ARG M 88 -61.28 -11.39 -24.81
CA ARG M 88 -62.49 -10.59 -24.93
C ARG M 88 -62.72 -9.77 -23.67
N GLY M 89 -62.75 -10.42 -22.51
CA GLY M 89 -62.94 -9.73 -21.26
C GLY M 89 -62.43 -10.47 -20.04
N LEU M 90 -63.20 -10.44 -18.96
CA LEU M 90 -62.87 -11.14 -17.74
C LEU M 90 -63.99 -12.13 -17.41
N VAL M 91 -63.60 -13.25 -16.82
CA VAL M 91 -64.53 -14.28 -16.39
C VAL M 91 -64.13 -14.73 -14.99
N VAL M 92 -65.02 -15.47 -14.34
CA VAL M 92 -64.76 -15.99 -13.00
C VAL M 92 -64.97 -17.51 -12.93
N PRO M 93 -64.15 -18.31 -13.62
CA PRO M 93 -64.22 -19.76 -13.40
C PRO M 93 -63.76 -20.11 -11.99
N VAL M 94 -64.26 -21.24 -11.48
CA VAL M 94 -64.03 -21.63 -10.09
C VAL M 94 -63.22 -22.92 -10.06
N ILE M 95 -62.55 -23.14 -8.92
CA ILE M 95 -61.81 -24.36 -8.62
C ILE M 95 -62.39 -24.93 -7.33
N ARG M 96 -62.61 -26.24 -7.30
CA ARG M 96 -63.32 -26.89 -6.20
C ARG M 96 -62.41 -27.81 -5.41
N ASN M 97 -62.67 -27.90 -4.11
CA ASN M 97 -61.95 -28.78 -3.19
C ASN M 97 -60.44 -28.54 -3.29
N VAL M 98 -60.06 -27.27 -3.16
CA VAL M 98 -58.65 -26.89 -3.22
C VAL M 98 -57.87 -27.40 -2.01
N GLU M 99 -58.56 -27.82 -0.95
CA GLU M 99 -57.87 -28.29 0.25
C GLU M 99 -57.15 -29.61 0.03
N THR M 100 -57.40 -30.30 -1.08
CA THR M 100 -56.77 -31.57 -1.38
C THR M 100 -56.10 -31.52 -2.75
N MET M 101 -55.60 -30.35 -3.13
CA MET M 101 -54.88 -30.16 -4.38
C MET M 101 -53.59 -29.40 -4.10
N ASN M 102 -52.46 -29.96 -4.50
CA ASN M 102 -51.20 -29.25 -4.40
C ASN M 102 -51.04 -28.35 -5.62
N TYR M 103 -49.84 -27.81 -5.82
CA TYR M 103 -49.62 -26.85 -6.90
C TYR M 103 -49.88 -27.49 -8.26
N ALA M 104 -49.67 -28.81 -8.37
CA ALA M 104 -49.77 -29.47 -9.66
C ALA M 104 -51.21 -29.52 -10.17
N ASP M 105 -52.13 -30.04 -9.35
CA ASP M 105 -53.52 -30.10 -9.79
C ASP M 105 -54.12 -28.71 -9.91
N ILE M 106 -53.70 -27.77 -9.08
CA ILE M 106 -54.19 -26.40 -9.20
C ILE M 106 -53.78 -25.81 -10.54
N GLU M 107 -52.51 -25.98 -10.90
CA GLU M 107 -52.04 -25.47 -12.19
C GLU M 107 -52.73 -26.18 -13.35
N ARG M 108 -52.93 -27.50 -13.23
CA ARG M 108 -53.59 -28.25 -14.30
C ARG M 108 -55.02 -27.78 -14.48
N THR M 109 -55.76 -27.60 -13.39
CA THR M 109 -57.13 -27.13 -13.48
C THR M 109 -57.19 -25.73 -14.05
N ILE M 110 -56.28 -24.84 -13.62
CA ILE M 110 -56.28 -23.47 -14.13
C ILE M 110 -55.99 -23.46 -15.63
N ASN M 111 -55.01 -24.26 -16.06
CA ASN M 111 -54.67 -24.31 -17.48
C ASN M 111 -55.82 -24.87 -18.31
N GLU M 112 -56.42 -25.97 -17.86
CA GLU M 112 -57.55 -26.55 -18.57
C GLU M 112 -58.73 -25.59 -18.63
N LEU M 113 -58.99 -24.90 -17.53
CA LEU M 113 -60.12 -23.98 -17.47
C LEU M 113 -59.88 -22.76 -18.35
N GLY M 114 -58.65 -22.28 -18.42
CA GLY M 114 -58.33 -21.20 -19.33
C GLY M 114 -58.41 -21.64 -20.79
N GLU M 115 -57.98 -22.86 -21.08
CA GLU M 115 -58.16 -23.41 -22.43
C GLU M 115 -59.64 -23.46 -22.80
N LYS M 116 -60.48 -23.91 -21.87
CA LYS M 116 -61.91 -23.93 -22.10
C LYS M 116 -62.49 -22.53 -22.31
N ALA M 117 -62.03 -21.55 -21.53
CA ALA M 117 -62.55 -20.20 -21.64
C ALA M 117 -62.12 -19.54 -22.95
N ARG M 118 -60.85 -19.70 -23.34
CA ARG M 118 -60.37 -19.10 -24.57
C ARG M 118 -61.08 -19.65 -25.80
N LYS M 119 -61.50 -20.92 -25.74
CA LYS M 119 -62.31 -21.50 -26.79
C LYS M 119 -63.80 -21.30 -26.56
N ASN M 120 -64.18 -20.64 -25.47
CA ASN M 120 -65.55 -20.22 -25.20
C ASN M 120 -66.51 -21.41 -25.05
N GLU M 121 -66.07 -22.47 -24.39
CA GLU M 121 -66.93 -23.61 -24.09
C GLU M 121 -67.18 -23.76 -22.59
N LEU M 122 -66.88 -22.74 -21.79
CA LEU M 122 -66.99 -22.87 -20.34
C LEU M 122 -68.44 -23.01 -19.91
N ALA M 123 -68.67 -23.84 -18.91
CA ALA M 123 -70.00 -24.13 -18.42
C ALA M 123 -70.34 -23.26 -17.21
N ILE M 124 -71.64 -23.15 -16.94
CA ILE M 124 -72.11 -22.28 -15.86
C ILE M 124 -71.67 -22.80 -14.49
N GLU M 125 -71.63 -24.13 -14.32
CA GLU M 125 -71.20 -24.68 -13.04
C GLU M 125 -69.80 -24.21 -12.67
N ASP M 126 -68.92 -24.05 -13.65
CA ASP M 126 -67.59 -23.53 -13.39
C ASP M 126 -67.59 -22.06 -13.00
N MET M 127 -68.72 -21.35 -13.17
CA MET M 127 -68.76 -19.94 -12.82
C MET M 127 -69.23 -19.69 -11.40
N ASP M 128 -70.20 -20.46 -10.92
CA ASP M 128 -70.77 -20.23 -9.60
C ASP M 128 -70.36 -21.34 -8.65
N GLY M 129 -70.67 -21.14 -7.37
CA GLY M 129 -70.33 -22.11 -6.35
C GLY M 129 -68.99 -21.84 -5.70
N GLY M 130 -68.62 -20.58 -5.59
CA GLY M 130 -67.35 -20.17 -5.03
C GLY M 130 -67.53 -19.51 -3.68
N THR M 131 -66.61 -19.80 -2.75
CA THR M 131 -66.60 -19.18 -1.44
C THR M 131 -65.55 -18.10 -1.30
N PHE M 132 -64.74 -17.86 -2.33
CA PHE M 132 -63.71 -16.84 -2.29
C PHE M 132 -63.38 -16.47 -3.73
N THR M 133 -62.75 -15.31 -3.91
CA THR M 133 -62.41 -14.82 -5.24
C THR M 133 -60.98 -14.29 -5.25
N ILE M 134 -60.26 -14.61 -6.32
CA ILE M 134 -58.89 -14.13 -6.51
C ILE M 134 -58.83 -13.42 -7.85
N SER M 135 -58.42 -12.15 -7.82
CA SER M 135 -58.30 -11.32 -9.02
C SER M 135 -56.83 -10.94 -9.21
N ASN M 136 -56.31 -11.18 -10.41
CA ASN M 136 -54.91 -10.97 -10.71
C ASN M 136 -54.76 -9.83 -11.71
N GLY M 137 -54.03 -8.79 -11.30
CA GLY M 137 -53.58 -7.75 -12.20
C GLY M 137 -52.08 -7.71 -12.39
N GLY M 138 -51.36 -8.78 -12.03
CA GLY M 138 -49.91 -8.74 -12.08
C GLY M 138 -49.36 -8.78 -13.48
N VAL M 139 -50.16 -9.21 -14.45
CA VAL M 139 -49.74 -9.26 -15.85
C VAL M 139 -50.00 -7.91 -16.48
N PHE M 140 -50.34 -6.92 -15.67
CA PHE M 140 -50.81 -5.64 -16.17
C PHE M 140 -50.01 -4.44 -15.67
N GLY M 141 -49.10 -4.63 -14.71
CA GLY M 141 -48.28 -3.54 -14.22
C GLY M 141 -48.90 -2.68 -13.15
N SER M 142 -50.08 -3.05 -12.63
CA SER M 142 -50.68 -2.30 -11.54
C SER M 142 -49.82 -2.40 -10.29
N LEU M 143 -49.63 -1.27 -9.62
CA LEU M 143 -48.86 -1.28 -8.37
C LEU M 143 -49.69 -1.87 -7.24
N PHE M 144 -50.79 -1.21 -6.89
CA PHE M 144 -51.76 -1.77 -5.96
C PHE M 144 -53.07 -1.03 -6.14
N GLY M 145 -54.14 -1.67 -5.67
CA GLY M 145 -55.47 -1.09 -5.78
C GLY M 145 -56.43 -1.90 -4.93
N THR M 146 -57.69 -1.45 -4.93
CA THR M 146 -58.73 -2.07 -4.11
C THR M 146 -59.63 -2.94 -4.97
N PRO M 147 -59.61 -4.25 -4.81
CA PRO M 147 -60.49 -5.12 -5.61
C PRO M 147 -61.93 -5.04 -5.15
N ILE M 148 -62.83 -5.48 -6.03
CA ILE M 148 -64.27 -5.45 -5.80
C ILE M 148 -64.73 -6.81 -5.29
N ILE M 149 -65.53 -6.80 -4.22
CA ILE M 149 -66.02 -8.04 -3.64
C ILE M 149 -67.03 -8.68 -4.58
N ASN M 150 -66.78 -9.94 -4.93
CA ASN M 150 -67.67 -10.70 -5.79
C ASN M 150 -68.71 -11.41 -4.96
N PRO M 151 -70.00 -11.10 -5.13
CA PRO M 151 -71.02 -11.78 -4.33
C PRO M 151 -71.31 -13.18 -4.85
N PRO M 152 -72.00 -14.03 -4.04
CA PRO M 152 -72.12 -13.81 -2.59
C PRO M 152 -70.89 -14.12 -1.72
N GLN M 153 -69.67 -13.95 -2.23
CA GLN M 153 -68.50 -14.13 -1.39
C GLN M 153 -68.26 -12.92 -0.49
N SER M 154 -67.68 -13.20 0.68
CA SER M 154 -67.43 -12.19 1.70
C SER M 154 -66.07 -11.51 1.55
N ALA M 155 -65.24 -11.97 0.62
CA ALA M 155 -63.90 -11.41 0.47
C ALA M 155 -63.38 -11.72 -0.92
N ILE M 156 -62.34 -10.98 -1.31
CA ILE M 156 -61.63 -11.21 -2.57
C ILE M 156 -60.18 -10.81 -2.37
N LEU M 157 -59.27 -11.61 -2.95
CA LEU M 157 -57.85 -11.35 -2.86
C LEU M 157 -57.38 -10.73 -4.16
N GLY M 158 -56.76 -9.55 -4.06
CA GLY M 158 -56.27 -8.85 -5.23
C GLY M 158 -54.77 -8.89 -5.37
N MET M 159 -54.29 -9.54 -6.43
CA MET M 159 -52.88 -9.59 -6.75
C MET M 159 -52.53 -8.52 -7.79
N HIS M 160 -51.30 -8.01 -7.68
CA HIS M 160 -50.84 -6.92 -8.53
C HIS M 160 -49.48 -7.30 -9.08
N GLY M 161 -48.82 -6.32 -9.72
CA GLY M 161 -47.56 -6.62 -10.39
C GLY M 161 -46.42 -6.86 -9.42
N ILE M 162 -45.44 -7.63 -9.87
CA ILE M 162 -44.23 -7.91 -9.11
C ILE M 162 -43.13 -6.97 -9.61
N PHE M 163 -42.56 -6.19 -8.70
CA PHE M 163 -41.54 -5.22 -9.03
C PHE M 163 -40.37 -5.38 -8.10
N ASP M 164 -39.19 -4.95 -8.56
CA ASP M 164 -37.99 -5.00 -7.75
C ASP M 164 -37.91 -3.74 -6.89
N ARG M 165 -37.86 -3.93 -5.58
CA ARG M 165 -37.84 -2.85 -4.62
C ARG M 165 -36.77 -3.11 -3.56
N PRO M 166 -36.18 -2.06 -3.00
CA PRO M 166 -35.28 -2.25 -1.87
C PRO M 166 -36.05 -2.58 -0.60
N VAL M 167 -35.51 -3.52 0.18
CA VAL M 167 -36.10 -3.92 1.45
C VAL M 167 -34.98 -4.04 2.48
N ALA M 168 -35.38 -4.09 3.74
CA ALA M 168 -34.44 -4.20 4.86
C ALA M 168 -34.44 -5.63 5.38
N VAL M 169 -33.28 -6.28 5.33
CA VAL M 169 -33.10 -7.63 5.85
C VAL M 169 -31.96 -7.58 6.86
N GLY M 170 -32.29 -7.76 8.13
CA GLY M 170 -31.28 -7.68 9.17
C GLY M 170 -30.64 -6.32 9.30
N GLY M 171 -31.36 -5.25 8.95
CA GLY M 171 -30.82 -3.91 9.02
C GLY M 171 -29.97 -3.49 7.85
N LYS M 172 -29.79 -4.35 6.84
CA LYS M 172 -29.04 -4.03 5.65
C LYS M 172 -29.97 -4.03 4.44
N VAL M 173 -29.76 -3.08 3.54
CA VAL M 173 -30.64 -2.88 2.38
C VAL M 173 -30.27 -3.89 1.30
N GLU M 174 -31.25 -4.68 0.87
CA GLU M 174 -31.10 -5.63 -0.21
C GLU M 174 -32.23 -5.44 -1.20
N VAL M 175 -31.91 -5.50 -2.50
CA VAL M 175 -32.91 -5.39 -3.54
C VAL M 175 -33.61 -6.73 -3.70
N ARG M 176 -34.95 -6.71 -3.77
CA ARG M 176 -35.69 -7.94 -3.73
C ARG M 176 -37.00 -7.81 -4.49
N PRO M 177 -37.37 -8.79 -5.32
CA PRO M 177 -38.61 -8.68 -6.11
C PRO M 177 -39.83 -8.81 -5.21
N MET M 178 -40.57 -7.71 -5.08
CA MET M 178 -41.65 -7.63 -4.12
C MET M 178 -43.00 -7.51 -4.81
N MET M 179 -44.05 -7.46 -4.00
CA MET M 179 -45.43 -7.60 -4.46
C MET M 179 -46.35 -6.84 -3.51
N TYR M 180 -47.46 -6.33 -4.04
CA TYR M 180 -48.46 -5.64 -3.24
C TYR M 180 -49.76 -6.44 -3.30
N VAL M 181 -50.17 -6.96 -2.16
CA VAL M 181 -51.35 -7.82 -2.06
C VAL M 181 -52.45 -7.07 -1.32
N ALA M 182 -53.68 -7.16 -1.83
CA ALA M 182 -54.82 -6.48 -1.26
C ALA M 182 -55.91 -7.49 -0.96
N LEU M 183 -56.74 -7.19 0.04
CA LEU M 183 -57.87 -8.02 0.40
C LEU M 183 -59.05 -7.14 0.76
N THR M 184 -60.14 -7.25 0.02
CA THR M 184 -61.38 -6.54 0.30
C THR M 184 -62.30 -7.45 1.09
N TYR M 185 -62.67 -7.02 2.28
CA TYR M 185 -63.43 -7.85 3.22
C TYR M 185 -64.64 -7.08 3.71
N ASP M 186 -65.64 -7.83 4.17
CA ASP M 186 -66.87 -7.25 4.71
C ASP M 186 -66.73 -7.12 6.22
N HIS M 187 -66.87 -5.90 6.74
CA HIS M 187 -66.66 -5.67 8.17
C HIS M 187 -67.75 -6.34 9.01
N ARG M 188 -68.93 -6.56 8.44
CA ARG M 188 -70.01 -7.20 9.19
C ARG M 188 -69.65 -8.62 9.60
N LEU M 189 -68.80 -9.29 8.83
CA LEU M 189 -68.35 -10.63 9.16
C LEU M 189 -66.98 -10.65 9.82
N ILE M 190 -66.04 -9.88 9.28
CA ILE M 190 -64.64 -9.98 9.64
C ILE M 190 -64.21 -8.66 10.26
N ASP M 191 -63.74 -8.70 11.50
CA ASP M 191 -63.15 -7.51 12.09
C ASP M 191 -61.73 -7.31 11.57
N GLY M 192 -61.07 -6.28 12.11
CA GLY M 192 -59.72 -5.98 11.65
C GLY M 192 -58.74 -7.09 11.96
N ARG M 193 -58.83 -7.67 13.16
CA ARG M 193 -57.85 -8.67 13.57
C ARG M 193 -57.87 -9.87 12.64
N GLU M 194 -59.07 -10.38 12.34
CA GLU M 194 -59.15 -11.62 11.58
C GLU M 194 -58.76 -11.41 10.12
N ALA M 195 -59.16 -10.28 9.53
CA ALA M 195 -58.75 -10.00 8.15
C ALA M 195 -57.25 -9.77 8.04
N VAL M 196 -56.67 -9.04 8.99
CA VAL M 196 -55.23 -8.81 8.98
C VAL M 196 -54.47 -10.12 9.15
N THR M 197 -54.92 -10.97 10.06
CA THR M 197 -54.27 -12.26 10.23
C THR M 197 -54.46 -13.15 9.02
N PHE M 198 -55.60 -13.03 8.33
CA PHE M 198 -55.81 -13.77 7.09
C PHE M 198 -54.78 -13.37 6.04
N LEU M 199 -54.61 -12.06 5.84
CA LEU M 199 -53.60 -11.60 4.89
C LEU M 199 -52.20 -12.01 5.31
N ARG M 200 -51.91 -11.96 6.61
CA ARG M 200 -50.60 -12.38 7.10
C ARG M 200 -50.36 -13.85 6.82
N LYS M 201 -51.39 -14.69 7.01
CA LYS M 201 -51.23 -16.12 6.76
C LYS M 201 -51.03 -16.39 5.27
N ILE M 202 -51.77 -15.68 4.41
CA ILE M 202 -51.56 -15.83 2.97
C ILE M 202 -50.15 -15.42 2.58
N LYS M 203 -49.69 -14.28 3.10
CA LYS M 203 -48.35 -13.80 2.80
C LYS M 203 -47.29 -14.76 3.31
N ALA M 204 -47.50 -15.35 4.48
CA ALA M 204 -46.56 -16.32 5.01
C ALA M 204 -46.51 -17.58 4.17
N ALA M 205 -47.67 -18.05 3.71
CA ALA M 205 -47.70 -19.24 2.86
C ALA M 205 -47.00 -19.00 1.53
N VAL M 206 -47.20 -17.83 0.94
CA VAL M 206 -46.54 -17.52 -0.33
C VAL M 206 -45.05 -17.31 -0.12
N GLU M 207 -44.67 -16.62 0.95
CA GLU M 207 -43.26 -16.32 1.21
C GLU M 207 -42.46 -17.58 1.45
N ASP M 208 -43.00 -18.52 2.23
CA ASP M 208 -42.35 -19.80 2.51
C ASP M 208 -43.37 -20.90 2.27
N PRO M 209 -43.42 -21.45 1.04
CA PRO M 209 -44.40 -22.51 0.76
C PRO M 209 -44.21 -23.76 1.61
N ARG M 210 -43.05 -23.94 2.23
CA ARG M 210 -42.87 -25.07 3.14
C ARG M 210 -43.81 -24.99 4.34
N VAL M 211 -44.38 -23.82 4.60
CA VAL M 211 -45.40 -23.69 5.65
C VAL M 211 -46.60 -24.58 5.33
N LEU M 212 -46.94 -24.68 4.04
CA LEU M 212 -48.07 -25.51 3.63
C LEU M 212 -47.86 -26.96 4.05
N LEU M 213 -46.68 -27.51 3.81
CA LEU M 213 -46.39 -28.87 4.26
C LEU M 213 -46.29 -28.95 5.76
N LEU M 214 -45.56 -28.02 6.38
CA LEU M 214 -45.32 -28.06 7.81
C LEU M 214 -46.56 -27.71 8.61
N ASP M 215 -47.59 -27.18 7.96
CA ASP M 215 -48.90 -26.92 8.57
C ASP M 215 -48.78 -25.94 9.74
N LEU M 216 -48.28 -24.75 9.42
CA LEU M 216 -48.21 -23.68 10.42
C LEU M 216 -49.45 -22.80 10.33
N LYS N 2 29.98 68.99 3.50
CA LYS N 2 31.38 68.73 3.80
C LYS N 2 32.22 68.82 2.53
N GLU N 3 33.45 69.33 2.67
CA GLU N 3 34.34 69.45 1.51
C GLU N 3 34.70 68.08 0.95
N ALA N 4 34.95 67.10 1.82
CA ALA N 4 35.27 65.76 1.35
C ALA N 4 34.08 65.13 0.63
N GLN N 5 32.87 65.36 1.15
CA GLN N 5 31.68 64.86 0.48
C GLN N 5 31.53 65.46 -0.92
N ASN N 6 31.73 66.77 -1.04
CA ASN N 6 31.58 67.42 -2.33
C ASN N 6 32.65 66.98 -3.32
N THR N 7 33.90 66.84 -2.86
CA THR N 7 35.00 66.52 -3.76
C THR N 7 34.90 65.08 -4.28
N CYS N 8 34.42 64.16 -3.45
CA CYS N 8 34.35 62.75 -3.83
C CYS N 8 32.93 62.37 -4.21
N ALA N 9 32.77 61.82 -5.42
CA ALA N 9 31.46 61.38 -5.92
C ALA N 9 31.38 59.87 -5.73
N MET N 10 30.81 59.47 -4.59
CA MET N 10 30.79 58.06 -4.21
C MET N 10 29.51 57.38 -4.70
N LEU N 11 29.67 56.21 -5.30
CA LEU N 11 28.58 55.40 -5.80
C LEU N 11 28.68 54.00 -5.21
N THR N 12 27.53 53.36 -5.00
CA THR N 12 27.47 52.07 -4.33
C THR N 12 26.90 51.01 -5.27
N THR N 13 27.47 49.82 -5.21
CA THR N 13 26.94 48.64 -5.89
C THR N 13 26.91 47.49 -4.88
N PHE N 14 25.97 46.57 -5.08
CA PHE N 14 25.73 45.51 -4.10
C PHE N 14 25.77 44.15 -4.78
N ASN N 15 26.04 43.12 -3.97
CA ASN N 15 26.05 41.73 -4.41
C ASN N 15 25.80 40.86 -3.18
N GLU N 16 25.83 39.55 -3.38
CA GLU N 16 25.61 38.61 -2.29
C GLU N 16 26.65 37.51 -2.35
N VAL N 17 27.08 37.05 -1.17
CA VAL N 17 28.12 36.03 -1.04
C VAL N 17 27.55 34.85 -0.27
N ASP N 18 27.83 33.64 -0.76
CA ASP N 18 27.42 32.41 -0.09
C ASP N 18 28.49 32.03 0.93
N MET N 19 28.17 32.17 2.21
CA MET N 19 29.09 31.79 3.28
C MET N 19 28.85 30.33 3.69
N SER N 20 28.99 29.44 2.72
CA SER N 20 28.87 28.00 2.95
C SER N 20 30.23 27.32 3.04
N ASN N 21 31.18 27.71 2.19
CA ASN N 21 32.51 27.13 2.24
C ASN N 21 33.31 27.67 3.43
N ILE N 22 33.14 28.96 3.73
CA ILE N 22 33.90 29.56 4.83
C ILE N 22 33.50 28.92 6.16
N GLN N 23 32.20 28.76 6.37
CA GLN N 23 31.72 28.20 7.63
C GLN N 23 32.12 26.74 7.77
N GLU N 24 32.14 26.00 6.66
CA GLU N 24 32.60 24.61 6.71
C GLU N 24 34.07 24.53 7.10
N MET N 25 34.90 25.39 6.51
CA MET N 25 36.32 25.37 6.86
C MET N 25 36.54 25.78 8.30
N ARG N 26 35.75 26.74 8.80
CA ARG N 26 35.83 27.09 10.21
C ARG N 26 35.42 25.92 11.09
N ALA N 27 34.39 25.19 10.69
CA ALA N 27 33.95 24.05 11.49
C ALA N 27 35.01 22.97 11.56
N ARG N 28 35.68 22.68 10.43
CA ARG N 28 36.67 21.63 10.43
C ARG N 28 38.06 22.07 10.89
N HIS N 29 38.32 23.38 10.99
CA HIS N 29 39.67 23.86 11.23
C HIS N 29 39.70 24.88 12.35
N LYS N 30 38.95 24.63 13.43
CA LYS N 30 38.99 25.50 14.60
C LYS N 30 39.90 24.95 15.69
N ASP N 31 39.77 23.66 16.01
CA ASP N 31 40.62 23.06 17.04
C ASP N 31 42.08 23.09 16.63
N ALA N 32 42.38 22.76 15.37
CA ALA N 32 43.75 22.78 14.89
C ALA N 32 44.31 24.19 14.90
N PHE N 33 43.48 25.19 14.59
CA PHE N 33 43.92 26.58 14.67
C PHE N 33 44.35 26.94 16.09
N LEU N 34 43.53 26.58 17.07
CA LEU N 34 43.87 26.86 18.46
C LEU N 34 45.14 26.12 18.89
N LYS N 35 45.27 24.86 18.49
CA LYS N 35 46.45 24.09 18.88
C LYS N 35 47.71 24.67 18.27
N LYS N 36 47.67 25.08 17.01
CA LYS N 36 48.87 25.54 16.33
C LYS N 36 49.19 26.99 16.68
N HIS N 37 48.29 27.91 16.35
CA HIS N 37 48.60 29.33 16.43
C HIS N 37 48.21 29.96 17.76
N ASN N 38 47.51 29.22 18.61
CA ASN N 38 46.92 29.76 19.85
C ASN N 38 46.17 31.03 19.49
N LEU N 39 45.09 30.85 18.73
CA LEU N 39 44.31 31.94 18.15
C LEU N 39 43.11 31.34 17.45
N LYS N 40 41.99 32.06 17.48
CA LYS N 40 40.72 31.55 16.98
C LYS N 40 40.39 32.07 15.59
N LEU N 41 39.83 31.20 14.76
CA LEU N 41 39.49 31.53 13.38
C LEU N 41 38.27 32.46 13.31
N GLY N 42 38.11 33.13 12.17
CA GLY N 42 37.00 34.03 11.99
C GLY N 42 36.60 34.26 10.55
N PHE N 43 35.91 35.38 10.28
CA PHE N 43 35.48 35.74 8.94
C PHE N 43 36.34 36.80 8.27
N MET N 44 36.99 37.66 9.06
CA MET N 44 37.66 38.83 8.50
C MET N 44 38.83 38.44 7.61
N SER N 45 39.54 37.36 7.96
CA SER N 45 40.72 36.99 7.19
C SER N 45 40.36 36.61 5.76
N ALA N 46 39.26 35.88 5.58
CA ALA N 46 38.86 35.48 4.24
C ALA N 46 38.55 36.68 3.36
N PHE N 47 37.81 37.65 3.90
CA PHE N 47 37.43 38.83 3.11
C PHE N 47 38.62 39.74 2.88
N VAL N 48 39.51 39.86 3.87
CA VAL N 48 40.72 40.66 3.68
C VAL N 48 41.59 40.06 2.58
N LYS N 49 41.74 38.74 2.60
CA LYS N 49 42.55 38.08 1.57
C LYS N 49 41.89 38.16 0.20
N ALA N 50 40.55 38.05 0.15
CA ALA N 50 39.85 38.19 -1.12
C ALA N 50 40.02 39.59 -1.69
N SER N 51 39.89 40.61 -0.83
CA SER N 51 40.09 41.98 -1.28
C SER N 51 41.52 42.21 -1.74
N ALA N 52 42.50 41.62 -1.03
CA ALA N 52 43.89 41.75 -1.44
C ALA N 52 44.12 41.12 -2.80
N PHE N 53 43.57 39.94 -3.02
CA PHE N 53 43.75 39.26 -4.31
C PHE N 53 43.09 40.04 -5.44
N ALA N 54 41.88 40.55 -5.20
CA ALA N 54 41.20 41.35 -6.22
C ALA N 54 41.96 42.64 -6.53
N LEU N 55 42.49 43.31 -5.50
CA LEU N 55 43.27 44.52 -5.73
C LEU N 55 44.56 44.22 -6.47
N GLN N 56 45.21 43.11 -6.14
CA GLN N 56 46.42 42.71 -6.86
C GLN N 56 46.11 42.47 -8.33
N GLU N 57 44.95 41.87 -8.62
CA GLU N 57 44.58 41.66 -10.01
C GLU N 57 44.12 42.95 -10.68
N GLN N 58 43.55 43.89 -9.91
CA GLN N 58 42.99 45.13 -10.44
C GLN N 58 43.65 46.32 -9.75
N PRO N 59 44.73 46.87 -10.31
CA PRO N 59 45.43 47.96 -9.63
C PRO N 59 44.70 49.30 -9.64
N VAL N 60 43.64 49.44 -10.44
CA VAL N 60 42.95 50.73 -10.53
C VAL N 60 42.26 51.06 -9.22
N VAL N 61 41.55 50.09 -8.64
CA VAL N 61 40.83 50.32 -7.39
C VAL N 61 41.82 50.64 -6.27
N ASN N 62 43.00 50.01 -6.29
CA ASN N 62 44.01 50.31 -5.29
C ASN N 62 44.52 51.74 -5.43
N ALA N 63 44.56 52.27 -6.65
CA ALA N 63 45.12 53.59 -6.91
C ALA N 63 44.23 54.68 -6.32
N VAL N 64 44.83 55.83 -6.06
CA VAL N 64 44.11 57.01 -5.58
C VAL N 64 44.53 58.20 -6.43
N ILE N 65 43.59 59.08 -6.69
CA ILE N 65 43.91 60.34 -7.32
C ILE N 65 44.51 61.29 -6.28
N ASP N 66 45.56 62.01 -6.66
CA ASP N 66 46.19 62.98 -5.78
C ASP N 66 45.45 64.30 -5.93
N ASP N 67 44.79 64.74 -4.86
CA ASP N 67 44.03 65.99 -4.94
C ASP N 67 44.95 67.19 -5.09
N ALA N 68 46.16 67.13 -4.53
CA ALA N 68 47.05 68.28 -4.58
C ALA N 68 47.56 68.55 -5.99
N THR N 69 47.94 67.51 -6.72
CA THR N 69 48.58 67.68 -8.02
C THR N 69 47.80 67.07 -9.18
N LYS N 70 46.62 66.51 -8.93
CA LYS N 70 45.81 65.86 -9.95
C LYS N 70 46.60 64.75 -10.65
N GLU N 71 47.04 63.78 -9.86
CA GLU N 71 47.80 62.64 -10.35
C GLU N 71 47.23 61.37 -9.74
N VAL N 72 47.08 60.33 -10.57
CA VAL N 72 46.61 59.03 -10.11
C VAL N 72 47.85 58.27 -9.67
N VAL N 73 48.26 58.49 -8.41
CA VAL N 73 49.46 57.87 -7.89
C VAL N 73 49.21 56.38 -7.77
N TYR N 74 50.17 55.57 -8.23
CA TYR N 74 50.02 54.14 -8.19
C TYR N 74 50.76 53.54 -7.00
N ARG N 75 50.15 52.53 -6.38
CA ARG N 75 50.72 51.83 -5.23
C ARG N 75 50.92 50.36 -5.57
N ASP N 76 52.18 49.94 -5.63
CA ASP N 76 52.57 48.54 -5.77
C ASP N 76 52.27 47.72 -4.52
N TYR N 77 51.95 48.37 -3.42
CA TYR N 77 51.72 47.72 -2.14
C TYR N 77 50.28 47.91 -1.71
N ILE N 78 49.70 46.87 -1.11
CA ILE N 78 48.31 46.87 -0.67
C ILE N 78 48.30 46.84 0.85
N ASP N 79 47.58 47.79 1.46
CA ASP N 79 47.34 47.80 2.89
C ASP N 79 45.84 48.00 3.12
N ILE N 80 45.20 46.98 3.66
CA ILE N 80 43.79 47.04 4.02
C ILE N 80 43.69 47.66 5.41
N SER N 81 42.71 48.52 5.61
CA SER N 81 42.48 49.15 6.91
C SER N 81 41.18 48.59 7.48
N VAL N 82 41.32 47.66 8.42
CA VAL N 82 40.18 46.97 9.01
C VAL N 82 39.77 47.68 10.28
N ALA N 83 38.47 47.95 10.42
CA ALA N 83 37.93 48.64 11.58
C ALA N 83 37.69 47.64 12.70
N VAL N 84 38.38 47.84 13.83
CA VAL N 84 38.23 46.99 15.01
C VAL N 84 37.40 47.72 16.05
N ALA N 85 36.74 46.95 16.91
CA ALA N 85 35.80 47.49 17.88
C ALA N 85 36.41 47.46 19.27
N THR N 86 36.39 48.60 19.94
CA THR N 86 36.87 48.78 21.30
C THR N 86 35.78 49.41 22.13
N PRO N 87 35.78 49.20 23.45
CA PRO N 87 34.75 49.82 24.29
C PRO N 87 34.73 51.34 24.21
N ARG N 88 35.88 51.98 23.98
CA ARG N 88 35.93 53.43 23.93
C ARG N 88 35.54 54.00 22.58
N GLY N 89 35.33 53.17 21.57
CA GLY N 89 34.87 53.64 20.28
C GLY N 89 35.40 52.75 19.17
N LEU N 90 35.39 53.31 17.96
CA LEU N 90 35.84 52.62 16.76
C LEU N 90 37.17 53.22 16.30
N VAL N 91 38.13 52.34 16.03
CA VAL N 91 39.42 52.72 15.47
C VAL N 91 39.66 51.90 14.22
N VAL N 92 40.53 52.40 13.35
CA VAL N 92 40.76 51.75 12.05
C VAL N 92 42.25 51.47 11.88
N PRO N 93 42.79 50.44 12.52
CA PRO N 93 44.19 50.08 12.29
C PRO N 93 44.38 49.52 10.89
N VAL N 94 45.61 49.63 10.40
CA VAL N 94 45.97 49.23 9.04
C VAL N 94 46.93 48.05 9.13
N ILE N 95 46.61 46.97 8.42
CA ILE N 95 47.48 45.81 8.33
C ILE N 95 48.41 46.01 7.14
N ARG N 96 49.71 45.84 7.38
CA ARG N 96 50.73 46.24 6.42
C ARG N 96 51.25 45.03 5.64
N ASN N 97 51.67 45.28 4.40
CA ASN N 97 52.26 44.27 3.53
C ASN N 97 51.34 43.06 3.40
N VAL N 98 50.13 43.32 2.88
CA VAL N 98 49.08 42.32 2.89
C VAL N 98 49.26 41.28 1.79
N GLU N 99 50.02 41.60 0.74
CA GLU N 99 50.23 40.67 -0.36
C GLU N 99 50.94 39.40 0.06
N THR N 100 51.86 39.50 1.03
CA THR N 100 52.79 38.41 1.34
C THR N 100 52.44 37.71 2.65
N MET N 101 51.16 37.46 2.90
CA MET N 101 50.76 36.62 4.02
C MET N 101 49.44 35.95 3.70
N ASN N 102 49.02 35.05 4.58
CA ASN N 102 47.89 34.16 4.39
C ASN N 102 46.89 34.35 5.51
N TYR N 103 45.94 33.42 5.63
CA TYR N 103 44.91 33.50 6.64
C TYR N 103 45.47 33.54 8.06
N ALA N 104 46.58 32.87 8.33
CA ALA N 104 47.15 32.79 9.66
C ALA N 104 47.76 34.11 10.12
N ASP N 105 48.54 34.75 9.25
CA ASP N 105 49.17 36.02 9.63
C ASP N 105 48.18 37.16 9.70
N ILE N 106 47.12 37.12 8.90
CA ILE N 106 46.09 38.15 8.98
C ILE N 106 45.37 38.08 10.33
N GLU N 107 45.07 36.86 10.78
CA GLU N 107 44.50 36.69 12.12
C GLU N 107 45.47 37.17 13.20
N ARG N 108 46.76 36.87 13.06
CA ARG N 108 47.73 37.32 14.05
C ARG N 108 47.76 38.85 14.11
N THR N 109 47.81 39.50 12.94
CA THR N 109 47.87 40.96 12.92
C THR N 109 46.58 41.58 13.47
N ILE N 110 45.43 41.00 13.12
CA ILE N 110 44.17 41.51 13.63
C ILE N 110 44.10 41.37 15.14
N ASN N 111 44.53 40.21 15.67
CA ASN N 111 44.52 40.02 17.12
C ASN N 111 45.46 40.98 17.82
N GLU N 112 46.66 41.18 17.28
CA GLU N 112 47.60 42.09 17.92
C GLU N 112 47.08 43.52 17.89
N LEU N 113 46.48 43.93 16.76
CA LEU N 113 45.94 45.29 16.68
C LEU N 113 44.76 45.47 17.62
N GLY N 114 43.90 44.45 17.75
CA GLY N 114 42.79 44.53 18.68
C GLY N 114 43.26 44.61 20.13
N GLU N 115 44.25 43.80 20.50
CA GLU N 115 44.73 43.83 21.87
C GLU N 115 45.52 45.11 22.16
N LYS N 116 46.11 45.73 21.12
CA LYS N 116 46.76 47.00 21.32
C LYS N 116 45.74 48.12 21.48
N ALA N 117 44.66 48.09 20.69
CA ALA N 117 43.62 49.11 20.81
C ALA N 117 42.88 48.99 22.14
N ARG N 118 42.66 47.75 22.61
CA ARG N 118 41.96 47.56 23.88
C ARG N 118 42.76 48.13 25.04
N LYS N 119 44.07 47.90 25.06
CA LYS N 119 44.92 48.34 26.16
C LYS N 119 45.54 49.71 25.93
N ASN N 120 45.19 50.37 24.82
CA ASN N 120 45.56 51.77 24.57
C ASN N 120 47.07 51.98 24.52
N GLU N 121 47.71 51.27 23.58
CA GLU N 121 49.11 51.53 23.23
C GLU N 121 49.29 51.62 21.73
N LEU N 122 48.22 51.95 21.00
CA LEU N 122 48.23 51.93 19.54
C LEU N 122 48.60 53.32 19.03
N ALA N 123 49.78 53.44 18.43
CA ALA N 123 50.34 54.74 18.09
C ALA N 123 49.81 55.24 16.75
N ILE N 124 50.36 56.38 16.31
CA ILE N 124 49.94 56.97 15.05
C ILE N 124 50.58 56.28 13.86
N GLU N 125 51.69 55.57 14.06
CA GLU N 125 52.31 54.84 12.96
C GLU N 125 51.43 53.68 12.50
N ASP N 126 50.71 53.05 13.44
CA ASP N 126 49.83 51.94 13.15
C ASP N 126 48.41 52.39 12.86
N MET N 127 48.22 53.63 12.43
CA MET N 127 46.90 54.20 12.19
C MET N 127 46.67 54.68 10.77
N ASP N 128 47.66 55.28 10.12
CA ASP N 128 47.47 55.89 8.80
C ASP N 128 48.30 55.14 7.77
N GLY N 129 48.04 55.43 6.51
CA GLY N 129 48.75 54.80 5.41
C GLY N 129 48.01 53.74 4.66
N GLY N 130 46.68 53.63 4.85
CA GLY N 130 45.91 52.58 4.22
C GLY N 130 45.66 52.84 2.74
N THR N 131 45.35 51.75 2.02
CA THR N 131 45.05 51.83 0.61
C THR N 131 43.67 51.30 0.25
N PHE N 132 43.03 50.56 1.13
CA PHE N 132 41.68 50.03 0.90
C PHE N 132 41.12 49.67 2.27
N THR N 133 39.82 49.82 2.45
CA THR N 133 39.24 49.62 3.77
C THR N 133 38.07 48.64 3.69
N ILE N 134 37.96 47.79 4.70
CA ILE N 134 36.86 46.85 4.84
C ILE N 134 36.12 47.19 6.13
N SER N 135 34.83 47.47 6.01
CA SER N 135 34.00 47.84 7.15
C SER N 135 33.10 46.67 7.51
N ASN N 136 33.38 46.02 8.64
CA ASN N 136 32.60 44.87 9.10
C ASN N 136 31.43 45.40 9.91
N GLY N 137 30.37 45.82 9.22
CA GLY N 137 29.14 46.24 9.85
C GLY N 137 28.18 45.11 10.16
N GLY N 138 28.56 43.87 9.90
CA GLY N 138 27.70 42.73 10.13
C GLY N 138 27.71 42.20 11.54
N VAL N 139 28.66 42.63 12.37
CA VAL N 139 28.66 42.21 13.77
C VAL N 139 27.39 42.68 14.46
N PHE N 140 26.95 43.90 14.15
CA PHE N 140 25.70 44.41 14.71
C PHE N 140 24.51 44.18 13.77
N GLY N 141 24.40 42.95 13.22
CA GLY N 141 23.23 42.52 12.49
C GLY N 141 22.60 43.46 11.48
N SER N 142 23.31 43.81 10.41
CA SER N 142 22.79 44.68 9.37
C SER N 142 22.58 43.89 8.09
N LEU N 143 21.52 44.25 7.35
CA LEU N 143 21.22 43.54 6.12
C LEU N 143 22.10 44.02 4.98
N PHE N 144 21.96 45.29 4.61
CA PHE N 144 22.88 45.92 3.67
C PHE N 144 22.73 47.43 3.79
N GLY N 145 23.75 48.15 3.31
CA GLY N 145 23.74 49.59 3.35
C GLY N 145 24.96 50.16 2.67
N THR N 146 25.03 51.48 2.64
CA THR N 146 26.09 52.19 1.93
C THR N 146 27.14 52.71 2.91
N PRO N 147 28.36 52.19 2.86
CA PRO N 147 29.42 52.71 3.73
C PRO N 147 29.97 54.04 3.21
N ILE N 148 30.98 54.54 3.91
CA ILE N 148 31.65 55.80 3.59
C ILE N 148 33.15 55.57 3.49
N ILE N 149 33.77 56.16 2.47
CA ILE N 149 35.21 56.04 2.29
C ILE N 149 35.93 56.95 3.27
N ASN N 150 36.88 56.39 4.01
CA ASN N 150 37.75 57.20 4.84
C ASN N 150 38.88 57.78 3.98
N PRO N 151 39.14 59.09 4.07
CA PRO N 151 40.19 59.66 3.22
C PRO N 151 41.55 59.18 3.68
N PRO N 152 42.54 59.16 2.78
CA PRO N 152 42.48 59.54 1.35
C PRO N 152 42.17 58.35 0.45
N GLN N 153 41.61 57.28 1.00
CA GLN N 153 41.39 56.06 0.23
C GLN N 153 40.32 56.27 -0.83
N SER N 154 40.25 55.31 -1.77
CA SER N 154 39.43 55.47 -2.96
C SER N 154 38.23 54.54 -3.04
N ALA N 155 38.14 53.54 -2.16
CA ALA N 155 37.02 52.61 -2.19
C ALA N 155 36.86 51.99 -0.81
N ILE N 156 35.67 51.43 -0.57
CA ILE N 156 35.38 50.72 0.68
C ILE N 156 34.49 49.54 0.36
N LEU N 157 34.76 48.40 1.01
CA LEU N 157 33.93 47.22 0.90
C LEU N 157 33.08 47.09 2.17
N GLY N 158 31.77 47.06 2.00
CA GLY N 158 30.85 47.02 3.11
C GLY N 158 30.37 45.60 3.39
N MET N 159 30.94 45.00 4.43
CA MET N 159 30.53 43.67 4.87
C MET N 159 29.34 43.79 5.80
N HIS N 160 28.38 42.87 5.65
CA HIS N 160 27.14 42.93 6.39
C HIS N 160 26.90 41.59 7.09
N GLY N 161 25.77 41.48 7.76
CA GLY N 161 25.50 40.30 8.58
C GLY N 161 25.14 39.10 7.74
N ILE N 162 25.58 37.93 8.20
CA ILE N 162 25.27 36.66 7.55
C ILE N 162 23.92 36.17 8.05
N PHE N 163 22.97 36.03 7.13
CA PHE N 163 21.60 35.68 7.47
C PHE N 163 21.19 34.41 6.73
N ASP N 164 20.46 33.55 7.42
CA ASP N 164 19.98 32.30 6.83
C ASP N 164 18.84 32.63 5.88
N ARG N 165 19.10 32.53 4.58
CA ARG N 165 18.18 33.03 3.57
C ARG N 165 17.96 31.98 2.50
N PRO N 166 16.72 31.81 2.04
CA PRO N 166 16.46 30.80 1.00
C PRO N 166 16.82 31.30 -0.39
N VAL N 167 17.67 30.56 -1.08
CA VAL N 167 18.14 30.94 -2.41
C VAL N 167 18.15 29.71 -3.29
N ALA N 168 17.85 29.90 -4.57
CA ALA N 168 17.74 28.79 -5.50
C ALA N 168 19.01 28.63 -6.30
N VAL N 169 19.64 27.46 -6.17
CA VAL N 169 20.79 27.08 -6.98
C VAL N 169 20.57 25.67 -7.50
N GLY N 170 20.77 25.49 -8.80
CA GLY N 170 20.49 24.21 -9.42
C GLY N 170 19.01 23.91 -9.61
N GLY N 171 18.17 24.95 -9.59
CA GLY N 171 16.75 24.78 -9.77
C GLY N 171 15.99 24.37 -8.52
N LYS N 172 16.66 24.20 -7.39
CA LYS N 172 16.05 23.80 -6.14
C LYS N 172 16.18 24.94 -5.13
N VAL N 173 15.19 25.04 -4.23
CA VAL N 173 15.25 26.06 -3.19
C VAL N 173 15.86 25.44 -1.93
N GLU N 174 16.98 26.01 -1.49
CA GLU N 174 17.62 25.59 -0.26
C GLU N 174 17.93 26.81 0.60
N VAL N 175 18.23 26.56 1.87
CA VAL N 175 18.54 27.61 2.82
C VAL N 175 20.05 27.64 3.00
N ARG N 176 20.68 28.75 2.66
CA ARG N 176 22.11 28.92 2.83
C ARG N 176 22.40 30.22 3.56
N PRO N 177 23.48 30.27 4.34
CA PRO N 177 23.83 31.53 5.03
C PRO N 177 24.49 32.52 4.09
N MET N 178 23.77 33.57 3.71
CA MET N 178 24.26 34.54 2.74
C MET N 178 24.52 35.89 3.38
N MET N 179 25.42 36.64 2.76
CA MET N 179 25.80 37.97 3.21
C MET N 179 25.75 38.92 2.03
N TYR N 180 25.19 40.10 2.27
CA TYR N 180 25.18 41.17 1.28
C TYR N 180 26.45 41.98 1.40
N VAL N 181 27.12 42.22 0.27
CA VAL N 181 28.33 43.02 0.22
C VAL N 181 28.06 44.26 -0.61
N ALA N 182 28.58 45.40 -0.15
CA ALA N 182 28.42 46.67 -0.84
C ALA N 182 29.80 47.25 -1.12
N LEU N 183 29.96 47.84 -2.30
CA LEU N 183 31.20 48.52 -2.68
C LEU N 183 30.88 49.97 -3.00
N THR N 184 31.28 50.87 -2.13
CA THR N 184 31.20 52.31 -2.38
C THR N 184 32.53 52.77 -2.94
N TYR N 185 32.52 53.28 -4.17
CA TYR N 185 33.74 53.56 -4.90
C TYR N 185 33.73 55.00 -5.40
N ASP N 186 34.91 55.58 -5.53
CA ASP N 186 35.07 56.93 -6.04
C ASP N 186 34.91 56.88 -7.57
N HIS N 187 33.79 57.40 -8.07
CA HIS N 187 33.49 57.27 -9.48
C HIS N 187 34.40 58.10 -10.37
N ARG N 188 35.10 59.09 -9.81
CA ARG N 188 36.02 59.89 -10.61
C ARG N 188 37.17 59.05 -11.15
N LEU N 189 37.51 57.96 -10.46
CA LEU N 189 38.62 57.10 -10.84
C LEU N 189 38.19 55.72 -11.29
N ILE N 190 37.24 55.11 -10.58
CA ILE N 190 36.79 53.75 -10.85
C ILE N 190 35.49 53.81 -11.64
N ASP N 191 35.41 53.01 -12.71
CA ASP N 191 34.23 52.97 -13.55
C ASP N 191 33.26 51.89 -13.05
N GLY N 192 32.11 51.80 -13.70
CA GLY N 192 31.12 50.81 -13.30
C GLY N 192 31.58 49.38 -13.54
N ARG N 193 32.19 49.12 -14.70
CA ARG N 193 32.70 47.79 -14.99
C ARG N 193 33.74 47.37 -13.96
N GLU N 194 34.69 48.26 -13.64
CA GLU N 194 35.72 47.92 -12.68
C GLU N 194 35.11 47.60 -11.31
N ALA N 195 34.13 48.40 -10.88
CA ALA N 195 33.53 48.17 -9.58
C ALA N 195 32.78 46.84 -9.53
N VAL N 196 31.99 46.55 -10.57
CA VAL N 196 31.23 45.30 -10.58
C VAL N 196 32.18 44.11 -10.62
N THR N 197 33.22 44.17 -11.47
CA THR N 197 34.17 43.08 -11.55
C THR N 197 34.94 42.91 -10.24
N PHE N 198 35.28 44.01 -9.58
CA PHE N 198 35.96 43.93 -8.29
C PHE N 198 35.09 43.23 -7.26
N LEU N 199 33.82 43.61 -7.18
CA LEU N 199 32.92 42.97 -6.23
C LEU N 199 32.73 41.49 -6.57
N ARG N 200 32.66 41.17 -7.86
CA ARG N 200 32.52 39.78 -8.26
C ARG N 200 33.74 38.96 -7.91
N LYS N 201 34.95 39.53 -8.07
CA LYS N 201 36.16 38.82 -7.69
C LYS N 201 36.21 38.58 -6.19
N ILE N 202 35.83 39.60 -5.40
CA ILE N 202 35.79 39.43 -3.96
C ILE N 202 34.81 38.30 -3.59
N LYS N 203 33.62 38.33 -4.18
CA LYS N 203 32.61 37.32 -3.88
C LYS N 203 33.07 35.93 -4.28
N ALA N 204 33.72 35.81 -5.44
CA ALA N 204 34.19 34.51 -5.91
C ALA N 204 35.30 33.98 -5.03
N ALA N 205 36.20 34.84 -4.58
CA ALA N 205 37.28 34.39 -3.71
C ALA N 205 36.75 33.98 -2.34
N VAL N 206 35.73 34.68 -1.82
CA VAL N 206 35.16 34.30 -0.54
C VAL N 206 34.37 33.00 -0.67
N GLU N 207 33.63 32.84 -1.76
CA GLU N 207 32.82 31.63 -1.94
C GLU N 207 33.69 30.40 -2.10
N ASP N 208 34.80 30.51 -2.85
CA ASP N 208 35.80 29.46 -2.98
C ASP N 208 37.15 30.01 -2.58
N PRO N 209 37.62 29.73 -1.37
CA PRO N 209 38.99 30.13 -1.01
C PRO N 209 40.05 29.48 -1.87
N ARG N 210 39.73 28.35 -2.52
CA ARG N 210 40.70 27.69 -3.40
C ARG N 210 41.10 28.55 -4.58
N VAL N 211 40.29 29.57 -4.92
CA VAL N 211 40.63 30.46 -6.02
C VAL N 211 41.90 31.25 -5.70
N LEU N 212 42.09 31.61 -4.43
CA LEU N 212 43.26 32.39 -4.06
C LEU N 212 44.56 31.63 -4.34
N LEU N 213 44.63 30.37 -3.92
CA LEU N 213 45.84 29.58 -4.19
C LEU N 213 45.89 29.13 -5.64
N LEU N 214 44.74 28.99 -6.29
CA LEU N 214 44.70 28.66 -7.71
C LEU N 214 45.02 29.86 -8.58
N ASP N 215 44.95 31.07 -8.02
CA ASP N 215 45.39 32.31 -8.67
C ASP N 215 44.57 32.61 -9.92
N LEU N 216 43.26 32.47 -9.79
CA LEU N 216 42.36 32.88 -10.87
C LEU N 216 42.16 34.38 -10.85
N ALA O 9 27.54 -38.83 -51.52
CA ALA O 9 26.66 -39.03 -50.37
C ALA O 9 26.95 -38.00 -49.28
N MET O 10 26.27 -36.86 -49.32
CA MET O 10 26.49 -35.81 -48.34
C MET O 10 25.16 -35.28 -47.82
N LEU O 11 25.09 -35.10 -46.51
CA LEU O 11 23.89 -34.63 -45.83
C LEU O 11 24.15 -33.27 -45.23
N THR O 12 23.14 -32.74 -44.55
CA THR O 12 23.25 -31.46 -43.86
C THR O 12 22.76 -31.62 -42.42
N THR O 13 23.47 -31.00 -41.48
CA THR O 13 23.05 -30.96 -40.09
C THR O 13 23.11 -29.53 -39.59
N PHE O 14 22.24 -29.18 -38.64
CA PHE O 14 22.11 -27.81 -38.19
C PHE O 14 22.29 -27.71 -36.68
N ASN O 15 22.57 -26.49 -36.22
CA ASN O 15 22.70 -26.21 -34.81
C ASN O 15 22.48 -24.71 -34.61
N GLU O 16 22.63 -24.24 -33.37
CA GLU O 16 22.39 -22.85 -33.03
C GLU O 16 23.43 -22.41 -32.01
N VAL O 17 24.07 -21.28 -32.28
CA VAL O 17 25.15 -20.78 -31.44
C VAL O 17 24.79 -19.40 -30.89
N ASP O 18 24.97 -19.24 -29.58
CA ASP O 18 24.72 -17.97 -28.89
C ASP O 18 25.98 -17.11 -28.99
N MET O 19 25.84 -15.91 -29.55
CA MET O 19 26.98 -15.04 -29.80
C MET O 19 27.12 -13.95 -28.74
N SER O 20 26.54 -14.13 -27.56
CA SER O 20 26.64 -13.11 -26.52
C SER O 20 28.08 -12.89 -26.08
N ASN O 21 28.84 -13.97 -25.89
CA ASN O 21 30.22 -13.83 -25.43
C ASN O 21 31.09 -13.16 -26.49
N ILE O 22 30.92 -13.55 -27.75
CA ILE O 22 31.71 -12.96 -28.82
C ILE O 22 31.39 -11.47 -28.97
N GLN O 23 30.10 -11.13 -28.90
CA GLN O 23 29.72 -9.72 -28.96
C GLN O 23 30.30 -8.94 -27.78
N GLU O 24 30.28 -9.53 -26.59
CA GLU O 24 30.85 -8.87 -25.42
C GLU O 24 32.34 -8.61 -25.59
N MET O 25 33.09 -9.64 -26.01
CA MET O 25 34.53 -9.47 -26.15
C MET O 25 34.85 -8.49 -27.28
N ARG O 26 34.08 -8.52 -28.35
CA ARG O 26 34.29 -7.58 -29.45
C ARG O 26 34.06 -6.15 -28.99
N ALA O 27 32.95 -5.90 -28.30
CA ALA O 27 32.67 -4.56 -27.80
C ALA O 27 33.70 -4.10 -26.77
N ARG O 28 34.22 -5.03 -25.96
CA ARG O 28 35.20 -4.65 -24.96
C ARG O 28 36.55 -4.30 -25.59
N HIS O 29 37.02 -5.11 -26.53
CA HIS O 29 38.40 -5.03 -26.98
C HIS O 29 38.58 -4.49 -28.39
N LYS O 30 37.52 -3.97 -29.03
CA LYS O 30 37.67 -3.48 -30.39
C LYS O 30 38.63 -2.30 -30.45
N ASP O 31 38.55 -1.37 -29.48
CA ASP O 31 39.41 -0.20 -29.51
C ASP O 31 40.87 -0.57 -29.34
N ALA O 32 41.18 -1.40 -28.34
CA ALA O 32 42.57 -1.81 -28.12
C ALA O 32 43.09 -2.62 -29.29
N PHE O 33 42.27 -3.50 -29.84
CA PHE O 33 42.70 -4.32 -30.96
C PHE O 33 43.00 -3.46 -32.19
N LEU O 34 42.15 -2.47 -32.46
CA LEU O 34 42.39 -1.57 -33.58
C LEU O 34 43.64 -0.73 -33.35
N LYS O 35 43.85 -0.25 -32.12
CA LYS O 35 45.03 0.55 -31.85
C LYS O 35 46.31 -0.26 -32.03
N LYS O 36 46.31 -1.49 -31.53
CA LYS O 36 47.54 -2.29 -31.58
C LYS O 36 47.82 -2.83 -32.98
N HIS O 37 46.81 -3.36 -33.66
CA HIS O 37 47.02 -4.06 -34.93
C HIS O 37 46.54 -3.31 -36.14
N ASN O 38 45.95 -2.12 -35.98
CA ASN O 38 45.43 -1.33 -37.09
C ASN O 38 44.44 -2.14 -37.92
N LEU O 39 43.60 -2.91 -37.24
CA LEU O 39 42.65 -3.82 -37.88
C LEU O 39 41.27 -3.62 -37.27
N LYS O 40 40.30 -4.36 -37.81
CA LYS O 40 38.92 -4.31 -37.34
C LYS O 40 38.49 -5.69 -36.88
N LEU O 41 38.03 -5.77 -35.63
CA LEU O 41 37.62 -7.04 -35.06
C LEU O 41 36.32 -7.52 -35.70
N GLY O 42 36.23 -8.83 -35.91
CA GLY O 42 35.04 -9.41 -36.51
C GLY O 42 34.69 -10.77 -35.95
N PHE O 43 33.70 -11.44 -36.54
CA PHE O 43 33.29 -12.75 -36.08
C PHE O 43 33.92 -13.90 -36.87
N MET O 44 34.49 -13.61 -38.04
CA MET O 44 35.01 -14.69 -38.87
C MET O 44 36.22 -15.35 -38.24
N SER O 45 37.04 -14.59 -37.51
CA SER O 45 38.18 -15.17 -36.84
C SER O 45 37.75 -16.18 -35.78
N ALA O 46 36.65 -15.89 -35.07
CA ALA O 46 36.16 -16.82 -34.07
C ALA O 46 35.80 -18.16 -34.68
N PHE O 47 35.07 -18.14 -35.80
CA PHE O 47 34.67 -19.38 -36.44
C PHE O 47 35.87 -20.09 -37.07
N VAL O 48 36.84 -19.33 -37.60
CA VAL O 48 38.02 -19.95 -38.18
C VAL O 48 38.82 -20.67 -37.11
N LYS O 49 39.02 -20.02 -35.96
CA LYS O 49 39.74 -20.66 -34.87
C LYS O 49 38.97 -21.84 -34.30
N ALA O 50 37.65 -21.73 -34.21
CA ALA O 50 36.85 -22.86 -33.74
C ALA O 50 36.97 -24.05 -34.67
N SER O 51 36.93 -23.81 -35.98
CA SER O 51 37.07 -24.90 -36.94
C SER O 51 38.46 -25.52 -36.87
N ALA O 52 39.50 -24.69 -36.71
CA ALA O 52 40.85 -25.23 -36.58
C ALA O 52 40.98 -26.09 -35.32
N PHE O 53 40.38 -25.63 -34.22
CA PHE O 53 40.42 -26.39 -32.97
C PHE O 53 39.70 -27.73 -33.11
N ALA O 54 38.52 -27.71 -33.72
CA ALA O 54 37.76 -28.95 -33.90
C ALA O 54 38.48 -29.91 -34.83
N LEU O 55 39.13 -29.39 -35.88
CA LEU O 55 39.93 -30.24 -36.74
C LEU O 55 41.17 -30.76 -36.03
N GLN O 56 41.68 -30.03 -35.05
CA GLN O 56 42.72 -30.58 -34.19
C GLN O 56 42.22 -31.78 -33.41
N GLU O 57 41.03 -31.68 -32.83
CA GLU O 57 40.55 -32.81 -32.03
C GLU O 57 39.97 -33.92 -32.88
N GLN O 58 39.57 -33.63 -34.11
CA GLN O 58 38.88 -34.59 -34.98
C GLN O 58 39.52 -34.62 -36.35
N PRO O 59 40.57 -35.42 -36.54
CA PRO O 59 41.26 -35.42 -37.83
C PRO O 59 40.53 -36.20 -38.91
N VAL O 60 39.47 -36.93 -38.55
CA VAL O 60 38.70 -37.68 -39.54
C VAL O 60 38.07 -36.73 -40.55
N VAL O 61 37.50 -35.63 -40.06
CA VAL O 61 36.98 -34.59 -40.95
C VAL O 61 38.11 -33.94 -41.72
N ASN O 62 39.30 -33.87 -41.13
CA ASN O 62 40.46 -33.33 -41.82
C ASN O 62 41.08 -34.36 -42.75
N ALA O 63 40.27 -34.92 -43.64
CA ALA O 63 40.73 -35.96 -44.55
C ALA O 63 40.00 -35.78 -45.88
N VAL O 64 40.30 -36.67 -46.82
CA VAL O 64 39.67 -36.65 -48.13
C VAL O 64 39.67 -38.08 -48.67
N ILE O 65 38.71 -38.36 -49.55
CA ILE O 65 38.62 -39.66 -50.20
C ILE O 65 39.52 -39.59 -51.42
N ASP O 66 40.57 -40.41 -51.43
CA ASP O 66 41.49 -40.51 -52.56
C ASP O 66 41.08 -41.72 -53.39
N ASP O 67 40.51 -41.48 -54.56
CA ASP O 67 40.02 -42.57 -55.40
C ASP O 67 41.13 -43.23 -56.21
N ALA O 68 42.36 -42.72 -56.13
CA ALA O 68 43.47 -43.36 -56.84
C ALA O 68 43.72 -44.77 -56.32
N THR O 69 43.68 -44.96 -54.99
CA THR O 69 43.86 -46.27 -54.39
C THR O 69 42.81 -46.55 -53.32
N LYS O 70 41.71 -45.79 -53.31
CA LYS O 70 40.65 -45.92 -52.31
C LYS O 70 41.20 -45.80 -50.89
N GLU O 71 42.13 -44.87 -50.72
CA GLU O 71 42.72 -44.56 -49.42
C GLU O 71 42.23 -43.20 -48.95
N VAL O 72 42.39 -42.95 -47.65
CA VAL O 72 42.09 -41.66 -47.05
C VAL O 72 43.39 -41.06 -46.55
N VAL O 73 43.66 -39.82 -46.94
CA VAL O 73 44.89 -39.12 -46.56
C VAL O 73 44.58 -38.35 -45.28
N TYR O 74 45.41 -38.56 -44.26
CA TYR O 74 45.27 -37.84 -43.00
C TYR O 74 46.31 -36.73 -42.97
N ARG O 75 45.90 -35.52 -43.34
CA ARG O 75 46.82 -34.41 -43.44
C ARG O 75 47.28 -33.99 -42.04
N ASP O 76 48.58 -33.83 -41.87
CA ASP O 76 49.15 -33.38 -40.61
C ASP O 76 49.10 -31.87 -40.46
N TYR O 77 48.60 -31.17 -41.48
CA TYR O 77 48.48 -29.72 -41.48
C TYR O 77 47.02 -29.31 -41.54
N ILE O 78 46.70 -28.22 -40.86
CA ILE O 78 45.35 -27.67 -40.84
C ILE O 78 45.37 -26.40 -41.67
N ASP O 79 44.42 -26.26 -42.57
CA ASP O 79 44.49 -25.27 -43.64
C ASP O 79 43.06 -24.87 -44.02
N ILE O 80 42.57 -23.77 -43.45
CA ILE O 80 41.18 -23.35 -43.63
C ILE O 80 41.08 -22.48 -44.88
N SER O 81 40.05 -22.70 -45.68
CA SER O 81 39.82 -21.96 -46.92
C SER O 81 38.59 -21.08 -46.75
N VAL O 82 38.82 -19.83 -46.33
CA VAL O 82 37.74 -18.89 -46.07
C VAL O 82 37.19 -18.37 -47.40
N ALA O 83 35.95 -17.87 -47.35
CA ALA O 83 35.30 -17.28 -48.51
C ALA O 83 35.27 -15.76 -48.36
N VAL O 84 35.77 -15.06 -49.38
CA VAL O 84 35.89 -13.60 -49.37
C VAL O 84 35.05 -13.03 -50.49
N ALA O 85 34.23 -12.04 -50.17
CA ALA O 85 33.29 -11.46 -51.12
C ALA O 85 33.98 -10.40 -51.98
N THR O 86 33.73 -10.46 -53.27
CA THR O 86 34.24 -9.51 -54.25
C THR O 86 33.10 -9.18 -55.20
N PRO O 87 33.19 -8.06 -55.94
CA PRO O 87 32.10 -7.71 -56.84
C PRO O 87 32.09 -8.51 -58.14
N ARG O 88 33.16 -9.23 -58.45
CA ARG O 88 33.14 -10.16 -59.57
C ARG O 88 32.37 -11.43 -59.20
N GLY O 89 32.45 -11.83 -57.93
CA GLY O 89 31.77 -13.02 -57.47
C GLY O 89 32.31 -13.42 -56.11
N LEU O 90 32.04 -14.68 -55.74
CA LEU O 90 32.60 -15.23 -54.53
C LEU O 90 33.93 -15.90 -54.84
N VAL O 91 34.91 -15.68 -53.97
CA VAL O 91 36.22 -16.31 -54.09
C VAL O 91 36.46 -17.13 -52.84
N VAL O 92 37.39 -18.08 -52.93
CA VAL O 92 37.73 -18.91 -51.79
C VAL O 92 39.22 -18.80 -51.53
N PRO O 93 39.71 -17.69 -50.99
CA PRO O 93 41.12 -17.62 -50.60
C PRO O 93 41.41 -18.59 -49.47
N VAL O 94 42.66 -19.04 -49.42
CA VAL O 94 43.05 -20.17 -48.60
C VAL O 94 44.09 -19.71 -47.59
N ILE O 95 43.86 -20.04 -46.31
CA ILE O 95 44.75 -19.64 -45.23
C ILE O 95 45.57 -20.84 -44.78
N ARG O 96 46.86 -20.62 -44.56
CA ARG O 96 47.78 -21.71 -44.24
C ARG O 96 48.10 -21.73 -42.75
N ASN O 97 48.19 -22.94 -42.18
CA ASN O 97 48.75 -23.16 -40.85
C ASN O 97 48.02 -22.35 -39.78
N VAL O 98 46.73 -22.65 -39.62
CA VAL O 98 45.91 -21.95 -38.64
C VAL O 98 46.13 -22.44 -37.23
N GLU O 99 46.73 -23.62 -37.06
CA GLU O 99 46.85 -24.22 -35.73
C GLU O 99 47.72 -23.38 -34.81
N THR O 100 48.82 -22.84 -35.32
CA THR O 100 49.79 -22.11 -34.52
C THR O 100 49.63 -20.60 -34.63
N MET O 101 48.40 -20.11 -34.80
CA MET O 101 48.15 -18.69 -35.04
C MET O 101 46.79 -18.30 -34.47
N ASN O 102 46.76 -17.14 -33.80
CA ASN O 102 45.65 -16.72 -32.97
C ASN O 102 44.72 -15.78 -33.71
N TYR O 103 43.81 -15.13 -32.98
CA TYR O 103 42.81 -14.27 -33.57
C TYR O 103 43.45 -13.12 -34.35
N ALA O 104 44.49 -12.51 -33.79
CA ALA O 104 45.14 -11.39 -34.45
C ALA O 104 45.75 -11.82 -35.78
N ASP O 105 46.43 -12.97 -35.80
CA ASP O 105 47.00 -13.46 -37.06
C ASP O 105 45.92 -13.82 -38.06
N ILE O 106 44.81 -14.42 -37.60
CA ILE O 106 43.73 -14.79 -38.50
C ILE O 106 43.13 -13.54 -39.15
N GLU O 107 42.87 -12.51 -38.34
CA GLU O 107 42.35 -11.26 -38.89
C GLU O 107 43.36 -10.61 -39.83
N ARG O 108 44.65 -10.69 -39.48
CA ARG O 108 45.69 -10.13 -40.33
C ARG O 108 45.67 -10.77 -41.71
N THR O 109 45.69 -12.09 -41.77
CA THR O 109 45.73 -12.75 -43.07
C THR O 109 44.40 -12.61 -43.80
N ILE O 110 43.28 -12.55 -43.08
CA ILE O 110 42.00 -12.32 -43.73
C ILE O 110 41.98 -10.97 -44.41
N ASN O 111 42.45 -9.93 -43.71
CA ASN O 111 42.49 -8.59 -44.32
C ASN O 111 43.47 -8.55 -45.48
N GLU O 112 44.65 -9.16 -45.33
CA GLU O 112 45.63 -9.15 -46.40
C GLU O 112 45.10 -9.86 -47.64
N LEU O 113 44.41 -10.98 -47.44
CA LEU O 113 43.92 -11.77 -48.58
C LEU O 113 42.71 -11.10 -49.20
N GLY O 114 41.88 -10.42 -48.40
CA GLY O 114 40.81 -9.62 -48.97
C GLY O 114 41.34 -8.44 -49.77
N GLU O 115 42.43 -7.82 -49.30
CA GLU O 115 43.08 -6.77 -50.07
C GLU O 115 43.62 -7.31 -51.39
N LYS O 116 44.29 -8.47 -51.35
CA LYS O 116 44.80 -9.08 -52.56
C LYS O 116 43.68 -9.54 -53.50
N ALA O 117 42.49 -9.79 -52.96
CA ALA O 117 41.31 -10.07 -53.78
C ALA O 117 40.73 -8.81 -54.40
N ARG O 118 40.76 -7.69 -53.68
CA ARG O 118 40.27 -6.43 -54.23
C ARG O 118 41.08 -6.01 -55.45
N LYS O 119 42.37 -5.72 -55.24
CA LYS O 119 43.32 -5.53 -56.33
C LYS O 119 43.84 -6.90 -56.73
N ASN O 120 43.31 -7.43 -57.83
CA ASN O 120 43.44 -8.86 -58.13
C ASN O 120 44.90 -9.30 -58.20
N GLU O 121 45.32 -10.08 -57.20
CA GLU O 121 46.68 -10.61 -57.16
C GLU O 121 46.69 -12.06 -56.67
N LEU O 122 45.55 -12.73 -56.61
CA LEU O 122 45.47 -14.08 -56.09
C LEU O 122 45.94 -15.07 -57.15
N ALA O 123 47.04 -15.77 -56.87
CA ALA O 123 47.60 -16.73 -57.81
C ALA O 123 47.06 -18.13 -57.54
N ILE O 124 47.58 -19.10 -58.28
CA ILE O 124 47.15 -20.50 -58.09
C ILE O 124 47.67 -21.04 -56.77
N GLU O 125 48.91 -20.70 -56.41
CA GLU O 125 49.53 -21.27 -55.21
C GLU O 125 48.79 -20.91 -53.93
N ASP O 126 48.00 -19.83 -53.95
CA ASP O 126 47.25 -19.40 -52.79
C ASP O 126 45.80 -19.85 -52.78
N MET O 127 45.42 -20.76 -53.70
CA MET O 127 44.05 -21.24 -53.78
C MET O 127 43.91 -22.74 -53.56
N ASP O 128 45.00 -23.49 -53.52
CA ASP O 128 44.95 -24.93 -53.36
C ASP O 128 45.49 -25.32 -51.99
N GLY O 129 45.42 -26.63 -51.70
CA GLY O 129 45.96 -27.17 -50.46
C GLY O 129 45.03 -27.09 -49.27
N GLY O 130 43.85 -26.50 -49.42
CA GLY O 130 42.95 -26.37 -48.29
C GLY O 130 42.35 -27.71 -47.89
N THR O 131 42.04 -27.84 -46.60
CA THR O 131 41.43 -29.04 -46.06
C THR O 131 40.02 -28.82 -45.53
N PHE O 132 39.62 -27.58 -45.31
CA PHE O 132 38.27 -27.26 -44.87
C PHE O 132 37.88 -25.90 -45.41
N THR O 133 36.60 -25.76 -45.72
CA THR O 133 36.07 -24.54 -46.32
C THR O 133 34.94 -23.98 -45.47
N ILE O 134 34.96 -22.67 -45.25
CA ILE O 134 33.95 -21.97 -44.46
C ILE O 134 33.26 -20.97 -45.38
N SER O 135 31.94 -21.05 -45.46
CA SER O 135 31.14 -20.17 -46.29
C SER O 135 30.34 -19.24 -45.40
N ASN O 136 30.52 -17.94 -45.57
CA ASN O 136 29.85 -16.93 -44.76
C ASN O 136 28.73 -16.33 -45.60
N GLY O 137 27.58 -17.00 -45.59
CA GLY O 137 26.40 -16.53 -46.28
C GLY O 137 25.50 -15.66 -45.46
N GLY O 138 25.91 -15.30 -44.24
CA GLY O 138 25.11 -14.46 -43.37
C GLY O 138 25.30 -12.99 -43.53
N VAL O 139 26.27 -12.58 -44.36
CA VAL O 139 26.45 -11.16 -44.64
C VAL O 139 25.20 -10.59 -45.31
N PHE O 140 24.37 -11.45 -45.89
CA PHE O 140 23.25 -11.02 -46.71
C PHE O 140 21.89 -11.44 -46.16
N GLY O 141 21.83 -11.79 -44.87
CA GLY O 141 20.55 -11.93 -44.20
C GLY O 141 19.91 -13.30 -44.23
N SER O 142 20.65 -14.36 -44.57
CA SER O 142 20.08 -15.69 -44.59
C SER O 142 19.81 -16.21 -43.19
N LEU O 143 18.67 -16.88 -43.03
CA LEU O 143 18.32 -17.51 -41.75
C LEU O 143 19.05 -18.84 -41.58
N PHE O 144 18.77 -19.80 -42.46
CA PHE O 144 19.57 -21.02 -42.55
C PHE O 144 19.32 -21.66 -43.92
N GLY O 145 20.27 -22.46 -44.35
CA GLY O 145 20.17 -23.11 -45.65
C GLY O 145 21.33 -24.08 -45.82
N THR O 146 21.25 -24.85 -46.89
CA THR O 146 22.22 -25.91 -47.14
C THR O 146 23.39 -25.37 -47.94
N PRO O 147 24.61 -25.36 -47.40
CA PRO O 147 25.77 -24.95 -48.18
C PRO O 147 26.19 -26.02 -49.18
N ILE O 148 27.01 -25.62 -50.14
CA ILE O 148 27.50 -26.54 -51.16
C ILE O 148 28.99 -26.79 -50.95
N ILE O 149 29.40 -28.04 -51.12
CA ILE O 149 30.78 -28.42 -50.85
C ILE O 149 31.71 -27.77 -51.86
N ASN O 150 32.93 -27.46 -51.40
CA ASN O 150 34.01 -27.04 -52.29
C ASN O 150 34.94 -28.22 -52.49
N PRO O 151 35.08 -28.75 -53.70
CA PRO O 151 35.95 -29.90 -53.90
C PRO O 151 37.42 -29.49 -53.88
N PRO O 152 38.30 -30.34 -53.33
CA PRO O 152 38.03 -31.64 -52.71
C PRO O 152 37.92 -31.56 -51.18
N GLN O 153 37.37 -30.50 -50.60
CA GLN O 153 37.23 -30.44 -49.16
C GLN O 153 36.22 -31.48 -48.68
N SER O 154 36.45 -32.01 -47.48
CA SER O 154 35.58 -33.06 -46.95
C SER O 154 34.22 -32.50 -46.55
N ALA O 155 34.19 -31.35 -45.90
CA ALA O 155 32.95 -30.77 -45.40
C ALA O 155 33.05 -29.26 -45.46
N ILE O 156 31.90 -28.61 -45.40
CA ILE O 156 31.81 -27.15 -45.42
C ILE O 156 30.91 -26.68 -44.29
N LEU O 157 31.38 -25.71 -43.52
CA LEU O 157 30.59 -25.06 -42.48
C LEU O 157 30.02 -23.77 -43.07
N GLY O 158 28.73 -23.79 -43.38
CA GLY O 158 28.04 -22.63 -43.90
C GLY O 158 27.34 -21.89 -42.78
N MET O 159 27.71 -20.63 -42.59
CA MET O 159 27.13 -19.82 -41.54
C MET O 159 26.13 -18.83 -42.13
N HIS O 160 25.29 -18.29 -41.26
CA HIS O 160 24.13 -17.52 -41.68
C HIS O 160 24.09 -16.23 -40.88
N GLY O 161 22.95 -15.53 -40.92
CA GLY O 161 22.85 -14.25 -40.27
C GLY O 161 22.67 -14.36 -38.77
N ILE O 162 23.01 -13.29 -38.07
CA ILE O 162 22.85 -13.20 -36.63
C ILE O 162 21.54 -12.49 -36.33
N PHE O 163 20.65 -13.15 -35.59
CA PHE O 163 19.37 -12.58 -35.19
C PHE O 163 19.22 -12.73 -33.69
N ASP O 164 18.36 -11.90 -33.11
CA ASP O 164 18.02 -12.01 -31.71
C ASP O 164 16.71 -12.78 -31.57
N ARG O 165 16.74 -13.85 -30.78
CA ARG O 165 15.63 -14.76 -30.63
C ARG O 165 15.45 -15.07 -29.15
N PRO O 166 14.22 -15.37 -28.73
CA PRO O 166 14.03 -15.83 -27.36
C PRO O 166 14.61 -17.22 -27.17
N VAL O 167 15.36 -17.40 -26.09
CA VAL O 167 16.01 -18.65 -25.76
C VAL O 167 15.67 -18.99 -24.32
N ALA O 168 16.05 -20.20 -23.90
CA ALA O 168 15.74 -20.70 -22.57
C ALA O 168 17.03 -21.19 -21.91
N VAL O 169 17.48 -20.45 -20.90
CA VAL O 169 18.58 -20.88 -20.04
C VAL O 169 18.11 -20.74 -18.60
N GLY O 170 18.31 -21.80 -17.81
CA GLY O 170 17.83 -21.82 -16.44
C GLY O 170 16.32 -21.87 -16.32
N GLY O 171 15.62 -22.21 -17.39
CA GLY O 171 14.18 -22.24 -17.39
C GLY O 171 13.50 -20.91 -17.64
N LYS O 172 14.26 -19.85 -17.85
CA LYS O 172 13.72 -18.51 -18.05
C LYS O 172 13.94 -18.07 -19.49
N VAL O 173 12.97 -17.35 -20.04
CA VAL O 173 13.02 -16.88 -21.41
C VAL O 173 13.78 -15.55 -21.45
N GLU O 174 14.88 -15.53 -22.18
CA GLU O 174 15.64 -14.31 -22.44
C GLU O 174 15.90 -14.19 -23.93
N VAL O 175 16.22 -12.97 -24.36
CA VAL O 175 16.52 -12.68 -25.75
C VAL O 175 18.04 -12.54 -25.89
N ARG O 176 18.64 -13.41 -26.69
CA ARG O 176 20.05 -13.35 -26.99
C ARG O 176 20.25 -13.31 -28.49
N PRO O 177 21.32 -12.66 -28.97
CA PRO O 177 21.61 -12.67 -30.40
C PRO O 177 22.12 -14.04 -30.81
N MET O 178 21.27 -14.82 -31.46
CA MET O 178 21.59 -16.18 -31.83
C MET O 178 21.97 -16.23 -33.31
N MET O 179 22.24 -17.44 -33.78
CA MET O 179 22.96 -17.62 -35.03
C MET O 179 22.87 -19.08 -35.44
N TYR O 180 22.58 -19.33 -36.72
CA TYR O 180 22.35 -20.66 -37.23
C TYR O 180 23.60 -21.13 -37.98
N VAL O 181 24.11 -22.30 -37.60
CA VAL O 181 25.28 -22.89 -38.23
C VAL O 181 24.87 -24.20 -38.89
N ALA O 182 25.27 -24.38 -40.14
CA ALA O 182 25.00 -25.60 -40.89
C ALA O 182 26.32 -26.22 -41.34
N LEU O 183 26.37 -27.55 -41.34
CA LEU O 183 27.55 -28.29 -41.76
C LEU O 183 27.12 -29.36 -42.78
N THR O 184 27.57 -29.21 -44.01
CA THR O 184 27.36 -30.22 -45.05
C THR O 184 28.59 -31.12 -45.10
N TYR O 185 28.38 -32.41 -44.89
CA TYR O 185 29.49 -33.34 -44.76
C TYR O 185 29.25 -34.54 -45.68
N ASP O 186 30.35 -35.09 -46.19
CA ASP O 186 30.32 -36.29 -47.03
C ASP O 186 30.12 -37.51 -46.15
N HIS O 187 29.02 -38.23 -46.35
CA HIS O 187 28.68 -39.35 -45.49
C HIS O 187 29.56 -40.56 -45.72
N ARG O 188 30.33 -40.60 -46.82
CA ARG O 188 31.13 -41.78 -47.11
C ARG O 188 32.28 -41.95 -46.11
N LEU O 189 32.88 -40.87 -45.64
CA LEU O 189 33.96 -40.94 -44.67
C LEU O 189 33.62 -40.32 -43.33
N ILE O 190 32.71 -39.36 -43.29
CA ILE O 190 32.33 -38.69 -42.06
C ILE O 190 31.05 -39.33 -41.53
N ASP O 191 31.14 -39.94 -40.35
CA ASP O 191 29.99 -40.53 -39.70
C ASP O 191 29.08 -39.43 -39.15
N GLY O 192 27.80 -39.77 -38.97
CA GLY O 192 26.87 -38.81 -38.39
C GLY O 192 27.28 -38.38 -36.99
N ARG O 193 27.68 -39.34 -36.16
CA ARG O 193 28.14 -39.02 -34.81
C ARG O 193 29.32 -38.07 -34.85
N GLU O 194 30.31 -38.36 -35.70
CA GLU O 194 31.50 -37.52 -35.76
C GLU O 194 31.16 -36.13 -36.28
N ALA O 195 30.28 -36.03 -37.28
CA ALA O 195 29.91 -34.72 -37.81
C ALA O 195 29.17 -33.89 -36.77
N VAL O 196 28.22 -34.49 -36.07
CA VAL O 196 27.47 -33.75 -35.05
C VAL O 196 28.40 -33.33 -33.91
N THR O 197 29.32 -34.21 -33.51
CA THR O 197 30.28 -33.86 -32.48
C THR O 197 31.20 -32.74 -32.94
N PHE O 198 31.58 -32.74 -34.21
CA PHE O 198 32.40 -31.67 -34.77
C PHE O 198 31.68 -30.34 -34.68
N LEU O 199 30.40 -30.32 -35.06
CA LEU O 199 29.63 -29.08 -34.97
C LEU O 199 29.47 -28.62 -33.52
N ARG O 200 29.27 -29.58 -32.61
CA ARG O 200 29.18 -29.23 -31.19
C ARG O 200 30.49 -28.64 -30.68
N LYS O 201 31.63 -29.19 -31.10
CA LYS O 201 32.91 -28.65 -30.68
C LYS O 201 33.11 -27.23 -31.21
N ILE O 202 32.70 -26.99 -32.46
CA ILE O 202 32.76 -25.64 -33.01
C ILE O 202 31.89 -24.70 -32.18
N LYS O 203 30.68 -25.13 -31.86
CA LYS O 203 29.78 -24.33 -31.03
C LYS O 203 30.43 -23.99 -29.70
N ALA O 204 31.02 -24.99 -29.05
CA ALA O 204 31.64 -24.77 -27.74
C ALA O 204 32.79 -23.78 -27.85
N ALA O 205 33.60 -23.90 -28.91
CA ALA O 205 34.74 -23.00 -29.07
C ALA O 205 34.31 -21.56 -29.31
N VAL O 206 33.24 -21.35 -30.07
CA VAL O 206 32.87 -19.96 -30.39
C VAL O 206 32.02 -19.37 -29.26
N GLU O 207 31.22 -20.20 -28.59
CA GLU O 207 30.44 -19.71 -27.44
C GLU O 207 31.35 -19.30 -26.30
N ASP O 208 32.38 -20.09 -26.01
CA ASP O 208 33.35 -19.79 -24.96
C ASP O 208 34.74 -19.86 -25.56
N PRO O 209 35.31 -18.72 -25.96
CA PRO O 209 36.65 -18.73 -26.54
C PRO O 209 37.72 -19.27 -25.60
N ARG O 210 37.47 -19.26 -24.29
CA ARG O 210 38.44 -19.81 -23.34
C ARG O 210 38.57 -21.32 -23.48
N VAL O 211 37.64 -21.98 -24.15
CA VAL O 211 37.77 -23.42 -24.42
C VAL O 211 38.99 -23.66 -25.30
N LEU O 212 39.29 -22.74 -26.21
CA LEU O 212 40.48 -22.87 -27.06
C LEU O 212 41.74 -22.91 -26.21
N LEU O 213 41.82 -22.03 -25.21
CA LEU O 213 42.97 -22.03 -24.31
C LEU O 213 42.99 -23.28 -23.42
N LEU O 214 41.82 -23.72 -22.98
CA LEU O 214 41.73 -24.85 -22.05
C LEU O 214 41.89 -26.21 -22.71
N ASP O 215 41.84 -26.29 -24.03
CA ASP O 215 41.96 -27.55 -24.76
C ASP O 215 40.89 -28.56 -24.31
N LEU O 216 39.67 -28.06 -24.19
CA LEU O 216 38.54 -28.90 -23.83
C LEU O 216 37.73 -29.30 -25.06
N LEU P 1 -12.20 30.89 -63.12
CA LEU P 1 -12.42 31.98 -62.18
C LEU P 1 -13.78 32.63 -62.38
N LYS P 2 -13.79 33.75 -63.10
CA LYS P 2 -15.04 34.40 -63.46
C LYS P 2 -15.95 33.44 -64.23
N GLU P 3 -15.41 32.83 -65.29
CA GLU P 3 -16.20 31.88 -66.08
C GLU P 3 -16.57 30.65 -65.27
N ALA P 4 -15.61 30.11 -64.50
CA ALA P 4 -15.88 28.90 -63.72
C ALA P 4 -16.94 29.15 -62.66
N GLN P 5 -16.84 30.26 -61.94
CA GLN P 5 -17.85 30.58 -60.94
C GLN P 5 -19.21 30.85 -61.58
N ASN P 6 -19.21 31.59 -62.70
CA ASN P 6 -20.47 32.02 -63.28
C ASN P 6 -21.23 30.86 -63.93
N THR P 7 -20.52 30.01 -64.67
CA THR P 7 -21.17 28.93 -65.41
C THR P 7 -21.45 27.73 -64.53
N CYS P 8 -20.41 27.09 -63.99
CA CYS P 8 -20.58 25.90 -63.17
C CYS P 8 -21.08 26.27 -61.80
N ALA P 9 -22.10 25.55 -61.32
CA ALA P 9 -22.62 25.73 -59.96
C ALA P 9 -21.92 24.71 -59.07
N MET P 10 -20.63 24.95 -58.85
CA MET P 10 -19.81 23.98 -58.13
C MET P 10 -20.20 23.91 -56.66
N LEU P 11 -20.35 22.68 -56.16
CA LEU P 11 -20.62 22.42 -54.77
C LEU P 11 -19.45 21.64 -54.17
N THR P 12 -19.23 21.79 -52.88
CA THR P 12 -18.09 21.19 -52.21
C THR P 12 -18.59 20.24 -51.12
N THR P 13 -18.01 19.05 -51.06
CA THR P 13 -18.24 18.11 -49.98
C THR P 13 -16.89 17.80 -49.32
N PHE P 14 -16.93 17.51 -48.01
CA PHE P 14 -15.72 17.42 -47.23
C PHE P 14 -15.63 16.07 -46.53
N ASN P 15 -14.41 15.72 -46.13
CA ASN P 15 -14.15 14.51 -45.36
C ASN P 15 -12.82 14.68 -44.64
N GLU P 16 -12.57 13.77 -43.71
CA GLU P 16 -11.34 13.75 -42.92
C GLU P 16 -10.61 12.43 -43.15
N VAL P 17 -9.28 12.49 -43.21
CA VAL P 17 -8.47 11.33 -43.58
C VAL P 17 -7.41 11.09 -42.52
N ASP P 18 -7.31 9.85 -42.05
CA ASP P 18 -6.16 9.43 -41.26
C ASP P 18 -4.92 9.34 -42.13
N MET P 19 -3.83 9.91 -41.63
CA MET P 19 -2.53 9.82 -42.29
C MET P 19 -1.53 9.01 -41.47
N SER P 20 -1.98 8.36 -40.40
CA SER P 20 -1.06 7.62 -39.55
C SER P 20 -0.39 6.49 -40.30
N ASN P 21 -1.15 5.80 -41.15
CA ASN P 21 -0.56 4.73 -41.96
C ASN P 21 0.49 5.27 -42.91
N ILE P 22 0.19 6.40 -43.58
CA ILE P 22 1.15 6.99 -44.50
C ILE P 22 2.38 7.49 -43.76
N GLN P 23 2.20 8.12 -42.59
CA GLN P 23 3.34 8.56 -41.81
C GLN P 23 4.20 7.39 -41.38
N GLU P 24 3.58 6.28 -40.95
CA GLU P 24 4.35 5.12 -40.53
C GLU P 24 5.12 4.51 -41.70
N MET P 25 4.47 4.39 -42.86
CA MET P 25 5.17 3.81 -44.00
C MET P 25 6.31 4.71 -44.47
N ARG P 26 6.13 6.03 -44.40
CA ARG P 26 7.24 6.93 -44.71
C ARG P 26 8.36 6.78 -43.71
N ALA P 27 8.03 6.73 -42.41
CA ALA P 27 9.05 6.62 -41.38
C ALA P 27 9.85 5.34 -41.53
N ARG P 28 9.24 4.28 -42.03
CA ARG P 28 9.97 3.03 -42.15
C ARG P 28 10.65 2.86 -43.51
N HIS P 29 10.21 3.57 -44.55
CA HIS P 29 10.74 3.35 -45.89
C HIS P 29 11.52 4.52 -46.45
N LYS P 30 11.68 5.61 -45.70
CA LYS P 30 12.37 6.79 -46.23
C LYS P 30 13.82 6.48 -46.60
N ASP P 31 14.54 5.80 -45.71
CA ASP P 31 15.96 5.55 -45.94
C ASP P 31 16.17 4.67 -47.17
N ALA P 32 15.39 3.59 -47.27
CA ALA P 32 15.50 2.70 -48.42
C ALA P 32 15.09 3.39 -49.70
N PHE P 33 14.03 4.22 -49.65
CA PHE P 33 13.59 4.93 -50.84
C PHE P 33 14.65 5.90 -51.34
N LEU P 34 15.27 6.64 -50.42
CA LEU P 34 16.36 7.53 -50.82
C LEU P 34 17.56 6.74 -51.36
N LYS P 35 17.91 5.64 -50.70
CA LYS P 35 19.09 4.90 -51.12
C LYS P 35 18.90 4.25 -52.48
N LYS P 36 17.66 3.88 -52.82
CA LYS P 36 17.43 3.15 -54.07
C LYS P 36 17.02 4.06 -55.22
N HIS P 37 16.06 4.97 -55.00
CA HIS P 37 15.54 5.83 -56.06
C HIS P 37 16.18 7.21 -56.09
N ASN P 38 16.99 7.56 -55.09
CA ASN P 38 17.58 8.89 -54.96
C ASN P 38 16.52 9.98 -54.89
N LEU P 39 15.35 9.65 -54.35
CA LEU P 39 14.28 10.60 -54.12
C LEU P 39 13.75 10.45 -52.70
N LYS P 40 13.19 11.52 -52.16
CA LYS P 40 12.64 11.51 -50.82
C LYS P 40 11.12 11.35 -50.88
N LEU P 41 10.60 10.43 -50.07
CA LEU P 41 9.19 10.08 -50.11
C LEU P 41 8.33 11.25 -49.63
N GLY P 42 7.10 11.31 -50.16
CA GLY P 42 6.19 12.39 -49.83
C GLY P 42 4.77 11.90 -49.67
N PHE P 43 3.94 12.76 -49.09
CA PHE P 43 2.53 12.44 -48.86
C PHE P 43 1.70 12.52 -50.12
N MET P 44 2.24 13.14 -51.18
CA MET P 44 1.41 13.51 -52.33
C MET P 44 1.08 12.31 -53.21
N SER P 45 2.05 11.41 -53.39
CA SER P 45 1.89 10.31 -54.33
C SER P 45 0.74 9.39 -53.94
N ALA P 46 0.56 9.15 -52.65
CA ALA P 46 -0.55 8.34 -52.19
C ALA P 46 -1.88 8.97 -52.60
N PHE P 47 -1.98 10.29 -52.47
CA PHE P 47 -3.21 10.98 -52.83
C PHE P 47 -3.46 10.92 -54.34
N VAL P 48 -2.41 11.09 -55.14
CA VAL P 48 -2.59 11.00 -56.60
C VAL P 48 -3.06 9.60 -56.99
N LYS P 49 -2.42 8.57 -56.44
CA LYS P 49 -2.77 7.21 -56.82
C LYS P 49 -4.18 6.85 -56.34
N ALA P 50 -4.55 7.30 -55.13
CA ALA P 50 -5.89 7.07 -54.64
C ALA P 50 -6.93 7.77 -55.51
N SER P 51 -6.65 9.00 -55.94
CA SER P 51 -7.57 9.69 -56.83
C SER P 51 -7.71 8.98 -58.16
N ALA P 52 -6.60 8.47 -58.70
CA ALA P 52 -6.66 7.71 -59.94
C ALA P 52 -7.49 6.44 -59.76
N PHE P 53 -7.34 5.75 -58.63
CA PHE P 53 -8.13 4.57 -58.34
C PHE P 53 -9.61 4.89 -58.26
N ALA P 54 -9.97 5.97 -57.56
CA ALA P 54 -11.36 6.36 -57.44
C ALA P 54 -11.94 6.76 -58.80
N LEU P 55 -11.14 7.42 -59.64
CA LEU P 55 -11.57 7.74 -60.99
C LEU P 55 -11.78 6.48 -61.81
N GLN P 56 -10.94 5.46 -61.60
CA GLN P 56 -11.13 4.17 -62.24
C GLN P 56 -12.48 3.57 -61.85
N GLU P 57 -12.77 3.54 -60.55
CA GLU P 57 -13.98 2.88 -60.07
C GLU P 57 -15.23 3.65 -60.48
N GLN P 58 -15.18 4.98 -60.43
CA GLN P 58 -16.31 5.82 -60.82
C GLN P 58 -15.94 6.64 -62.05
N PRO P 59 -16.36 6.25 -63.25
CA PRO P 59 -15.93 6.97 -64.45
C PRO P 59 -16.75 8.22 -64.74
N VAL P 60 -17.81 8.49 -63.99
CA VAL P 60 -18.60 9.70 -64.24
C VAL P 60 -17.77 10.94 -63.93
N VAL P 61 -17.06 10.94 -62.79
CA VAL P 61 -16.20 12.07 -62.46
C VAL P 61 -15.05 12.17 -63.44
N ASN P 62 -14.65 11.05 -64.03
CA ASN P 62 -13.60 11.02 -65.05
C ASN P 62 -14.25 11.33 -66.39
N ALA P 63 -15.00 12.42 -66.46
CA ALA P 63 -15.71 12.82 -67.66
C ALA P 63 -16.00 14.30 -67.60
N VAL P 64 -16.23 14.91 -68.76
CA VAL P 64 -16.42 16.34 -68.90
C VAL P 64 -17.72 16.62 -69.62
N ILE P 65 -18.52 17.54 -69.08
CA ILE P 65 -19.67 18.08 -69.78
C ILE P 65 -19.17 18.98 -70.90
N ASP P 66 -19.29 18.53 -72.13
CA ASP P 66 -18.85 19.32 -73.27
C ASP P 66 -19.79 20.51 -73.43
N ASP P 67 -19.25 21.72 -73.33
CA ASP P 67 -20.07 22.92 -73.39
C ASP P 67 -20.74 23.05 -74.76
N ALA P 68 -20.00 22.80 -75.84
CA ALA P 68 -20.54 23.01 -77.19
C ALA P 68 -21.71 22.09 -77.47
N THR P 69 -21.62 20.83 -77.05
CA THR P 69 -22.64 19.83 -77.39
C THR P 69 -23.53 19.44 -76.23
N LYS P 70 -23.28 19.95 -75.02
CA LYS P 70 -24.04 19.59 -73.82
C LYS P 70 -24.06 18.08 -73.63
N GLU P 71 -22.94 17.44 -73.95
CA GLU P 71 -22.79 16.00 -73.86
C GLU P 71 -21.69 15.65 -72.86
N VAL P 72 -21.50 14.36 -72.66
CA VAL P 72 -20.48 13.83 -71.75
C VAL P 72 -19.48 13.04 -72.58
N VAL P 73 -18.20 13.24 -72.30
CA VAL P 73 -17.13 12.50 -72.95
C VAL P 73 -16.40 11.67 -71.90
N TYR P 74 -16.36 10.35 -72.10
CA TYR P 74 -15.74 9.43 -71.15
C TYR P 74 -14.29 9.22 -71.56
N ARG P 75 -13.37 9.71 -70.74
CA ARG P 75 -11.96 9.50 -70.97
C ARG P 75 -11.52 8.19 -70.31
N ASP P 76 -10.96 7.29 -71.12
CA ASP P 76 -10.40 6.05 -70.61
C ASP P 76 -9.07 6.26 -69.90
N TYR P 77 -8.51 7.45 -69.98
CA TYR P 77 -7.22 7.79 -69.40
C TYR P 77 -7.43 8.79 -68.26
N ILE P 78 -6.62 8.65 -67.21
CA ILE P 78 -6.67 9.53 -66.05
C ILE P 78 -5.43 10.42 -66.08
N ASP P 79 -5.64 11.73 -66.10
CA ASP P 79 -4.57 12.70 -65.98
C ASP P 79 -4.85 13.59 -64.77
N ILE P 80 -3.81 13.82 -63.96
CA ILE P 80 -3.93 14.59 -62.74
C ILE P 80 -3.04 15.82 -62.87
N SER P 81 -3.56 16.99 -62.47
CA SER P 81 -2.83 18.24 -62.53
C SER P 81 -2.38 18.62 -61.12
N VAL P 82 -1.16 18.23 -60.77
CA VAL P 82 -0.62 18.51 -59.45
C VAL P 82 0.05 19.87 -59.45
N ALA P 83 -0.26 20.69 -58.46
CA ALA P 83 0.35 22.00 -58.31
C ALA P 83 1.70 21.87 -57.59
N VAL P 84 2.74 22.42 -58.19
CA VAL P 84 4.11 22.28 -57.71
C VAL P 84 4.61 23.64 -57.24
N ALA P 85 5.24 23.65 -56.06
CA ALA P 85 5.75 24.89 -55.48
C ALA P 85 6.89 25.45 -56.31
N THR P 86 6.96 26.79 -56.37
CA THR P 86 7.99 27.50 -57.14
C THR P 86 8.02 28.95 -56.66
N PRO P 87 9.21 29.53 -56.44
CA PRO P 87 9.27 30.92 -55.97
C PRO P 87 8.59 31.90 -56.90
N ARG P 88 8.63 31.66 -58.21
CA ARG P 88 7.82 32.45 -59.13
C ARG P 88 6.33 32.30 -58.82
N GLY P 89 5.87 31.08 -58.60
CA GLY P 89 4.47 30.82 -58.31
C GLY P 89 4.12 29.38 -58.65
N LEU P 90 3.06 28.88 -58.04
CA LEU P 90 2.64 27.51 -58.26
C LEU P 90 2.02 27.36 -59.65
N VAL P 91 2.41 26.30 -60.34
CA VAL P 91 1.89 26.00 -61.68
C VAL P 91 1.19 24.65 -61.63
N VAL P 92 0.67 24.22 -62.78
CA VAL P 92 -0.11 22.99 -62.84
C VAL P 92 0.40 22.03 -63.91
N PRO P 93 1.52 21.34 -63.70
CA PRO P 93 1.90 20.26 -64.62
C PRO P 93 0.92 19.10 -64.52
N VAL P 94 0.94 18.25 -65.55
CA VAL P 94 -0.01 17.15 -65.68
C VAL P 94 0.73 15.83 -65.76
N ILE P 95 0.27 14.85 -64.99
CA ILE P 95 0.76 13.47 -65.07
C ILE P 95 -0.16 12.70 -66.01
N ARG P 96 0.44 11.88 -66.88
CA ARG P 96 -0.30 11.17 -67.92
C ARG P 96 -0.48 9.71 -67.55
N ASN P 97 -1.71 9.21 -67.71
CA ASN P 97 -2.06 7.80 -67.50
C ASN P 97 -1.69 7.34 -66.09
N VAL P 98 -2.28 8.02 -65.10
CA VAL P 98 -1.86 7.85 -63.71
C VAL P 98 -2.12 6.43 -63.21
N GLU P 99 -3.07 5.72 -63.81
CA GLU P 99 -3.43 4.41 -63.29
C GLU P 99 -2.34 3.36 -63.54
N THR P 100 -1.40 3.64 -64.43
CA THR P 100 -0.38 2.66 -64.81
C THR P 100 0.88 2.73 -63.96
N MET P 101 1.01 3.72 -63.08
CA MET P 101 2.19 3.84 -62.22
C MET P 101 1.81 3.73 -60.76
N ASN P 102 2.78 3.26 -59.97
CA ASN P 102 2.67 3.17 -58.52
C ASN P 102 3.22 4.45 -57.89
N TYR P 103 3.44 4.43 -56.58
CA TYR P 103 3.98 5.59 -55.90
C TYR P 103 5.36 5.97 -56.41
N ALA P 104 6.20 5.00 -56.75
CA ALA P 104 7.58 5.27 -57.12
C ALA P 104 7.68 6.12 -58.38
N ASP P 105 6.88 5.81 -59.40
CA ASP P 105 6.93 6.59 -60.64
C ASP P 105 6.28 7.96 -60.46
N ILE P 106 5.23 8.06 -59.66
CA ILE P 106 4.60 9.36 -59.41
C ILE P 106 5.59 10.27 -58.68
N GLU P 107 6.36 9.70 -57.74
CA GLU P 107 7.37 10.48 -57.04
C GLU P 107 8.40 11.04 -58.02
N ARG P 108 8.88 10.21 -58.94
CA ARG P 108 9.90 10.67 -59.88
C ARG P 108 9.34 11.69 -60.86
N THR P 109 8.07 11.51 -61.28
CA THR P 109 7.45 12.50 -62.14
C THR P 109 7.30 13.84 -61.42
N ILE P 110 6.88 13.82 -60.16
CA ILE P 110 6.75 15.05 -59.40
C ILE P 110 8.10 15.72 -59.22
N ASN P 111 9.13 14.95 -58.89
CA ASN P 111 10.46 15.52 -58.71
C ASN P 111 10.98 16.14 -60.00
N GLU P 112 10.80 15.45 -61.13
CA GLU P 112 11.28 15.98 -62.40
C GLU P 112 10.51 17.25 -62.79
N LEU P 113 9.20 17.27 -62.52
CA LEU P 113 8.41 18.46 -62.85
C LEU P 113 8.79 19.63 -61.96
N GLY P 114 9.07 19.36 -60.69
CA GLY P 114 9.54 20.43 -59.80
C GLY P 114 10.90 20.97 -60.20
N GLU P 115 11.82 20.07 -60.57
CA GLU P 115 13.12 20.52 -61.02
C GLU P 115 13.01 21.34 -62.30
N LYS P 116 12.12 20.94 -63.21
CA LYS P 116 11.98 21.66 -64.47
C LYS P 116 11.28 23.00 -64.27
N ALA P 117 10.31 23.08 -63.35
CA ALA P 117 9.65 24.35 -63.07
C ALA P 117 10.55 25.29 -62.27
N ARG P 118 11.47 24.73 -61.48
CA ARG P 118 12.44 25.58 -60.78
C ARG P 118 13.34 26.32 -61.76
N LYS P 119 13.74 25.64 -62.84
CA LYS P 119 14.52 26.26 -63.90
C LYS P 119 13.65 26.89 -64.99
N ASN P 120 12.32 26.86 -64.81
CA ASN P 120 11.37 27.56 -65.68
C ASN P 120 11.45 27.08 -67.12
N GLU P 121 11.70 25.78 -67.30
CA GLU P 121 11.66 25.16 -68.61
C GLU P 121 10.38 24.37 -68.84
N LEU P 122 9.30 24.76 -68.16
CA LEU P 122 8.02 24.07 -68.26
C LEU P 122 7.38 24.36 -69.61
N ALA P 123 7.51 23.41 -70.53
CA ALA P 123 6.86 23.54 -71.83
C ALA P 123 5.35 23.35 -71.70
N ILE P 124 4.62 23.87 -72.68
CA ILE P 124 3.17 23.74 -72.67
C ILE P 124 2.70 22.36 -73.09
N GLU P 125 3.61 21.52 -73.61
CA GLU P 125 3.24 20.16 -74.00
C GLU P 125 2.78 19.35 -72.79
N ASP P 126 3.52 19.43 -71.69
CA ASP P 126 3.21 18.70 -70.46
C ASP P 126 2.64 19.62 -69.39
N MET P 127 1.81 20.57 -69.80
CA MET P 127 1.26 21.56 -68.89
C MET P 127 -0.26 21.67 -68.95
N ASP P 128 -0.89 21.33 -70.07
CA ASP P 128 -2.32 21.46 -70.22
C ASP P 128 -2.90 20.17 -70.80
N GLY P 129 -4.14 19.86 -70.41
CA GLY P 129 -4.85 18.73 -70.92
C GLY P 129 -5.27 17.68 -69.88
N GLY P 130 -5.39 18.06 -68.61
CA GLY P 130 -5.69 17.08 -67.58
C GLY P 130 -7.16 16.69 -67.54
N THR P 131 -7.46 15.73 -66.68
CA THR P 131 -8.83 15.27 -66.49
C THR P 131 -9.35 15.46 -65.07
N PHE P 132 -8.45 15.55 -64.08
CA PHE P 132 -8.85 15.72 -62.70
C PHE P 132 -7.71 16.42 -61.97
N THR P 133 -7.99 17.61 -61.43
CA THR P 133 -6.98 18.43 -60.80
C THR P 133 -6.91 18.13 -59.31
N ILE P 134 -5.71 18.26 -58.74
CA ILE P 134 -5.49 18.09 -57.31
C ILE P 134 -4.71 19.29 -56.83
N SER P 135 -5.16 19.91 -55.74
CA SER P 135 -4.51 21.09 -55.18
C SER P 135 -4.04 20.78 -53.77
N ASN P 136 -2.80 21.16 -53.47
CA ASN P 136 -2.23 20.96 -52.14
C ASN P 136 -2.08 22.30 -51.43
N GLY P 137 -2.55 22.35 -50.19
CA GLY P 137 -2.41 23.54 -49.37
C GLY P 137 -1.70 23.23 -48.07
N GLY P 138 -1.26 21.98 -47.92
CA GLY P 138 -0.59 21.55 -46.71
C GLY P 138 0.76 22.16 -46.46
N VAL P 139 1.38 22.75 -47.49
CA VAL P 139 2.67 23.39 -47.31
C VAL P 139 2.53 24.77 -46.69
N PHE P 140 1.35 25.37 -46.77
CA PHE P 140 1.07 26.64 -46.11
C PHE P 140 0.14 26.48 -44.91
N GLY P 141 -0.18 25.24 -44.54
CA GLY P 141 -0.91 24.98 -43.30
C GLY P 141 -2.34 25.49 -43.24
N SER P 142 -3.08 25.38 -44.34
CA SER P 142 -4.51 25.68 -44.32
C SER P 142 -5.26 24.55 -43.64
N LEU P 143 -6.35 24.90 -42.95
CA LEU P 143 -7.12 23.88 -42.25
C LEU P 143 -8.08 23.18 -43.19
N PHE P 144 -9.03 23.93 -43.77
CA PHE P 144 -9.86 23.42 -44.85
C PHE P 144 -10.52 24.60 -45.57
N GLY P 145 -10.99 24.32 -46.77
CA GLY P 145 -11.61 25.35 -47.58
C GLY P 145 -12.01 24.77 -48.93
N THR P 146 -12.72 25.60 -49.71
CA THR P 146 -13.26 25.16 -50.99
C THR P 146 -12.31 25.53 -52.11
N PRO P 147 -11.76 24.57 -52.83
CA PRO P 147 -10.90 24.89 -53.98
C PRO P 147 -11.73 25.26 -55.21
N ILE P 148 -11.03 25.85 -56.19
CA ILE P 148 -11.64 26.31 -57.43
C ILE P 148 -11.32 25.31 -58.53
N ILE P 149 -12.33 24.90 -59.30
CA ILE P 149 -12.12 23.93 -60.36
C ILE P 149 -11.26 24.56 -61.46
N ASN P 150 -10.16 23.90 -61.77
CA ASN P 150 -9.34 24.32 -62.90
C ASN P 150 -10.03 23.89 -64.20
N PRO P 151 -10.37 24.82 -65.09
CA PRO P 151 -11.09 24.44 -66.30
C PRO P 151 -10.16 23.72 -67.27
N PRO P 152 -10.71 22.84 -68.12
CA PRO P 152 -12.11 22.45 -68.25
C PRO P 152 -12.44 21.17 -67.50
N GLN P 153 -11.85 20.95 -66.33
CA GLN P 153 -12.10 19.73 -65.57
C GLN P 153 -13.51 19.75 -64.98
N SER P 154 -13.92 18.62 -64.42
CA SER P 154 -15.24 18.48 -63.81
C SER P 154 -15.22 18.50 -62.29
N ALA P 155 -14.07 18.20 -61.69
CA ALA P 155 -13.94 18.18 -60.24
C ALA P 155 -12.50 18.52 -59.88
N ILE P 156 -12.25 18.63 -58.57
CA ILE P 156 -10.93 18.95 -58.05
C ILE P 156 -10.84 18.42 -56.62
N LEU P 157 -9.62 18.09 -56.20
CA LEU P 157 -9.36 17.67 -54.83
C LEU P 157 -8.67 18.79 -54.07
N GLY P 158 -9.02 18.91 -52.79
CA GLY P 158 -8.60 20.05 -52.00
C GLY P 158 -7.71 19.76 -50.81
N MET P 159 -6.68 18.94 -50.98
CA MET P 159 -5.82 18.55 -49.86
C MET P 159 -5.35 19.77 -49.06
N HIS P 160 -5.33 19.61 -47.74
CA HIS P 160 -4.97 20.69 -46.84
C HIS P 160 -3.85 20.27 -45.90
N GLY P 161 -3.65 21.03 -44.83
CA GLY P 161 -2.61 20.70 -43.87
C GLY P 161 -2.96 19.49 -43.03
N ILE P 162 -1.92 18.87 -42.48
CA ILE P 162 -2.06 17.74 -41.56
C ILE P 162 -1.73 18.23 -40.16
N PHE P 163 -2.69 18.12 -39.26
CA PHE P 163 -2.50 18.49 -37.86
C PHE P 163 -2.87 17.33 -36.95
N ASP P 164 -2.10 17.19 -35.87
CA ASP P 164 -2.46 16.25 -34.82
C ASP P 164 -3.75 16.71 -34.14
N ARG P 165 -4.76 15.86 -34.16
CA ARG P 165 -6.09 16.20 -33.67
C ARG P 165 -6.67 15.05 -32.87
N PRO P 166 -7.36 15.33 -31.77
CA PRO P 166 -7.99 14.24 -31.00
C PRO P 166 -9.16 13.65 -31.77
N VAL P 167 -9.12 12.34 -31.99
CA VAL P 167 -10.16 11.64 -32.72
C VAL P 167 -10.58 10.41 -31.92
N ALA P 168 -11.77 9.92 -32.24
CA ALA P 168 -12.35 8.76 -31.57
C ALA P 168 -12.05 7.50 -32.38
N VAL P 169 -11.26 6.60 -31.79
CA VAL P 169 -10.95 5.31 -32.39
C VAL P 169 -11.35 4.23 -31.41
N GLY P 170 -12.45 3.54 -31.70
CA GLY P 170 -12.92 2.46 -30.83
C GLY P 170 -13.34 2.91 -29.45
N GLY P 171 -14.05 4.02 -29.36
CA GLY P 171 -14.62 4.46 -28.10
C GLY P 171 -13.71 5.28 -27.22
N LYS P 172 -12.43 5.41 -27.55
CA LYS P 172 -11.48 6.17 -26.76
C LYS P 172 -10.84 7.25 -27.62
N VAL P 173 -10.35 8.29 -26.94
CA VAL P 173 -9.77 9.45 -27.62
C VAL P 173 -8.25 9.30 -27.66
N GLU P 174 -7.69 9.34 -28.87
CA GLU P 174 -6.25 9.44 -29.05
C GLU P 174 -5.95 10.42 -30.17
N VAL P 175 -4.77 11.03 -30.10
CA VAL P 175 -4.35 12.03 -31.07
C VAL P 175 -3.71 11.33 -32.26
N ARG P 176 -4.22 11.61 -33.45
CA ARG P 176 -3.72 11.01 -34.68
C ARG P 176 -3.58 12.09 -35.73
N PRO P 177 -2.64 11.94 -36.67
CA PRO P 177 -2.42 12.99 -37.68
C PRO P 177 -3.54 13.01 -38.69
N MET P 178 -4.39 14.03 -38.60
CA MET P 178 -5.65 14.06 -39.31
C MET P 178 -5.66 15.25 -40.26
N MET P 179 -6.31 15.06 -41.39
CA MET P 179 -6.27 16.02 -42.47
C MET P 179 -7.63 16.11 -43.13
N TYR P 180 -8.09 17.34 -43.36
CA TYR P 180 -9.35 17.58 -44.06
C TYR P 180 -9.13 17.49 -45.55
N VAL P 181 -10.05 16.80 -46.23
CA VAL P 181 -10.03 16.68 -47.68
C VAL P 181 -11.35 17.22 -48.20
N ALA P 182 -11.29 17.92 -49.32
CA ALA P 182 -12.44 18.60 -49.90
C ALA P 182 -12.48 18.38 -51.40
N LEU P 183 -13.67 18.18 -51.94
CA LEU P 183 -13.86 17.96 -53.38
C LEU P 183 -14.90 18.93 -53.90
N THR P 184 -14.47 19.83 -54.78
CA THR P 184 -15.36 20.76 -55.48
C THR P 184 -15.72 20.14 -56.82
N TYR P 185 -17.01 19.93 -57.05
CA TYR P 185 -17.48 19.21 -58.22
C TYR P 185 -18.61 19.97 -58.90
N ASP P 186 -18.72 19.78 -60.20
CA ASP P 186 -19.82 20.32 -60.98
C ASP P 186 -21.04 19.43 -60.78
N HIS P 187 -22.06 19.95 -60.11
CA HIS P 187 -23.24 19.14 -59.79
C HIS P 187 -24.05 18.78 -61.02
N ARG P 188 -23.77 19.40 -62.17
CA ARG P 188 -24.51 19.09 -63.39
C ARG P 188 -24.29 17.63 -63.80
N LEU P 189 -23.04 17.18 -63.77
CA LEU P 189 -22.69 15.81 -64.14
C LEU P 189 -22.66 14.89 -62.92
N ILE P 190 -21.81 15.20 -61.95
CA ILE P 190 -21.67 14.38 -60.75
C ILE P 190 -22.77 14.75 -59.77
N ASP P 191 -23.45 13.75 -59.24
CA ASP P 191 -24.53 13.92 -58.28
C ASP P 191 -23.96 13.96 -56.87
N GLY P 192 -24.84 14.20 -55.90
CA GLY P 192 -24.40 14.26 -54.51
C GLY P 192 -23.86 12.93 -54.02
N ARG P 193 -24.60 11.85 -54.28
CA ARG P 193 -24.14 10.54 -53.84
C ARG P 193 -22.85 10.15 -54.54
N GLU P 194 -22.71 10.48 -55.82
CA GLU P 194 -21.49 10.16 -56.54
C GLU P 194 -20.30 10.92 -55.97
N ALA P 195 -20.49 12.20 -55.65
CA ALA P 195 -19.39 12.97 -55.06
C ALA P 195 -19.00 12.44 -53.69
N VAL P 196 -19.99 12.10 -52.86
CA VAL P 196 -19.69 11.56 -51.54
C VAL P 196 -18.98 10.21 -51.66
N THR P 197 -19.44 9.36 -52.58
CA THR P 197 -18.80 8.07 -52.77
C THR P 197 -17.37 8.22 -53.30
N PHE P 198 -17.16 9.19 -54.19
CA PHE P 198 -15.81 9.43 -54.71
C PHE P 198 -14.87 9.87 -53.59
N LEU P 199 -15.31 10.81 -52.76
CA LEU P 199 -14.48 11.26 -51.65
C LEU P 199 -14.25 10.12 -50.65
N ARG P 200 -15.26 9.28 -50.43
CA ARG P 200 -15.08 8.15 -49.51
C ARG P 200 -14.09 7.14 -50.08
N LYS P 201 -14.10 6.92 -51.40
CA LYS P 201 -13.13 6.00 -51.98
C LYS P 201 -11.72 6.56 -51.87
N ILE P 202 -11.55 7.86 -52.09
CA ILE P 202 -10.24 8.47 -51.90
C ILE P 202 -9.79 8.34 -50.45
N LYS P 203 -10.71 8.60 -49.51
CA LYS P 203 -10.42 8.44 -48.10
C LYS P 203 -9.97 7.01 -47.79
N ALA P 204 -10.71 6.02 -48.30
CA ALA P 204 -10.37 4.63 -48.01
C ALA P 204 -9.02 4.26 -48.59
N ALA P 205 -8.71 4.72 -49.81
CA ALA P 205 -7.46 4.36 -50.44
C ALA P 205 -6.27 5.09 -49.83
N VAL P 206 -6.51 6.20 -49.13
CA VAL P 206 -5.40 6.89 -48.47
C VAL P 206 -5.21 6.38 -47.05
N GLU P 207 -6.30 6.03 -46.36
CA GLU P 207 -6.20 5.59 -44.97
C GLU P 207 -5.40 4.30 -44.85
N ASP P 208 -5.55 3.40 -45.83
CA ASP P 208 -4.69 2.22 -45.92
C ASP P 208 -4.42 1.93 -47.39
N PRO P 209 -3.19 2.12 -47.86
CA PRO P 209 -2.88 1.86 -49.27
C PRO P 209 -3.03 0.40 -49.67
N ARG P 210 -3.20 -0.52 -48.72
CA ARG P 210 -3.40 -1.92 -49.08
C ARG P 210 -4.67 -2.14 -49.86
N VAL P 211 -5.64 -1.23 -49.77
CA VAL P 211 -6.84 -1.34 -50.60
C VAL P 211 -6.48 -1.19 -52.07
N LEU P 212 -5.52 -0.31 -52.38
CA LEU P 212 -5.07 -0.13 -53.76
C LEU P 212 -4.60 -1.44 -54.36
N LEU P 213 -3.69 -2.13 -53.66
CA LEU P 213 -3.21 -3.43 -54.12
C LEU P 213 -4.34 -4.44 -54.15
N LEU P 214 -5.16 -4.45 -53.10
CA LEU P 214 -6.21 -5.45 -52.96
C LEU P 214 -7.33 -5.26 -53.97
N ASP P 215 -7.41 -4.09 -54.61
CA ASP P 215 -8.42 -3.79 -55.62
C ASP P 215 -9.82 -3.91 -55.04
N LEU P 216 -10.04 -3.19 -53.95
CA LEU P 216 -11.34 -3.19 -53.29
C LEU P 216 -12.27 -2.19 -53.92
N GLN Q 5 26.22 -34.04 63.69
CA GLN Q 5 25.62 -33.61 62.43
C GLN Q 5 26.11 -34.47 61.27
N ASN Q 6 25.18 -34.94 60.45
CA ASN Q 6 25.52 -35.71 59.25
C ASN Q 6 25.61 -34.80 58.01
N THR Q 7 24.51 -34.12 57.68
CA THR Q 7 24.44 -33.31 56.48
C THR Q 7 23.78 -31.95 56.66
N CYS Q 8 22.95 -31.76 57.69
CA CYS Q 8 22.16 -30.54 57.80
C CYS Q 8 22.96 -29.40 58.43
N ALA Q 9 24.13 -29.10 57.87
CA ALA Q 9 24.89 -27.91 58.22
C ALA Q 9 25.48 -27.20 57.01
N MET Q 10 25.22 -27.69 55.80
CA MET Q 10 25.70 -27.10 54.56
C MET Q 10 24.58 -26.37 53.84
N LEU Q 11 24.95 -25.29 53.14
CA LEU Q 11 24.00 -24.45 52.45
C LEU Q 11 24.28 -24.47 50.95
N THR Q 12 23.36 -23.89 50.18
CA THR Q 12 23.45 -23.91 48.72
C THR Q 12 22.95 -22.60 48.15
N THR Q 13 23.65 -22.10 47.13
CA THR Q 13 23.23 -20.91 46.41
C THR Q 13 23.26 -21.19 44.91
N PHE Q 14 22.34 -20.59 44.19
CA PHE Q 14 22.12 -20.88 42.79
C PHE Q 14 22.33 -19.63 41.95
N ASN Q 15 22.59 -19.85 40.67
CA ASN Q 15 22.80 -18.77 39.71
C ASN Q 15 22.56 -19.34 38.32
N GLU Q 16 22.62 -18.46 37.32
CA GLU Q 16 22.49 -18.87 35.92
C GLU Q 16 23.61 -18.26 35.11
N VAL Q 17 24.15 -19.03 34.19
CA VAL Q 17 25.26 -18.60 33.34
C VAL Q 17 24.90 -18.87 31.89
N ASP Q 18 24.95 -17.83 31.07
CA ASP Q 18 24.64 -17.96 29.65
C ASP Q 18 25.72 -18.79 28.96
N MET Q 19 25.31 -19.71 28.11
CA MET Q 19 26.22 -20.62 27.43
C MET Q 19 26.51 -20.19 26.00
N SER Q 20 26.14 -18.96 25.62
CA SER Q 20 26.24 -18.54 24.23
C SER Q 20 27.71 -18.46 23.78
N ASN Q 21 28.55 -17.81 24.57
CA ASN Q 21 29.94 -17.59 24.16
C ASN Q 21 30.71 -18.91 24.06
N ILE Q 22 30.49 -19.81 25.01
CA ILE Q 22 31.22 -21.09 24.99
C ILE Q 22 30.80 -21.93 23.80
N GLN Q 23 29.49 -21.98 23.52
CA GLN Q 23 29.04 -22.72 22.36
C GLN Q 23 29.55 -22.10 21.07
N GLU Q 24 29.63 -20.77 21.02
CA GLU Q 24 30.21 -20.11 19.85
C GLU Q 24 31.67 -20.48 19.67
N MET Q 25 32.45 -20.47 20.76
CA MET Q 25 33.86 -20.83 20.66
C MET Q 25 34.02 -22.27 20.22
N ARG Q 26 33.18 -23.16 20.75
CA ARG Q 26 33.23 -24.57 20.32
C ARG Q 26 32.92 -24.68 18.84
N ALA Q 27 31.81 -24.10 18.39
CA ALA Q 27 31.43 -24.21 16.99
C ALA Q 27 32.46 -23.59 16.06
N ARG Q 28 33.24 -22.62 16.56
CA ARG Q 28 34.23 -21.98 15.70
C ARG Q 28 35.58 -22.68 15.72
N HIS Q 29 35.96 -23.35 16.81
CA HIS Q 29 37.32 -23.87 16.93
C HIS Q 29 37.38 -25.39 17.16
N LYS Q 30 36.26 -26.10 17.04
CA LYS Q 30 36.28 -27.54 17.29
C LYS Q 30 37.16 -28.28 16.29
N ASP Q 31 37.09 -27.91 15.01
CA ASP Q 31 37.87 -28.59 13.98
C ASP Q 31 39.37 -28.41 14.23
N ALA Q 32 39.79 -27.18 14.54
CA ALA Q 32 41.20 -26.93 14.83
C ALA Q 32 41.63 -27.64 16.11
N PHE Q 33 40.74 -27.68 17.11
CA PHE Q 33 41.05 -28.41 18.34
C PHE Q 33 41.34 -29.88 18.05
N LEU Q 34 40.46 -30.53 17.27
CA LEU Q 34 40.67 -31.95 17.01
C LEU Q 34 41.81 -32.18 16.03
N LYS Q 35 42.12 -31.19 15.18
CA LYS Q 35 43.22 -31.35 14.25
C LYS Q 35 44.57 -31.28 14.96
N LYS Q 36 44.74 -30.32 15.87
CA LYS Q 36 46.03 -30.19 16.54
C LYS Q 36 46.13 -31.09 17.77
N HIS Q 37 45.20 -30.95 18.70
CA HIS Q 37 45.30 -31.66 19.97
C HIS Q 37 44.71 -33.05 19.93
N ASN Q 38 44.02 -33.42 18.85
CA ASN Q 38 43.35 -34.71 18.72
C ASN Q 38 42.37 -34.96 19.85
N LEU Q 39 41.74 -33.90 20.35
CA LEU Q 39 40.84 -33.96 21.48
C LEU Q 39 39.51 -33.31 21.14
N LYS Q 40 38.47 -33.68 21.89
CA LYS Q 40 37.14 -33.13 21.71
C LYS Q 40 36.94 -31.98 22.70
N LEU Q 41 36.46 -30.85 22.18
CA LEU Q 41 36.34 -29.63 22.97
C LEU Q 41 34.93 -29.49 23.52
N GLY Q 42 34.81 -29.53 24.85
CA GLY Q 42 33.52 -29.35 25.49
C GLY Q 42 33.52 -28.15 26.43
N PHE Q 43 32.48 -28.02 27.25
CA PHE Q 43 32.40 -26.92 28.20
C PHE Q 43 32.96 -27.27 29.57
N MET Q 44 33.50 -28.48 29.74
CA MET Q 44 34.13 -28.83 31.00
C MET Q 44 35.36 -27.97 31.26
N SER Q 45 36.16 -27.73 30.23
CA SER Q 45 37.37 -26.93 30.40
C SER Q 45 37.04 -25.51 30.83
N ALA Q 46 35.98 -24.93 30.27
CA ALA Q 46 35.61 -23.57 30.63
C ALA Q 46 35.29 -23.47 32.13
N PHE Q 47 34.53 -24.44 32.64
CA PHE Q 47 34.15 -24.39 34.05
C PHE Q 47 35.31 -24.73 34.96
N VAL Q 48 36.19 -25.64 34.55
CA VAL Q 48 37.37 -25.94 35.35
C VAL Q 48 38.27 -24.72 35.44
N LYS Q 49 38.47 -24.01 34.31
CA LYS Q 49 39.28 -22.80 34.34
C LYS Q 49 38.61 -21.69 35.14
N ALA Q 50 37.29 -21.59 35.06
CA ALA Q 50 36.58 -20.59 35.87
C ALA Q 50 36.76 -20.89 37.36
N SER Q 51 36.66 -22.16 37.75
CA SER Q 51 36.88 -22.53 39.14
C SER Q 51 38.31 -22.25 39.57
N ALA Q 52 39.28 -22.54 38.71
CA ALA Q 52 40.67 -22.24 39.03
C ALA Q 52 40.89 -20.74 39.19
N PHE Q 53 40.25 -19.94 38.33
CA PHE Q 53 40.37 -18.49 38.42
C PHE Q 53 39.75 -17.95 39.70
N ALA Q 54 38.53 -18.41 40.04
CA ALA Q 54 37.86 -17.87 41.21
C ALA Q 54 38.51 -18.34 42.50
N LEU Q 55 39.11 -19.53 42.51
CA LEU Q 55 39.69 -20.05 43.73
C LEU Q 55 40.98 -19.33 44.11
N GLN Q 56 41.79 -18.94 43.13
CA GLN Q 56 43.00 -18.19 43.44
C GLN Q 56 42.71 -16.75 43.84
N GLU Q 57 41.54 -16.22 43.51
CA GLU Q 57 41.15 -14.89 43.95
C GLU Q 57 40.73 -14.88 45.42
N GLN Q 58 40.04 -15.92 45.88
CA GLN Q 58 39.64 -16.09 47.26
C GLN Q 58 40.19 -17.42 47.77
N PRO Q 59 41.37 -17.43 48.40
CA PRO Q 59 41.91 -18.68 48.93
C PRO Q 59 41.08 -19.28 50.05
N VAL Q 60 40.17 -18.50 50.63
CA VAL Q 60 39.33 -18.98 51.73
C VAL Q 60 38.47 -20.15 51.28
N VAL Q 61 37.95 -20.10 50.05
CA VAL Q 61 37.17 -21.21 49.53
C VAL Q 61 38.02 -22.46 49.40
N ASN Q 62 39.32 -22.29 49.15
CA ASN Q 62 40.25 -23.40 49.05
C ASN Q 62 40.67 -23.96 50.39
N ALA Q 63 40.28 -23.33 51.49
CA ALA Q 63 40.73 -23.73 52.81
C ALA Q 63 39.89 -24.89 53.35
N VAL Q 64 40.24 -25.34 54.55
CA VAL Q 64 39.51 -26.40 55.23
C VAL Q 64 39.90 -26.35 56.70
N ILE Q 65 38.94 -26.68 57.57
CA ILE Q 65 39.15 -26.62 59.01
C ILE Q 65 39.67 -27.96 59.51
N ASP Q 66 40.74 -27.92 60.31
CA ASP Q 66 41.29 -29.12 60.93
C ASP Q 66 40.55 -29.33 62.24
N ASP Q 67 39.56 -30.24 62.21
CA ASP Q 67 38.74 -30.49 63.38
C ASP Q 67 39.53 -31.04 64.55
N ALA Q 68 40.69 -31.66 64.28
CA ALA Q 68 41.51 -32.19 65.36
C ALA Q 68 42.03 -31.06 66.25
N THR Q 69 42.41 -29.94 65.65
CA THR Q 69 42.98 -28.81 66.40
C THR Q 69 42.20 -27.52 66.24
N LYS Q 70 41.05 -27.54 65.55
CA LYS Q 70 40.23 -26.35 65.33
C LYS Q 70 41.05 -25.23 64.70
N GLU Q 71 41.84 -25.60 63.69
CA GLU Q 71 42.71 -24.67 62.99
C GLU Q 71 42.39 -24.73 61.50
N VAL Q 72 42.21 -23.56 60.89
CA VAL Q 72 41.92 -23.47 59.46
C VAL Q 72 43.26 -23.44 58.72
N VAL Q 73 43.45 -24.39 57.81
CA VAL Q 73 44.69 -24.54 57.07
C VAL Q 73 44.50 -23.98 55.66
N TYR Q 74 45.45 -23.17 55.22
CA TYR Q 74 45.42 -22.56 53.90
C TYR Q 74 46.28 -23.38 52.94
N ARG Q 75 45.73 -23.70 51.77
CA ARG Q 75 46.42 -24.51 50.78
C ARG Q 75 46.78 -23.65 49.59
N ASP Q 76 48.07 -23.56 49.29
CA ASP Q 76 48.56 -22.82 48.14
C ASP Q 76 48.33 -23.56 46.83
N TYR Q 77 48.45 -24.89 46.84
CA TYR Q 77 48.17 -25.68 45.66
C TYR Q 77 46.67 -25.78 45.42
N ILE Q 78 46.29 -25.99 44.16
CA ILE Q 78 44.89 -26.09 43.75
C ILE Q 78 44.72 -27.38 42.95
N ASP Q 79 43.86 -28.27 43.44
CA ASP Q 79 43.50 -29.50 42.74
C ASP Q 79 41.98 -29.56 42.62
N ILE Q 80 41.50 -29.69 41.39
CA ILE Q 80 40.07 -29.80 41.13
C ILE Q 80 39.72 -31.27 40.91
N SER Q 81 38.81 -31.79 41.73
CA SER Q 81 38.42 -33.20 41.67
C SER Q 81 37.16 -33.31 40.82
N VAL Q 82 37.34 -33.40 39.51
CA VAL Q 82 36.22 -33.52 38.59
C VAL Q 82 35.56 -34.88 38.78
N ALA Q 83 34.23 -34.90 38.70
CA ALA Q 83 33.47 -36.12 38.90
C ALA Q 83 33.14 -36.78 37.57
N VAL Q 84 33.47 -38.07 37.45
CA VAL Q 84 33.20 -38.87 36.27
C VAL Q 84 32.32 -40.03 36.69
N ALA Q 85 31.23 -40.25 35.94
CA ALA Q 85 30.29 -41.32 36.26
C ALA Q 85 30.78 -42.62 35.64
N THR Q 86 30.83 -43.67 36.46
CA THR Q 86 31.27 -44.98 36.02
C THR Q 86 30.30 -46.04 36.52
N PRO Q 87 30.11 -47.13 35.77
CA PRO Q 87 29.26 -48.23 36.24
C PRO Q 87 29.85 -49.00 37.42
N ARG Q 88 31.13 -48.84 37.71
CA ARG Q 88 31.79 -49.52 38.82
C ARG Q 88 31.87 -48.63 40.05
N GLY Q 89 30.83 -47.84 40.28
CA GLY Q 89 30.79 -46.93 41.40
C GLY Q 89 31.35 -45.56 41.05
N LEU Q 90 31.02 -44.58 41.89
CA LEU Q 90 31.46 -43.22 41.65
C LEU Q 90 32.97 -43.12 41.74
N VAL Q 91 33.56 -42.34 40.83
CA VAL Q 91 34.98 -42.05 40.86
C VAL Q 91 35.17 -40.54 40.71
N VAL Q 92 36.10 -39.98 41.48
CA VAL Q 92 36.38 -38.55 41.44
C VAL Q 92 37.85 -38.34 41.08
N PRO Q 93 38.20 -38.40 39.80
CA PRO Q 93 39.57 -38.06 39.39
C PRO Q 93 39.91 -36.63 39.77
N VAL Q 94 41.16 -36.43 40.18
CA VAL Q 94 41.62 -35.14 40.67
C VAL Q 94 42.69 -34.61 39.72
N ILE Q 95 42.53 -33.36 39.30
CA ILE Q 95 43.49 -32.69 38.43
C ILE Q 95 44.41 -31.85 39.30
N ARG Q 96 45.70 -32.20 39.31
CA ARG Q 96 46.65 -31.58 40.22
C ARG Q 96 47.30 -30.36 39.57
N ASN Q 97 47.50 -29.32 40.39
CA ASN Q 97 48.20 -28.10 39.99
C ASN Q 97 47.56 -27.48 38.74
N VAL Q 98 46.29 -27.10 38.89
CA VAL Q 98 45.50 -26.57 37.77
C VAL Q 98 45.69 -25.08 37.57
N GLU Q 99 46.28 -24.37 38.55
CA GLU Q 99 46.46 -22.94 38.39
C GLU Q 99 47.40 -22.59 37.24
N THR Q 100 48.18 -23.56 36.75
CA THR Q 100 49.05 -23.34 35.60
C THR Q 100 48.65 -24.27 34.46
N MET Q 101 47.35 -24.36 34.19
CA MET Q 101 46.78 -25.26 33.21
C MET Q 101 45.87 -24.48 32.27
N ASN Q 102 46.11 -24.60 30.96
CA ASN Q 102 45.26 -23.93 29.98
C ASN Q 102 44.15 -24.88 29.55
N TYR Q 103 43.40 -24.50 28.50
CA TYR Q 103 42.28 -25.32 28.05
C TYR Q 103 42.74 -26.67 27.53
N ALA Q 104 43.68 -26.67 26.59
CA ALA Q 104 44.13 -27.92 25.98
C ALA Q 104 44.70 -28.88 27.01
N ASP Q 105 45.43 -28.34 27.99
CA ASP Q 105 45.95 -29.19 29.05
C ASP Q 105 44.84 -29.78 29.90
N ILE Q 106 43.75 -29.02 30.11
CA ILE Q 106 42.63 -29.55 30.88
C ILE Q 106 41.94 -30.68 30.13
N GLU Q 107 41.72 -30.50 28.83
CA GLU Q 107 41.20 -31.62 28.03
C GLU Q 107 42.13 -32.82 28.07
N ARG Q 108 43.45 -32.59 27.97
CA ARG Q 108 44.38 -33.71 28.00
C ARG Q 108 44.29 -34.47 29.31
N THR Q 109 44.29 -33.74 30.43
CA THR Q 109 44.24 -34.39 31.74
C THR Q 109 42.90 -35.09 31.95
N ILE Q 110 41.81 -34.47 31.53
CA ILE Q 110 40.49 -35.10 31.66
C ILE Q 110 40.44 -36.39 30.85
N ASN Q 111 40.95 -36.36 29.62
CA ASN Q 111 40.95 -37.56 28.80
C ASN Q 111 41.82 -38.66 29.40
N GLU Q 112 43.00 -38.30 29.89
CA GLU Q 112 43.88 -39.29 30.48
C GLU Q 112 43.24 -39.93 31.71
N LEU Q 113 42.65 -39.11 32.58
CA LEU Q 113 42.07 -39.65 33.80
C LEU Q 113 40.82 -40.45 33.52
N GLY Q 114 40.03 -40.03 32.52
CA GLY Q 114 38.87 -40.81 32.14
C GLY Q 114 39.23 -42.14 31.54
N GLU Q 115 40.26 -42.18 30.70
CA GLU Q 115 40.74 -43.44 30.15
C GLU Q 115 41.26 -44.35 31.25
N LYS Q 116 42.00 -43.80 32.20
CA LYS Q 116 42.50 -44.63 33.30
C LYS Q 116 41.34 -45.11 34.18
N ALA Q 117 40.27 -44.32 34.29
CA ALA Q 117 39.12 -44.73 35.09
C ALA Q 117 38.37 -45.87 34.42
N ARG Q 118 38.11 -45.74 33.11
CA ARG Q 118 37.37 -46.77 32.40
C ARG Q 118 38.16 -48.07 32.25
N LYS Q 119 39.49 -47.99 32.28
CA LYS Q 119 40.34 -49.17 32.21
C LYS Q 119 40.75 -49.67 33.59
N ASN Q 120 40.21 -49.08 34.65
CA ASN Q 120 40.47 -49.51 36.03
C ASN Q 120 41.96 -49.48 36.35
N GLU Q 121 42.63 -48.43 35.86
CA GLU Q 121 44.04 -48.21 36.17
C GLU Q 121 44.24 -47.07 37.16
N LEU Q 122 43.19 -46.62 37.82
CA LEU Q 122 43.33 -45.55 38.80
C LEU Q 122 43.90 -46.10 40.10
N ALA Q 123 44.93 -45.42 40.61
CA ALA Q 123 45.55 -45.82 41.86
C ALA Q 123 45.01 -44.97 43.02
N ILE Q 124 45.61 -45.15 44.20
CA ILE Q 124 45.23 -44.35 45.35
C ILE Q 124 45.96 -43.02 45.41
N GLU Q 125 47.03 -42.85 44.62
CA GLU Q 125 47.75 -41.58 44.62
C GLU Q 125 46.92 -40.46 44.04
N ASP Q 126 46.14 -40.75 43.00
CA ASP Q 126 45.37 -39.73 42.29
C ASP Q 126 43.93 -39.59 42.77
N MET Q 127 43.54 -40.33 43.81
CA MET Q 127 42.22 -40.15 44.41
C MET Q 127 42.26 -39.33 45.69
N ASP Q 128 43.30 -39.47 46.50
CA ASP Q 128 43.44 -38.72 47.75
C ASP Q 128 43.68 -37.25 47.45
N GLY Q 129 43.14 -36.39 48.31
CA GLY Q 129 43.30 -34.96 48.16
C GLY Q 129 42.25 -34.32 47.27
N GLY Q 130 42.38 -33.01 47.13
CA GLY Q 130 41.43 -32.20 46.37
C GLY Q 130 41.03 -30.97 47.16
N THR Q 131 40.87 -29.85 46.45
CA THR Q 131 40.49 -28.59 47.08
C THR Q 131 39.21 -28.00 46.52
N PHE Q 132 38.69 -28.53 45.41
CA PHE Q 132 37.41 -28.11 44.86
C PHE Q 132 36.88 -29.25 44.01
N THR Q 133 35.57 -29.30 43.89
CA THR Q 133 34.92 -30.41 43.20
C THR Q 133 33.91 -29.87 42.21
N ILE Q 134 33.87 -30.47 41.02
CA ILE Q 134 32.95 -30.09 39.96
C ILE Q 134 32.12 -31.32 39.62
N SER Q 135 30.93 -31.43 40.19
CA SER Q 135 30.03 -32.54 39.93
C SER Q 135 29.14 -32.18 38.74
N ASN Q 136 29.44 -32.75 37.59
CA ASN Q 136 28.67 -32.48 36.37
C ASN Q 136 27.43 -33.36 36.38
N GLY Q 137 26.40 -32.90 37.06
CA GLY Q 137 25.13 -33.60 37.16
C GLY Q 137 24.15 -33.26 36.06
N GLY Q 138 24.56 -32.50 35.04
CA GLY Q 138 23.70 -32.14 33.95
C GLY Q 138 23.89 -32.92 32.67
N VAL Q 139 24.82 -33.86 32.64
CA VAL Q 139 24.98 -34.71 31.46
C VAL Q 139 23.74 -35.56 31.25
N PHE Q 140 23.10 -35.98 32.35
CA PHE Q 140 21.88 -36.77 32.31
C PHE Q 140 20.63 -35.92 32.11
N GLY Q 141 20.73 -34.59 32.29
CA GLY Q 141 19.62 -33.70 32.03
C GLY Q 141 18.83 -33.34 33.27
N SER Q 142 19.07 -32.14 33.80
CA SER Q 142 18.39 -31.68 35.01
C SER Q 142 18.47 -30.17 35.09
N LEU Q 143 17.46 -29.54 35.68
CA LEU Q 143 17.47 -28.10 35.82
C LEU Q 143 18.46 -27.65 36.87
N PHE Q 144 18.19 -27.97 38.14
CA PHE Q 144 19.09 -27.59 39.22
C PHE Q 144 18.81 -28.49 40.41
N GLY Q 145 19.73 -28.49 41.35
CA GLY Q 145 19.63 -29.38 42.49
C GLY Q 145 20.77 -29.15 43.46
N THR Q 146 20.69 -29.86 44.57
CA THR Q 146 21.68 -29.70 45.64
C THR Q 146 22.78 -30.75 45.48
N PRO Q 147 24.03 -30.34 45.31
CA PRO Q 147 25.14 -31.32 45.33
C PRO Q 147 25.61 -31.60 46.74
N ILE Q 148 26.62 -32.45 46.89
CA ILE Q 148 27.14 -32.84 48.20
C ILE Q 148 28.65 -32.63 48.22
N ILE Q 149 29.17 -32.19 49.35
CA ILE Q 149 30.61 -31.94 49.47
C ILE Q 149 31.32 -33.23 49.87
N ASN Q 150 32.38 -33.57 49.12
CA ASN Q 150 33.17 -34.76 49.42
C ASN Q 150 34.22 -34.42 50.46
N PRO Q 151 34.36 -35.10 51.61
CA PRO Q 151 35.45 -34.77 52.54
C PRO Q 151 36.82 -34.89 51.85
N PRO Q 152 37.93 -34.41 52.47
CA PRO Q 152 37.94 -33.30 53.41
C PRO Q 152 37.90 -31.99 52.65
N GLN Q 153 36.86 -31.79 51.84
CA GLN Q 153 36.79 -30.62 50.98
C GLN Q 153 35.71 -29.66 51.49
N SER Q 154 35.76 -28.42 50.99
CA SER Q 154 34.98 -27.35 51.58
C SER Q 154 33.94 -26.75 50.65
N ALA Q 155 33.94 -27.12 49.37
CA ALA Q 155 32.93 -26.59 48.46
C ALA Q 155 32.82 -27.50 47.25
N ILE Q 156 31.75 -27.31 46.49
CA ILE Q 156 31.54 -28.07 45.25
C ILE Q 156 30.67 -27.23 44.33
N LEU Q 157 31.02 -27.23 43.04
CA LEU Q 157 30.19 -26.59 42.04
C LEU Q 157 29.25 -27.61 41.40
N GLY Q 158 28.01 -27.21 41.19
CA GLY Q 158 26.95 -28.12 40.84
C GLY Q 158 26.43 -27.99 39.41
N MET Q 159 27.35 -27.93 38.44
CA MET Q 159 27.00 -27.78 37.04
C MET Q 159 25.85 -28.67 36.62
N HIS Q 160 24.90 -28.10 35.89
CA HIS Q 160 23.65 -28.74 35.52
C HIS Q 160 23.53 -28.79 33.99
N GLY Q 161 22.34 -29.16 33.51
CA GLY Q 161 22.13 -29.32 32.08
C GLY Q 161 21.78 -28.02 31.38
N ILE Q 162 22.24 -27.91 30.14
CA ILE Q 162 22.00 -26.75 29.30
C ILE Q 162 20.61 -26.88 28.70
N PHE Q 163 19.82 -25.81 28.83
CA PHE Q 163 18.48 -25.78 28.25
C PHE Q 163 18.28 -24.44 27.56
N ASP Q 164 17.37 -24.44 26.59
CA ASP Q 164 17.08 -23.25 25.80
C ASP Q 164 15.85 -22.58 26.40
N ARG Q 165 16.02 -21.35 26.87
CA ARG Q 165 14.99 -20.64 27.61
C ARG Q 165 14.94 -19.19 27.15
N PRO Q 166 13.79 -18.54 27.29
CA PRO Q 166 13.72 -17.11 26.96
C PRO Q 166 14.18 -16.24 28.12
N VAL Q 167 15.08 -15.31 27.81
CA VAL Q 167 15.59 -14.37 28.80
C VAL Q 167 15.58 -12.97 28.19
N ALA Q 168 15.63 -11.97 29.08
CA ALA Q 168 15.64 -10.57 28.69
C ALA Q 168 17.06 -10.03 28.83
N VAL Q 169 17.69 -9.76 27.70
CA VAL Q 169 18.98 -9.09 27.67
C VAL Q 169 18.80 -7.81 26.86
N GLY Q 170 19.15 -6.68 27.47
CA GLY Q 170 18.92 -5.40 26.81
C GLY Q 170 17.48 -4.99 26.77
N GLY Q 171 16.64 -5.54 27.66
CA GLY Q 171 15.25 -5.16 27.73
C GLY Q 171 14.34 -5.83 26.72
N LYS Q 172 14.83 -6.85 26.02
CA LYS Q 172 14.06 -7.55 25.01
C LYS Q 172 14.16 -9.05 25.21
N VAL Q 173 13.11 -9.76 24.83
CA VAL Q 173 13.04 -11.21 25.01
C VAL Q 173 13.75 -11.90 23.84
N GLU Q 174 14.54 -12.92 24.14
CA GLU Q 174 15.23 -13.69 23.13
C GLU Q 174 15.73 -14.99 23.75
N VAL Q 175 15.71 -16.07 22.97
CA VAL Q 175 16.03 -17.40 23.47
C VAL Q 175 17.54 -17.61 23.44
N ARG Q 176 18.09 -18.05 24.55
CA ARG Q 176 19.51 -18.34 24.69
C ARG Q 176 19.67 -19.68 25.40
N PRO Q 177 20.80 -20.35 25.19
CA PRO Q 177 21.10 -21.54 25.99
C PRO Q 177 21.86 -21.22 27.27
N MET Q 178 21.37 -21.69 28.41
CA MET Q 178 22.06 -21.47 29.68
C MET Q 178 21.71 -22.58 30.66
N MET Q 179 22.56 -22.74 31.67
CA MET Q 179 22.33 -23.73 32.70
C MET Q 179 22.06 -23.01 34.01
N TYR Q 180 21.70 -23.78 35.02
CA TYR Q 180 21.77 -23.33 36.40
C TYR Q 180 23.01 -23.90 37.05
N VAL Q 181 23.63 -23.12 37.91
CA VAL Q 181 24.81 -23.53 38.64
C VAL Q 181 24.50 -23.50 40.12
N ALA Q 182 25.20 -24.33 40.88
CA ALA Q 182 25.00 -24.42 42.31
C ALA Q 182 26.35 -24.45 43.02
N LEU Q 183 26.41 -23.81 44.19
CA LEU Q 183 27.57 -23.86 45.05
C LEU Q 183 27.13 -24.31 46.43
N THR Q 184 27.79 -25.35 46.95
CA THR Q 184 27.59 -25.82 48.31
C THR Q 184 28.85 -25.51 49.11
N TYR Q 185 28.69 -25.10 50.36
CA TYR Q 185 29.85 -24.64 51.13
C TYR Q 185 29.61 -24.93 52.60
N ASP Q 186 30.72 -24.95 53.34
CA ASP Q 186 30.68 -25.06 54.80
C ASP Q 186 30.56 -23.66 55.39
N HIS Q 187 29.43 -23.38 56.04
CA HIS Q 187 29.25 -22.08 56.68
C HIS Q 187 30.20 -21.87 57.86
N ARG Q 188 30.81 -22.94 58.37
CA ARG Q 188 31.77 -22.80 59.46
C ARG Q 188 33.06 -22.13 58.97
N LEU Q 189 33.27 -22.05 57.66
CA LEU Q 189 34.46 -21.41 57.09
C LEU Q 189 34.11 -20.34 56.09
N ILE Q 190 33.10 -20.56 55.24
CA ILE Q 190 32.72 -19.63 54.19
C ILE Q 190 31.36 -19.04 54.55
N ASP Q 191 31.27 -17.71 54.59
CA ASP Q 191 29.96 -17.09 54.78
C ASP Q 191 29.33 -16.79 53.42
N GLY Q 192 28.16 -16.14 53.45
CA GLY Q 192 27.39 -15.95 52.24
C GLY Q 192 28.06 -15.04 51.23
N ARG Q 193 28.67 -13.96 51.70
CA ARG Q 193 29.30 -12.99 50.78
C ARG Q 193 30.32 -13.67 49.88
N GLU Q 194 31.25 -14.41 50.47
CA GLU Q 194 32.32 -15.06 49.71
C GLU Q 194 31.76 -16.11 48.76
N ALA Q 195 30.78 -16.90 49.21
CA ALA Q 195 30.22 -17.93 48.35
C ALA Q 195 29.49 -17.34 47.15
N VAL Q 196 28.67 -16.32 47.36
CA VAL Q 196 27.94 -15.71 46.26
C VAL Q 196 28.91 -15.01 45.31
N THR Q 197 29.93 -14.34 45.85
CA THR Q 197 30.94 -13.72 45.00
C THR Q 197 31.69 -14.76 44.19
N PHE Q 198 31.99 -15.90 44.80
CA PHE Q 198 32.67 -16.98 44.09
C PHE Q 198 31.82 -17.50 42.94
N LEU Q 199 30.53 -17.72 43.18
CA LEU Q 199 29.66 -18.20 42.11
C LEU Q 199 29.53 -17.17 41.01
N ARG Q 200 29.45 -15.88 41.37
CA ARG Q 200 29.37 -14.83 40.37
C ARG Q 200 30.65 -14.74 39.54
N LYS Q 201 31.81 -14.92 40.18
CA LYS Q 201 33.07 -14.93 39.46
C LYS Q 201 33.14 -16.09 38.49
N ILE Q 202 32.68 -17.27 38.91
CA ILE Q 202 32.65 -18.43 38.02
C ILE Q 202 31.73 -18.15 36.84
N LYS Q 203 30.56 -17.58 37.11
CA LYS Q 203 29.62 -17.26 36.04
C LYS Q 203 30.19 -16.25 35.06
N ALA Q 204 30.89 -15.23 35.57
CA ALA Q 204 31.49 -14.23 34.70
C ALA Q 204 32.60 -14.83 33.86
N ALA Q 205 33.42 -15.70 34.44
CA ALA Q 205 34.50 -16.32 33.69
C ALA Q 205 33.99 -17.24 32.59
N VAL Q 206 32.95 -18.04 32.89
CA VAL Q 206 32.40 -18.93 31.87
C VAL Q 206 31.66 -18.12 30.81
N GLU Q 207 30.94 -17.08 31.23
CA GLU Q 207 30.14 -16.28 30.30
C GLU Q 207 31.01 -15.56 29.28
N ASP Q 208 32.16 -15.05 29.69
CA ASP Q 208 33.10 -14.38 28.80
C ASP Q 208 34.50 -14.86 29.13
N PRO Q 209 35.06 -15.77 28.34
CA PRO Q 209 36.38 -16.33 28.68
C PRO Q 209 37.50 -15.31 28.71
N ARG Q 210 37.32 -14.14 28.10
CA ARG Q 210 38.40 -13.16 28.02
C ARG Q 210 38.82 -12.63 29.38
N VAL Q 211 37.96 -12.69 30.39
CA VAL Q 211 38.33 -12.20 31.71
C VAL Q 211 39.42 -13.08 32.33
N LEU Q 212 39.50 -14.35 31.91
CA LEU Q 212 40.56 -15.22 32.39
C LEU Q 212 41.93 -14.68 31.99
N LEU Q 213 42.05 -14.20 30.75
CA LEU Q 213 43.28 -13.53 30.33
C LEU Q 213 43.47 -12.23 31.10
N LEU Q 214 42.41 -11.43 31.21
CA LEU Q 214 42.53 -10.07 31.73
C LEU Q 214 42.96 -10.04 33.20
N ASP Q 215 42.90 -11.17 33.90
CA ASP Q 215 43.28 -11.27 35.31
C ASP Q 215 42.47 -10.29 36.14
N LEU Q 216 41.15 -10.42 36.05
CA LEU Q 216 40.24 -9.56 36.79
C LEU Q 216 39.92 -10.18 38.15
N GLN R 5 69.17 -7.03 -0.89
CA GLN R 5 70.02 -5.84 -0.92
C GLN R 5 71.49 -6.22 -0.89
N ASN R 6 71.80 -7.35 -0.26
CA ASN R 6 73.19 -7.81 -0.19
C ASN R 6 73.74 -8.11 -1.58
N THR R 7 72.92 -8.73 -2.43
CA THR R 7 73.35 -9.10 -3.78
C THR R 7 72.78 -8.15 -4.83
N CYS R 8 71.47 -7.92 -4.81
CA CYS R 8 70.80 -7.11 -5.82
C CYS R 8 69.96 -6.02 -5.14
N ALA R 9 69.87 -4.86 -5.81
CA ALA R 9 69.10 -3.73 -5.31
C ALA R 9 67.63 -3.96 -5.65
N MET R 10 66.88 -4.44 -4.66
CA MET R 10 65.49 -4.83 -4.90
C MET R 10 64.59 -3.60 -4.95
N LEU R 11 63.49 -3.73 -5.70
CA LEU R 11 62.47 -2.69 -5.78
C LEU R 11 61.16 -3.32 -6.25
N THR R 12 60.08 -3.04 -5.53
CA THR R 12 58.82 -3.77 -5.69
C THR R 12 57.68 -2.82 -6.00
N THR R 13 56.85 -3.19 -6.98
CA THR R 13 55.61 -2.49 -7.28
C THR R 13 54.44 -3.45 -7.13
N PHE R 14 53.31 -2.94 -6.65
CA PHE R 14 52.14 -3.76 -6.35
C PHE R 14 50.98 -3.40 -7.27
N ASN R 15 50.10 -4.37 -7.48
CA ASN R 15 48.87 -4.15 -8.21
C ASN R 15 47.87 -5.22 -7.79
N GLU R 16 46.65 -5.12 -8.28
CA GLU R 16 45.58 -6.03 -7.90
C GLU R 16 44.86 -6.57 -9.13
N VAL R 17 44.45 -7.83 -9.04
CA VAL R 17 43.82 -8.55 -10.15
C VAL R 17 42.45 -9.02 -9.69
N ASP R 18 41.42 -8.70 -10.48
CA ASP R 18 40.09 -9.24 -10.24
C ASP R 18 40.03 -10.66 -10.78
N MET R 19 39.78 -11.61 -9.89
CA MET R 19 39.91 -13.03 -10.21
C MET R 19 38.59 -13.72 -10.47
N SER R 20 37.50 -12.96 -10.67
CA SER R 20 36.19 -13.56 -10.83
C SER R 20 36.10 -14.41 -12.09
N ASN R 21 36.68 -13.93 -13.19
CA ASN R 21 36.60 -14.65 -14.47
C ASN R 21 37.27 -16.01 -14.37
N ILE R 22 38.43 -16.09 -13.72
CA ILE R 22 39.13 -17.36 -13.59
C ILE R 22 38.37 -18.32 -12.68
N GLN R 23 37.78 -17.81 -11.59
CA GLN R 23 36.92 -18.65 -10.77
C GLN R 23 35.76 -19.21 -11.56
N GLU R 24 35.14 -18.38 -12.41
CA GLU R 24 34.05 -18.88 -13.24
C GLU R 24 34.54 -19.93 -14.23
N MET R 25 35.70 -19.69 -14.86
CA MET R 25 36.30 -20.68 -15.74
C MET R 25 36.44 -22.02 -15.03
N ARG R 26 37.04 -22.01 -13.84
CA ARG R 26 37.25 -23.26 -13.11
C ARG R 26 35.93 -23.91 -12.74
N ALA R 27 34.99 -23.11 -12.22
CA ALA R 27 33.72 -23.67 -11.76
C ALA R 27 32.92 -24.28 -12.90
N ARG R 28 33.12 -23.79 -14.11
CA ARG R 28 32.36 -24.32 -15.24
C ARG R 28 33.12 -25.38 -16.04
N HIS R 29 34.44 -25.50 -15.88
CA HIS R 29 35.20 -26.43 -16.70
C HIS R 29 36.03 -27.43 -15.90
N LYS R 30 35.87 -27.48 -14.58
CA LYS R 30 36.70 -28.37 -13.76
C LYS R 30 36.46 -29.83 -14.11
N ASP R 31 35.19 -30.23 -14.23
CA ASP R 31 34.88 -31.62 -14.52
C ASP R 31 35.38 -32.03 -15.89
N ALA R 32 35.18 -31.19 -16.90
CA ALA R 32 35.66 -31.50 -18.24
C ALA R 32 37.17 -31.61 -18.27
N PHE R 33 37.87 -30.68 -17.60
CA PHE R 33 39.32 -30.75 -17.52
C PHE R 33 39.78 -32.03 -16.85
N LEU R 34 39.15 -32.39 -15.74
CA LEU R 34 39.55 -33.61 -15.02
C LEU R 34 39.32 -34.85 -15.86
N LYS R 35 38.19 -34.90 -16.57
CA LYS R 35 37.85 -36.10 -17.34
C LYS R 35 38.64 -36.22 -18.63
N LYS R 36 39.09 -35.11 -19.22
CA LYS R 36 39.85 -35.17 -20.47
C LYS R 36 41.35 -35.20 -20.27
N HIS R 37 41.87 -34.65 -19.17
CA HIS R 37 43.31 -34.57 -18.98
C HIS R 37 43.82 -35.26 -17.71
N ASN R 38 42.93 -35.73 -16.83
CA ASN R 38 43.32 -36.30 -15.54
C ASN R 38 44.12 -35.29 -14.71
N LEU R 39 43.82 -34.01 -14.87
CA LEU R 39 44.45 -32.95 -14.12
C LEU R 39 43.39 -32.04 -13.53
N LYS R 40 43.68 -31.47 -12.38
CA LYS R 40 42.80 -30.54 -11.68
C LYS R 40 43.09 -29.12 -12.15
N LEU R 41 42.05 -28.41 -12.56
CA LEU R 41 42.22 -27.03 -12.99
C LEU R 41 42.64 -26.17 -11.82
N GLY R 42 43.82 -25.56 -11.95
CA GLY R 42 44.41 -24.83 -10.83
C GLY R 42 44.54 -23.35 -11.08
N PHE R 43 45.61 -22.76 -10.57
CA PHE R 43 45.79 -21.31 -10.62
C PHE R 43 47.04 -20.90 -11.37
N MET R 44 48.15 -21.61 -11.15
CA MET R 44 49.41 -21.21 -11.77
C MET R 44 49.36 -21.27 -13.29
N SER R 45 48.40 -22.00 -13.86
CA SER R 45 48.30 -22.10 -15.31
C SER R 45 48.03 -20.73 -15.93
N ALA R 46 46.97 -20.05 -15.48
CA ALA R 46 46.60 -18.76 -16.05
C ALA R 46 47.68 -17.72 -15.79
N PHE R 47 48.24 -17.69 -14.58
CA PHE R 47 49.22 -16.66 -14.26
C PHE R 47 50.53 -16.90 -14.97
N VAL R 48 50.95 -18.16 -15.11
CA VAL R 48 52.17 -18.46 -15.85
C VAL R 48 51.99 -18.11 -17.32
N LYS R 49 50.82 -18.41 -17.89
CA LYS R 49 50.59 -18.04 -19.29
C LYS R 49 50.59 -16.53 -19.46
N ALA R 50 49.96 -15.81 -18.54
CA ALA R 50 49.95 -14.34 -18.61
C ALA R 50 51.35 -13.76 -18.47
N SER R 51 52.15 -14.32 -17.55
CA SER R 51 53.52 -13.86 -17.38
C SER R 51 54.33 -14.11 -18.64
N ALA R 52 54.14 -15.28 -19.27
CA ALA R 52 54.84 -15.56 -20.52
C ALA R 52 54.43 -14.57 -21.61
N PHE R 53 53.13 -14.28 -21.70
CA PHE R 53 52.65 -13.36 -22.73
C PHE R 53 53.19 -11.96 -22.51
N ALA R 54 53.19 -11.48 -21.27
CA ALA R 54 53.70 -10.15 -20.97
C ALA R 54 55.21 -10.07 -21.18
N LEU R 55 55.93 -11.14 -20.85
CA LEU R 55 57.37 -11.18 -21.12
C LEU R 55 57.63 -11.16 -22.62
N GLN R 56 56.80 -11.86 -23.41
CA GLN R 56 56.92 -11.78 -24.86
C GLN R 56 56.70 -10.36 -25.34
N GLU R 57 55.76 -9.64 -24.73
CA GLU R 57 55.56 -8.24 -25.07
C GLU R 57 56.69 -7.33 -24.58
N GLN R 58 57.28 -7.63 -23.43
CA GLN R 58 58.29 -6.78 -22.79
C GLN R 58 59.59 -7.56 -22.66
N PRO R 59 60.41 -7.57 -23.72
CA PRO R 59 61.63 -8.39 -23.68
C PRO R 59 62.66 -7.94 -22.65
N VAL R 60 62.63 -6.67 -22.23
CA VAL R 60 63.66 -6.18 -21.32
C VAL R 60 63.55 -6.84 -19.96
N VAL R 61 62.34 -7.28 -19.58
CA VAL R 61 62.16 -7.95 -18.30
C VAL R 61 62.87 -9.29 -18.29
N ASN R 62 63.05 -9.89 -19.47
CA ASN R 62 63.70 -11.20 -19.58
C ASN R 62 65.22 -11.12 -19.55
N ALA R 63 65.80 -9.94 -19.72
CA ALA R 63 67.24 -9.78 -19.77
C ALA R 63 67.84 -9.78 -18.37
N VAL R 64 69.16 -9.99 -18.31
CA VAL R 64 69.95 -9.90 -17.09
C VAL R 64 71.23 -9.13 -17.38
N ILE R 65 71.90 -8.70 -16.32
CA ILE R 65 73.17 -7.98 -16.40
C ILE R 65 74.28 -8.90 -15.92
N ASP R 66 75.32 -9.04 -16.72
CA ASP R 66 76.51 -9.81 -16.36
C ASP R 66 77.56 -8.84 -15.83
N ASP R 67 77.76 -8.83 -14.52
CA ASP R 67 78.72 -7.89 -13.91
C ASP R 67 80.15 -8.17 -14.32
N ALA R 68 80.47 -9.44 -14.62
CA ALA R 68 81.83 -9.79 -15.00
C ALA R 68 82.25 -9.09 -16.29
N THR R 69 81.42 -9.18 -17.32
CA THR R 69 81.71 -8.56 -18.61
C THR R 69 81.02 -7.21 -18.78
N LYS R 70 80.22 -6.77 -17.80
CA LYS R 70 79.46 -5.52 -17.88
C LYS R 70 78.65 -5.47 -19.17
N GLU R 71 77.88 -6.53 -19.39
CA GLU R 71 77.09 -6.71 -20.60
C GLU R 71 75.66 -7.08 -20.21
N VAL R 72 74.70 -6.63 -21.03
CA VAL R 72 73.30 -6.99 -20.87
C VAL R 72 72.96 -7.97 -21.99
N VAL R 73 72.49 -9.16 -21.62
CA VAL R 73 72.17 -10.21 -22.58
C VAL R 73 70.66 -10.40 -22.61
N TYR R 74 70.14 -10.73 -23.79
CA TYR R 74 68.71 -10.96 -23.98
C TYR R 74 68.47 -12.45 -24.25
N ARG R 75 67.52 -13.02 -23.51
CA ARG R 75 67.18 -14.43 -23.64
C ARG R 75 65.85 -14.53 -24.38
N ASP R 76 65.87 -15.12 -25.57
CA ASP R 76 64.65 -15.31 -26.34
C ASP R 76 63.74 -16.33 -25.65
N TYR R 77 64.30 -17.45 -25.23
CA TYR R 77 63.53 -18.50 -24.59
C TYR R 77 63.03 -18.04 -23.22
N ILE R 78 61.79 -18.38 -22.91
CA ILE R 78 61.16 -18.02 -21.64
C ILE R 78 61.17 -19.26 -20.75
N ASP R 79 61.87 -19.16 -19.62
CA ASP R 79 61.95 -20.24 -18.64
C ASP R 79 61.32 -19.74 -17.35
N ILE R 80 60.04 -20.03 -17.17
CA ILE R 80 59.29 -19.57 -16.00
C ILE R 80 59.52 -20.52 -14.85
N SER R 81 59.95 -19.99 -13.71
CA SER R 81 60.16 -20.79 -12.52
C SER R 81 58.95 -20.66 -11.59
N VAL R 82 58.51 -21.81 -11.07
CA VAL R 82 57.37 -21.86 -10.16
C VAL R 82 57.86 -22.44 -8.84
N ALA R 83 57.04 -22.25 -7.80
CA ALA R 83 57.37 -22.67 -6.44
C ALA R 83 56.41 -23.79 -6.05
N VAL R 84 56.96 -24.99 -5.89
CA VAL R 84 56.19 -26.12 -5.37
C VAL R 84 56.66 -26.40 -3.94
N ALA R 85 55.70 -26.57 -3.03
CA ALA R 85 56.03 -26.72 -1.62
C ALA R 85 56.48 -28.14 -1.32
N THR R 86 57.53 -28.26 -0.51
CA THR R 86 58.06 -29.53 -0.04
C THR R 86 58.18 -29.51 1.47
N PRO R 87 58.03 -30.67 2.13
CA PRO R 87 58.16 -30.70 3.59
C PRO R 87 59.61 -30.62 4.08
N ARG R 88 60.59 -30.53 3.18
CA ARG R 88 61.99 -30.45 3.57
C ARG R 88 62.72 -29.25 3.00
N GLY R 89 62.06 -28.41 2.21
CA GLY R 89 62.72 -27.25 1.64
C GLY R 89 61.79 -26.44 0.77
N LEU R 90 62.36 -25.43 0.12
CA LEU R 90 61.57 -24.58 -0.76
C LEU R 90 61.39 -25.21 -2.14
N VAL R 91 62.50 -25.41 -2.86
CA VAL R 91 62.54 -26.05 -4.18
C VAL R 91 61.81 -25.18 -5.21
N VAL R 92 62.55 -24.75 -6.23
CA VAL R 92 61.98 -23.92 -7.29
C VAL R 92 62.29 -24.53 -8.66
N PRO R 93 61.41 -25.39 -9.18
CA PRO R 93 61.63 -25.96 -10.51
C PRO R 93 61.46 -24.91 -11.59
N VAL R 94 61.91 -25.26 -12.79
CA VAL R 94 61.91 -24.36 -13.94
C VAL R 94 61.12 -25.00 -15.07
N ILE R 95 60.22 -24.22 -15.67
CA ILE R 95 59.43 -24.66 -16.81
C ILE R 95 60.06 -24.11 -18.07
N ARG R 96 60.43 -25.00 -18.99
CA ARG R 96 61.18 -24.64 -20.17
C ARG R 96 60.24 -24.34 -21.33
N ASN R 97 60.54 -23.28 -22.09
CA ASN R 97 59.86 -22.95 -23.34
C ASN R 97 58.35 -22.75 -23.10
N VAL R 98 58.04 -21.73 -22.30
CA VAL R 98 56.67 -21.48 -21.90
C VAL R 98 55.85 -20.76 -22.97
N GLU R 99 56.51 -20.16 -23.96
CA GLU R 99 55.79 -19.33 -24.93
C GLU R 99 54.92 -20.15 -25.89
N THR R 100 55.11 -21.47 -25.96
CA THR R 100 54.35 -22.31 -26.87
C THR R 100 53.44 -23.28 -26.12
N MET R 101 53.06 -22.95 -24.90
CA MET R 101 52.22 -23.81 -24.06
C MET R 101 50.96 -23.08 -23.68
N ASN R 102 49.83 -23.78 -23.76
CA ASN R 102 48.53 -23.26 -23.34
C ASN R 102 48.14 -23.84 -21.99
N TYR R 103 46.90 -23.61 -21.58
CA TYR R 103 46.44 -23.96 -20.23
C TYR R 103 46.51 -25.46 -19.96
N ALA R 104 46.60 -26.30 -20.98
CA ALA R 104 46.64 -27.74 -20.75
C ALA R 104 48.06 -28.25 -20.52
N ASP R 105 49.02 -27.77 -21.31
CA ASP R 105 50.40 -28.24 -21.15
C ASP R 105 51.03 -27.73 -19.86
N ILE R 106 50.72 -26.50 -19.47
CA ILE R 106 51.31 -25.93 -18.27
C ILE R 106 50.86 -26.70 -17.03
N GLU R 107 49.60 -27.11 -16.99
CA GLU R 107 49.11 -27.91 -15.87
C GLU R 107 49.79 -29.27 -15.82
N ARG R 108 50.00 -29.90 -16.98
CA ARG R 108 50.72 -31.16 -17.01
C ARG R 108 52.14 -31.00 -16.48
N THR R 109 52.82 -29.93 -16.90
CA THR R 109 54.17 -29.70 -16.42
C THR R 109 54.18 -29.47 -14.91
N ILE R 110 53.21 -28.72 -14.40
CA ILE R 110 53.13 -28.47 -12.97
C ILE R 110 52.94 -29.78 -12.20
N ASN R 111 52.04 -30.64 -12.69
CA ASN R 111 51.79 -31.91 -12.00
C ASN R 111 53.03 -32.80 -12.03
N GLU R 112 53.71 -32.89 -13.17
CA GLU R 112 54.91 -33.70 -13.26
C GLU R 112 56.01 -33.17 -12.33
N LEU R 113 56.19 -31.85 -12.30
CA LEU R 113 57.22 -31.29 -11.43
C LEU R 113 56.89 -31.51 -9.96
N GLY R 114 55.62 -31.37 -9.59
CA GLY R 114 55.23 -31.67 -8.21
C GLY R 114 55.46 -33.11 -7.84
N GLU R 115 55.10 -34.04 -8.74
CA GLU R 115 55.33 -35.46 -8.46
C GLU R 115 56.82 -35.76 -8.32
N LYS R 116 57.65 -35.18 -9.19
CA LYS R 116 59.09 -35.39 -9.07
C LYS R 116 59.64 -34.77 -7.79
N ALA R 117 59.02 -33.67 -7.32
CA ALA R 117 59.43 -33.09 -6.05
C ALA R 117 59.03 -33.98 -4.87
N ARG R 118 57.95 -34.74 -5.01
CA ARG R 118 57.50 -35.61 -3.92
C ARG R 118 58.55 -36.66 -3.57
N LYS R 119 59.13 -37.31 -4.58
CA LYS R 119 60.11 -38.37 -4.36
C LYS R 119 61.54 -37.91 -4.64
N ASN R 120 61.77 -36.61 -4.81
CA ASN R 120 63.10 -36.04 -4.97
C ASN R 120 63.85 -36.65 -6.16
N GLU R 121 63.28 -36.47 -7.35
CA GLU R 121 63.94 -36.83 -8.59
C GLU R 121 64.38 -35.61 -9.39
N LEU R 122 64.31 -34.42 -8.80
CA LEU R 122 64.80 -33.21 -9.45
C LEU R 122 66.32 -33.20 -9.42
N ALA R 123 66.93 -32.93 -10.57
CA ALA R 123 68.39 -32.90 -10.67
C ALA R 123 68.88 -31.45 -10.68
N ILE R 124 70.21 -31.30 -10.64
CA ILE R 124 70.80 -29.96 -10.68
C ILE R 124 70.47 -29.26 -11.99
N GLU R 125 70.44 -30.01 -13.09
CA GLU R 125 70.15 -29.41 -14.39
C GLU R 125 68.75 -28.81 -14.43
N ASP R 126 67.80 -29.46 -13.77
CA ASP R 126 66.42 -28.96 -13.70
C ASP R 126 66.24 -27.89 -12.62
N MET R 127 67.28 -27.63 -11.82
CA MET R 127 67.18 -26.71 -10.69
C MET R 127 67.62 -25.30 -11.05
N ASP R 128 68.07 -25.06 -12.29
CA ASP R 128 68.61 -23.77 -12.65
C ASP R 128 68.36 -23.51 -14.13
N GLY R 129 68.62 -22.27 -14.54
CA GLY R 129 68.43 -21.87 -15.92
C GLY R 129 67.17 -21.09 -16.21
N GLY R 130 66.41 -20.72 -15.18
CA GLY R 130 65.19 -19.97 -15.42
C GLY R 130 65.45 -18.53 -15.83
N THR R 131 64.40 -17.88 -16.32
CA THR R 131 64.46 -16.47 -16.70
C THR R 131 63.42 -15.59 -16.02
N PHE R 132 62.46 -16.17 -15.30
CA PHE R 132 61.44 -15.38 -14.62
C PHE R 132 60.82 -16.24 -13.53
N THR R 133 60.95 -15.82 -12.27
CA THR R 133 60.43 -16.59 -11.15
C THR R 133 59.01 -16.16 -10.81
N ILE R 134 58.18 -17.14 -10.43
CA ILE R 134 56.85 -16.88 -9.88
C ILE R 134 56.80 -17.54 -8.51
N SER R 135 56.67 -16.72 -7.47
CA SER R 135 56.66 -17.20 -6.09
C SER R 135 55.22 -17.12 -5.59
N ASN R 136 54.54 -18.26 -5.55
CA ASN R 136 53.16 -18.34 -5.11
C ASN R 136 53.14 -18.53 -3.60
N GLY R 137 53.35 -17.43 -2.87
CA GLY R 137 53.25 -17.45 -1.43
C GLY R 137 51.83 -17.30 -0.90
N GLY R 138 50.84 -17.24 -1.76
CA GLY R 138 49.46 -17.07 -1.35
C GLY R 138 48.74 -18.34 -0.95
N VAL R 139 49.38 -19.50 -1.07
CA VAL R 139 48.76 -20.72 -0.56
C VAL R 139 48.64 -20.66 0.95
N PHE R 140 49.54 -19.94 1.62
CA PHE R 140 49.45 -19.75 3.06
C PHE R 140 48.74 -18.44 3.41
N GLY R 141 47.61 -18.17 2.78
CA GLY R 141 46.77 -17.02 3.08
C GLY R 141 47.46 -15.71 3.37
N SER R 142 48.21 -15.18 2.40
CA SER R 142 48.94 -13.92 2.57
C SER R 142 48.27 -12.81 1.78
N LEU R 143 48.22 -11.61 2.37
CA LEU R 143 47.62 -10.49 1.67
C LEU R 143 48.53 -9.96 0.58
N PHE R 144 49.70 -9.45 0.95
CA PHE R 144 50.72 -9.08 -0.02
C PHE R 144 52.04 -8.89 0.71
N GLY R 145 53.12 -8.84 -0.07
CA GLY R 145 54.45 -8.70 0.47
C GLY R 145 55.44 -8.59 -0.66
N THR R 146 56.69 -8.33 -0.29
CA THR R 146 57.75 -8.10 -1.27
C THR R 146 58.55 -9.36 -1.48
N PRO R 147 58.49 -10.00 -2.64
CA PRO R 147 59.29 -11.20 -2.89
C PRO R 147 60.75 -10.86 -3.17
N ILE R 148 61.57 -11.91 -3.13
CA ILE R 148 63.01 -11.79 -3.32
C ILE R 148 63.41 -12.46 -4.64
N ILE R 149 64.21 -11.75 -5.43
CA ILE R 149 64.68 -12.28 -6.70
C ILE R 149 65.75 -13.33 -6.43
N ASN R 150 65.56 -14.53 -6.97
CA ASN R 150 66.57 -15.57 -6.87
C ASN R 150 67.67 -15.31 -7.88
N PRO R 151 68.92 -15.14 -7.46
CA PRO R 151 69.98 -14.85 -8.42
C PRO R 151 70.21 -16.04 -9.34
N PRO R 152 70.62 -15.80 -10.59
CA PRO R 152 70.88 -14.49 -11.23
C PRO R 152 69.69 -13.98 -12.06
N GLN R 153 68.47 -14.01 -11.52
CA GLN R 153 67.31 -13.55 -12.26
C GLN R 153 67.26 -12.02 -12.28
N SER R 154 66.18 -11.47 -12.82
CA SER R 154 66.02 -10.02 -12.90
C SER R 154 64.63 -9.53 -12.51
N ALA R 155 63.64 -10.40 -12.37
CA ALA R 155 62.31 -9.99 -11.91
C ALA R 155 61.58 -11.21 -11.39
N ILE R 156 60.54 -10.96 -10.59
CA ILE R 156 59.78 -12.05 -9.97
C ILE R 156 58.36 -11.58 -9.71
N LEU R 157 57.40 -12.45 -10.01
CA LEU R 157 55.99 -12.19 -9.73
C LEU R 157 55.64 -12.57 -8.29
N GLY R 158 54.61 -11.91 -7.77
CA GLY R 158 54.29 -11.98 -6.37
C GLY R 158 52.88 -12.46 -6.06
N MET R 159 52.44 -13.54 -6.71
CA MET R 159 51.12 -14.10 -6.44
C MET R 159 50.86 -14.25 -4.95
N HIS R 160 49.69 -13.80 -4.52
CA HIS R 160 49.31 -13.82 -3.11
C HIS R 160 47.95 -14.47 -2.98
N GLY R 161 47.45 -14.52 -1.74
CA GLY R 161 46.20 -15.20 -1.48
C GLY R 161 45.00 -14.45 -2.02
N ILE R 162 43.94 -15.22 -2.28
CA ILE R 162 42.68 -14.66 -2.75
C ILE R 162 41.77 -14.43 -1.55
N PHE R 163 41.34 -13.18 -1.38
CA PHE R 163 40.42 -12.82 -0.31
C PHE R 163 39.25 -12.06 -0.91
N ASP R 164 38.04 -12.46 -0.53
CA ASP R 164 36.84 -11.83 -1.04
C ASP R 164 36.72 -10.42 -0.46
N ARG R 165 36.77 -9.40 -1.33
CA ARG R 165 36.81 -8.02 -0.89
C ARG R 165 35.80 -7.20 -1.67
N PRO R 166 35.31 -6.10 -1.08
CA PRO R 166 34.37 -5.23 -1.80
C PRO R 166 35.12 -4.26 -2.69
N VAL R 167 34.77 -4.24 -3.98
CA VAL R 167 35.35 -3.34 -4.95
C VAL R 167 34.24 -2.48 -5.54
N ALA R 168 34.65 -1.40 -6.20
CA ALA R 168 33.72 -0.45 -6.80
C ALA R 168 33.90 -0.47 -8.31
N VAL R 169 32.98 -1.13 -9.01
CA VAL R 169 32.97 -1.15 -10.47
C VAL R 169 31.59 -0.69 -10.94
N GLY R 170 31.59 0.24 -11.90
CA GLY R 170 30.32 0.78 -12.38
C GLY R 170 29.62 1.67 -11.38
N GLY R 171 30.35 2.20 -10.40
CA GLY R 171 29.76 3.06 -9.39
C GLY R 171 29.04 2.32 -8.28
N LYS R 172 29.05 0.99 -8.27
CA LYS R 172 28.38 0.19 -7.27
C LYS R 172 29.41 -0.58 -6.46
N VAL R 173 29.02 -0.98 -5.25
CA VAL R 173 29.88 -1.72 -4.36
C VAL R 173 29.43 -3.17 -4.34
N GLU R 174 30.29 -4.07 -4.81
CA GLU R 174 30.00 -5.49 -4.80
C GLU R 174 31.27 -6.25 -4.40
N VAL R 175 31.06 -7.43 -3.84
CA VAL R 175 32.16 -8.25 -3.31
C VAL R 175 32.68 -9.14 -4.43
N ARG R 176 33.99 -9.16 -4.61
CA ARG R 176 34.63 -9.93 -5.65
C ARG R 176 35.95 -10.49 -5.14
N PRO R 177 36.39 -11.64 -5.65
CA PRO R 177 37.69 -12.17 -5.22
C PRO R 177 38.85 -11.47 -5.92
N MET R 178 39.74 -10.88 -5.13
CA MET R 178 40.84 -10.08 -5.66
C MET R 178 42.16 -10.53 -5.06
N MET R 179 43.21 -10.49 -5.88
CA MET R 179 44.56 -10.74 -5.41
C MET R 179 45.33 -9.43 -5.35
N TYR R 180 46.43 -9.46 -4.61
CA TYR R 180 47.44 -8.41 -4.66
C TYR R 180 48.71 -9.04 -5.23
N VAL R 181 49.08 -8.63 -6.44
CA VAL R 181 50.26 -9.14 -7.12
C VAL R 181 51.37 -8.12 -6.95
N ALA R 182 52.60 -8.60 -6.76
CA ALA R 182 53.77 -7.76 -6.59
C ALA R 182 54.78 -8.07 -7.68
N LEU R 183 55.50 -7.05 -8.13
CA LEU R 183 56.60 -7.22 -9.08
C LEU R 183 57.85 -6.64 -8.46
N THR R 184 58.78 -7.51 -8.06
CA THR R 184 60.08 -7.08 -7.57
C THR R 184 61.08 -7.11 -8.72
N TYR R 185 61.80 -6.02 -8.91
CA TYR R 185 62.70 -5.89 -10.04
C TYR R 185 63.88 -5.01 -9.63
N ASP R 186 64.98 -5.15 -10.37
CA ASP R 186 66.14 -4.30 -10.17
C ASP R 186 66.04 -3.09 -11.08
N HIS R 187 66.24 -1.91 -10.49
CA HIS R 187 66.12 -0.67 -11.24
C HIS R 187 67.30 -0.41 -12.18
N ARG R 188 68.38 -1.18 -12.05
CA ARG R 188 69.54 -0.96 -12.92
C ARG R 188 69.21 -1.31 -14.36
N LEU R 189 68.42 -2.35 -14.59
CA LEU R 189 68.05 -2.79 -15.93
C LEU R 189 66.64 -2.37 -16.32
N ILE R 190 65.67 -2.56 -15.44
CA ILE R 190 64.27 -2.25 -15.71
C ILE R 190 63.90 -0.99 -14.96
N ASP R 191 63.31 -0.03 -15.66
CA ASP R 191 62.81 1.17 -15.02
C ASP R 191 61.38 0.96 -14.53
N GLY R 192 60.89 1.93 -13.74
CA GLY R 192 59.61 1.77 -13.09
C GLY R 192 58.44 1.72 -14.06
N ARG R 193 58.50 2.53 -15.11
CA ARG R 193 57.40 2.58 -16.07
C ARG R 193 57.19 1.23 -16.74
N GLU R 194 58.26 0.61 -17.21
CA GLU R 194 58.15 -0.66 -17.91
C GLU R 194 57.67 -1.76 -16.96
N ALA R 195 58.15 -1.76 -15.72
CA ALA R 195 57.69 -2.76 -14.75
C ALA R 195 56.21 -2.58 -14.42
N VAL R 196 55.76 -1.34 -14.26
CA VAL R 196 54.33 -1.11 -13.99
C VAL R 196 53.50 -1.56 -15.17
N THR R 197 53.93 -1.24 -16.39
CA THR R 197 53.20 -1.68 -17.58
C THR R 197 53.17 -3.20 -17.68
N PHE R 198 54.28 -3.86 -17.37
CA PHE R 198 54.35 -5.31 -17.43
C PHE R 198 53.40 -5.95 -16.44
N LEU R 199 53.39 -5.45 -15.20
CA LEU R 199 52.48 -5.99 -14.19
C LEU R 199 51.03 -5.74 -14.58
N ARG R 200 50.74 -4.56 -15.14
CA ARG R 200 49.38 -4.28 -15.59
C ARG R 200 48.98 -5.18 -16.76
N LYS R 201 49.92 -5.51 -17.64
CA LYS R 201 49.63 -6.45 -18.72
C LYS R 201 49.32 -7.84 -18.17
N ILE R 202 50.09 -8.29 -17.18
CA ILE R 202 49.78 -9.56 -16.52
C ILE R 202 48.39 -9.51 -15.92
N LYS R 203 48.05 -8.40 -15.25
CA LYS R 203 46.76 -8.27 -14.60
C LYS R 203 45.62 -8.32 -15.62
N ALA R 204 45.80 -7.64 -16.76
CA ALA R 204 44.76 -7.64 -17.78
C ALA R 204 44.63 -9.01 -18.44
N ALA R 205 45.74 -9.73 -18.60
CA ALA R 205 45.67 -11.06 -19.20
C ALA R 205 45.00 -12.07 -18.27
N VAL R 206 45.30 -12.00 -16.98
CA VAL R 206 44.66 -12.91 -16.02
C VAL R 206 43.19 -12.57 -15.85
N GLU R 207 42.88 -11.27 -15.76
CA GLU R 207 41.51 -10.84 -15.48
C GLU R 207 40.58 -11.18 -16.63
N ASP R 208 41.05 -11.06 -17.87
CA ASP R 208 40.30 -11.47 -19.06
C ASP R 208 41.16 -12.41 -19.87
N PRO R 209 40.93 -13.74 -19.78
CA PRO R 209 41.81 -14.68 -20.48
C PRO R 209 41.77 -14.57 -21.99
N ARG R 210 40.78 -13.89 -22.56
CA ARG R 210 40.60 -13.85 -24.00
C ARG R 210 41.60 -12.96 -24.71
N VAL R 211 42.26 -12.04 -24.01
CA VAL R 211 43.27 -11.19 -24.66
C VAL R 211 44.48 -12.02 -25.05
N LEU R 212 44.71 -13.14 -24.37
CA LEU R 212 45.81 -14.02 -24.73
C LEU R 212 45.63 -14.57 -26.14
N LEU R 213 44.43 -15.02 -26.48
CA LEU R 213 44.14 -15.46 -27.82
C LEU R 213 43.80 -14.31 -28.75
N LEU R 214 43.57 -13.12 -28.22
CA LEU R 214 43.40 -11.92 -29.03
C LEU R 214 44.71 -11.16 -29.25
N ASP R 215 45.76 -11.48 -28.48
CA ASP R 215 47.09 -10.90 -28.62
C ASP R 215 47.05 -9.37 -28.44
N LEU R 216 46.58 -8.97 -27.27
CA LEU R 216 46.60 -7.57 -26.88
C LEU R 216 47.61 -7.34 -25.75
N THR S 7 19.50 -44.97 -58.10
CA THR S 7 18.93 -43.64 -58.27
C THR S 7 17.76 -43.43 -57.32
N CYS S 8 17.92 -42.55 -56.34
CA CYS S 8 16.88 -42.27 -55.36
C CYS S 8 16.86 -40.78 -55.08
N ALA S 9 15.77 -40.12 -55.46
CA ALA S 9 15.57 -38.70 -55.17
C ALA S 9 14.79 -38.59 -53.87
N MET S 10 15.33 -37.83 -52.92
CA MET S 10 14.78 -37.77 -51.57
C MET S 10 14.61 -36.32 -51.13
N LEU S 11 13.57 -36.10 -50.33
CA LEU S 11 13.26 -34.78 -49.78
C LEU S 11 13.00 -34.91 -48.29
N THR S 12 13.24 -33.82 -47.57
CA THR S 12 13.06 -33.78 -46.13
C THR S 12 12.07 -32.70 -45.76
N THR S 13 11.12 -33.04 -44.89
CA THR S 13 10.22 -32.06 -44.29
C THR S 13 10.27 -32.23 -42.78
N PHE S 14 10.20 -31.11 -42.06
CA PHE S 14 10.47 -31.06 -40.64
C PHE S 14 9.22 -30.69 -39.86
N ASN S 15 9.25 -31.01 -38.56
CA ASN S 15 8.17 -30.69 -37.64
C ASN S 15 8.77 -30.66 -36.24
N GLU S 16 7.94 -30.29 -35.26
CA GLU S 16 8.37 -30.28 -33.87
C GLU S 16 7.34 -31.02 -33.03
N VAL S 17 7.82 -31.85 -32.10
CA VAL S 17 6.98 -32.64 -31.23
C VAL S 17 7.29 -32.28 -29.79
N ASP S 18 6.24 -32.02 -29.01
CA ASP S 18 6.40 -31.65 -27.61
C ASP S 18 6.69 -32.90 -26.79
N MET S 19 7.81 -32.87 -26.06
CA MET S 19 8.26 -34.00 -25.26
C MET S 19 7.71 -33.95 -23.83
N SER S 20 6.88 -32.96 -23.51
CA SER S 20 6.44 -32.76 -22.13
C SER S 20 5.65 -33.97 -21.63
N ASN S 21 4.73 -34.49 -22.44
CA ASN S 21 3.91 -35.62 -22.02
C ASN S 21 4.77 -36.86 -21.82
N ILE S 22 5.64 -37.18 -22.79
CA ILE S 22 6.49 -38.35 -22.67
C ILE S 22 7.48 -38.21 -21.52
N GLN S 23 8.05 -37.01 -21.36
CA GLN S 23 8.99 -36.80 -20.27
C GLN S 23 8.31 -36.99 -18.92
N GLU S 24 7.09 -36.46 -18.77
CA GLU S 24 6.34 -36.66 -17.53
C GLU S 24 6.02 -38.13 -17.32
N MET S 25 5.61 -38.83 -18.39
CA MET S 25 5.28 -40.24 -18.29
C MET S 25 6.47 -41.05 -17.81
N ARG S 26 7.63 -40.87 -18.45
CA ARG S 26 8.82 -41.60 -18.02
C ARG S 26 9.34 -41.12 -16.67
N ALA S 27 8.96 -39.92 -16.24
CA ALA S 27 9.34 -39.45 -14.92
C ALA S 27 8.52 -40.12 -13.82
N ARG S 28 7.22 -40.30 -14.03
CA ARG S 28 6.37 -40.90 -13.00
C ARG S 28 6.25 -42.41 -13.11
N HIS S 29 6.84 -43.03 -14.13
CA HIS S 29 6.74 -44.47 -14.32
C HIS S 29 8.10 -45.11 -14.55
N LYS S 30 9.14 -44.63 -13.86
CA LYS S 30 10.45 -45.24 -13.98
C LYS S 30 10.77 -46.21 -12.84
N ASP S 31 10.22 -45.97 -11.64
CA ASP S 31 10.43 -46.91 -10.54
C ASP S 31 9.61 -48.18 -10.73
N ALA S 32 8.34 -48.03 -11.15
CA ALA S 32 7.51 -49.19 -11.41
C ALA S 32 8.08 -50.02 -12.56
N PHE S 33 8.52 -49.35 -13.62
CA PHE S 33 9.14 -50.06 -14.74
C PHE S 33 10.38 -50.81 -14.30
N LEU S 34 11.24 -50.16 -13.50
CA LEU S 34 12.47 -50.79 -13.04
C LEU S 34 12.17 -52.00 -12.17
N LYS S 35 11.20 -51.88 -11.26
CA LYS S 35 10.93 -52.96 -10.33
C LYS S 35 10.08 -54.07 -10.94
N LYS S 36 9.43 -53.83 -12.08
CA LYS S 36 8.62 -54.87 -12.72
C LYS S 36 9.33 -55.53 -13.89
N HIS S 37 9.77 -54.77 -14.89
CA HIS S 37 10.38 -55.34 -16.08
C HIS S 37 11.90 -55.39 -16.01
N ASN S 38 12.50 -54.83 -14.96
CA ASN S 38 13.96 -54.66 -14.87
C ASN S 38 14.51 -53.86 -16.05
N LEU S 39 13.70 -52.96 -16.60
CA LEU S 39 14.09 -52.14 -17.73
C LEU S 39 13.93 -50.67 -17.38
N LYS S 40 14.83 -49.85 -17.93
CA LYS S 40 14.81 -48.40 -17.72
C LYS S 40 14.04 -47.75 -18.85
N LEU S 41 13.05 -46.93 -18.51
CA LEU S 41 12.20 -46.29 -19.49
C LEU S 41 12.99 -45.24 -20.27
N GLY S 42 12.56 -44.98 -21.50
CA GLY S 42 13.22 -44.02 -22.37
C GLY S 42 12.23 -43.41 -23.34
N PHE S 43 12.76 -42.87 -24.45
CA PHE S 43 11.95 -42.23 -25.47
C PHE S 43 11.80 -43.07 -26.73
N MET S 44 12.63 -44.10 -26.90
CA MET S 44 12.67 -44.83 -28.16
C MET S 44 11.35 -45.53 -28.45
N SER S 45 10.76 -46.15 -27.42
CA SER S 45 9.55 -46.94 -27.60
C SER S 45 8.38 -46.08 -28.06
N ALA S 46 8.25 -44.87 -27.52
CA ALA S 46 7.15 -44.00 -27.91
C ALA S 46 7.19 -43.68 -29.40
N PHE S 47 8.35 -43.29 -29.90
CA PHE S 47 8.46 -42.95 -31.31
C PHE S 47 8.33 -44.17 -32.20
N VAL S 48 8.87 -45.31 -31.77
CA VAL S 48 8.72 -46.52 -32.58
C VAL S 48 7.26 -46.90 -32.70
N LYS S 49 6.51 -46.83 -31.59
CA LYS S 49 5.09 -47.16 -31.62
C LYS S 49 4.31 -46.16 -32.46
N ALA S 50 4.65 -44.88 -32.36
CA ALA S 50 4.00 -43.86 -33.19
C ALA S 50 4.26 -44.10 -34.67
N SER S 51 5.49 -44.44 -35.03
CA SER S 51 5.82 -44.73 -36.41
C SER S 51 5.07 -45.95 -36.91
N ALA S 52 4.98 -46.99 -36.07
CA ALA S 52 4.21 -48.17 -36.46
C ALA S 52 2.75 -47.81 -36.70
N PHE S 53 2.17 -46.99 -35.83
CA PHE S 53 0.78 -46.60 -35.98
C PHE S 53 0.56 -45.82 -37.28
N ALA S 54 1.41 -44.84 -37.54
CA ALA S 54 1.26 -44.02 -38.74
C ALA S 54 1.47 -44.86 -40.00
N LEU S 55 2.43 -45.78 -39.97
CA LEU S 55 2.64 -46.68 -41.11
C LEU S 55 1.43 -47.57 -41.34
N GLN S 56 0.80 -48.01 -40.26
CA GLN S 56 -0.44 -48.76 -40.40
C GLN S 56 -1.54 -47.90 -41.01
N GLU S 57 -1.61 -46.62 -40.63
CA GLU S 57 -2.69 -45.78 -41.13
C GLU S 57 -2.49 -45.44 -42.60
N GLN S 58 -1.24 -45.24 -43.03
CA GLN S 58 -0.92 -44.99 -44.44
C GLN S 58 -0.01 -46.09 -44.98
N PRO S 59 -0.50 -47.00 -45.83
CA PRO S 59 0.36 -48.10 -46.29
C PRO S 59 1.38 -47.71 -47.36
N VAL S 60 1.27 -46.51 -47.95
CA VAL S 60 2.21 -46.13 -49.00
C VAL S 60 3.62 -45.99 -48.43
N VAL S 61 3.74 -45.37 -47.27
CA VAL S 61 5.06 -45.20 -46.65
C VAL S 61 5.64 -46.56 -46.26
N ASN S 62 4.79 -47.48 -45.81
CA ASN S 62 5.24 -48.83 -45.48
C ASN S 62 5.25 -49.70 -46.73
N ALA S 63 6.14 -49.35 -47.65
CA ALA S 63 6.28 -50.05 -48.91
C ALA S 63 7.70 -49.85 -49.43
N VAL S 64 7.97 -50.38 -50.61
CA VAL S 64 9.28 -50.29 -51.23
C VAL S 64 9.12 -50.53 -52.71
N ILE S 65 9.86 -49.76 -53.50
CA ILE S 65 9.87 -49.93 -54.96
C ILE S 65 10.92 -50.96 -55.33
N ASP S 66 10.67 -51.68 -56.42
CA ASP S 66 11.55 -52.74 -56.90
C ASP S 66 12.10 -52.32 -58.26
N ASP S 67 13.42 -52.11 -58.33
CA ASP S 67 14.04 -51.65 -59.57
C ASP S 67 13.93 -52.68 -60.69
N ALA S 68 13.89 -53.96 -60.36
CA ALA S 68 13.89 -55.00 -61.38
C ALA S 68 12.63 -54.95 -62.23
N THR S 69 11.47 -54.75 -61.60
CA THR S 69 10.19 -54.78 -62.31
C THR S 69 9.42 -53.46 -62.23
N LYS S 70 9.94 -52.46 -61.54
CA LYS S 70 9.25 -51.18 -61.34
C LYS S 70 7.84 -51.40 -60.78
N GLU S 71 7.79 -52.01 -59.60
CA GLU S 71 6.55 -52.32 -58.92
C GLU S 71 6.67 -51.95 -57.45
N VAL S 72 5.54 -51.60 -56.84
CA VAL S 72 5.50 -51.31 -55.42
C VAL S 72 5.33 -52.62 -54.66
N VAL S 73 6.01 -52.73 -53.52
CA VAL S 73 5.92 -53.94 -52.70
C VAL S 73 5.24 -53.60 -51.38
N TYR S 74 3.92 -53.75 -51.34
CA TYR S 74 3.18 -53.49 -50.11
C TYR S 74 3.50 -54.55 -49.07
N ARG S 75 3.87 -54.11 -47.87
CA ARG S 75 4.28 -55.02 -46.79
C ARG S 75 3.32 -54.85 -45.61
N ASP S 76 2.50 -55.86 -45.36
CA ASP S 76 1.61 -55.82 -44.21
C ASP S 76 2.40 -55.80 -42.91
N TYR S 77 3.41 -56.66 -42.80
CA TYR S 77 4.29 -56.65 -41.64
C TYR S 77 5.11 -55.36 -41.62
N ILE S 78 5.27 -54.78 -40.42
CA ILE S 78 6.00 -53.53 -40.24
C ILE S 78 7.28 -53.86 -39.50
N ASP S 79 8.41 -53.43 -40.06
CA ASP S 79 9.72 -53.57 -39.42
C ASP S 79 10.29 -52.17 -39.19
N ILE S 80 10.94 -52.00 -38.05
CA ILE S 80 11.53 -50.72 -37.66
C ILE S 80 13.00 -50.93 -37.37
N SER S 81 13.85 -50.14 -38.02
CA SER S 81 15.29 -50.18 -37.83
C SER S 81 15.71 -49.06 -36.91
N VAL S 82 16.42 -49.40 -35.83
CA VAL S 82 16.83 -48.44 -34.82
C VAL S 82 18.34 -48.50 -34.68
N ALA S 83 18.97 -47.33 -34.60
CA ALA S 83 20.43 -47.27 -34.53
C ALA S 83 20.92 -47.63 -33.13
N VAL S 84 22.08 -48.29 -33.08
CA VAL S 84 22.73 -48.68 -31.84
C VAL S 84 24.21 -48.35 -31.96
N ALA S 85 24.78 -47.73 -30.92
CA ALA S 85 26.16 -47.27 -30.96
C ALA S 85 27.07 -48.21 -30.18
N THR S 86 28.18 -48.59 -30.80
CA THR S 86 29.26 -49.35 -30.18
C THR S 86 30.57 -48.78 -30.68
N PRO S 87 31.66 -48.93 -29.92
CA PRO S 87 32.95 -48.37 -30.35
C PRO S 87 33.38 -48.80 -31.74
N ARG S 88 32.94 -49.97 -32.22
CA ARG S 88 33.30 -50.46 -33.54
C ARG S 88 32.45 -49.86 -34.64
N GLY S 89 31.81 -48.73 -34.40
CA GLY S 89 30.92 -48.11 -35.37
C GLY S 89 29.47 -48.49 -35.13
N LEU S 90 28.57 -47.55 -35.43
CA LEU S 90 27.16 -47.75 -35.12
C LEU S 90 26.59 -48.91 -35.93
N VAL S 91 25.81 -49.75 -35.26
CA VAL S 91 25.17 -50.91 -35.88
C VAL S 91 23.66 -50.70 -35.80
N VAL S 92 22.96 -51.16 -36.84
CA VAL S 92 21.52 -50.93 -36.95
C VAL S 92 20.77 -52.25 -36.92
N PRO S 93 20.38 -52.73 -35.75
CA PRO S 93 19.53 -53.93 -35.69
C PRO S 93 18.08 -53.59 -36.01
N VAL S 94 17.32 -54.63 -36.35
CA VAL S 94 15.94 -54.48 -36.81
C VAL S 94 15.04 -55.22 -35.83
N ILE S 95 13.97 -54.55 -35.41
CA ILE S 95 12.93 -55.20 -34.62
C ILE S 95 11.82 -55.64 -35.57
N ARG S 96 11.21 -56.79 -35.26
CA ARG S 96 10.33 -57.46 -36.20
C ARG S 96 8.90 -57.43 -35.70
N ASN S 97 7.96 -57.17 -36.61
CA ASN S 97 6.53 -57.15 -36.32
C ASN S 97 6.22 -56.19 -35.16
N VAL S 98 6.58 -54.92 -35.37
CA VAL S 98 6.33 -53.89 -34.36
C VAL S 98 4.85 -53.56 -34.25
N GLU S 99 4.03 -54.10 -35.16
CA GLU S 99 2.59 -53.82 -35.14
C GLU S 99 1.96 -54.23 -33.81
N THR S 100 2.26 -55.44 -33.34
CA THR S 100 1.67 -55.96 -32.12
C THR S 100 2.73 -55.88 -31.02
N MET S 101 2.87 -54.70 -30.43
CA MET S 101 3.72 -54.48 -29.27
C MET S 101 3.13 -53.35 -28.44
N ASN S 102 3.56 -53.30 -27.19
CA ASN S 102 3.33 -52.16 -26.31
C ASN S 102 4.68 -51.57 -25.92
N TYR S 103 4.66 -50.66 -24.96
CA TYR S 103 5.90 -49.99 -24.56
C TYR S 103 6.87 -50.95 -23.90
N ALA S 104 6.38 -52.04 -23.30
CA ALA S 104 7.26 -52.99 -22.65
C ALA S 104 8.02 -53.84 -23.66
N ASP S 105 7.34 -54.32 -24.70
CA ASP S 105 7.99 -55.20 -25.68
C ASP S 105 9.09 -54.49 -26.43
N ILE S 106 8.86 -53.25 -26.84
CA ILE S 106 9.88 -52.52 -27.59
C ILE S 106 11.12 -52.29 -26.73
N GLU S 107 10.92 -51.88 -25.48
CA GLU S 107 12.06 -51.67 -24.59
C GLU S 107 12.80 -52.98 -24.34
N ARG S 108 12.08 -54.08 -24.15
CA ARG S 108 12.73 -55.37 -23.95
C ARG S 108 13.56 -55.76 -25.17
N THR S 109 13.00 -55.60 -26.36
CA THR S 109 13.73 -55.92 -27.59
C THR S 109 14.97 -55.06 -27.74
N ILE S 110 14.84 -53.76 -27.47
CA ILE S 110 15.97 -52.84 -27.63
C ILE S 110 17.07 -53.18 -26.64
N ASN S 111 16.71 -53.47 -25.38
CA ASN S 111 17.72 -53.85 -24.41
C ASN S 111 18.40 -55.16 -24.81
N GLU S 112 17.62 -56.12 -25.32
CA GLU S 112 18.18 -57.40 -25.74
C GLU S 112 19.19 -57.21 -26.85
N LEU S 113 18.84 -56.43 -27.87
CA LEU S 113 19.78 -56.23 -28.98
C LEU S 113 20.97 -55.37 -28.57
N GLY S 114 20.79 -54.45 -27.63
CA GLY S 114 21.93 -53.71 -27.11
C GLY S 114 22.91 -54.60 -26.37
N GLU S 115 22.40 -55.51 -25.53
CA GLU S 115 23.26 -56.48 -24.88
C GLU S 115 23.91 -57.41 -25.88
N LYS S 116 23.20 -57.72 -26.97
CA LYS S 116 23.81 -58.50 -28.04
C LYS S 116 24.97 -57.76 -28.68
N ALA S 117 24.81 -56.46 -28.92
CA ALA S 117 25.87 -55.67 -29.55
C ALA S 117 27.06 -55.49 -28.62
N ARG S 118 26.81 -55.38 -27.31
CA ARG S 118 27.92 -55.16 -26.38
C ARG S 118 28.91 -56.33 -26.40
N LYS S 119 28.42 -57.56 -26.41
CA LYS S 119 29.28 -58.72 -26.52
C LYS S 119 29.55 -59.12 -27.97
N ASN S 120 28.91 -58.44 -28.92
CA ASN S 120 29.17 -58.61 -30.35
C ASN S 120 28.85 -60.03 -30.83
N GLU S 121 27.57 -60.41 -30.70
CA GLU S 121 27.05 -61.60 -31.38
C GLU S 121 25.85 -61.13 -32.20
N LEU S 122 26.12 -60.62 -33.39
CA LEU S 122 25.09 -60.11 -34.28
C LEU S 122 25.07 -60.93 -35.57
N ALA S 123 23.89 -61.39 -35.96
CA ALA S 123 23.73 -62.25 -37.11
C ALA S 123 23.11 -61.46 -38.26
N ILE S 124 22.91 -62.14 -39.39
CA ILE S 124 22.30 -61.49 -40.56
C ILE S 124 20.82 -61.22 -40.30
N GLU S 125 20.14 -62.16 -39.64
CA GLU S 125 18.69 -62.05 -39.49
C GLU S 125 18.29 -60.81 -38.71
N ASP S 126 18.99 -60.52 -37.62
CA ASP S 126 18.70 -59.34 -36.82
C ASP S 126 19.50 -58.12 -37.29
N MET S 127 19.88 -58.08 -38.56
CA MET S 127 20.65 -56.98 -39.12
C MET S 127 20.06 -56.40 -40.38
N ASP S 128 19.34 -57.17 -41.18
CA ASP S 128 18.79 -56.69 -42.45
C ASP S 128 17.31 -57.06 -42.52
N GLY S 129 16.66 -56.57 -43.58
CA GLY S 129 15.26 -56.84 -43.80
C GLY S 129 14.30 -55.80 -43.30
N GLY S 130 14.79 -54.61 -42.93
CA GLY S 130 13.91 -53.60 -42.38
C GLY S 130 13.03 -52.94 -43.43
N THR S 131 12.03 -52.22 -42.93
CA THR S 131 11.07 -51.50 -43.78
C THR S 131 10.99 -50.02 -43.48
N PHE S 132 11.19 -49.62 -42.23
CA PHE S 132 11.19 -48.21 -41.83
C PHE S 132 12.37 -48.01 -40.91
N THR S 133 13.11 -46.92 -41.11
CA THR S 133 14.30 -46.64 -40.31
C THR S 133 14.01 -45.52 -39.33
N ILE S 134 14.61 -45.62 -38.14
CA ILE S 134 14.59 -44.55 -37.14
C ILE S 134 16.04 -44.31 -36.74
N SER S 135 16.49 -43.07 -36.85
CA SER S 135 17.87 -42.73 -36.55
C SER S 135 17.95 -42.02 -35.19
N ASN S 136 18.84 -42.53 -34.34
CA ASN S 136 19.08 -41.94 -33.02
C ASN S 136 20.21 -40.92 -33.15
N GLY S 137 19.85 -39.66 -33.38
CA GLY S 137 20.84 -38.62 -33.55
C GLY S 137 20.79 -37.56 -32.49
N GLY S 138 19.83 -37.69 -31.56
CA GLY S 138 19.67 -36.71 -30.50
C GLY S 138 20.53 -36.95 -29.28
N VAL S 139 21.11 -38.13 -29.12
CA VAL S 139 21.97 -38.38 -27.98
C VAL S 139 23.26 -37.58 -28.08
N PHE S 140 23.72 -37.29 -29.29
CA PHE S 140 24.86 -36.40 -29.46
C PHE S 140 24.42 -34.96 -29.71
N GLY S 141 23.47 -34.48 -28.89
CA GLY S 141 23.02 -33.10 -28.90
C GLY S 141 22.84 -32.41 -30.24
N SER S 142 22.22 -33.10 -31.20
CA SER S 142 21.95 -32.49 -32.49
C SER S 142 20.64 -31.71 -32.44
N LEU S 143 20.56 -30.64 -33.24
CA LEU S 143 19.37 -29.79 -33.26
C LEU S 143 18.36 -30.29 -34.28
N PHE S 144 18.75 -30.33 -35.55
CA PHE S 144 17.96 -30.96 -36.61
C PHE S 144 18.80 -31.01 -37.87
N GLY S 145 18.38 -31.87 -38.80
CA GLY S 145 19.11 -32.04 -40.04
C GLY S 145 18.44 -33.12 -40.87
N THR S 146 19.04 -33.37 -42.04
CA THR S 146 18.47 -34.33 -42.98
C THR S 146 19.13 -35.69 -42.78
N PRO S 147 18.36 -36.75 -42.53
CA PRO S 147 18.94 -38.09 -42.42
C PRO S 147 19.02 -38.81 -43.76
N ILE S 148 19.89 -39.81 -43.80
CA ILE S 148 20.10 -40.63 -44.99
C ILE S 148 19.26 -41.90 -44.86
N ILE S 149 18.63 -42.30 -45.96
CA ILE S 149 17.77 -43.47 -45.97
C ILE S 149 18.62 -44.73 -45.92
N ASN S 150 18.29 -45.63 -44.99
CA ASN S 150 18.94 -46.93 -44.95
C ASN S 150 18.35 -47.81 -46.04
N PRO S 151 19.01 -48.11 -47.18
CA PRO S 151 18.33 -48.84 -48.26
C PRO S 151 18.15 -50.31 -47.89
N PRO S 152 17.04 -50.99 -48.28
CA PRO S 152 16.27 -50.61 -49.45
C PRO S 152 14.95 -49.95 -49.06
N GLN S 153 14.86 -49.40 -47.85
CA GLN S 153 13.57 -48.87 -47.42
C GLN S 153 13.27 -47.56 -48.14
N SER S 154 12.02 -47.11 -48.02
CA SER S 154 11.55 -45.95 -48.76
C SER S 154 11.36 -44.71 -47.91
N ALA S 155 11.67 -44.77 -46.62
CA ALA S 155 11.56 -43.59 -45.75
C ALA S 155 12.37 -43.82 -44.50
N ILE S 156 12.62 -42.74 -43.77
CA ILE S 156 13.36 -42.79 -42.51
C ILE S 156 12.89 -41.62 -41.64
N LEU S 157 12.70 -41.89 -40.36
CA LEU S 157 12.37 -40.86 -39.38
C LEU S 157 13.59 -40.59 -38.51
N GLY S 158 13.93 -39.32 -38.34
CA GLY S 158 15.08 -38.94 -37.54
C GLY S 158 14.75 -38.02 -36.38
N MET S 159 14.92 -38.51 -35.15
CA MET S 159 14.76 -37.68 -33.96
C MET S 159 16.05 -36.91 -33.71
N HIS S 160 15.93 -35.82 -32.97
CA HIS S 160 17.06 -35.00 -32.61
C HIS S 160 17.03 -34.71 -31.11
N GLY S 161 17.94 -33.86 -30.66
CA GLY S 161 18.03 -33.57 -29.24
C GLY S 161 16.80 -32.86 -28.72
N ILE S 162 16.44 -33.18 -27.48
CA ILE S 162 15.33 -32.54 -26.79
C ILE S 162 15.87 -31.34 -26.02
N PHE S 163 15.57 -30.14 -26.51
CA PHE S 163 16.10 -28.91 -25.95
C PHE S 163 14.95 -28.09 -25.38
N ASP S 164 15.18 -27.51 -24.20
CA ASP S 164 14.19 -26.62 -23.59
C ASP S 164 14.12 -25.34 -24.41
N ARG S 165 12.94 -25.07 -24.97
CA ARG S 165 12.78 -23.98 -25.92
C ARG S 165 11.53 -23.19 -25.59
N PRO S 166 11.56 -21.86 -25.75
CA PRO S 166 10.35 -21.06 -25.48
C PRO S 166 9.34 -21.19 -26.61
N VAL S 167 8.14 -21.65 -26.27
CA VAL S 167 7.10 -21.93 -27.24
C VAL S 167 5.85 -21.15 -26.85
N ALA S 168 5.03 -20.84 -27.84
CA ALA S 168 3.80 -20.09 -27.63
C ALA S 168 2.62 -21.04 -27.84
N VAL S 169 2.14 -21.64 -26.74
CA VAL S 169 0.93 -22.43 -26.76
C VAL S 169 -0.04 -21.84 -25.74
N GLY S 170 -1.26 -21.58 -26.18
CA GLY S 170 -2.23 -20.90 -25.34
C GLY S 170 -2.01 -19.41 -25.21
N GLY S 171 -1.30 -18.79 -26.16
CA GLY S 171 -1.10 -17.37 -26.17
C GLY S 171 0.01 -16.85 -25.28
N LYS S 172 0.68 -17.71 -24.53
CA LYS S 172 1.75 -17.32 -23.63
C LYS S 172 3.03 -18.04 -24.00
N VAL S 173 4.16 -17.49 -23.56
CA VAL S 173 5.46 -18.12 -23.78
C VAL S 173 5.86 -18.89 -22.52
N GLU S 174 6.01 -20.21 -22.66
CA GLU S 174 6.58 -21.04 -21.59
C GLU S 174 7.63 -21.97 -22.18
N VAL S 175 8.62 -22.30 -21.35
CA VAL S 175 9.72 -23.16 -21.78
C VAL S 175 9.26 -24.61 -21.73
N ARG S 176 9.19 -25.25 -22.90
CA ARG S 176 8.72 -26.62 -23.01
C ARG S 176 9.77 -27.47 -23.72
N PRO S 177 9.94 -28.71 -23.31
CA PRO S 177 10.91 -29.59 -23.99
C PRO S 177 10.42 -30.06 -25.34
N MET S 178 11.01 -29.55 -26.42
CA MET S 178 10.67 -29.98 -27.77
C MET S 178 11.88 -30.63 -28.43
N MET S 179 11.58 -31.40 -29.47
CA MET S 179 12.62 -31.90 -30.36
C MET S 179 12.12 -31.74 -31.79
N TYR S 180 13.04 -31.44 -32.70
CA TYR S 180 12.71 -31.36 -34.11
C TYR S 180 12.76 -32.76 -34.71
N VAL S 181 11.67 -33.18 -35.33
CA VAL S 181 11.58 -34.45 -36.02
C VAL S 181 11.58 -34.18 -37.52
N ALA S 182 12.22 -35.06 -38.28
CA ALA S 182 12.31 -34.94 -39.72
C ALA S 182 12.24 -36.33 -40.34
N LEU S 183 11.63 -36.42 -41.52
CA LEU S 183 11.66 -37.66 -42.29
C LEU S 183 12.11 -37.37 -43.71
N THR S 184 12.98 -38.24 -44.22
CA THR S 184 13.43 -38.18 -45.60
C THR S 184 12.76 -39.31 -46.36
N TYR S 185 11.97 -38.96 -47.37
CA TYR S 185 11.11 -39.92 -48.04
C TYR S 185 11.46 -40.00 -49.52
N ASP S 186 11.36 -41.21 -50.06
CA ASP S 186 11.61 -41.45 -51.48
C ASP S 186 10.52 -40.76 -52.28
N HIS S 187 10.86 -39.65 -52.93
CA HIS S 187 9.86 -38.82 -53.60
C HIS S 187 9.19 -39.54 -54.75
N ARG S 188 9.80 -40.58 -55.30
CA ARG S 188 9.17 -41.31 -56.40
C ARG S 188 7.89 -42.01 -55.96
N LEU S 189 7.87 -42.52 -54.73
CA LEU S 189 6.73 -43.29 -54.22
C LEU S 189 5.81 -42.45 -53.35
N ILE S 190 6.32 -41.87 -52.27
CA ILE S 190 5.51 -41.11 -51.33
C ILE S 190 5.32 -39.70 -51.87
N ASP S 191 4.07 -39.26 -51.94
CA ASP S 191 3.77 -37.89 -52.33
C ASP S 191 4.06 -36.95 -51.17
N GLY S 192 4.24 -35.66 -51.49
CA GLY S 192 4.59 -34.69 -50.46
C GLY S 192 3.53 -34.55 -49.39
N ARG S 193 2.26 -34.51 -49.79
CA ARG S 193 1.18 -34.43 -48.80
C ARG S 193 1.15 -35.66 -47.92
N GLU S 194 1.40 -36.84 -48.50
CA GLU S 194 1.45 -38.05 -47.70
C GLU S 194 2.56 -37.98 -46.67
N ALA S 195 3.73 -37.45 -47.06
CA ALA S 195 4.83 -37.33 -46.12
C ALA S 195 4.49 -36.35 -44.99
N VAL S 196 3.89 -35.21 -45.34
CA VAL S 196 3.52 -34.23 -44.31
C VAL S 196 2.50 -34.83 -43.34
N THR S 197 1.49 -35.51 -43.87
CA THR S 197 0.48 -36.12 -43.01
C THR S 197 1.07 -37.23 -42.16
N PHE S 198 1.99 -38.00 -42.71
CA PHE S 198 2.65 -39.06 -41.93
C PHE S 198 3.43 -38.48 -40.76
N LEU S 199 4.20 -37.41 -41.03
CA LEU S 199 4.96 -36.79 -39.95
C LEU S 199 4.03 -36.19 -38.91
N ARG S 200 2.93 -35.59 -39.32
CA ARG S 200 1.99 -35.02 -38.36
C ARG S 200 1.28 -36.11 -37.55
N LYS S 201 1.01 -37.26 -38.16
CA LYS S 201 0.42 -38.36 -37.41
C LYS S 201 1.40 -38.87 -36.35
N ILE S 202 2.68 -38.97 -36.72
CA ILE S 202 3.69 -39.35 -35.74
C ILE S 202 3.76 -38.31 -34.61
N LYS S 203 3.70 -37.03 -34.98
CA LYS S 203 3.72 -35.96 -33.99
C LYS S 203 2.54 -36.06 -33.04
N ALA S 204 1.35 -36.30 -33.58
CA ALA S 204 0.16 -36.42 -32.75
C ALA S 204 0.23 -37.62 -31.82
N ALA S 205 0.76 -38.74 -32.31
CA ALA S 205 0.87 -39.94 -31.48
C ALA S 205 1.88 -39.75 -30.36
N VAL S 206 3.01 -39.10 -30.64
CA VAL S 206 4.02 -38.88 -29.60
C VAL S 206 3.53 -37.85 -28.59
N GLU S 207 2.89 -36.78 -29.06
CA GLU S 207 2.41 -35.74 -28.15
C GLU S 207 1.37 -36.27 -27.19
N ASP S 208 0.45 -37.11 -27.69
CA ASP S 208 -0.59 -37.72 -26.88
C ASP S 208 -0.52 -39.23 -27.07
N PRO S 209 0.23 -39.94 -26.22
CA PRO S 209 0.36 -41.39 -26.40
C PRO S 209 -0.96 -42.12 -26.28
N ARG S 210 -1.99 -41.47 -25.75
CA ARG S 210 -3.29 -42.07 -25.55
C ARG S 210 -4.11 -42.12 -26.85
N VAL S 211 -3.69 -41.37 -27.87
CA VAL S 211 -4.30 -41.51 -29.19
C VAL S 211 -4.06 -42.90 -29.75
N LEU S 212 -2.90 -43.49 -29.44
CA LEU S 212 -2.65 -44.88 -29.79
C LEU S 212 -3.79 -45.78 -29.31
N LEU S 213 -4.18 -45.61 -28.05
CA LEU S 213 -5.31 -46.36 -27.51
C LEU S 213 -6.60 -45.98 -28.22
N LEU S 214 -6.81 -44.69 -28.46
CA LEU S 214 -8.06 -44.22 -29.03
C LEU S 214 -8.19 -44.53 -30.52
N ASP S 215 -7.10 -44.90 -31.18
CA ASP S 215 -7.10 -45.33 -32.59
C ASP S 215 -7.69 -44.25 -33.49
N LEU S 216 -7.09 -43.07 -33.44
CA LEU S 216 -7.50 -41.98 -34.32
C LEU S 216 -6.78 -42.08 -35.65
N ASN T 6 -22.58 -69.80 6.94
CA ASN T 6 -23.39 -71.00 7.09
C ASN T 6 -24.52 -70.78 8.09
N THR T 7 -24.17 -70.22 9.24
CA THR T 7 -25.12 -69.94 10.31
C THR T 7 -25.25 -68.47 10.63
N CYS T 8 -24.14 -67.73 10.69
CA CYS T 8 -24.17 -66.33 11.05
C CYS T 8 -24.72 -65.49 9.92
N ALA T 9 -25.69 -64.63 10.23
CA ALA T 9 -26.25 -63.69 9.26
C ALA T 9 -25.51 -62.37 9.43
N MET T 10 -24.52 -62.15 8.57
CA MET T 10 -23.62 -61.01 8.75
C MET T 10 -24.25 -59.74 8.21
N LEU T 11 -23.82 -58.61 8.76
CA LEU T 11 -24.29 -57.30 8.33
C LEU T 11 -23.23 -56.27 8.70
N THR T 12 -23.02 -55.28 7.83
CA THR T 12 -21.91 -54.36 7.97
C THR T 12 -22.40 -52.95 8.23
N THR T 13 -21.66 -52.24 9.09
CA THR T 13 -21.83 -50.81 9.29
C THR T 13 -20.47 -50.14 9.21
N PHE T 14 -20.45 -48.89 8.73
CA PHE T 14 -19.21 -48.22 8.40
C PHE T 14 -19.07 -46.93 9.18
N ASN T 15 -17.82 -46.48 9.33
CA ASN T 15 -17.50 -45.22 9.98
C ASN T 15 -16.15 -44.76 9.47
N GLU T 16 -15.69 -43.62 10.00
CA GLU T 16 -14.41 -43.06 9.65
C GLU T 16 -13.59 -42.78 10.90
N VAL T 17 -12.30 -43.07 10.85
CA VAL T 17 -11.39 -42.87 11.96
C VAL T 17 -10.31 -41.89 11.52
N ASP T 18 -10.05 -40.88 12.33
CA ASP T 18 -9.00 -39.91 12.05
C ASP T 18 -7.68 -40.47 12.54
N MET T 19 -6.73 -40.64 11.63
CA MET T 19 -5.45 -41.28 11.93
C MET T 19 -4.36 -40.26 12.24
N SER T 20 -4.71 -39.09 12.78
CA SER T 20 -3.70 -38.06 13.01
C SER T 20 -2.95 -38.30 14.31
N ASN T 21 -3.66 -38.50 15.42
CA ASN T 21 -3.02 -38.63 16.72
C ASN T 21 -2.10 -39.84 16.79
N ILE T 22 -2.54 -40.97 16.22
CA ILE T 22 -1.72 -42.17 16.18
C ILE T 22 -0.41 -41.90 15.44
N GLN T 23 -0.50 -41.22 14.29
CA GLN T 23 0.68 -40.97 13.49
C GLN T 23 1.60 -39.98 14.19
N GLU T 24 1.02 -39.01 14.91
CA GLU T 24 1.84 -38.09 15.71
C GLU T 24 2.59 -38.84 16.79
N MET T 25 1.91 -39.76 17.49
CA MET T 25 2.61 -40.43 18.58
C MET T 25 3.70 -41.34 18.04
N ARG T 26 3.45 -41.99 16.89
CA ARG T 26 4.52 -42.78 16.29
C ARG T 26 5.70 -41.91 15.86
N ALA T 27 5.41 -40.77 15.23
CA ALA T 27 6.50 -39.89 14.80
C ALA T 27 7.31 -39.41 15.99
N ARG T 28 6.66 -39.21 17.14
CA ARG T 28 7.40 -38.80 18.33
C ARG T 28 8.22 -39.94 18.92
N HIS T 29 7.66 -41.16 18.95
CA HIS T 29 8.20 -42.21 19.80
C HIS T 29 8.82 -43.38 19.04
N LYS T 30 9.02 -43.29 17.73
CA LYS T 30 9.66 -44.39 17.01
C LYS T 30 11.07 -44.66 17.53
N ASP T 31 11.86 -43.59 17.73
CA ASP T 31 13.24 -43.77 18.17
C ASP T 31 13.30 -44.37 19.55
N ALA T 32 12.46 -43.89 20.48
CA ALA T 32 12.43 -44.46 21.81
C ALA T 32 11.98 -45.91 21.78
N PHE T 33 10.98 -46.23 20.95
CA PHE T 33 10.50 -47.59 20.84
C PHE T 33 11.60 -48.53 20.35
N LEU T 34 12.33 -48.11 19.31
CA LEU T 34 13.42 -48.94 18.81
C LEU T 34 14.55 -49.08 19.83
N LYS T 35 14.90 -48.00 20.51
CA LYS T 35 16.02 -48.06 21.44
C LYS T 35 15.69 -48.90 22.67
N LYS T 36 14.44 -48.89 23.11
CA LYS T 36 14.07 -49.65 24.30
C LYS T 36 13.68 -51.08 23.97
N HIS T 37 12.67 -51.26 23.12
CA HIS T 37 12.09 -52.57 22.86
C HIS T 37 12.75 -53.31 21.71
N ASN T 38 13.72 -52.69 21.03
CA ASN T 38 14.34 -53.27 19.84
C ASN T 38 13.27 -53.68 18.83
N LEU T 39 12.29 -52.80 18.65
CA LEU T 39 11.07 -53.14 17.93
C LEU T 39 10.53 -51.88 17.25
N LYS T 40 9.72 -52.08 16.22
CA LYS T 40 9.19 -50.99 15.42
C LYS T 40 7.72 -50.76 15.73
N LEU T 41 7.37 -49.50 16.01
CA LEU T 41 5.99 -49.15 16.36
C LEU T 41 5.11 -49.12 15.12
N GLY T 42 3.86 -49.56 15.27
CA GLY T 42 2.92 -49.63 14.17
C GLY T 42 1.50 -49.31 14.59
N PHE T 43 0.61 -49.34 13.60
CA PHE T 43 -0.80 -49.04 13.79
C PHE T 43 -1.61 -50.17 14.41
N MET T 44 -1.13 -51.41 14.30
CA MET T 44 -1.98 -52.54 14.65
C MET T 44 -2.20 -52.64 16.15
N SER T 45 -1.17 -52.33 16.95
CA SER T 45 -1.31 -52.40 18.40
C SER T 45 -2.41 -51.46 18.89
N ALA T 46 -2.47 -50.25 18.32
CA ALA T 46 -3.49 -49.29 18.73
C ALA T 46 -4.89 -49.83 18.47
N PHE T 47 -5.10 -50.44 17.30
CA PHE T 47 -6.44 -50.91 16.96
C PHE T 47 -6.81 -52.15 17.76
N VAL T 48 -5.85 -53.04 18.01
CA VAL T 48 -6.14 -54.20 18.86
C VAL T 48 -6.49 -53.75 20.26
N LYS T 49 -5.75 -52.79 20.81
CA LYS T 49 -6.07 -52.30 22.15
C LYS T 49 -7.42 -51.61 22.19
N ALA T 50 -7.74 -50.82 21.16
CA ALA T 50 -9.03 -50.16 21.11
C ALA T 50 -10.17 -51.17 21.05
N SER T 51 -10.02 -52.21 20.22
CA SER T 51 -11.06 -53.22 20.12
C SER T 51 -11.20 -54.00 21.42
N ALA T 52 -10.08 -54.30 22.08
CA ALA T 52 -10.14 -54.98 23.38
C ALA T 52 -10.85 -54.12 24.42
N PHE T 53 -10.58 -52.82 24.40
CA PHE T 53 -11.26 -51.90 25.32
C PHE T 53 -12.76 -51.88 25.07
N ALA T 54 -13.15 -51.72 23.80
CA ALA T 54 -14.58 -51.72 23.46
C ALA T 54 -15.22 -53.07 23.75
N LEU T 55 -14.45 -54.15 23.79
CA LEU T 55 -15.00 -55.47 24.05
C LEU T 55 -15.21 -55.70 25.55
N GLN T 56 -14.20 -55.38 26.36
CA GLN T 56 -14.41 -55.56 27.81
C GLN T 56 -15.39 -54.53 28.36
N GLU T 57 -15.53 -53.39 27.68
CA GLU T 57 -16.54 -52.42 28.09
C GLU T 57 -17.93 -52.89 27.66
N GLN T 58 -18.02 -53.63 26.56
CA GLN T 58 -19.28 -54.11 25.98
C GLN T 58 -19.19 -55.63 25.82
N PRO T 59 -19.63 -56.45 26.81
CA PRO T 59 -19.36 -57.90 26.79
C PRO T 59 -20.34 -58.76 26.00
N VAL T 60 -21.00 -58.17 25.01
CA VAL T 60 -22.00 -58.87 24.23
C VAL T 60 -21.43 -59.35 22.90
N VAL T 61 -20.70 -58.49 22.19
CA VAL T 61 -19.96 -58.93 21.00
C VAL T 61 -18.85 -59.92 21.36
N ASN T 62 -18.42 -59.93 22.62
CA ASN T 62 -17.42 -60.86 23.12
C ASN T 62 -17.99 -62.26 23.32
N ALA T 63 -19.18 -62.53 22.82
CA ALA T 63 -19.90 -63.77 23.06
C ALA T 63 -20.24 -64.45 21.73
N VAL T 64 -20.60 -65.73 21.83
CA VAL T 64 -20.98 -66.53 20.67
C VAL T 64 -22.22 -67.34 21.03
N ILE T 65 -22.88 -67.85 19.99
CA ILE T 65 -24.04 -68.72 20.14
C ILE T 65 -23.58 -70.16 20.11
N ASP T 66 -23.80 -70.88 21.21
CA ASP T 66 -23.44 -72.29 21.29
C ASP T 66 -24.55 -73.13 20.68
N ASP T 67 -24.31 -73.67 19.48
CA ASP T 67 -25.35 -74.41 18.77
C ASP T 67 -25.73 -75.70 19.46
N ALA T 68 -24.86 -76.23 20.34
CA ALA T 68 -25.18 -77.46 21.05
C ALA T 68 -26.31 -77.22 22.07
N THR T 69 -26.27 -76.10 22.77
CA THR T 69 -27.26 -75.80 23.80
C THR T 69 -28.17 -74.62 23.48
N LYS T 70 -27.96 -73.95 22.35
CA LYS T 70 -28.73 -72.75 21.99
C LYS T 70 -28.65 -71.70 23.10
N GLU T 71 -27.45 -71.51 23.64
CA GLU T 71 -27.20 -70.52 24.67
C GLU T 71 -26.20 -69.49 24.16
N VAL T 72 -26.03 -68.43 24.94
CA VAL T 72 -25.04 -67.40 24.67
C VAL T 72 -23.95 -67.54 25.73
N VAL T 73 -22.76 -67.93 25.30
CA VAL T 73 -21.64 -68.17 26.20
C VAL T 73 -20.83 -66.89 26.30
N TYR T 74 -20.53 -66.47 27.52
CA TYR T 74 -19.77 -65.25 27.77
C TYR T 74 -18.39 -65.59 28.26
N ARG T 75 -17.40 -64.83 27.80
CA ARG T 75 -15.99 -65.11 28.07
C ARG T 75 -15.42 -64.03 28.95
N ASP T 76 -14.86 -64.41 30.09
CA ASP T 76 -14.05 -63.50 30.89
C ASP T 76 -12.75 -63.13 30.19
N TYR T 77 -12.37 -63.87 29.15
CA TYR T 77 -11.15 -63.63 28.41
C TYR T 77 -11.46 -63.08 27.03
N ILE T 78 -10.65 -62.13 26.57
CA ILE T 78 -10.78 -61.55 25.25
C ILE T 78 -9.62 -62.05 24.39
N ASP T 79 -9.96 -62.70 23.29
CA ASP T 79 -8.97 -63.28 22.37
C ASP T 79 -9.24 -62.73 20.98
N ILE T 80 -8.41 -61.79 20.53
CA ILE T 80 -8.60 -61.13 19.25
C ILE T 80 -7.67 -61.76 18.23
N SER T 81 -8.24 -62.27 17.14
CA SER T 81 -7.47 -62.88 16.07
C SER T 81 -7.13 -61.82 15.04
N VAL T 82 -5.85 -61.73 14.69
CA VAL T 82 -5.34 -60.70 13.80
C VAL T 82 -4.85 -61.39 12.53
N ALA T 83 -4.86 -60.65 11.42
CA ALA T 83 -4.39 -61.20 10.16
C ALA T 83 -2.97 -60.75 9.87
N VAL T 84 -2.08 -61.73 9.64
CA VAL T 84 -0.68 -61.48 9.33
C VAL T 84 -0.39 -62.07 7.97
N ALA T 85 0.26 -61.28 7.11
CA ALA T 85 0.53 -61.69 5.74
C ALA T 85 1.84 -62.48 5.68
N THR T 86 1.78 -63.66 5.07
CA THR T 86 2.94 -64.49 4.80
C THR T 86 2.94 -64.90 3.34
N PRO T 87 4.12 -65.10 2.75
CA PRO T 87 4.16 -65.56 1.34
C PRO T 87 3.47 -66.89 1.12
N ARG T 88 3.55 -67.81 2.09
CA ARG T 88 2.92 -69.11 1.94
C ARG T 88 1.39 -69.03 1.95
N GLY T 89 0.84 -67.94 2.44
CA GLY T 89 -0.60 -67.77 2.49
C GLY T 89 -0.98 -66.85 3.63
N LEU T 90 -2.29 -66.76 3.88
CA LEU T 90 -2.85 -65.92 4.93
C LEU T 90 -3.25 -66.78 6.12
N VAL T 91 -2.95 -66.32 7.33
CA VAL T 91 -3.31 -67.00 8.56
C VAL T 91 -3.94 -65.99 9.50
N VAL T 92 -4.67 -66.49 10.49
CA VAL T 92 -5.32 -65.64 11.48
C VAL T 92 -4.98 -66.13 12.88
N PRO T 93 -3.77 -65.88 13.37
CA PRO T 93 -3.43 -66.25 14.74
C PRO T 93 -4.10 -65.35 15.75
N VAL T 94 -4.14 -65.82 16.99
CA VAL T 94 -4.90 -65.19 18.06
C VAL T 94 -3.93 -64.71 19.14
N ILE T 95 -4.14 -63.49 19.61
CA ILE T 95 -3.43 -62.95 20.77
C ILE T 95 -4.30 -63.21 22.00
N ARG T 96 -3.69 -63.78 23.04
CA ARG T 96 -4.43 -64.24 24.20
C ARG T 96 -4.31 -63.24 25.35
N ASN T 97 -5.44 -62.99 26.01
CA ASN T 97 -5.50 -62.11 27.19
C ASN T 97 -4.98 -60.72 26.87
N VAL T 98 -5.70 -60.02 25.99
CA VAL T 98 -5.29 -58.69 25.57
C VAL T 98 -5.34 -57.66 26.70
N GLU T 99 -6.16 -57.90 27.74
CA GLU T 99 -6.29 -56.92 28.81
C GLU T 99 -4.97 -56.69 29.53
N THR T 100 -4.23 -57.76 29.80
CA THR T 100 -3.02 -57.68 30.62
C THR T 100 -1.81 -57.16 29.86
N MET T 101 -2.00 -56.58 28.68
CA MET T 101 -0.86 -56.06 27.92
C MET T 101 -1.15 -54.65 27.40
N ASN T 102 -0.08 -53.87 27.28
CA ASN T 102 -0.07 -52.54 26.71
C ASN T 102 0.39 -52.60 25.26
N TYR T 103 0.71 -51.44 24.68
CA TYR T 103 1.13 -51.39 23.27
C TYR T 103 2.42 -52.17 23.06
N ALA T 104 3.39 -52.02 23.96
CA ALA T 104 4.69 -52.67 23.78
C ALA T 104 4.54 -54.18 23.80
N ASP T 105 3.73 -54.70 24.71
CA ASP T 105 3.56 -56.15 24.79
C ASP T 105 2.86 -56.69 23.54
N ILE T 106 1.87 -55.95 23.03
CA ILE T 106 1.19 -56.36 21.79
C ILE T 106 2.16 -56.37 20.63
N GLU T 107 3.00 -55.34 20.52
CA GLU T 107 3.99 -55.31 19.46
C GLU T 107 4.97 -56.48 19.59
N ARG T 108 5.39 -56.77 20.82
CA ARG T 108 6.33 -57.87 21.03
C ARG T 108 5.72 -59.21 20.62
N THR T 109 4.47 -59.46 21.04
CA THR T 109 3.86 -60.74 20.72
C THR T 109 3.57 -60.84 19.23
N ILE T 110 3.18 -59.74 18.59
CA ILE T 110 2.90 -59.78 17.15
C ILE T 110 4.19 -59.99 16.36
N ASN T 111 5.30 -59.39 16.81
CA ASN T 111 6.57 -59.61 16.13
C ASN T 111 7.06 -61.04 16.29
N GLU T 112 6.98 -61.57 17.52
CA GLU T 112 7.41 -62.95 17.75
C GLU T 112 6.55 -63.92 16.96
N LEU T 113 5.24 -63.64 16.88
CA LEU T 113 4.35 -64.53 16.15
C LEU T 113 4.61 -64.46 14.65
N GLY T 114 4.89 -63.25 14.13
CA GLY T 114 5.27 -63.13 12.74
C GLY T 114 6.59 -63.80 12.41
N GLU T 115 7.55 -63.75 13.35
CA GLU T 115 8.80 -64.48 13.16
C GLU T 115 8.55 -65.99 13.15
N LYS T 116 7.67 -66.47 14.03
CA LYS T 116 7.35 -67.90 14.04
C LYS T 116 6.64 -68.32 12.76
N ALA T 117 5.73 -67.47 12.25
CA ALA T 117 5.00 -67.81 11.05
C ALA T 117 5.83 -67.64 9.79
N ARG T 118 6.90 -66.84 9.86
CA ARG T 118 7.79 -66.70 8.71
C ARG T 118 8.50 -68.01 8.40
N LYS T 119 8.98 -68.69 9.44
CA LYS T 119 9.65 -69.98 9.30
C LYS T 119 8.69 -71.15 9.40
N ASN T 120 7.38 -70.88 9.45
CA ASN T 120 6.35 -71.91 9.55
C ASN T 120 6.52 -72.77 10.80
N GLU T 121 7.05 -72.19 11.86
CA GLU T 121 7.17 -72.85 13.15
C GLU T 121 5.94 -72.65 14.02
N LEU T 122 4.89 -72.04 13.47
CA LEU T 122 3.66 -71.76 14.22
C LEU T 122 3.01 -73.08 14.60
N ALA T 123 2.96 -73.37 15.90
CA ALA T 123 2.29 -74.57 16.37
C ALA T 123 0.78 -74.36 16.38
N ILE T 124 0.06 -75.48 16.40
CA ILE T 124 -1.41 -75.42 16.45
C ILE T 124 -1.89 -74.85 17.77
N GLU T 125 -1.09 -74.96 18.83
CA GLU T 125 -1.47 -74.42 20.13
C GLU T 125 -1.54 -72.90 20.11
N ASP T 126 -1.00 -72.25 19.08
CA ASP T 126 -1.05 -70.80 19.00
C ASP T 126 -2.22 -70.31 18.15
N MET T 127 -2.58 -71.05 17.12
CA MET T 127 -3.64 -70.64 16.20
C MET T 127 -4.94 -71.35 16.56
N ASP T 128 -5.57 -70.86 17.62
CA ASP T 128 -6.80 -71.43 18.14
C ASP T 128 -7.36 -70.50 19.21
N GLY T 129 -8.61 -70.77 19.60
CA GLY T 129 -9.24 -70.05 20.69
C GLY T 129 -9.46 -68.57 20.42
N GLY T 130 -10.00 -68.23 19.26
CA GLY T 130 -10.27 -66.85 18.90
C GLY T 130 -11.67 -66.42 19.28
N THR T 131 -11.81 -65.13 19.61
CA THR T 131 -13.09 -64.56 20.03
C THR T 131 -13.56 -63.40 19.16
N PHE T 132 -12.66 -62.51 18.76
CA PHE T 132 -12.97 -61.39 17.87
C PHE T 132 -11.90 -61.33 16.79
N THR T 133 -12.26 -60.76 15.64
CA THR T 133 -11.36 -60.73 14.49
C THR T 133 -11.13 -59.29 14.05
N ILE T 134 -9.87 -58.97 13.76
CA ILE T 134 -9.48 -57.69 13.17
C ILE T 134 -8.69 -58.01 11.90
N SER T 135 -9.13 -57.48 10.77
CA SER T 135 -8.49 -57.74 9.49
C SER T 135 -7.82 -56.46 9.01
N ASN T 136 -6.51 -56.53 8.80
CA ASN T 136 -5.73 -55.38 8.34
C ASN T 136 -5.66 -55.45 6.82
N GLY T 137 -6.72 -54.99 6.17
CA GLY T 137 -6.77 -54.93 4.73
C GLY T 137 -6.21 -53.68 4.12
N GLY T 138 -5.71 -52.75 4.94
CA GLY T 138 -5.16 -51.50 4.42
C GLY T 138 -3.77 -51.62 3.86
N VAL T 139 -3.06 -52.71 4.17
CA VAL T 139 -1.74 -52.92 3.60
C VAL T 139 -1.80 -53.08 2.08
N PHE T 140 -2.95 -53.51 1.55
CA PHE T 140 -3.14 -53.64 0.11
C PHE T 140 -3.92 -52.47 -0.49
N GLY T 141 -4.24 -51.45 0.29
CA GLY T 141 -4.75 -50.20 -0.24
C GLY T 141 -6.23 -50.15 -0.55
N SER T 142 -7.07 -50.87 0.19
CA SER T 142 -8.50 -50.81 -0.03
C SER T 142 -9.08 -49.51 0.53
N LEU T 143 -10.17 -49.05 -0.09
CA LEU T 143 -10.86 -47.87 0.41
C LEU T 143 -11.84 -48.25 1.52
N PHE T 144 -12.84 -49.07 1.21
CA PHE T 144 -13.72 -49.64 2.21
C PHE T 144 -14.53 -50.76 1.56
N GLY T 145 -14.90 -51.73 2.38
CA GLY T 145 -15.62 -52.88 1.89
C GLY T 145 -16.18 -53.72 3.02
N THR T 146 -16.72 -54.87 2.67
CA THR T 146 -17.40 -55.74 3.62
C THR T 146 -16.57 -56.98 3.91
N PRO T 147 -16.15 -57.21 5.14
CA PRO T 147 -15.39 -58.43 5.46
C PRO T 147 -16.32 -59.59 5.78
N ILE T 148 -15.70 -60.73 6.13
CA ILE T 148 -16.41 -61.95 6.50
C ILE T 148 -15.95 -62.38 7.90
N ILE T 149 -16.83 -63.06 8.62
CA ILE T 149 -16.54 -63.44 9.99
C ILE T 149 -15.81 -64.78 10.01
N ASN T 150 -14.68 -64.82 10.71
CA ASN T 150 -13.96 -66.06 10.91
C ASN T 150 -14.64 -66.86 12.02
N PRO T 151 -15.14 -68.06 11.74
CA PRO T 151 -15.75 -68.85 12.81
C PRO T 151 -14.71 -69.38 13.77
N PRO T 152 -15.07 -69.64 15.03
CA PRO T 152 -16.41 -69.51 15.63
C PRO T 152 -16.69 -68.12 16.17
N GLN T 153 -15.97 -67.09 15.72
CA GLN T 153 -16.16 -65.75 16.25
C GLN T 153 -17.48 -65.16 15.78
N SER T 154 -17.83 -64.00 16.34
CA SER T 154 -19.13 -63.40 16.12
C SER T 154 -19.11 -62.08 15.33
N ALA T 155 -17.97 -61.42 15.25
CA ALA T 155 -17.88 -60.17 14.49
C ALA T 155 -16.46 -59.95 14.04
N ILE T 156 -16.29 -59.13 13.01
CA ILE T 156 -14.99 -58.79 12.47
C ILE T 156 -14.95 -57.30 12.15
N LEU T 157 -13.87 -56.64 12.53
CA LEU T 157 -13.65 -55.23 12.21
C LEU T 157 -12.78 -55.14 10.96
N GLY T 158 -13.25 -54.39 9.97
CA GLY T 158 -12.54 -54.26 8.72
C GLY T 158 -11.71 -52.99 8.63
N MET T 159 -10.41 -53.13 8.76
CA MET T 159 -9.51 -51.98 8.63
C MET T 159 -9.15 -51.78 7.16
N HIS T 160 -8.98 -50.53 6.77
CA HIS T 160 -8.73 -50.19 5.37
C HIS T 160 -7.55 -49.24 5.27
N GLY T 161 -7.30 -48.75 4.06
CA GLY T 161 -6.16 -47.91 3.80
C GLY T 161 -6.36 -46.48 4.25
N ILE T 162 -5.27 -45.86 4.65
CA ILE T 162 -5.28 -44.46 5.08
C ILE T 162 -5.04 -43.57 3.87
N PHE T 163 -5.97 -42.65 3.62
CA PHE T 163 -5.85 -41.70 2.54
C PHE T 163 -6.08 -40.30 3.08
N ASP T 164 -5.25 -39.36 2.63
CA ASP T 164 -5.41 -37.96 3.04
C ASP T 164 -6.63 -37.40 2.35
N ARG T 165 -7.67 -37.11 3.12
CA ARG T 165 -8.94 -36.65 2.60
C ARG T 165 -9.36 -35.37 3.29
N PRO T 166 -10.02 -34.46 2.56
CA PRO T 166 -10.53 -33.25 3.22
C PRO T 166 -11.71 -33.56 4.13
N VAL T 167 -11.70 -32.95 5.30
CA VAL T 167 -12.73 -33.14 6.32
C VAL T 167 -13.15 -31.76 6.81
N ALA T 168 -14.03 -31.76 7.81
CA ALA T 168 -14.56 -30.54 8.40
C ALA T 168 -14.43 -30.64 9.91
N VAL T 169 -13.39 -30.02 10.45
CA VAL T 169 -13.18 -29.93 11.90
C VAL T 169 -13.28 -28.45 12.28
N GLY T 170 -14.23 -28.13 13.14
CA GLY T 170 -14.43 -26.75 13.54
C GLY T 170 -15.00 -25.86 12.46
N GLY T 171 -15.67 -26.45 11.48
CA GLY T 171 -16.25 -25.67 10.38
C GLY T 171 -15.28 -25.29 9.28
N LYS T 172 -14.01 -25.67 9.40
CA LYS T 172 -13.00 -25.37 8.40
C LYS T 172 -12.62 -26.65 7.65
N VAL T 173 -12.18 -26.49 6.41
CA VAL T 173 -11.79 -27.61 5.58
C VAL T 173 -10.30 -27.86 5.75
N GLU T 174 -9.96 -29.02 6.31
CA GLU T 174 -8.57 -29.40 6.51
C GLU T 174 -8.35 -30.80 5.95
N VAL T 175 -7.09 -31.11 5.69
CA VAL T 175 -6.69 -32.39 5.14
C VAL T 175 -6.06 -33.21 6.26
N ARG T 176 -6.73 -34.29 6.65
CA ARG T 176 -6.20 -35.19 7.66
C ARG T 176 -6.22 -36.62 7.15
N PRO T 177 -5.28 -37.44 7.60
CA PRO T 177 -5.25 -38.84 7.14
C PRO T 177 -6.36 -39.67 7.77
N MET T 178 -7.33 -40.09 6.96
CA MET T 178 -8.50 -40.79 7.48
C MET T 178 -8.54 -42.25 7.05
N MET T 179 -9.19 -43.06 7.87
CA MET T 179 -9.38 -44.47 7.59
C MET T 179 -10.86 -44.78 7.63
N TYR T 180 -11.36 -45.48 6.64
CA TYR T 180 -12.68 -46.07 6.71
C TYR T 180 -12.59 -47.40 7.45
N VAL T 181 -13.51 -47.62 8.38
CA VAL T 181 -13.57 -48.85 9.15
C VAL T 181 -14.95 -49.46 8.98
N ALA T 182 -14.99 -50.78 8.82
CA ALA T 182 -16.24 -51.52 8.69
C ALA T 182 -16.32 -52.55 9.80
N LEU T 183 -17.52 -52.77 10.31
CA LEU T 183 -17.75 -53.79 11.33
C LEU T 183 -18.87 -54.71 10.87
N THR T 184 -18.53 -55.96 10.62
CA THR T 184 -19.49 -56.98 10.23
C THR T 184 -19.85 -57.80 11.47
N TYR T 185 -21.15 -57.94 11.73
CA TYR T 185 -21.59 -58.56 12.96
C TYR T 185 -22.73 -59.53 12.71
N ASP T 186 -22.84 -60.51 13.60
CA ASP T 186 -23.92 -61.48 13.57
C ASP T 186 -25.18 -60.83 14.14
N HIS T 187 -26.24 -60.81 13.34
CA HIS T 187 -27.44 -60.09 13.73
C HIS T 187 -28.26 -60.83 14.77
N ARG T 188 -28.16 -62.16 14.83
CA ARG T 188 -28.95 -62.92 15.79
C ARG T 188 -28.59 -62.57 17.23
N LEU T 189 -27.37 -62.12 17.49
CA LEU T 189 -26.91 -61.78 18.82
C LEU T 189 -26.69 -60.29 19.02
N ILE T 190 -26.08 -59.62 18.05
CA ILE T 190 -25.74 -58.21 18.15
C ILE T 190 -26.85 -57.40 17.48
N ASP T 191 -27.34 -56.39 18.18
CA ASP T 191 -28.35 -55.49 17.64
C ASP T 191 -27.66 -54.35 16.89
N GLY T 192 -28.47 -53.53 16.21
CA GLY T 192 -27.90 -52.42 15.45
C GLY T 192 -27.27 -51.37 16.35
N ARG T 193 -27.95 -51.02 17.44
CA ARG T 193 -27.41 -50.03 18.37
C ARG T 193 -26.11 -50.51 18.98
N GLU T 194 -26.06 -51.79 19.37
CA GLU T 194 -24.85 -52.34 19.96
C GLU T 194 -23.68 -52.28 18.97
N ALA T 195 -23.93 -52.62 17.71
CA ALA T 195 -22.88 -52.59 16.70
C ALA T 195 -22.39 -51.17 16.46
N VAL T 196 -23.30 -50.21 16.33
CA VAL T 196 -22.89 -48.83 16.07
C VAL T 196 -22.10 -48.28 17.25
N THR T 197 -22.57 -48.54 18.47
CA THR T 197 -21.85 -48.05 19.65
C THR T 197 -20.48 -48.72 19.76
N PHE T 198 -20.38 -50.01 19.44
CA PHE T 198 -19.10 -50.69 19.48
C PHE T 198 -18.12 -50.06 18.50
N LEU T 199 -18.57 -49.81 17.26
CA LEU T 199 -17.70 -49.20 16.28
C LEU T 199 -17.28 -47.80 16.71
N ARG T 200 -18.19 -47.03 17.28
CA ARG T 200 -17.83 -45.67 17.70
C ARG T 200 -16.87 -45.68 18.88
N LYS T 201 -17.03 -46.64 19.80
CA LYS T 201 -16.06 -46.76 20.89
C LYS T 201 -14.68 -47.12 20.35
N ILE T 202 -14.62 -48.03 19.38
CA ILE T 202 -13.35 -48.37 18.75
C ILE T 202 -12.72 -47.13 18.13
N LYS T 203 -13.54 -46.36 17.40
CA LYS T 203 -13.02 -45.18 16.71
C LYS T 203 -12.54 -44.13 17.71
N ALA T 204 -13.28 -43.94 18.80
CA ALA T 204 -12.87 -42.97 19.82
C ALA T 204 -11.57 -43.39 20.50
N ALA T 205 -11.43 -44.69 20.79
CA ALA T 205 -10.20 -45.15 21.41
C ALA T 205 -9.00 -45.02 20.47
N VAL T 206 -9.22 -45.22 19.17
CA VAL T 206 -8.13 -45.05 18.22
C VAL T 206 -7.77 -43.57 18.08
N GLU T 207 -8.77 -42.69 18.08
CA GLU T 207 -8.51 -41.26 17.89
C GLU T 207 -7.69 -40.68 19.04
N ASP T 208 -8.04 -41.01 20.28
CA ASP T 208 -7.26 -40.64 21.45
C ASP T 208 -6.82 -41.90 22.17
N PRO T 209 -5.56 -42.29 22.08
CA PRO T 209 -5.08 -43.42 22.89
C PRO T 209 -5.17 -43.14 24.38
N ARG T 210 -5.22 -41.87 24.79
CA ARG T 210 -5.24 -41.56 26.21
C ARG T 210 -6.58 -41.91 26.85
N VAL T 211 -7.64 -42.09 26.05
CA VAL T 211 -8.91 -42.54 26.61
C VAL T 211 -8.81 -43.98 27.09
N LEU T 212 -7.84 -44.74 26.59
CA LEU T 212 -7.56 -46.05 27.17
C LEU T 212 -7.11 -45.91 28.62
N LEU T 213 -6.22 -44.95 28.88
CA LEU T 213 -5.76 -44.71 30.24
C LEU T 213 -6.84 -44.05 31.10
N LEU T 214 -7.73 -43.27 30.49
CA LEU T 214 -8.81 -42.64 31.22
C LEU T 214 -9.87 -43.62 31.69
N ASP T 215 -9.81 -44.88 31.25
CA ASP T 215 -10.69 -45.95 31.71
C ASP T 215 -12.15 -45.59 31.47
N LEU T 216 -12.39 -44.94 30.33
CA LEU T 216 -13.72 -44.45 30.01
C LEU T 216 -14.60 -45.58 29.50
N ALA U 4 72.97 -3.74 9.92
CA ALA U 4 71.71 -4.45 9.72
C ALA U 4 71.33 -4.46 8.24
N GLN U 5 71.32 -3.27 7.64
CA GLN U 5 71.00 -3.18 6.22
C GLN U 5 72.05 -3.88 5.36
N ASN U 6 73.33 -3.70 5.69
CA ASN U 6 74.39 -4.32 4.92
C ASN U 6 74.52 -5.81 5.23
N THR U 7 74.25 -6.20 6.49
CA THR U 7 74.44 -7.58 6.91
C THR U 7 73.19 -8.42 6.69
N CYS U 8 72.08 -8.04 7.31
CA CYS U 8 70.85 -8.83 7.23
C CYS U 8 70.09 -8.52 5.94
N ALA U 9 69.64 -9.58 5.27
CA ALA U 9 68.82 -9.46 4.07
C ALA U 9 67.38 -9.27 4.53
N MET U 10 66.93 -8.01 4.54
CA MET U 10 65.63 -7.67 5.09
C MET U 10 64.54 -7.85 4.03
N LEU U 11 63.36 -8.26 4.48
CA LEU U 11 62.22 -8.52 3.62
C LEU U 11 60.97 -8.39 4.46
N THR U 12 59.86 -7.97 3.83
CA THR U 12 58.65 -7.63 4.57
C THR U 12 57.42 -8.27 3.95
N THR U 13 56.41 -8.53 4.78
CA THR U 13 55.12 -9.07 4.36
C THR U 13 54.02 -8.39 5.15
N PHE U 14 52.82 -8.34 4.57
CA PHE U 14 51.73 -7.57 5.13
C PHE U 14 50.46 -8.41 5.27
N ASN U 15 49.59 -7.98 6.16
CA ASN U 15 48.30 -8.61 6.40
C ASN U 15 47.37 -7.57 7.01
N GLU U 16 46.13 -7.97 7.27
CA GLU U 16 45.16 -7.10 7.92
C GLU U 16 44.49 -7.84 9.07
N VAL U 17 44.23 -7.10 10.15
CA VAL U 17 43.67 -7.66 11.37
C VAL U 17 42.37 -6.93 11.69
N ASP U 18 41.31 -7.68 11.91
CA ASP U 18 40.02 -7.12 12.32
C ASP U 18 40.01 -6.95 13.83
N MET U 19 39.74 -5.74 14.29
CA MET U 19 39.79 -5.39 15.70
C MET U 19 38.41 -5.12 16.28
N SER U 20 37.40 -5.86 15.83
CA SER U 20 36.08 -5.75 16.44
C SER U 20 36.06 -6.40 17.82
N ASN U 21 36.64 -7.61 17.92
CA ASN U 21 36.65 -8.33 19.18
C ASN U 21 37.46 -7.59 20.24
N ILE U 22 38.65 -7.10 19.87
CA ILE U 22 39.52 -6.46 20.85
C ILE U 22 38.92 -5.15 21.34
N GLN U 23 38.39 -4.34 20.42
CA GLN U 23 37.76 -3.08 20.84
C GLN U 23 36.51 -3.35 21.66
N GLU U 24 35.76 -4.41 21.32
CA GLU U 24 34.60 -4.77 22.13
C GLU U 24 35.01 -5.16 23.54
N MET U 25 36.05 -5.98 23.68
CA MET U 25 36.53 -6.36 25.01
C MET U 25 37.02 -5.14 25.78
N ARG U 26 37.73 -4.25 25.11
CA ARG U 26 38.22 -3.03 25.75
C ARG U 26 37.06 -2.20 26.27
N ALA U 27 36.05 -1.96 25.43
CA ALA U 27 34.90 -1.16 25.85
C ALA U 27 34.15 -1.84 26.98
N ARG U 28 34.12 -3.18 26.97
CA ARG U 28 33.36 -3.88 28.01
C ARG U 28 34.07 -3.85 29.36
N HIS U 29 35.40 -4.00 29.36
CA HIS U 29 36.11 -4.27 30.61
C HIS U 29 37.10 -3.18 31.00
N LYS U 30 37.08 -2.01 30.37
CA LYS U 30 38.03 -0.97 30.76
C LYS U 30 37.79 -0.50 32.20
N ASP U 31 36.52 -0.34 32.58
CA ASP U 31 36.21 0.12 33.94
C ASP U 31 36.63 -0.89 34.99
N ALA U 32 36.35 -2.18 34.75
CA ALA U 32 36.79 -3.21 35.69
C ALA U 32 38.30 -3.28 35.76
N PHE U 33 38.98 -3.16 34.61
CA PHE U 33 40.44 -3.15 34.61
C PHE U 33 40.99 -1.99 35.45
N LEU U 34 40.41 -0.80 35.29
CA LEU U 34 40.92 0.35 36.01
C LEU U 34 40.60 0.27 37.50
N LYS U 35 39.47 -0.35 37.85
CA LYS U 35 39.14 -0.50 39.26
C LYS U 35 40.04 -1.52 39.93
N LYS U 36 40.33 -2.64 39.25
CA LYS U 36 41.11 -3.69 39.88
C LYS U 36 42.60 -3.38 39.86
N HIS U 37 43.17 -3.15 38.68
CA HIS U 37 44.61 -3.01 38.53
C HIS U 37 45.09 -1.56 38.56
N ASN U 38 44.19 -0.58 38.62
CA ASN U 38 44.54 0.83 38.62
C ASN U 38 45.41 1.19 37.41
N LEU U 39 45.09 0.59 36.27
CA LEU U 39 45.87 0.78 35.05
C LEU U 39 44.94 1.02 33.88
N LYS U 40 45.53 1.37 32.75
CA LYS U 40 44.80 1.64 31.52
C LYS U 40 44.94 0.45 30.58
N LEU U 41 43.87 0.16 29.83
CA LEU U 41 43.81 -1.01 28.97
C LEU U 41 43.86 -0.57 27.51
N GLY U 42 44.76 -1.18 26.74
CA GLY U 42 44.91 -0.83 25.34
C GLY U 42 45.26 -2.01 24.45
N PHE U 43 45.58 -1.73 23.18
CA PHE U 43 45.84 -2.80 22.22
C PHE U 43 47.20 -3.44 22.39
N MET U 44 48.14 -2.74 23.03
CA MET U 44 49.52 -3.20 23.08
C MET U 44 49.65 -4.57 23.75
N SER U 45 48.93 -4.76 24.85
CA SER U 45 49.01 -6.04 25.56
C SER U 45 48.50 -7.18 24.67
N ALA U 46 47.44 -6.93 23.92
CA ALA U 46 46.89 -7.96 23.04
C ALA U 46 47.90 -8.39 21.99
N PHE U 47 48.57 -7.42 21.36
CA PHE U 47 49.54 -7.75 20.32
C PHE U 47 50.79 -8.38 20.90
N VAL U 48 51.22 -7.95 22.09
CA VAL U 48 52.36 -8.58 22.73
C VAL U 48 52.05 -10.04 23.07
N LYS U 49 50.84 -10.29 23.58
CA LYS U 49 50.47 -11.67 23.90
C LYS U 49 50.34 -12.52 22.65
N ALA U 50 49.78 -11.96 21.58
CA ALA U 50 49.69 -12.70 20.32
C ALA U 50 51.08 -13.03 19.78
N SER U 51 52.00 -12.07 19.86
CA SER U 51 53.38 -12.32 19.42
C SER U 51 54.04 -13.39 20.28
N ALA U 52 53.82 -13.34 21.59
CA ALA U 52 54.38 -14.36 22.47
C ALA U 52 53.85 -15.75 22.13
N PHE U 53 52.54 -15.84 21.86
CA PHE U 53 51.94 -17.11 21.47
C PHE U 53 52.55 -17.62 20.16
N ALA U 54 52.65 -16.76 19.16
CA ALA U 54 53.17 -17.17 17.87
C ALA U 54 54.65 -17.50 17.94
N LEU U 55 55.38 -16.88 18.87
CA LEU U 55 56.78 -17.22 19.06
C LEU U 55 56.94 -18.54 19.80
N GLN U 56 55.99 -18.85 20.70
CA GLN U 56 56.04 -20.15 21.37
C GLN U 56 55.71 -21.27 20.39
N GLU U 57 54.82 -21.00 19.43
CA GLU U 57 54.56 -22.01 18.41
C GLU U 57 55.72 -22.16 17.42
N GLN U 58 56.50 -21.11 17.21
CA GLN U 58 57.59 -21.11 16.23
C GLN U 58 58.86 -20.61 16.91
N PRO U 59 59.62 -21.51 17.54
CA PRO U 59 60.88 -21.08 18.17
C PRO U 59 61.90 -20.57 17.18
N VAL U 60 61.76 -20.89 15.89
CA VAL U 60 62.72 -20.45 14.89
C VAL U 60 62.72 -18.94 14.76
N VAL U 61 61.55 -18.30 14.84
CA VAL U 61 61.47 -16.85 14.74
C VAL U 61 62.16 -16.18 15.93
N ASN U 62 62.09 -16.80 17.11
CA ASN U 62 62.77 -16.27 18.28
C ASN U 62 64.27 -16.48 18.22
N ALA U 63 64.77 -17.22 17.24
CA ALA U 63 66.19 -17.53 17.14
C ALA U 63 66.94 -16.40 16.42
N VAL U 64 68.26 -16.53 16.35
CA VAL U 64 69.12 -15.59 15.65
C VAL U 64 70.41 -16.30 15.28
N ILE U 65 71.01 -15.88 14.16
CA ILE U 65 72.25 -16.48 13.70
C ILE U 65 73.40 -16.06 14.59
N ASP U 66 74.19 -17.04 15.03
CA ASP U 66 75.40 -16.80 15.81
C ASP U 66 76.54 -16.53 14.82
N ASP U 67 76.87 -15.24 14.65
CA ASP U 67 77.88 -14.87 13.66
C ASP U 67 79.28 -15.30 14.08
N ALA U 68 79.50 -15.51 15.39
CA ALA U 68 80.83 -15.87 15.85
C ALA U 68 81.28 -17.21 15.29
N THR U 69 80.39 -18.20 15.28
CA THR U 69 80.71 -19.53 14.77
C THR U 69 79.86 -19.93 13.57
N LYS U 70 79.10 -19.01 13.00
CA LYS U 70 78.24 -19.28 11.84
C LYS U 70 77.24 -20.41 12.16
N GLU U 71 76.55 -20.24 13.28
CA GLU U 71 75.56 -21.22 13.72
C GLU U 71 74.29 -20.46 14.10
N VAL U 72 73.28 -21.20 14.54
CA VAL U 72 71.98 -20.64 14.93
C VAL U 72 71.71 -21.04 16.37
N VAL U 73 71.41 -20.05 17.21
CA VAL U 73 71.21 -20.26 18.64
C VAL U 73 69.73 -20.05 18.94
N TYR U 74 69.10 -21.08 19.50
CA TYR U 74 67.73 -21.00 19.98
C TYR U 74 67.74 -20.69 21.47
N ARG U 75 66.97 -19.68 21.88
CA ARG U 75 66.92 -19.28 23.28
C ARG U 75 65.63 -19.76 23.91
N ASP U 76 65.75 -20.51 25.01
CA ASP U 76 64.58 -20.99 25.73
C ASP U 76 63.75 -19.83 26.28
N TYR U 77 64.41 -18.83 26.84
CA TYR U 77 63.71 -17.64 27.30
C TYR U 77 63.22 -16.81 26.12
N ILE U 78 62.19 -16.00 26.39
CA ILE U 78 61.56 -15.17 25.38
C ILE U 78 61.40 -13.76 25.93
N ASP U 79 61.88 -12.78 25.17
CA ASP U 79 61.75 -11.37 25.52
C ASP U 79 61.11 -10.62 24.36
N ILE U 80 60.24 -9.67 24.69
CA ILE U 80 59.54 -8.86 23.71
C ILE U 80 59.96 -7.41 23.94
N SER U 81 60.40 -6.74 22.87
CA SER U 81 60.80 -5.35 22.95
C SER U 81 59.69 -4.47 22.37
N VAL U 82 59.27 -3.48 23.15
CA VAL U 82 58.21 -2.55 22.76
C VAL U 82 58.84 -1.17 22.63
N ALA U 83 58.68 -0.55 21.46
CA ALA U 83 59.20 0.79 21.27
C ALA U 83 58.33 1.81 21.99
N VAL U 84 58.97 2.81 22.59
CA VAL U 84 58.28 3.92 23.24
C VAL U 84 58.82 5.21 22.65
N ALA U 85 57.92 6.11 22.27
CA ALA U 85 58.29 7.39 21.68
C ALA U 85 58.60 8.40 22.78
N THR U 86 59.72 9.08 22.64
CA THR U 86 60.20 10.05 23.61
C THR U 86 60.65 11.30 22.88
N PRO U 87 60.51 12.48 23.50
CA PRO U 87 61.08 13.68 22.89
C PRO U 87 62.59 13.62 22.72
N ARG U 88 63.28 12.80 23.52
CA ARG U 88 64.72 12.63 23.37
C ARG U 88 65.10 11.67 22.26
N GLY U 89 64.14 10.98 21.67
CA GLY U 89 64.41 10.06 20.58
C GLY U 89 63.52 8.84 20.68
N LEU U 90 64.04 7.71 20.21
CA LEU U 90 63.35 6.44 20.28
C LEU U 90 63.98 5.58 21.37
N VAL U 91 63.17 5.15 22.33
CA VAL U 91 63.62 4.25 23.39
C VAL U 91 62.81 2.97 23.28
N VAL U 92 63.47 1.83 23.48
CA VAL U 92 62.86 0.52 23.30
C VAL U 92 63.13 -0.31 24.55
N PRO U 93 62.27 -0.26 25.57
CA PRO U 93 62.44 -1.17 26.70
C PRO U 93 61.93 -2.56 26.37
N VAL U 94 62.56 -3.56 26.97
CA VAL U 94 62.31 -4.97 26.67
C VAL U 94 61.56 -5.58 27.85
N ILE U 95 60.46 -6.29 27.54
CA ILE U 95 59.71 -6.98 28.58
C ILE U 95 60.31 -8.37 28.78
N ARG U 96 60.75 -8.65 30.00
CA ARG U 96 61.46 -9.89 30.33
C ARG U 96 60.45 -11.00 30.61
N ASN U 97 60.74 -12.19 30.10
CA ASN U 97 59.97 -13.40 30.39
C ASN U 97 58.48 -13.17 30.17
N VAL U 98 58.15 -12.73 28.95
CA VAL U 98 56.76 -12.39 28.63
C VAL U 98 55.87 -13.63 28.67
N GLU U 99 56.46 -14.82 28.49
CA GLU U 99 55.68 -16.05 28.49
C GLU U 99 54.97 -16.33 29.81
N THR U 100 55.50 -15.86 30.93
CA THR U 100 54.93 -16.15 32.25
C THR U 100 54.09 -15.00 32.78
N MET U 101 53.47 -14.23 31.88
CA MET U 101 52.60 -13.12 32.28
C MET U 101 51.42 -13.07 31.31
N ASN U 102 50.22 -13.27 31.86
CA ASN U 102 49.05 -13.44 30.99
C ASN U 102 48.64 -12.19 30.23
N TYR U 103 48.02 -11.23 30.90
CA TYR U 103 47.58 -10.01 30.21
C TYR U 103 47.75 -8.73 31.02
N ALA U 104 47.69 -8.78 32.35
CA ALA U 104 47.78 -7.57 33.16
C ALA U 104 49.20 -7.26 33.56
N ASP U 105 50.04 -8.28 33.71
CA ASP U 105 51.46 -8.03 33.96
C ASP U 105 52.12 -7.41 32.74
N ILE U 106 51.61 -7.68 31.54
CA ILE U 106 52.09 -6.98 30.36
C ILE U 106 51.85 -5.48 30.50
N GLU U 107 50.63 -5.11 30.92
CA GLU U 107 50.29 -3.71 31.10
C GLU U 107 51.11 -3.10 32.23
N ARG U 108 51.30 -3.83 33.32
CA ARG U 108 52.10 -3.33 34.44
C ARG U 108 53.53 -3.05 33.99
N THR U 109 54.13 -3.99 33.26
CA THR U 109 55.49 -3.80 32.79
C THR U 109 55.58 -2.65 31.81
N ILE U 110 54.60 -2.53 30.91
CA ILE U 110 54.61 -1.45 29.93
C ILE U 110 54.51 -0.10 30.64
N ASN U 111 53.63 0.01 31.62
CA ASN U 111 53.48 1.27 32.35
C ASN U 111 54.74 1.60 33.13
N GLU U 112 55.31 0.62 33.84
CA GLU U 112 56.52 0.89 34.60
C GLU U 112 57.66 1.33 33.69
N LEU U 113 57.82 0.64 32.55
CA LEU U 113 58.88 1.00 31.62
C LEU U 113 58.64 2.37 31.01
N GLY U 114 57.39 2.70 30.70
CA GLY U 114 57.09 4.01 30.16
C GLY U 114 57.40 5.14 31.14
N GLU U 115 56.99 4.98 32.40
CA GLU U 115 57.29 6.00 33.39
C GLU U 115 58.77 6.10 33.66
N LYS U 116 59.49 4.98 33.68
CA LYS U 116 60.94 5.04 33.87
C LYS U 116 61.64 5.67 32.68
N ALA U 117 61.12 5.47 31.46
CA ALA U 117 61.69 6.08 30.27
C ALA U 117 61.36 7.56 30.14
N ARG U 118 60.24 8.01 30.73
CA ARG U 118 59.89 9.42 30.67
C ARG U 118 60.94 10.27 31.38
N LYS U 119 61.40 9.84 32.55
CA LYS U 119 62.31 10.61 33.40
C LYS U 119 63.72 10.04 33.46
N ASN U 120 64.07 9.10 32.57
CA ASN U 120 65.46 8.72 32.32
C ASN U 120 66.09 8.04 33.54
N GLU U 121 65.53 6.87 33.89
CA GLU U 121 66.21 5.97 34.81
C GLU U 121 66.54 4.60 34.22
N LEU U 122 66.26 4.38 32.94
CA LEU U 122 66.54 3.08 32.34
C LEU U 122 68.02 2.76 32.43
N ALA U 123 68.31 1.57 32.97
CA ALA U 123 69.69 1.13 33.15
C ALA U 123 70.24 0.53 31.86
N ILE U 124 71.56 0.42 31.81
CA ILE U 124 72.22 -0.17 30.65
C ILE U 124 71.83 -1.64 30.53
N GLU U 125 71.84 -2.36 31.65
CA GLU U 125 71.51 -3.78 31.62
C GLU U 125 70.06 -4.01 31.18
N ASP U 126 69.14 -3.15 31.62
CA ASP U 126 67.75 -3.30 31.23
C ASP U 126 67.53 -3.01 29.76
N MET U 127 68.33 -2.12 29.18
CA MET U 127 68.12 -1.70 27.81
C MET U 127 68.31 -2.85 26.83
N ASP U 128 69.42 -3.57 26.92
CA ASP U 128 69.84 -4.59 25.97
C ASP U 128 69.27 -5.95 26.36
N GLY U 129 69.38 -6.90 25.43
CA GLY U 129 68.89 -8.25 25.67
C GLY U 129 67.45 -8.48 25.26
N GLY U 130 67.14 -8.20 24.00
CA GLY U 130 65.82 -8.42 23.46
C GLY U 130 65.82 -9.42 22.32
N THR U 131 64.72 -10.14 22.15
CA THR U 131 64.61 -11.16 21.13
C THR U 131 63.55 -10.88 20.07
N PHE U 132 62.61 -9.99 20.34
CA PHE U 132 61.58 -9.64 19.36
C PHE U 132 61.15 -8.20 19.61
N THR U 133 60.80 -7.51 18.52
CA THR U 133 60.42 -6.11 18.57
C THR U 133 58.97 -5.94 18.10
N ILE U 134 58.21 -5.14 18.84
CA ILE U 134 56.79 -4.97 18.56
C ILE U 134 56.56 -3.47 18.38
N SER U 135 57.55 -2.79 17.80
CA SER U 135 57.50 -1.35 17.62
C SER U 135 56.19 -0.90 17.01
N ASN U 136 55.48 -0.01 17.71
CA ASN U 136 54.17 0.46 17.30
C ASN U 136 54.37 1.82 16.62
N GLY U 137 53.97 1.89 15.36
CA GLY U 137 53.96 3.14 14.61
C GLY U 137 52.57 3.70 14.35
N GLY U 138 51.54 3.14 14.98
CA GLY U 138 50.19 3.61 14.75
C GLY U 138 49.77 4.78 15.63
N VAL U 139 50.53 5.08 16.68
CA VAL U 139 50.27 6.26 17.48
C VAL U 139 50.43 7.54 16.70
N PHE U 140 51.04 7.47 15.52
CA PHE U 140 51.25 8.62 14.66
C PHE U 140 50.32 8.65 13.45
N GLY U 141 49.53 7.60 13.25
CA GLY U 141 48.52 7.60 12.19
C GLY U 141 48.95 6.96 10.88
N SER U 142 49.93 6.07 10.89
CA SER U 142 50.41 5.45 9.66
C SER U 142 49.38 4.45 9.12
N LEU U 143 49.33 4.33 7.78
CA LEU U 143 48.50 3.30 7.16
C LEU U 143 49.21 1.96 7.14
N PHE U 144 50.33 1.86 6.41
CA PHE U 144 51.22 0.73 6.56
C PHE U 144 52.59 1.09 5.99
N GLY U 145 53.60 0.39 6.46
CA GLY U 145 54.96 0.62 6.01
C GLY U 145 55.82 -0.59 6.35
N THR U 146 57.11 -0.45 6.08
CA THR U 146 58.08 -1.54 6.23
C THR U 146 58.97 -1.24 7.44
N PRO U 147 58.77 -1.93 8.55
CA PRO U 147 59.62 -1.69 9.73
C PRO U 147 61.04 -2.20 9.51
N ILE U 148 61.90 -1.88 10.48
CA ILE U 148 63.30 -2.28 10.47
C ILE U 148 63.62 -3.08 11.74
N ILE U 149 64.52 -4.06 11.61
CA ILE U 149 64.86 -4.93 12.72
C ILE U 149 66.00 -4.33 13.53
N ASN U 150 65.83 -4.30 14.83
CA ASN U 150 66.93 -3.90 15.72
C ASN U 150 67.80 -5.08 16.01
N PRO U 151 69.10 -5.11 15.63
CA PRO U 151 69.94 -6.22 16.02
C PRO U 151 70.03 -6.25 17.54
N PRO U 152 70.32 -7.41 18.17
CA PRO U 152 70.67 -8.62 17.44
C PRO U 152 69.41 -9.47 17.27
N GLN U 153 68.35 -8.85 16.74
CA GLN U 153 67.12 -9.59 16.56
C GLN U 153 66.94 -10.03 15.11
N SER U 154 65.99 -10.94 14.90
CA SER U 154 65.82 -11.54 13.60
C SER U 154 64.54 -11.13 12.89
N ALA U 155 63.59 -10.52 13.58
CA ALA U 155 62.36 -10.09 12.96
C ALA U 155 61.72 -8.98 13.78
N ILE U 156 60.76 -8.29 13.15
CA ILE U 156 59.99 -7.24 13.81
C ILE U 156 58.58 -7.26 13.26
N LEU U 157 57.60 -6.98 14.12
CA LEU U 157 56.21 -6.82 13.71
C LEU U 157 55.86 -5.34 13.78
N GLY U 158 55.58 -4.76 12.62
CA GLY U 158 55.22 -3.35 12.56
C GLY U 158 53.72 -3.14 12.70
N MET U 159 53.32 -2.41 13.73
CA MET U 159 51.93 -2.07 13.97
C MET U 159 51.66 -0.67 13.46
N HIS U 160 50.54 -0.50 12.78
CA HIS U 160 50.15 0.77 12.18
C HIS U 160 48.85 1.25 12.81
N GLY U 161 48.31 2.34 12.26
CA GLY U 161 47.11 2.92 12.81
C GLY U 161 45.89 2.05 12.53
N ILE U 162 45.03 1.94 13.53
CA ILE U 162 43.77 1.21 13.38
C ILE U 162 42.77 2.11 12.65
N PHE U 163 42.24 1.61 11.55
CA PHE U 163 41.43 2.42 10.65
C PHE U 163 40.11 1.72 10.37
N ASP U 164 39.10 2.51 10.02
CA ASP U 164 37.76 2.01 9.77
C ASP U 164 37.56 1.85 8.27
N ARG U 165 37.44 0.60 7.82
CA ARG U 165 37.34 0.27 6.40
C ARG U 165 36.18 -0.68 6.16
N PRO U 166 35.58 -0.63 4.96
CA PRO U 166 34.54 -1.61 4.63
C PRO U 166 35.12 -2.90 4.11
N VAL U 167 34.59 -4.03 4.59
CA VAL U 167 35.06 -5.34 4.18
C VAL U 167 33.86 -6.24 3.89
N ALA U 168 34.14 -7.40 3.33
CA ALA U 168 33.14 -8.39 2.98
C ALA U 168 33.16 -9.50 4.03
N VAL U 169 32.17 -9.51 4.91
CA VAL U 169 32.03 -10.54 5.93
C VAL U 169 30.78 -11.32 5.58
N GLY U 170 30.96 -12.62 5.29
CA GLY U 170 29.83 -13.46 4.94
C GLY U 170 29.16 -13.10 3.63
N GLY U 171 29.88 -12.42 2.73
CA GLY U 171 29.30 -11.99 1.48
C GLY U 171 28.57 -10.66 1.54
N LYS U 172 28.56 -9.99 2.67
CA LYS U 172 27.92 -8.69 2.84
C LYS U 172 28.97 -7.64 3.12
N VAL U 173 28.69 -6.41 2.71
CA VAL U 173 29.59 -5.29 2.97
C VAL U 173 29.33 -4.76 4.37
N GLU U 174 30.38 -4.80 5.20
CA GLU U 174 30.29 -4.37 6.59
C GLU U 174 31.43 -3.42 6.89
N VAL U 175 31.22 -2.57 7.89
CA VAL U 175 32.21 -1.59 8.32
C VAL U 175 32.80 -2.04 9.65
N ARG U 176 34.10 -2.29 9.67
CA ARG U 176 34.81 -2.74 10.86
C ARG U 176 36.11 -1.96 10.99
N PRO U 177 36.61 -1.79 12.22
CA PRO U 177 37.94 -1.18 12.40
C PRO U 177 39.02 -2.22 12.17
N MET U 178 40.02 -1.86 11.37
CA MET U 178 41.06 -2.82 10.98
C MET U 178 42.43 -2.18 11.09
N MET U 179 43.42 -3.02 11.36
CA MET U 179 44.82 -2.64 11.37
C MET U 179 45.53 -3.30 10.20
N TYR U 180 46.56 -2.64 9.69
CA TYR U 180 47.47 -3.22 8.72
C TYR U 180 48.74 -3.62 9.45
N VAL U 181 48.97 -4.92 9.58
CA VAL U 181 50.13 -5.43 10.29
C VAL U 181 51.20 -5.81 9.29
N ALA U 182 52.46 -5.52 9.62
CA ALA U 182 53.59 -5.81 8.75
C ALA U 182 54.65 -6.58 9.52
N LEU U 183 55.38 -7.44 8.81
CA LEU U 183 56.41 -8.28 9.40
C LEU U 183 57.67 -8.21 8.55
N THR U 184 58.73 -7.64 9.10
CA THR U 184 60.04 -7.60 8.45
C THR U 184 60.94 -8.61 9.13
N TYR U 185 61.58 -9.48 8.35
CA TYR U 185 62.34 -10.58 8.91
C TYR U 185 63.62 -10.81 8.12
N ASP U 186 64.58 -11.44 8.80
CA ASP U 186 65.86 -11.78 8.19
C ASP U 186 65.69 -13.07 7.39
N HIS U 187 65.70 -12.95 6.06
CA HIS U 187 65.46 -14.11 5.21
C HIS U 187 66.58 -15.13 5.28
N ARG U 188 67.74 -14.77 5.84
CA ARG U 188 68.84 -15.72 5.94
C ARG U 188 68.48 -16.90 6.83
N LEU U 189 67.52 -16.72 7.73
CA LEU U 189 67.13 -17.74 8.70
C LEU U 189 65.72 -18.26 8.47
N ILE U 190 64.74 -17.37 8.38
CA ILE U 190 63.32 -17.73 8.34
C ILE U 190 62.81 -17.58 6.91
N ASP U 191 62.16 -18.62 6.40
CA ASP U 191 61.65 -18.62 5.04
C ASP U 191 60.31 -17.92 4.96
N GLY U 192 59.79 -17.77 3.74
CA GLY U 192 58.56 -17.02 3.55
C GLY U 192 57.34 -17.72 4.14
N ARG U 193 57.24 -19.04 3.97
CA ARG U 193 56.10 -19.77 4.51
C ARG U 193 55.98 -19.60 6.01
N GLU U 194 57.12 -19.73 6.71
CA GLU U 194 57.11 -19.64 8.16
C GLU U 194 56.73 -18.24 8.63
N ALA U 195 57.24 -17.20 7.97
CA ALA U 195 56.91 -15.83 8.35
C ALA U 195 55.44 -15.53 8.09
N VAL U 196 54.91 -15.95 6.94
CA VAL U 196 53.50 -15.72 6.65
C VAL U 196 52.63 -16.45 7.65
N THR U 197 52.97 -17.69 7.98
CA THR U 197 52.18 -18.46 8.95
C THR U 197 52.25 -17.81 10.34
N PHE U 198 53.42 -17.27 10.69
CA PHE U 198 53.57 -16.66 12.01
C PHE U 198 52.75 -15.38 12.11
N LEU U 199 52.76 -14.56 11.06
CA LEU U 199 51.91 -13.39 11.04
C LEU U 199 50.43 -13.77 11.06
N ARG U 200 50.08 -14.86 10.39
CA ARG U 200 48.71 -15.36 10.45
C ARG U 200 48.33 -15.78 11.86
N LYS U 201 49.26 -16.42 12.58
CA LYS U 201 49.00 -16.80 13.96
C LYS U 201 48.77 -15.57 14.83
N ILE U 202 49.58 -14.53 14.65
CA ILE U 202 49.39 -13.29 15.39
C ILE U 202 48.01 -12.70 15.08
N LYS U 203 47.64 -12.68 13.81
CA LYS U 203 46.35 -12.12 13.41
C LYS U 203 45.20 -12.91 14.00
N ALA U 204 45.31 -14.24 14.03
CA ALA U 204 44.25 -15.06 14.60
C ALA U 204 44.15 -14.86 16.11
N ALA U 205 45.28 -14.76 16.80
CA ALA U 205 45.24 -14.55 18.25
C ALA U 205 44.64 -13.20 18.60
N VAL U 206 45.00 -12.15 17.87
CA VAL U 206 44.42 -10.83 18.14
C VAL U 206 42.94 -10.81 17.78
N GLU U 207 42.59 -11.40 16.64
CA GLU U 207 41.20 -11.37 16.17
C GLU U 207 40.28 -12.13 17.11
N ASP U 208 40.80 -13.13 17.82
CA ASP U 208 40.03 -13.92 18.76
C ASP U 208 40.93 -14.27 19.94
N PRO U 209 40.85 -13.52 21.04
CA PRO U 209 41.73 -13.77 22.18
C PRO U 209 41.54 -15.15 22.80
N ARG U 210 40.40 -15.80 22.56
CA ARG U 210 40.16 -17.11 23.12
C ARG U 210 41.14 -18.16 22.59
N VAL U 211 41.83 -17.89 21.49
CA VAL U 211 42.82 -18.81 20.98
C VAL U 211 43.98 -18.96 21.96
N LEU U 212 44.35 -17.86 22.64
CA LEU U 212 45.41 -17.94 23.63
C LEU U 212 45.05 -18.90 24.76
N LEU U 213 43.81 -18.82 25.25
CA LEU U 213 43.37 -19.73 26.30
C LEU U 213 43.24 -21.15 25.77
N LEU U 214 42.71 -21.31 24.54
CA LEU U 214 42.45 -22.65 23.94
C LEU U 214 43.75 -23.26 23.42
N ASP U 215 44.76 -22.43 23.15
CA ASP U 215 46.08 -22.92 22.72
C ASP U 215 45.98 -23.64 21.38
N LEU U 216 45.65 -22.88 20.35
CA LEU U 216 45.75 -23.38 18.98
C LEU U 216 47.14 -23.10 18.43
N CYS V 8 -69.99 4.48 3.75
CA CYS V 8 -70.94 5.54 3.46
C CYS V 8 -70.37 6.56 2.48
N ALA V 9 -69.79 7.62 3.02
CA ALA V 9 -69.14 8.67 2.23
C ALA V 9 -67.74 8.94 2.77
N MET V 10 -66.99 7.86 2.98
CA MET V 10 -65.70 7.96 3.64
C MET V 10 -64.56 7.90 2.63
N LEU V 11 -63.61 8.81 2.78
CA LEU V 11 -62.39 8.88 1.98
C LEU V 11 -61.20 8.62 2.87
N THR V 12 -60.11 8.16 2.27
CA THR V 12 -58.92 7.78 3.03
C THR V 12 -57.68 8.43 2.40
N THR V 13 -56.80 8.93 3.25
CA THR V 13 -55.52 9.46 2.82
C THR V 13 -54.43 8.89 3.72
N PHE V 14 -53.22 8.74 3.18
CA PHE V 14 -52.15 8.05 3.86
C PHE V 14 -50.91 8.92 3.98
N ASN V 15 -50.06 8.54 4.94
CA ASN V 15 -48.74 9.14 5.12
C ASN V 15 -47.86 8.09 5.80
N GLU V 16 -46.62 8.48 6.10
CA GLU V 16 -45.69 7.62 6.80
C GLU V 16 -45.03 8.40 7.94
N VAL V 17 -44.81 7.71 9.06
CA VAL V 17 -44.26 8.30 10.27
C VAL V 17 -42.97 7.58 10.61
N ASP V 18 -41.92 8.34 10.89
CA ASP V 18 -40.62 7.79 11.27
C ASP V 18 -40.55 7.78 12.79
N MET V 19 -40.60 6.58 13.39
CA MET V 19 -40.48 6.43 14.84
C MET V 19 -39.03 6.12 15.18
N SER V 20 -38.21 7.17 15.14
CA SER V 20 -36.85 7.11 15.64
C SER V 20 -36.69 7.82 16.97
N ASN V 21 -37.38 8.95 17.16
CA ASN V 21 -37.34 9.62 18.45
C ASN V 21 -38.21 8.90 19.48
N ILE V 22 -39.34 8.34 19.04
CA ILE V 22 -40.15 7.53 19.94
C ILE V 22 -39.38 6.30 20.39
N GLN V 23 -38.69 5.65 19.45
CA GLN V 23 -37.84 4.52 19.81
C GLN V 23 -36.70 4.92 20.72
N GLU V 24 -36.08 6.09 20.48
CA GLU V 24 -35.00 6.54 21.34
C GLU V 24 -35.52 6.81 22.76
N MET V 25 -36.67 7.46 22.88
CA MET V 25 -37.18 7.81 24.20
C MET V 25 -37.73 6.60 24.93
N ARG V 26 -38.15 5.55 24.21
CA ARG V 26 -38.47 4.30 24.86
C ARG V 26 -37.24 3.40 25.02
N ALA V 27 -36.10 3.77 24.46
CA ALA V 27 -34.88 3.04 24.76
C ALA V 27 -34.14 3.63 25.96
N ARG V 28 -34.33 4.93 26.22
CA ARG V 28 -33.64 5.58 27.33
C ARG V 28 -34.50 5.77 28.57
N HIS V 29 -35.82 5.90 28.43
CA HIS V 29 -36.69 6.22 29.56
C HIS V 29 -37.68 5.11 29.87
N LYS V 30 -37.21 3.86 29.94
CA LYS V 30 -38.07 2.78 30.42
C LYS V 30 -37.83 2.49 31.90
N ASP V 31 -36.57 2.42 32.32
CA ASP V 31 -36.28 2.15 33.72
C ASP V 31 -36.83 3.25 34.63
N ALA V 32 -36.62 4.51 34.24
CA ALA V 32 -37.14 5.62 35.03
C ALA V 32 -38.66 5.60 35.06
N PHE V 33 -39.29 5.35 33.92
CA PHE V 33 -40.75 5.31 33.85
C PHE V 33 -41.31 4.20 34.73
N LEU V 34 -40.69 3.01 34.69
CA LEU V 34 -41.14 1.91 35.53
C LEU V 34 -40.92 2.21 37.00
N LYS V 35 -39.78 2.78 37.36
CA LYS V 35 -39.49 3.04 38.76
C LYS V 35 -40.39 4.13 39.33
N LYS V 36 -40.79 5.11 38.52
CA LYS V 36 -41.57 6.22 39.05
C LYS V 36 -43.07 6.02 38.93
N HIS V 37 -43.53 5.27 37.93
CA HIS V 37 -44.95 5.12 37.68
C HIS V 37 -45.45 3.68 37.77
N ASN V 38 -44.56 2.72 37.99
CA ASN V 38 -44.87 1.29 38.03
C ASN V 38 -45.54 0.84 36.73
N LEU V 39 -45.29 1.52 35.63
CA LEU V 39 -45.96 1.29 34.36
C LEU V 39 -44.96 1.34 33.22
N LYS V 40 -45.31 0.71 32.10
CA LYS V 40 -44.45 0.62 30.93
C LYS V 40 -44.90 1.59 29.86
N LEU V 41 -43.97 1.99 29.00
CA LEU V 41 -44.16 3.03 28.02
C LEU V 41 -44.36 2.42 26.63
N GLY V 42 -45.29 2.98 25.85
CA GLY V 42 -45.64 2.42 24.56
C GLY V 42 -45.82 3.50 23.50
N PHE V 43 -46.05 3.04 22.26
CA PHE V 43 -46.23 3.95 21.14
C PHE V 43 -47.54 4.71 21.21
N MET V 44 -48.56 4.11 21.82
CA MET V 44 -49.93 4.61 21.68
C MET V 44 -50.08 6.01 22.27
N SER V 45 -49.39 6.29 23.37
CA SER V 45 -49.52 7.60 24.00
C SER V 45 -49.08 8.72 23.07
N ALA V 46 -48.00 8.50 22.33
CA ALA V 46 -47.51 9.50 21.40
C ALA V 46 -48.56 9.82 20.34
N PHE V 47 -49.21 8.79 19.79
CA PHE V 47 -50.19 9.00 18.74
C PHE V 47 -51.46 9.65 19.28
N VAL V 48 -51.88 9.26 20.49
CA VAL V 48 -53.06 9.89 21.08
C VAL V 48 -52.80 11.36 21.35
N LYS V 49 -51.63 11.69 21.90
CA LYS V 49 -51.31 13.09 22.16
C LYS V 49 -51.17 13.88 20.86
N ALA V 50 -50.58 13.28 19.82
CA ALA V 50 -50.48 13.96 18.54
C ALA V 50 -51.86 14.23 17.95
N SER V 51 -52.77 13.25 18.03
CA SER V 51 -54.13 13.47 17.55
C SER V 51 -54.82 14.57 18.34
N ALA V 52 -54.63 14.59 19.66
CA ALA V 52 -55.23 15.64 20.47
C ALA V 52 -54.71 17.01 20.09
N PHE V 53 -53.40 17.12 19.85
CA PHE V 53 -52.83 18.40 19.45
C PHE V 53 -53.33 18.84 18.10
N ALA V 54 -53.43 17.91 17.14
CA ALA V 54 -53.93 18.25 15.81
C ALA V 54 -55.39 18.68 15.86
N LEU V 55 -56.21 17.99 16.67
CA LEU V 55 -57.60 18.41 16.85
C LEU V 55 -57.68 19.76 17.54
N GLN V 56 -56.77 20.03 18.46
CA GLN V 56 -56.74 21.34 19.12
C GLN V 56 -56.47 22.45 18.12
N GLU V 57 -55.52 22.23 17.21
CA GLU V 57 -55.14 23.30 16.30
C GLU V 57 -55.95 23.27 15.00
N GLN V 58 -56.92 22.38 14.88
CA GLN V 58 -57.78 22.27 13.71
C GLN V 58 -59.14 21.76 14.17
N PRO V 59 -60.02 22.66 14.65
CA PRO V 59 -61.25 22.20 15.32
C PRO V 59 -62.30 21.62 14.40
N VAL V 60 -62.10 21.63 13.08
CA VAL V 60 -63.12 21.11 12.18
C VAL V 60 -63.24 19.59 12.31
N VAL V 61 -62.11 18.89 12.34
CA VAL V 61 -62.15 17.43 12.46
C VAL V 61 -62.72 17.04 13.82
N ASN V 62 -62.44 17.81 14.85
CA ASN V 62 -63.02 17.63 16.18
C ASN V 62 -64.53 17.76 16.16
N ALA V 63 -65.08 18.50 15.20
CA ALA V 63 -66.51 18.72 15.08
C ALA V 63 -67.15 17.60 14.28
N VAL V 64 -68.45 17.41 14.52
CA VAL V 64 -69.22 16.35 13.88
C VAL V 64 -70.55 16.94 13.41
N ILE V 65 -70.92 16.61 12.17
CA ILE V 65 -72.20 17.03 11.62
C ILE V 65 -73.28 16.08 12.13
N ASP V 66 -74.27 16.61 12.82
CA ASP V 66 -75.38 15.80 13.31
C ASP V 66 -76.37 15.61 12.17
N ASP V 67 -76.80 14.37 11.96
CA ASP V 67 -77.68 14.06 10.83
C ASP V 67 -79.11 14.50 11.09
N ALA V 68 -79.49 14.74 12.33
CA ALA V 68 -80.87 15.12 12.63
C ALA V 68 -81.18 16.53 12.14
N THR V 69 -80.30 17.49 12.39
CA THR V 69 -80.55 18.88 12.08
C THR V 69 -79.60 19.45 11.03
N LYS V 70 -78.62 18.67 10.55
CA LYS V 70 -77.62 19.14 9.59
C LYS V 70 -76.89 20.38 10.10
N GLU V 71 -76.40 20.29 11.33
CA GLU V 71 -75.64 21.35 11.96
C GLU V 71 -74.22 20.86 12.26
N VAL V 72 -73.23 21.71 12.00
CA VAL V 72 -71.88 21.44 12.47
C VAL V 72 -71.84 21.78 13.96
N VAL V 73 -71.32 20.85 14.76
CA VAL V 73 -71.32 20.97 16.21
C VAL V 73 -69.88 20.94 16.69
N TYR V 74 -69.40 22.08 17.20
CA TYR V 74 -68.05 22.15 17.74
C TYR V 74 -68.05 21.68 19.19
N ARG V 75 -66.92 21.10 19.60
CA ARG V 75 -66.74 20.71 20.99
C ARG V 75 -65.38 21.17 21.47
N ASP V 76 -65.36 21.85 22.62
CA ASP V 76 -64.11 22.29 23.22
C ASP V 76 -63.29 21.10 23.73
N TYR V 77 -63.94 20.07 24.24
CA TYR V 77 -63.25 18.92 24.80
C TYR V 77 -62.86 17.93 23.71
N ILE V 78 -61.82 17.17 24.00
CA ILE V 78 -61.31 16.13 23.10
C ILE V 78 -61.26 14.83 23.89
N ASP V 79 -61.85 13.77 23.33
CA ASP V 79 -61.82 12.45 23.95
C ASP V 79 -61.56 11.41 22.87
N ILE V 80 -60.43 10.73 22.97
CA ILE V 80 -59.97 9.80 21.96
C ILE V 80 -60.52 8.41 22.26
N SER V 81 -61.05 7.73 21.24
CA SER V 81 -61.61 6.39 21.41
C SER V 81 -60.57 5.35 21.02
N VAL V 82 -59.64 5.09 21.95
CA VAL V 82 -58.61 4.09 21.72
C VAL V 82 -59.21 2.70 21.88
N ALA V 83 -58.88 1.81 20.95
CA ALA V 83 -59.34 0.43 20.99
C ALA V 83 -58.36 -0.43 21.76
N VAL V 84 -58.87 -1.26 22.66
CA VAL V 84 -58.05 -2.12 23.51
C VAL V 84 -58.35 -3.57 23.16
N ALA V 85 -57.29 -4.38 23.11
CA ALA V 85 -57.41 -5.78 22.72
C ALA V 85 -57.88 -6.62 23.91
N THR V 86 -58.93 -7.41 23.68
CA THR V 86 -59.43 -8.36 24.67
C THR V 86 -59.71 -9.70 24.00
N PRO V 87 -59.52 -10.81 24.71
CA PRO V 87 -59.76 -12.12 24.09
C PRO V 87 -61.18 -12.33 23.61
N ARG V 88 -62.17 -11.79 24.32
CA ARG V 88 -63.56 -12.02 23.95
C ARG V 88 -63.98 -11.19 22.76
N GLY V 89 -63.44 -9.97 22.62
CA GLY V 89 -63.78 -9.12 21.50
C GLY V 89 -63.17 -7.73 21.60
N LEU V 90 -62.94 -7.08 20.47
CA LEU V 90 -62.35 -5.76 20.47
C LEU V 90 -63.33 -4.73 21.01
N VAL V 91 -62.83 -3.82 21.83
CA VAL V 91 -63.63 -2.79 22.48
C VAL V 91 -63.05 -1.43 22.14
N VAL V 92 -63.88 -0.40 22.21
CA VAL V 92 -63.44 0.96 21.92
C VAL V 92 -63.83 1.89 23.07
N PRO V 93 -63.10 1.87 24.18
CA PRO V 93 -63.38 2.82 25.27
C PRO V 93 -62.91 4.21 24.91
N VAL V 94 -63.32 5.18 25.74
CA VAL V 94 -63.05 6.59 25.50
C VAL V 94 -62.25 7.14 26.67
N ILE V 95 -61.13 7.80 26.37
CA ILE V 95 -60.35 8.52 27.35
C ILE V 95 -60.62 10.01 27.16
N ARG V 96 -61.13 10.66 28.20
CA ARG V 96 -61.68 12.00 28.09
C ARG V 96 -60.64 13.07 28.41
N ASN V 97 -60.84 14.24 27.81
CA ASN V 97 -60.02 15.42 28.07
C ASN V 97 -58.54 15.15 27.80
N VAL V 98 -58.22 14.80 26.56
CA VAL V 98 -56.85 14.46 26.20
C VAL V 98 -55.95 15.69 26.18
N GLU V 99 -56.52 16.90 26.21
CA GLU V 99 -55.73 18.10 26.11
C GLU V 99 -55.06 18.48 27.44
N THR V 100 -55.42 17.83 28.54
CA THR V 100 -54.91 18.21 29.85
C THR V 100 -54.02 17.12 30.45
N MET V 101 -53.53 16.21 29.62
CA MET V 101 -52.73 15.08 30.09
C MET V 101 -51.47 14.92 29.25
N ASN V 102 -50.42 14.45 29.91
CA ASN V 102 -49.15 14.17 29.25
C ASN V 102 -49.08 12.68 28.91
N TYR V 103 -47.91 12.21 28.48
CA TYR V 103 -47.77 10.80 28.12
C TYR V 103 -48.00 9.90 29.32
N ALA V 104 -47.55 10.31 30.51
CA ALA V 104 -47.71 9.49 31.70
C ALA V 104 -49.18 9.28 32.04
N ASP V 105 -49.98 10.35 31.95
CA ASP V 105 -51.40 10.23 32.26
C ASP V 105 -52.13 9.38 31.23
N ILE V 106 -51.76 9.52 29.94
CA ILE V 106 -52.35 8.69 28.91
C ILE V 106 -52.02 7.22 29.16
N GLU V 107 -50.76 6.94 29.50
CA GLU V 107 -50.36 5.57 29.79
C GLU V 107 -51.12 5.01 30.99
N ARG V 108 -51.27 5.83 32.04
CA ARG V 108 -51.95 5.36 33.24
C ARG V 108 -53.42 5.06 32.97
N THR V 109 -54.10 5.94 32.23
CA THR V 109 -55.51 5.69 31.93
C THR V 109 -55.68 4.51 30.99
N ILE V 110 -54.76 4.33 30.04
CA ILE V 110 -54.86 3.17 29.15
C ILE V 110 -54.61 1.88 29.94
N ASN V 111 -53.66 1.90 30.87
CA ASN V 111 -53.39 0.71 31.67
C ASN V 111 -54.58 0.36 32.55
N GLU V 112 -55.18 1.35 33.21
CA GLU V 112 -56.35 1.06 34.05
C GLU V 112 -57.52 0.58 33.19
N LEU V 113 -57.67 1.14 31.99
CA LEU V 113 -58.70 0.68 31.07
C LEU V 113 -58.48 -0.77 30.66
N GLY V 114 -57.24 -1.12 30.36
CA GLY V 114 -56.93 -2.50 29.99
C GLY V 114 -57.14 -3.49 31.12
N GLU V 115 -56.74 -3.10 32.34
CA GLU V 115 -56.94 -4.00 33.47
C GLU V 115 -58.40 -4.11 33.85
N LYS V 116 -59.20 -3.09 33.53
CA LYS V 116 -60.65 -3.24 33.66
C LYS V 116 -61.20 -4.18 32.60
N ALA V 117 -60.72 -4.06 31.36
CA ALA V 117 -61.25 -4.88 30.27
C ALA V 117 -60.87 -6.34 30.43
N ARG V 118 -59.69 -6.63 30.99
CA ARG V 118 -59.28 -8.02 31.16
C ARG V 118 -60.25 -8.78 32.05
N LYS V 119 -60.64 -8.20 33.18
CA LYS V 119 -61.62 -8.82 34.07
C LYS V 119 -63.04 -8.43 33.72
N ASN V 120 -63.23 -7.50 32.79
CA ASN V 120 -64.54 -7.13 32.23
C ASN V 120 -65.47 -6.56 33.31
N GLU V 121 -65.10 -5.39 33.82
CA GLU V 121 -66.01 -4.58 34.63
C GLU V 121 -66.35 -3.25 33.94
N LEU V 122 -66.13 -3.15 32.64
CA LEU V 122 -66.30 -1.87 31.95
C LEU V 122 -67.77 -1.51 31.82
N ALA V 123 -68.17 -0.42 32.46
CA ALA V 123 -69.52 0.08 32.30
C ALA V 123 -69.65 0.86 31.00
N ILE V 124 -70.90 1.12 30.62
CA ILE V 124 -71.15 1.87 29.39
C ILE V 124 -70.74 3.32 29.57
N GLU V 125 -70.70 3.82 30.81
CA GLU V 125 -70.34 5.21 31.04
C GLU V 125 -68.93 5.53 30.57
N ASP V 126 -68.06 4.52 30.50
CA ASP V 126 -66.70 4.70 30.01
C ASP V 126 -66.57 4.41 28.52
N MET V 127 -67.68 4.13 27.82
CA MET V 127 -67.63 3.73 26.42
C MET V 127 -68.30 4.71 25.48
N ASP V 128 -69.06 5.67 25.99
CA ASP V 128 -69.81 6.58 25.14
C ASP V 128 -69.12 7.95 25.07
N GLY V 129 -69.58 8.78 24.14
CA GLY V 129 -69.05 10.11 23.98
C GLY V 129 -67.71 10.16 23.27
N GLY V 130 -67.68 9.72 22.02
CA GLY V 130 -66.45 9.67 21.24
C GLY V 130 -66.36 10.83 20.26
N THR V 131 -65.15 11.35 20.08
CA THR V 131 -64.88 12.40 19.12
C THR V 131 -63.93 11.98 18.02
N PHE V 132 -62.92 11.19 18.36
CA PHE V 132 -61.93 10.72 17.41
C PHE V 132 -61.51 9.32 17.84
N THR V 133 -61.36 8.43 16.86
CA THR V 133 -61.07 7.03 17.13
C THR V 133 -59.72 6.66 16.55
N ILE V 134 -58.93 5.92 17.32
CA ILE V 134 -57.65 5.40 16.88
C ILE V 134 -57.67 3.89 17.09
N SER V 135 -57.30 3.14 16.06
CA SER V 135 -57.30 1.68 16.10
C SER V 135 -55.86 1.21 15.90
N ASN V 136 -55.22 0.77 16.98
CA ASN V 136 -53.85 0.29 16.90
C ASN V 136 -53.81 -1.10 16.28
N GLY V 137 -53.66 -1.17 14.95
CA GLY V 137 -53.59 -2.43 14.26
C GLY V 137 -52.17 -2.93 14.10
N GLY V 138 -51.26 -2.42 14.93
CA GLY V 138 -49.88 -2.85 14.89
C GLY V 138 -49.58 -4.12 15.66
N VAL V 139 -50.47 -4.53 16.56
CA VAL V 139 -50.26 -5.77 17.29
C VAL V 139 -50.31 -6.97 16.35
N PHE V 140 -51.15 -6.88 15.33
CA PHE V 140 -51.19 -7.87 14.25
C PHE V 140 -50.59 -7.20 13.01
N GLY V 141 -49.49 -7.76 12.51
CA GLY V 141 -48.73 -7.14 11.45
C GLY V 141 -49.56 -6.71 10.25
N SER V 142 -49.72 -5.40 10.09
CA SER V 142 -50.53 -4.83 9.01
C SER V 142 -49.73 -3.75 8.32
N LEU V 143 -49.66 -3.81 6.99
CA LEU V 143 -48.89 -2.82 6.26
C LEU V 143 -49.64 -1.49 6.20
N PHE V 144 -50.79 -1.47 5.55
CA PHE V 144 -51.67 -0.31 5.53
C PHE V 144 -53.01 -0.74 4.97
N GLY V 145 -54.02 0.09 5.22
CA GLY V 145 -55.37 -0.22 4.77
C GLY V 145 -56.38 0.77 5.29
N THR V 146 -57.59 0.74 4.75
CA THR V 146 -58.62 1.71 5.08
C THR V 146 -59.34 1.29 6.34
N PRO V 147 -59.28 2.05 7.42
CA PRO V 147 -60.02 1.69 8.64
C PRO V 147 -61.48 2.10 8.55
N ILE V 148 -62.29 1.49 9.42
CA ILE V 148 -63.72 1.75 9.50
C ILE V 148 -64.00 2.64 10.70
N ILE V 149 -64.80 3.69 10.47
CA ILE V 149 -65.07 4.63 11.54
C ILE V 149 -66.03 4.03 12.55
N ASN V 150 -66.02 4.60 13.74
CA ASN V 150 -66.95 4.25 14.82
C ASN V 150 -67.83 5.45 15.11
N PRO V 151 -69.04 5.60 14.49
CA PRO V 151 -69.84 6.81 14.63
C PRO V 151 -70.41 6.97 16.04
N PRO V 152 -70.76 8.19 16.50
CA PRO V 152 -71.25 9.26 15.63
C PRO V 152 -70.15 10.23 15.18
N GLN V 153 -68.87 9.90 15.36
CA GLN V 153 -67.84 10.86 15.05
C GLN V 153 -67.54 10.87 13.54
N SER V 154 -66.64 11.77 13.14
CA SER V 154 -66.41 12.07 11.74
C SER V 154 -65.24 11.31 11.11
N ALA V 155 -64.04 11.44 11.67
CA ALA V 155 -62.86 10.84 11.07
C ALA V 155 -62.13 10.03 12.13
N ILE V 156 -61.42 8.99 11.67
CA ILE V 156 -60.59 8.18 12.55
C ILE V 156 -59.21 8.03 11.95
N LEU V 157 -58.24 7.76 12.82
CA LEU V 157 -56.86 7.53 12.42
C LEU V 157 -56.53 6.07 12.65
N GLY V 158 -56.07 5.39 11.60
CA GLY V 158 -55.73 3.99 11.71
C GLY V 158 -54.24 3.74 11.72
N MET V 159 -53.73 3.20 12.81
CA MET V 159 -52.32 2.86 12.90
C MET V 159 -52.09 1.43 12.42
N HIS V 160 -50.83 1.11 12.13
CA HIS V 160 -50.47 -0.17 11.56
C HIS V 160 -49.19 -0.65 12.22
N GLY V 161 -48.56 -1.66 11.62
CA GLY V 161 -47.31 -2.16 12.15
C GLY V 161 -46.12 -1.31 11.77
N ILE V 162 -45.10 -1.35 12.62
CA ILE V 162 -43.86 -0.61 12.39
C ILE V 162 -42.84 -1.56 11.79
N PHE V 163 -42.39 -1.26 10.58
CA PHE V 163 -41.44 -2.10 9.86
C PHE V 163 -40.19 -1.30 9.55
N ASP V 164 -39.04 -1.96 9.65
CA ASP V 164 -37.78 -1.36 9.24
C ASP V 164 -37.72 -1.31 7.71
N ARG V 165 -37.69 -0.11 7.15
CA ARG V 165 -37.66 0.07 5.71
C ARG V 165 -36.60 1.09 5.33
N PRO V 166 -36.00 0.95 4.14
CA PRO V 166 -35.02 1.94 3.69
C PRO V 166 -35.71 3.21 3.23
N VAL V 167 -35.17 4.36 3.63
CA VAL V 167 -35.70 5.66 3.24
C VAL V 167 -34.53 6.55 2.83
N ALA V 168 -34.87 7.78 2.46
CA ALA V 168 -33.87 8.76 2.02
C ALA V 168 -33.85 9.93 2.98
N VAL V 169 -32.69 10.14 3.61
CA VAL V 169 -32.46 11.30 4.47
C VAL V 169 -31.18 11.95 3.96
N GLY V 170 -31.33 13.09 3.29
CA GLY V 170 -30.19 13.78 2.72
C GLY V 170 -29.50 13.03 1.60
N GLY V 171 -30.26 12.27 0.82
CA GLY V 171 -29.72 11.55 -0.31
C GLY V 171 -29.18 10.17 0.01
N LYS V 172 -28.98 9.84 1.28
CA LYS V 172 -28.47 8.54 1.68
C LYS V 172 -29.61 7.58 1.95
N VAL V 173 -29.32 6.29 1.89
CA VAL V 173 -30.31 5.24 2.16
C VAL V 173 -29.95 4.57 3.47
N GLU V 174 -30.83 4.71 4.47
CA GLU V 174 -30.67 4.02 5.74
C GLU V 174 -31.98 3.33 6.10
N VAL V 175 -31.87 2.31 6.95
CA VAL V 175 -33.01 1.52 7.41
C VAL V 175 -33.52 2.17 8.68
N ARG V 176 -34.79 2.60 8.66
CA ARG V 176 -35.39 3.27 9.80
C ARG V 176 -36.73 2.62 10.12
N PRO V 177 -37.11 2.57 11.41
CA PRO V 177 -38.40 1.99 11.79
C PRO V 177 -39.53 2.95 11.45
N MET V 178 -40.27 2.63 10.39
CA MET V 178 -41.21 3.56 9.77
C MET V 178 -42.51 2.85 9.45
N MET V 179 -43.64 3.49 9.75
CA MET V 179 -44.93 2.83 9.61
C MET V 179 -45.93 3.75 8.91
N TYR V 180 -46.96 3.14 8.34
CA TYR V 180 -47.97 3.87 7.60
C TYR V 180 -49.07 4.35 8.55
N VAL V 181 -49.66 5.49 8.22
CA VAL V 181 -50.80 6.02 8.94
C VAL V 181 -51.89 6.36 7.92
N ALA V 182 -53.13 5.98 8.22
CA ALA V 182 -54.26 6.28 7.38
C ALA V 182 -55.28 7.07 8.18
N LEU V 183 -55.83 8.11 7.56
CA LEU V 183 -56.88 8.93 8.19
C LEU V 183 -58.12 8.85 7.31
N THR V 184 -59.07 8.01 7.70
CA THR V 184 -60.36 7.94 7.03
C THR V 184 -61.25 9.04 7.58
N TYR V 185 -61.79 9.87 6.69
CA TYR V 185 -62.53 11.05 7.08
C TYR V 185 -63.84 11.16 6.32
N ASP V 186 -64.85 11.67 7.00
CA ASP V 186 -66.14 11.94 6.36
C ASP V 186 -65.95 13.07 5.37
N HIS V 187 -66.06 12.75 4.08
CA HIS V 187 -65.71 13.73 3.04
C HIS V 187 -66.68 14.90 3.02
N ARG V 188 -67.88 14.73 3.57
CA ARG V 188 -68.88 15.78 3.56
C ARG V 188 -68.42 17.03 4.32
N LEU V 189 -67.84 16.85 5.50
CA LEU V 189 -67.38 17.95 6.33
C LEU V 189 -65.93 18.33 6.05
N ILE V 190 -65.04 17.34 5.98
CA ILE V 190 -63.62 17.57 5.81
C ILE V 190 -63.27 17.42 4.34
N ASP V 191 -62.65 18.45 3.76
CA ASP V 191 -62.21 18.41 2.38
C ASP V 191 -60.76 17.92 2.33
N GLY V 192 -60.12 18.08 1.15
CA GLY V 192 -58.81 17.49 0.95
C GLY V 192 -57.71 18.13 1.78
N ARG V 193 -57.72 19.46 1.91
CA ARG V 193 -56.58 20.14 2.52
C ARG V 193 -56.48 19.85 4.01
N GLU V 194 -57.59 19.91 4.75
CA GLU V 194 -57.49 19.63 6.18
C GLU V 194 -57.33 18.14 6.44
N ALA V 195 -57.85 17.29 5.56
CA ALA V 195 -57.67 15.85 5.73
C ALA V 195 -56.21 15.44 5.58
N VAL V 196 -55.42 16.22 4.85
CA VAL V 196 -54.01 15.90 4.73
C VAL V 196 -53.16 16.71 5.72
N THR V 197 -53.56 17.94 6.02
CA THR V 197 -52.84 18.73 7.02
C THR V 197 -52.96 18.11 8.41
N PHE V 198 -54.13 17.56 8.73
CA PHE V 198 -54.32 16.85 9.99
C PHE V 198 -53.33 15.70 10.12
N LEU V 199 -53.23 14.87 9.09
CA LEU V 199 -52.32 13.74 9.10
C LEU V 199 -50.87 14.21 9.14
N ARG V 200 -50.55 15.30 8.44
CA ARG V 200 -49.19 15.83 8.50
C ARG V 200 -48.83 16.30 9.90
N LYS V 201 -49.76 16.96 10.59
CA LYS V 201 -49.47 17.41 11.95
C LYS V 201 -49.32 16.24 12.91
N ILE V 202 -50.13 15.19 12.75
CA ILE V 202 -49.94 13.99 13.55
C ILE V 202 -48.56 13.40 13.28
N LYS V 203 -48.17 13.34 12.02
CA LYS V 203 -46.86 12.82 11.64
C LYS V 203 -45.75 13.66 12.29
N ALA V 204 -45.88 14.98 12.24
CA ALA V 204 -44.87 15.85 12.80
C ALA V 204 -44.76 15.69 14.31
N ALA V 205 -45.90 15.58 15.00
CA ALA V 205 -45.86 15.48 16.45
C ALA V 205 -45.37 14.11 16.92
N VAL V 206 -45.54 13.07 16.09
CA VAL V 206 -45.02 11.76 16.48
C VAL V 206 -43.54 11.63 16.14
N GLU V 207 -43.11 12.27 15.05
CA GLU V 207 -41.70 12.16 14.66
C GLU V 207 -40.78 12.77 15.71
N ASP V 208 -41.14 13.93 16.26
CA ASP V 208 -40.45 14.50 17.41
C ASP V 208 -41.45 15.10 18.38
N PRO V 209 -41.58 14.53 19.57
CA PRO V 209 -42.55 15.07 20.54
C PRO V 209 -42.24 16.49 20.98
N ARG V 210 -41.02 16.99 20.72
CA ARG V 210 -40.66 18.35 21.08
C ARG V 210 -41.55 19.38 20.42
N VAL V 211 -42.20 19.04 19.31
CA VAL V 211 -43.16 19.94 18.68
C VAL V 211 -44.34 20.19 19.61
N LEU V 212 -44.81 19.15 20.30
CA LEU V 212 -45.91 19.31 21.23
C LEU V 212 -45.56 20.28 22.35
N LEU V 213 -44.35 20.14 22.90
CA LEU V 213 -43.90 21.03 23.96
C LEU V 213 -43.74 22.45 23.44
N LEU V 214 -43.15 22.60 22.26
CA LEU V 214 -42.91 23.90 21.65
C LEU V 214 -44.17 24.49 21.03
N ASP V 215 -45.20 23.68 20.83
CA ASP V 215 -46.51 24.13 20.36
C ASP V 215 -46.34 24.86 19.03
N LEU V 216 -45.94 24.09 18.03
CA LEU V 216 -45.85 24.61 16.67
C LEU V 216 -47.24 24.72 16.07
N CYS W 8 -27.73 36.10 57.08
CA CYS W 8 -27.45 35.67 55.72
C CYS W 8 -26.69 34.35 55.70
N ALA W 9 -27.25 33.37 55.00
CA ALA W 9 -26.62 32.05 54.87
C ALA W 9 -26.94 31.53 53.47
N MET W 10 -26.00 31.69 52.56
CA MET W 10 -26.17 31.29 51.17
C MET W 10 -25.28 30.09 50.87
N LEU W 11 -25.90 29.00 50.40
CA LEU W 11 -25.20 27.77 50.04
C LEU W 11 -25.42 27.53 48.56
N THR W 12 -24.33 27.40 47.81
CA THR W 12 -24.41 27.35 46.35
C THR W 12 -23.90 26.01 45.84
N THR W 13 -24.66 25.39 44.95
CA THR W 13 -24.24 24.15 44.29
C THR W 13 -24.22 24.36 42.79
N PHE W 14 -23.18 23.84 42.13
CA PHE W 14 -23.00 23.99 40.70
C PHE W 14 -23.20 22.64 40.00
N ASN W 15 -23.42 22.72 38.68
CA ASN W 15 -23.60 21.51 37.87
C ASN W 15 -23.47 21.91 36.41
N GLU W 16 -23.32 20.90 35.56
CA GLU W 16 -23.09 21.09 34.13
C GLU W 16 -24.28 20.56 33.33
N VAL W 17 -24.72 21.37 32.36
CA VAL W 17 -25.89 21.05 31.54
C VAL W 17 -25.43 20.96 30.09
N ASP W 18 -25.79 19.85 29.44
CA ASP W 18 -25.43 19.67 28.02
C ASP W 18 -26.38 20.50 27.18
N MET W 19 -25.84 21.46 26.43
CA MET W 19 -26.64 22.44 25.72
C MET W 19 -27.01 21.99 24.31
N SER W 20 -26.48 20.85 23.86
CA SER W 20 -26.53 20.50 22.44
C SER W 20 -27.94 20.17 21.98
N ASN W 21 -28.71 19.42 22.78
CA ASN W 21 -30.03 18.98 22.35
C ASN W 21 -30.94 20.18 22.09
N ILE W 22 -30.97 21.14 23.02
CA ILE W 22 -31.90 22.26 22.85
C ILE W 22 -31.42 23.20 21.75
N GLN W 23 -30.10 23.30 21.54
CA GLN W 23 -29.61 24.09 20.42
C GLN W 23 -30.01 23.47 19.09
N GLU W 24 -29.92 22.14 18.99
CA GLU W 24 -30.36 21.46 17.78
C GLU W 24 -31.86 21.63 17.57
N MET W 25 -32.63 21.54 18.65
CA MET W 25 -34.07 21.77 18.54
C MET W 25 -34.38 23.18 18.07
N ARG W 26 -33.66 24.17 18.59
CA ARG W 26 -33.85 25.55 18.13
C ARG W 26 -33.49 25.69 16.67
N ALA W 27 -32.34 25.15 16.26
CA ALA W 27 -31.92 25.28 14.87
C ALA W 27 -32.92 24.62 13.93
N ARG W 28 -33.53 23.51 14.37
CA ARG W 28 -34.49 22.80 13.52
C ARG W 28 -35.85 23.48 13.46
N HIS W 29 -36.30 24.12 14.55
CA HIS W 29 -37.67 24.60 14.65
C HIS W 29 -37.77 26.12 14.74
N LYS W 30 -36.66 26.86 14.65
CA LYS W 30 -36.71 28.31 14.82
C LYS W 30 -37.52 28.97 13.71
N ASP W 31 -37.37 28.49 12.47
CA ASP W 31 -38.02 29.14 11.34
C ASP W 31 -39.53 29.11 11.46
N ALA W 32 -40.09 27.92 11.70
CA ALA W 32 -41.55 27.79 11.79
C ALA W 32 -42.09 28.50 13.02
N PHE W 33 -41.37 28.44 14.13
CA PHE W 33 -41.80 29.12 15.35
C PHE W 33 -41.85 30.63 15.13
N LEU W 34 -40.83 31.18 14.48
CA LEU W 34 -40.83 32.61 14.17
C LEU W 34 -41.93 32.97 13.18
N LYS W 35 -42.19 32.09 12.20
CA LYS W 35 -43.25 32.35 11.24
C LYS W 35 -44.61 32.36 11.90
N LYS W 36 -44.84 31.50 12.88
CA LYS W 36 -46.17 31.35 13.46
C LYS W 36 -46.41 32.28 14.65
N HIS W 37 -45.55 32.28 15.65
CA HIS W 37 -45.76 33.05 16.87
C HIS W 37 -45.06 34.40 16.86
N ASN W 38 -44.27 34.69 15.83
CA ASN W 38 -43.51 35.95 15.73
C ASN W 38 -42.58 36.15 16.93
N LEU W 39 -41.96 35.07 17.39
CA LEU W 39 -41.07 35.13 18.53
C LEU W 39 -39.75 34.43 18.19
N LYS W 40 -38.68 34.93 18.78
CA LYS W 40 -37.36 34.33 18.64
C LYS W 40 -37.25 33.14 19.57
N LEU W 41 -36.86 31.98 19.03
CA LEU W 41 -36.68 30.80 19.84
C LEU W 41 -35.40 30.93 20.66
N GLY W 42 -35.53 30.83 21.99
CA GLY W 42 -34.41 30.98 22.88
C GLY W 42 -34.28 29.82 23.84
N PHE W 43 -33.11 29.71 24.46
CA PHE W 43 -32.85 28.66 25.44
C PHE W 43 -33.38 28.99 26.82
N MET W 44 -33.91 30.19 27.04
CA MET W 44 -34.42 30.57 28.35
C MET W 44 -35.78 29.93 28.65
N SER W 45 -36.61 29.74 27.62
CA SER W 45 -37.90 29.10 27.85
C SER W 45 -37.73 27.67 28.32
N ALA W 46 -36.76 26.95 27.76
CA ALA W 46 -36.49 25.59 28.21
C ALA W 46 -36.11 25.58 29.67
N PHE W 47 -35.27 26.53 30.09
CA PHE W 47 -34.83 26.56 31.48
C PHE W 47 -35.97 26.95 32.41
N VAL W 48 -36.83 27.88 32.00
CA VAL W 48 -37.97 28.26 32.84
C VAL W 48 -38.93 27.10 33.00
N LYS W 49 -39.21 26.39 31.90
CA LYS W 49 -40.10 25.24 31.99
C LYS W 49 -39.50 24.14 32.85
N ALA W 50 -38.19 23.90 32.72
CA ALA W 50 -37.54 22.89 33.56
C ALA W 50 -37.57 23.28 35.03
N SER W 51 -37.37 24.57 35.33
CA SER W 51 -37.45 25.02 36.71
C SER W 51 -38.86 24.82 37.27
N ALA W 52 -39.88 25.14 36.46
CA ALA W 52 -41.25 24.90 36.90
C ALA W 52 -41.50 23.42 37.17
N PHE W 53 -41.00 22.56 36.28
CA PHE W 53 -41.22 21.12 36.43
C PHE W 53 -40.55 20.60 37.69
N ALA W 54 -39.28 20.96 37.90
CA ALA W 54 -38.56 20.51 39.09
C ALA W 54 -39.17 21.08 40.37
N LEU W 55 -39.70 22.30 40.31
CA LEU W 55 -40.42 22.85 41.45
C LEU W 55 -41.68 22.05 41.74
N GLN W 56 -42.36 21.61 40.69
CA GLN W 56 -43.51 20.72 40.90
C GLN W 56 -43.10 19.44 41.60
N GLU W 57 -42.00 18.83 41.16
CA GLU W 57 -41.58 17.56 41.77
C GLU W 57 -41.17 17.74 43.22
N GLN W 58 -40.53 18.87 43.55
CA GLN W 58 -39.91 19.08 44.87
C GLN W 58 -40.41 20.41 45.44
N PRO W 59 -41.56 20.40 46.12
CA PRO W 59 -42.17 21.66 46.56
C PRO W 59 -41.45 22.35 47.71
N VAL W 60 -40.49 21.69 48.37
CA VAL W 60 -39.78 22.33 49.48
C VAL W 60 -38.96 23.51 48.98
N VAL W 61 -38.38 23.40 47.78
CA VAL W 61 -37.68 24.52 47.18
C VAL W 61 -38.62 25.69 46.95
N ASN W 62 -39.91 25.41 46.83
CA ASN W 62 -40.92 26.44 46.64
C ASN W 62 -41.43 27.04 47.94
N ALA W 63 -41.01 26.52 49.09
CA ALA W 63 -41.49 27.00 50.37
C ALA W 63 -40.60 28.12 50.91
N VAL W 64 -40.94 28.62 52.10
CA VAL W 64 -40.17 29.66 52.75
C VAL W 64 -40.41 29.54 54.25
N ILE W 65 -39.40 29.89 55.03
CA ILE W 65 -39.49 29.87 56.49
C ILE W 65 -39.57 31.30 57.00
N ASP W 66 -40.64 31.60 57.74
CA ASP W 66 -40.88 32.94 58.26
C ASP W 66 -40.03 33.13 59.51
N ASP W 67 -39.06 34.04 59.43
CA ASP W 67 -38.17 34.28 60.56
C ASP W 67 -38.92 34.83 61.77
N ALA W 68 -40.06 35.50 61.54
CA ALA W 68 -40.83 36.06 62.64
C ALA W 68 -41.39 34.96 63.54
N THR W 69 -41.89 33.87 62.94
CA THR W 69 -42.53 32.80 63.70
C THR W 69 -41.75 31.49 63.67
N LYS W 70 -40.70 31.39 62.86
CA LYS W 70 -39.90 30.16 62.74
C LYS W 70 -40.79 28.98 62.33
N GLU W 71 -41.41 29.11 61.16
CA GLU W 71 -42.29 28.08 60.64
C GLU W 71 -42.21 28.06 59.13
N VAL W 72 -42.27 26.86 58.55
CA VAL W 72 -42.20 26.70 57.11
C VAL W 72 -43.52 27.14 56.49
N VAL W 73 -43.45 27.98 55.47
CA VAL W 73 -44.62 28.49 54.77
C VAL W 73 -44.60 27.90 53.36
N TYR W 74 -45.50 26.96 53.10
CA TYR W 74 -45.54 26.30 51.81
C TYR W 74 -46.32 27.13 50.79
N ARG W 75 -45.83 27.14 49.56
CA ARG W 75 -46.50 27.80 48.45
C ARG W 75 -46.78 26.76 47.37
N ASP W 76 -47.98 26.80 46.79
CA ASP W 76 -48.34 25.82 45.78
C ASP W 76 -48.27 26.40 44.37
N TYR W 77 -48.70 27.65 44.20
CA TYR W 77 -48.56 28.31 42.90
C TYR W 77 -47.09 28.54 42.59
N ILE W 78 -46.75 28.47 41.31
CA ILE W 78 -45.37 28.59 40.84
C ILE W 78 -45.24 29.88 40.05
N ASP W 79 -44.43 30.81 40.58
CA ASP W 79 -44.10 32.05 39.91
C ASP W 79 -42.59 32.14 39.80
N ILE W 80 -42.08 32.35 38.60
CA ILE W 80 -40.64 32.43 38.34
C ILE W 80 -40.31 33.83 37.86
N SER W 81 -39.39 34.48 38.56
CA SER W 81 -38.97 35.83 38.21
C SER W 81 -37.68 35.75 37.40
N VAL W 82 -37.70 36.31 36.20
CA VAL W 82 -36.55 36.31 35.32
C VAL W 82 -35.78 37.61 35.51
N ALA W 83 -34.49 37.59 35.18
CA ALA W 83 -33.63 38.76 35.27
C ALA W 83 -33.42 39.30 33.86
N VAL W 84 -33.95 40.49 33.60
CA VAL W 84 -33.80 41.16 32.31
C VAL W 84 -33.05 42.46 32.56
N ALA W 85 -32.17 42.44 33.56
CA ALA W 85 -31.54 43.62 34.14
C ALA W 85 -31.09 44.62 33.09
N THR W 86 -31.67 45.81 33.16
CA THR W 86 -31.39 46.94 32.29
C THR W 86 -30.03 47.56 32.65
N PRO W 87 -29.31 48.10 31.66
CA PRO W 87 -28.05 48.80 31.97
C PRO W 87 -28.15 49.79 33.14
N ARG W 88 -29.34 50.31 33.43
CA ARG W 88 -29.50 51.15 34.61
C ARG W 88 -29.29 50.36 35.89
N GLY W 89 -29.88 49.17 35.99
CA GLY W 89 -29.78 48.38 37.19
C GLY W 89 -30.50 47.06 37.04
N LEU W 90 -30.46 46.29 38.12
CA LEU W 90 -31.05 44.95 38.13
C LEU W 90 -32.56 45.02 38.34
N VAL W 91 -33.30 44.34 37.47
CA VAL W 91 -34.76 44.28 37.54
C VAL W 91 -35.20 42.85 37.35
N VAL W 92 -36.24 42.45 38.09
CA VAL W 92 -36.70 41.06 38.08
C VAL W 92 -38.20 40.99 37.81
N PRO W 93 -38.64 41.05 36.56
CA PRO W 93 -40.06 40.81 36.27
C PRO W 93 -40.46 39.38 36.62
N VAL W 94 -41.74 39.21 36.96
CA VAL W 94 -42.25 37.94 37.48
C VAL W 94 -43.20 37.32 36.46
N ILE W 95 -42.98 36.05 36.17
CA ILE W 95 -43.93 35.24 35.39
C ILE W 95 -44.79 34.45 36.36
N ARG W 96 -46.10 34.58 36.22
CA ARG W 96 -47.04 33.97 37.15
C ARG W 96 -47.69 32.76 36.53
N ASN W 97 -47.81 31.69 37.32
CA ASN W 97 -48.43 30.44 36.91
C ASN W 97 -47.74 29.84 35.68
N VAL W 98 -46.46 29.51 35.87
CA VAL W 98 -45.66 28.93 34.80
C VAL W 98 -45.93 27.44 34.63
N GLU W 99 -46.62 26.82 35.59
CA GLU W 99 -46.82 25.37 35.53
C GLU W 99 -47.83 24.95 34.47
N THR W 100 -48.52 25.90 33.85
CA THR W 100 -49.49 25.60 32.79
C THR W 100 -49.12 26.25 31.46
N MET W 101 -47.83 26.54 31.26
CA MET W 101 -47.35 27.16 30.03
C MET W 101 -46.43 26.20 29.28
N ASN W 102 -46.37 26.38 27.97
CA ASN W 102 -45.48 25.62 27.10
C ASN W 102 -44.35 26.52 26.60
N TYR W 103 -43.55 25.99 25.68
CA TYR W 103 -42.47 26.80 25.11
C TYR W 103 -42.99 27.93 24.25
N ALA W 104 -44.17 27.75 23.64
CA ALA W 104 -44.78 28.84 22.88
C ALA W 104 -45.12 30.02 23.77
N ASP W 105 -45.65 29.74 24.97
CA ASP W 105 -45.78 30.75 26.00
C ASP W 105 -44.41 30.95 26.64
N ILE W 106 -44.36 31.59 27.81
CA ILE W 106 -43.11 31.90 28.49
C ILE W 106 -42.28 32.84 27.63
N GLU W 107 -42.00 32.43 26.39
CA GLU W 107 -41.32 33.32 25.45
C GLU W 107 -42.14 34.58 25.21
N ARG W 108 -43.45 34.43 25.03
CA ARG W 108 -44.33 35.59 24.93
C ARG W 108 -44.27 36.43 26.21
N THR W 109 -44.34 35.77 27.36
CA THR W 109 -44.36 36.50 28.62
C THR W 109 -43.03 37.19 28.88
N ILE W 110 -41.91 36.50 28.64
CA ILE W 110 -40.63 37.16 28.84
C ILE W 110 -40.44 38.29 27.84
N ASN W 111 -40.97 38.15 26.63
CA ASN W 111 -40.88 39.24 25.66
C ASN W 111 -41.64 40.48 26.13
N GLU W 112 -42.89 40.28 26.60
CA GLU W 112 -43.66 41.42 27.10
C GLU W 112 -43.01 42.05 28.33
N LEU W 113 -42.49 41.23 29.24
CA LEU W 113 -41.85 41.78 30.43
C LEU W 113 -40.59 42.55 30.07
N GLY W 114 -39.80 42.05 29.12
CA GLY W 114 -38.66 42.79 28.64
C GLY W 114 -39.06 44.11 28.00
N GLU W 115 -40.15 44.10 27.23
CA GLU W 115 -40.65 45.34 26.65
C GLU W 115 -41.05 46.34 27.73
N LYS W 116 -41.73 45.85 28.78
CA LYS W 116 -42.08 46.71 29.90
C LYS W 116 -40.83 47.30 30.55
N ALA W 117 -39.79 46.47 30.72
CA ALA W 117 -38.56 46.95 31.33
C ALA W 117 -37.90 48.03 30.48
N ARG W 118 -37.86 47.83 29.17
CA ARG W 118 -37.27 48.84 28.30
C ARG W 118 -38.06 50.14 28.32
N LYS W 119 -39.39 50.06 28.29
CA LYS W 119 -40.22 51.25 28.24
C LYS W 119 -40.70 51.71 29.61
N ASN W 120 -40.19 51.10 30.69
CA ASN W 120 -40.42 51.57 32.07
C ASN W 120 -41.90 51.53 32.46
N GLU W 121 -42.57 50.42 32.18
CA GLU W 121 -43.88 50.15 32.75
C GLU W 121 -43.82 49.04 33.80
N LEU W 122 -42.63 48.65 34.23
CA LEU W 122 -42.45 47.59 35.21
C LEU W 122 -42.86 48.14 36.56
N ALA W 123 -44.11 47.89 36.96
CA ALA W 123 -44.66 48.44 38.19
C ALA W 123 -44.12 47.68 39.40
N ILE W 124 -44.43 48.18 40.58
CA ILE W 124 -43.86 47.62 41.81
C ILE W 124 -44.30 46.18 42.01
N GLU W 125 -45.58 45.88 41.75
CA GLU W 125 -46.10 44.54 42.00
C GLU W 125 -45.50 43.49 41.07
N ASP W 126 -44.83 43.89 39.99
CA ASP W 126 -44.29 42.94 39.02
C ASP W 126 -42.95 42.35 39.44
N MET W 127 -42.34 42.83 40.52
CA MET W 127 -41.06 42.31 40.97
C MET W 127 -41.13 41.64 42.34
N ASP W 128 -42.28 41.66 43.00
CA ASP W 128 -42.45 41.00 44.29
C ASP W 128 -43.33 39.77 44.13
N GLY W 129 -43.37 38.96 45.17
CA GLY W 129 -44.19 37.77 45.17
C GLY W 129 -43.73 36.70 44.20
N GLY W 130 -42.43 36.58 43.99
CA GLY W 130 -41.92 35.49 43.19
C GLY W 130 -41.52 34.30 44.03
N THR W 131 -41.61 33.11 43.43
CA THR W 131 -41.26 31.88 44.12
C THR W 131 -39.96 31.26 43.64
N PHE W 132 -39.41 31.71 42.51
CA PHE W 132 -38.14 31.24 42.00
C PHE W 132 -37.54 32.35 41.15
N THR W 133 -36.22 32.37 41.04
CA THR W 133 -35.52 33.36 40.24
C THR W 133 -34.53 32.65 39.34
N ILE W 134 -34.44 33.10 38.09
CA ILE W 134 -33.68 32.41 37.07
C ILE W 134 -32.64 33.35 36.46
N SER W 135 -32.07 34.21 37.30
CA SER W 135 -31.06 35.20 36.92
C SER W 135 -30.06 34.65 35.92
N ASN W 136 -29.97 35.31 34.77
CA ASN W 136 -29.14 34.87 33.64
C ASN W 136 -27.96 35.82 33.52
N GLY W 137 -26.80 35.39 34.00
CA GLY W 137 -25.58 36.12 33.85
C GLY W 137 -24.69 35.65 32.71
N GLY W 138 -25.21 34.81 31.82
CA GLY W 138 -24.42 34.25 30.74
C GLY W 138 -24.43 35.08 29.48
N VAL W 139 -25.30 36.09 29.43
CA VAL W 139 -25.33 36.99 28.29
C VAL W 139 -24.06 37.83 28.25
N PHE W 140 -23.34 37.89 29.36
CA PHE W 140 -22.05 38.57 29.42
C PHE W 140 -20.86 37.60 29.38
N GLY W 141 -21.11 36.30 29.24
CA GLY W 141 -20.05 35.34 29.04
C GLY W 141 -19.41 34.79 30.29
N SER W 142 -20.06 34.88 31.45
CA SER W 142 -19.50 34.36 32.67
C SER W 142 -19.41 32.84 32.61
N LEU W 143 -18.30 32.29 33.11
CA LEU W 143 -18.14 30.84 33.12
C LEU W 143 -19.05 30.21 34.18
N PHE W 144 -18.81 30.53 35.45
CA PHE W 144 -19.71 30.13 36.52
C PHE W 144 -19.43 30.98 37.74
N GLY W 145 -20.50 31.41 38.40
CA GLY W 145 -20.38 32.23 39.59
C GLY W 145 -21.55 31.95 40.52
N THR W 146 -21.44 32.52 41.72
CA THR W 146 -22.44 32.28 42.76
C THR W 146 -23.40 33.45 42.83
N PRO W 147 -24.66 33.30 42.42
CA PRO W 147 -25.61 34.39 42.58
C PRO W 147 -26.05 34.54 44.03
N ILE W 148 -26.85 35.59 44.28
CA ILE W 148 -27.31 35.92 45.62
C ILE W 148 -28.79 35.58 45.72
N ILE W 149 -29.17 34.92 46.82
CA ILE W 149 -30.57 34.59 47.04
C ILE W 149 -31.40 35.86 47.08
N ASN W 150 -32.46 35.90 46.29
CA ASN W 150 -33.34 37.06 46.27
C ASN W 150 -34.38 36.91 47.37
N PRO W 151 -34.40 37.80 48.37
CA PRO W 151 -35.36 37.63 49.46
C PRO W 151 -36.75 38.03 49.02
N PRO W 152 -37.79 37.40 49.60
CA PRO W 152 -37.76 36.38 50.63
C PRO W 152 -37.67 34.96 50.08
N GLN W 153 -37.36 34.80 48.80
CA GLN W 153 -37.33 33.48 48.18
C GLN W 153 -36.22 32.63 48.79
N SER W 154 -36.34 31.31 48.60
CA SER W 154 -35.41 30.36 49.18
C SER W 154 -34.46 29.72 48.17
N ALA W 155 -34.49 30.12 46.91
CA ALA W 155 -33.58 29.58 45.92
C ALA W 155 -33.52 30.51 44.71
N ILE W 156 -32.45 30.37 43.94
CA ILE W 156 -32.27 31.06 42.66
C ILE W 156 -31.37 30.21 41.79
N LEU W 157 -31.68 30.13 40.50
CA LEU W 157 -30.91 29.34 39.55
C LEU W 157 -30.14 30.27 38.64
N GLY W 158 -28.82 30.10 38.58
CA GLY W 158 -27.99 30.97 37.77
C GLY W 158 -27.54 30.31 36.49
N MET W 159 -27.96 30.87 35.36
CA MET W 159 -27.56 30.37 34.06
C MET W 159 -26.37 31.19 33.56
N HIS W 160 -25.32 30.49 33.14
CA HIS W 160 -24.08 31.12 32.71
C HIS W 160 -23.92 30.94 31.21
N GLY W 161 -22.77 31.38 30.69
CA GLY W 161 -22.54 31.33 29.27
C GLY W 161 -22.35 29.92 28.75
N ILE W 162 -22.61 29.77 27.45
CA ILE W 162 -22.45 28.50 26.75
C ILE W 162 -21.11 28.51 26.03
N PHE W 163 -20.28 27.52 26.32
CA PHE W 163 -18.98 27.39 25.67
C PHE W 163 -18.77 25.95 25.25
N ASP W 164 -17.96 25.77 24.22
CA ASP W 164 -17.64 24.43 23.72
C ASP W 164 -16.42 23.90 24.46
N ARG W 165 -16.59 22.82 25.21
CA ARG W 165 -15.47 22.18 25.89
C ARG W 165 -15.52 20.69 25.61
N PRO W 166 -14.38 20.02 25.64
CA PRO W 166 -14.38 18.56 25.44
C PRO W 166 -15.04 17.86 26.61
N VAL W 167 -15.94 16.91 26.29
CA VAL W 167 -16.64 16.12 27.29
C VAL W 167 -16.54 14.65 26.89
N ALA W 168 -16.34 13.80 27.90
CA ALA W 168 -16.22 12.36 27.68
C ALA W 168 -17.61 11.75 27.56
N VAL W 169 -17.91 11.21 26.39
CA VAL W 169 -19.18 10.53 26.12
C VAL W 169 -18.84 9.10 25.74
N GLY W 170 -19.17 8.15 26.61
CA GLY W 170 -18.84 6.76 26.35
C GLY W 170 -17.36 6.50 26.24
N GLY W 171 -16.56 7.15 27.08
CA GLY W 171 -15.13 6.98 27.06
C GLY W 171 -14.41 7.67 25.91
N LYS W 172 -15.10 8.50 25.15
CA LYS W 172 -14.53 9.17 23.99
C LYS W 172 -14.70 10.67 24.13
N VAL W 173 -13.64 11.40 23.79
CA VAL W 173 -13.63 12.86 23.93
C VAL W 173 -14.42 13.45 22.77
N GLU W 174 -15.41 14.30 23.10
CA GLU W 174 -16.21 14.98 22.12
C GLU W 174 -16.41 16.42 22.55
N VAL W 175 -16.41 17.33 21.58
CA VAL W 175 -16.60 18.75 21.83
C VAL W 175 -18.08 19.04 21.75
N ARG W 176 -18.68 19.43 22.87
CA ARG W 176 -20.10 19.71 22.96
C ARG W 176 -20.29 21.06 23.63
N PRO W 177 -21.35 21.78 23.28
CA PRO W 177 -21.66 23.03 24.00
C PRO W 177 -22.26 22.76 25.37
N MET W 178 -21.63 23.27 26.42
CA MET W 178 -22.02 22.94 27.78
C MET W 178 -22.22 24.22 28.59
N MET W 179 -23.19 24.16 29.50
CA MET W 179 -23.51 25.29 30.38
C MET W 179 -23.27 24.90 31.82
N TYR W 180 -22.60 25.78 32.56
CA TYR W 180 -22.53 25.65 34.01
C TYR W 180 -23.73 26.34 34.62
N VAL W 181 -24.43 25.66 35.51
CA VAL W 181 -25.61 26.20 36.16
C VAL W 181 -25.40 26.16 37.66
N ALA W 182 -25.83 27.22 38.34
CA ALA W 182 -25.68 27.35 39.78
C ALA W 182 -27.05 27.33 40.43
N LEU W 183 -27.07 27.01 41.73
CA LEU W 183 -28.29 27.03 42.52
C LEU W 183 -27.91 27.37 43.96
N THR W 184 -28.33 28.52 44.44
CA THR W 184 -28.05 28.94 45.81
C THR W 184 -29.28 28.68 46.66
N TYR W 185 -29.07 28.05 47.80
CA TYR W 185 -30.15 27.67 48.70
C TYR W 185 -29.75 27.98 50.13
N ASP W 186 -30.76 28.22 50.97
CA ASP W 186 -30.52 28.40 52.40
C ASP W 186 -30.58 27.04 53.09
N HIS W 187 -29.47 26.65 53.74
CA HIS W 187 -29.41 25.37 54.41
C HIS W 187 -30.34 25.30 55.62
N ARG W 188 -30.88 26.43 56.07
CA ARG W 188 -31.82 26.42 57.17
C ARG W 188 -33.17 25.82 56.78
N LEU W 189 -33.50 25.81 55.49
CA LEU W 189 -34.73 25.22 55.01
C LEU W 189 -34.49 24.04 54.07
N ILE W 190 -33.64 24.22 53.05
CA ILE W 190 -33.35 23.18 52.07
C ILE W 190 -32.03 22.53 52.43
N ASP W 191 -32.04 21.22 52.63
CA ASP W 191 -30.79 20.52 52.86
C ASP W 191 -30.10 20.21 51.53
N GLY W 192 -28.84 19.77 51.62
CA GLY W 192 -28.05 19.58 50.43
C GLY W 192 -28.61 18.53 49.49
N ARG W 193 -29.17 17.46 50.06
CA ARG W 193 -29.78 16.40 49.26
C ARG W 193 -30.85 16.98 48.34
N GLU W 194 -31.77 17.76 48.92
CA GLU W 194 -32.92 18.27 48.19
C GLU W 194 -32.49 19.23 47.09
N ALA W 195 -31.59 20.16 47.40
CA ALA W 195 -31.16 21.15 46.41
C ALA W 195 -30.34 20.49 45.30
N VAL W 196 -29.48 19.55 45.66
CA VAL W 196 -28.68 18.87 44.65
C VAL W 196 -29.58 18.10 43.70
N THR W 197 -30.57 17.38 44.25
CA THR W 197 -31.52 16.67 43.41
C THR W 197 -32.32 17.62 42.53
N PHE W 198 -32.71 18.77 43.08
CA PHE W 198 -33.46 19.75 42.30
C PHE W 198 -32.66 20.25 41.11
N LEU W 199 -31.40 20.63 41.35
CA LEU W 199 -30.56 21.11 40.26
C LEU W 199 -30.30 20.02 39.23
N ARG W 200 -30.05 18.79 39.70
CA ARG W 200 -29.83 17.67 38.79
C ARG W 200 -31.07 17.40 37.94
N LYS W 201 -32.25 17.58 38.51
CA LYS W 201 -33.48 17.33 37.76
C LYS W 201 -33.73 18.43 36.75
N ILE W 202 -33.40 19.68 37.10
CA ILE W 202 -33.44 20.77 36.12
C ILE W 202 -32.49 20.46 34.97
N LYS W 203 -31.29 19.98 35.29
CA LYS W 203 -30.31 19.61 34.27
C LYS W 203 -30.86 18.52 33.36
N ALA W 204 -31.52 17.52 33.96
CA ALA W 204 -32.10 16.43 33.16
C ALA W 204 -33.23 16.92 32.27
N ALA W 205 -34.04 17.86 32.76
CA ALA W 205 -35.17 18.34 31.97
C ALA W 205 -34.71 19.22 30.82
N VAL W 206 -33.69 20.06 31.04
CA VAL W 206 -33.15 20.88 29.96
C VAL W 206 -32.39 20.01 28.96
N GLU W 207 -31.63 19.04 29.47
CA GLU W 207 -30.80 18.21 28.61
C GLU W 207 -31.64 17.38 27.64
N ASP W 208 -32.77 16.88 28.11
CA ASP W 208 -33.71 16.14 27.27
C ASP W 208 -35.12 16.66 27.52
N PRO W 209 -35.67 17.48 26.62
CA PRO W 209 -36.97 18.10 26.90
C PRO W 209 -38.13 17.12 26.93
N ARG W 210 -37.95 15.88 26.47
CA ARG W 210 -39.05 14.93 26.42
C ARG W 210 -39.49 14.44 27.80
N VAL W 211 -38.62 14.55 28.82
CA VAL W 211 -39.01 14.11 30.16
C VAL W 211 -40.14 14.98 30.68
N LEU W 212 -40.23 16.22 30.19
CA LEU W 212 -41.35 17.08 30.54
C LEU W 212 -42.67 16.46 30.08
N LEU W 213 -42.67 15.82 28.91
CA LEU W 213 -43.85 15.10 28.45
C LEU W 213 -44.02 13.78 29.18
N LEU W 214 -42.92 13.11 29.51
CA LEU W 214 -42.99 11.82 30.19
C LEU W 214 -43.26 11.96 31.68
N ASP W 215 -43.02 13.15 32.25
CA ASP W 215 -43.20 13.41 33.68
C ASP W 215 -42.39 12.41 34.52
N LEU W 216 -41.08 12.49 34.34
CA LEU W 216 -40.16 11.64 35.10
C LEU W 216 -39.64 12.37 36.32
N GLN X 5 -22.56 32.53 52.93
CA GLN X 5 -21.11 32.43 52.86
C GLN X 5 -20.43 33.30 53.92
N ASN X 6 -21.12 34.36 54.34
CA ASN X 6 -20.57 35.24 55.36
C ASN X 6 -20.36 34.49 56.67
N THR X 7 -21.46 34.09 57.32
CA THR X 7 -21.45 33.36 58.59
C THR X 7 -20.33 33.83 59.51
N CYS X 8 -19.27 33.03 59.61
CA CYS X 8 -18.07 33.43 60.32
C CYS X 8 -16.87 32.97 59.51
N ALA X 9 -16.43 33.81 58.56
CA ALA X 9 -15.20 33.60 57.79
C ALA X 9 -15.21 32.24 57.09
N MET X 10 -16.12 32.11 56.14
CA MET X 10 -16.41 30.82 55.55
C MET X 10 -16.02 30.73 54.07
N LEU X 11 -14.78 31.09 53.75
CA LEU X 11 -14.28 30.97 52.38
C LEU X 11 -14.18 29.51 51.97
N THR X 12 -13.97 29.28 50.68
CA THR X 12 -13.88 27.95 50.11
C THR X 12 -12.81 27.91 49.03
N THR X 13 -12.05 26.83 48.97
CA THR X 13 -11.10 26.59 47.91
C THR X 13 -11.32 25.20 47.33
N PHE X 14 -11.05 25.06 46.05
CA PHE X 14 -11.47 23.94 45.22
C PHE X 14 -10.24 23.24 44.64
N ASN X 15 -10.35 21.94 44.42
CA ASN X 15 -9.29 21.16 43.78
C ASN X 15 -9.91 19.88 43.23
N GLU X 16 -9.08 19.08 42.55
CA GLU X 16 -9.52 17.81 41.99
C GLU X 16 -8.62 16.69 42.50
N VAL X 17 -9.16 15.48 42.49
CA VAL X 17 -8.47 14.30 42.99
C VAL X 17 -8.55 13.21 41.94
N ASP X 18 -7.46 12.45 41.77
CA ASP X 18 -7.42 11.39 40.79
C ASP X 18 -7.87 10.07 41.41
N MET X 19 -8.93 9.48 40.87
CA MET X 19 -9.43 8.21 41.38
C MET X 19 -9.34 7.10 40.35
N SER X 20 -8.21 7.03 39.65
CA SER X 20 -7.95 5.87 38.81
C SER X 20 -7.27 4.76 39.60
N ASN X 21 -6.48 5.13 40.62
CA ASN X 21 -5.79 4.14 41.42
C ASN X 21 -6.74 3.43 42.38
N ILE X 22 -7.65 4.18 43.01
CA ILE X 22 -8.52 3.61 44.02
C ILE X 22 -9.47 2.58 43.41
N GLN X 23 -10.10 2.94 42.29
CA GLN X 23 -10.95 1.97 41.61
C GLN X 23 -10.14 0.82 41.04
N GLU X 24 -8.91 1.10 40.61
CA GLU X 24 -7.98 0.02 40.29
C GLU X 24 -7.65 -0.81 41.52
N MET X 25 -7.52 -0.18 42.68
CA MET X 25 -7.33 -0.92 43.92
C MET X 25 -8.54 -1.77 44.27
N ARG X 26 -9.74 -1.23 44.08
CA ARG X 26 -10.96 -1.93 44.47
C ARG X 26 -11.40 -2.95 43.44
N ALA X 27 -11.00 -2.82 42.18
CA ALA X 27 -11.35 -3.79 41.16
C ALA X 27 -10.59 -5.10 41.31
N ARG X 28 -9.58 -5.15 42.18
CA ARG X 28 -8.79 -6.36 42.38
C ARG X 28 -8.94 -6.96 43.76
N HIS X 29 -9.43 -6.20 44.73
CA HIS X 29 -9.39 -6.62 46.13
C HIS X 29 -10.77 -6.77 46.75
N LYS X 30 -11.85 -6.54 46.00
CA LYS X 30 -13.18 -6.61 46.58
C LYS X 30 -13.49 -8.01 47.11
N ASP X 31 -13.12 -9.04 46.37
CA ASP X 31 -13.43 -10.41 46.80
C ASP X 31 -12.69 -10.77 48.08
N ALA X 32 -11.46 -10.26 48.24
CA ALA X 32 -10.68 -10.59 49.43
C ALA X 32 -11.35 -10.07 50.70
N PHE X 33 -11.89 -8.85 50.65
CA PHE X 33 -12.51 -8.27 51.84
C PHE X 33 -13.80 -9.00 52.21
N LEU X 34 -14.58 -9.39 51.21
CA LEU X 34 -15.83 -10.07 51.49
C LEU X 34 -15.60 -11.42 52.15
N LYS X 35 -14.49 -12.09 51.80
CA LYS X 35 -14.22 -13.39 52.38
C LYS X 35 -13.63 -13.27 53.77
N LYS X 36 -12.60 -12.44 53.94
CA LYS X 36 -11.92 -12.36 55.22
C LYS X 36 -12.69 -11.53 56.24
N HIS X 37 -13.34 -10.46 55.79
CA HIS X 37 -13.84 -9.47 56.74
C HIS X 37 -15.30 -9.08 56.53
N ASN X 38 -15.95 -9.62 55.50
CA ASN X 38 -17.41 -9.63 55.39
C ASN X 38 -18.02 -8.26 55.10
N LEU X 39 -17.20 -7.25 54.82
CA LEU X 39 -17.71 -5.93 54.49
C LEU X 39 -17.19 -5.49 53.12
N LYS X 40 -17.85 -4.49 52.55
CA LYS X 40 -17.57 -4.05 51.19
C LYS X 40 -16.66 -2.83 51.18
N LEU X 41 -15.92 -2.66 50.09
CA LEU X 41 -15.03 -1.52 49.94
C LEU X 41 -15.80 -0.30 49.46
N GLY X 42 -15.54 0.84 50.10
CA GLY X 42 -16.17 2.07 49.70
C GLY X 42 -15.19 3.11 49.23
N PHE X 43 -15.59 4.38 49.26
CA PHE X 43 -14.71 5.50 48.97
C PHE X 43 -14.25 6.25 50.20
N MET X 44 -15.14 6.41 51.18
CA MET X 44 -14.84 7.26 52.34
C MET X 44 -13.65 6.75 53.13
N SER X 45 -13.42 5.44 53.14
CA SER X 45 -12.26 4.89 53.85
C SER X 45 -10.96 5.44 53.29
N ALA X 46 -10.98 5.88 52.03
CA ALA X 46 -9.79 6.51 51.46
C ALA X 46 -9.75 8.00 51.75
N PHE X 47 -10.91 8.66 51.71
CA PHE X 47 -10.95 10.09 51.99
C PHE X 47 -10.83 10.38 53.49
N VAL X 48 -11.44 9.54 54.33
CA VAL X 48 -11.33 9.74 55.77
C VAL X 48 -9.91 9.48 56.24
N LYS X 49 -9.25 8.50 55.61
CA LYS X 49 -7.82 8.30 55.89
C LYS X 49 -6.95 9.41 55.33
N ALA X 50 -7.24 9.87 54.11
CA ALA X 50 -6.40 10.90 53.51
C ALA X 50 -6.45 12.18 54.32
N SER X 51 -7.62 12.49 54.89
CA SER X 51 -7.72 13.64 55.78
C SER X 51 -6.94 13.42 57.07
N ALA X 52 -7.04 12.23 57.65
CA ALA X 52 -6.42 11.98 58.97
C ALA X 52 -4.91 12.14 58.91
N PHE X 53 -4.26 11.49 57.94
CA PHE X 53 -2.82 11.66 57.81
C PHE X 53 -2.44 13.02 57.25
N ALA X 54 -3.41 13.81 56.79
CA ALA X 54 -3.13 15.19 56.43
C ALA X 54 -3.14 16.09 57.66
N LEU X 55 -3.75 15.64 58.76
CA LEU X 55 -3.87 16.46 59.96
C LEU X 55 -2.74 16.21 60.94
N GLN X 56 -2.09 15.04 60.89
CA GLN X 56 -1.06 14.75 61.88
C GLN X 56 0.17 15.63 61.72
N GLU X 57 0.34 16.27 60.57
CA GLU X 57 1.48 17.16 60.43
C GLU X 57 1.12 18.58 60.83
N GLN X 58 0.09 19.15 60.19
CA GLN X 58 -0.35 20.50 60.51
C GLN X 58 -1.56 20.42 61.45
N PRO X 59 -1.36 20.53 62.77
CA PRO X 59 -2.50 20.40 63.69
C PRO X 59 -3.22 21.71 63.95
N VAL X 60 -2.94 22.75 63.18
CA VAL X 60 -3.71 23.99 63.30
C VAL X 60 -5.17 23.72 62.96
N VAL X 61 -5.41 22.74 62.10
CA VAL X 61 -6.79 22.39 61.79
C VAL X 61 -7.45 21.74 62.99
N ASN X 62 -6.72 20.88 63.71
CA ASN X 62 -7.23 20.28 64.94
C ASN X 62 -7.54 21.32 66.00
N ALA X 63 -6.85 22.47 65.94
CA ALA X 63 -7.10 23.55 66.87
C ALA X 63 -8.50 24.10 66.68
N VAL X 64 -9.11 24.53 67.79
CA VAL X 64 -10.43 25.13 67.80
C VAL X 64 -10.31 26.46 68.55
N ILE X 65 -11.19 27.40 68.26
CA ILE X 65 -11.19 28.70 68.91
C ILE X 65 -12.22 28.67 70.03
N ASP X 66 -11.76 28.50 71.26
CA ASP X 66 -12.63 28.40 72.42
C ASP X 66 -12.05 29.23 73.56
N ASP X 67 -12.60 29.03 74.76
CA ASP X 67 -12.42 29.80 76.00
C ASP X 67 -13.52 30.85 76.10
N ALA X 68 -13.41 31.73 77.08
CA ALA X 68 -14.45 32.74 77.31
C ALA X 68 -14.55 33.69 76.12
N THR X 69 -15.77 33.91 75.65
CA THR X 69 -16.05 34.80 74.53
C THR X 69 -15.21 34.47 73.30
N LYS X 70 -15.08 33.18 72.99
CA LYS X 70 -14.46 32.71 71.76
C LYS X 70 -12.96 32.97 71.72
N GLU X 71 -12.55 33.98 70.96
CA GLU X 71 -11.16 34.16 70.55
C GLU X 71 -10.31 34.60 71.75
N VAL X 72 -9.66 33.63 72.38
CA VAL X 72 -8.66 33.89 73.41
C VAL X 72 -7.32 33.24 73.07
N VAL X 73 -7.28 31.90 73.05
CA VAL X 73 -6.05 31.15 72.76
C VAL X 73 -6.44 29.93 71.95
N TYR X 74 -5.48 29.34 71.23
CA TYR X 74 -5.69 28.10 70.48
C TYR X 74 -5.97 26.99 71.47
N ARG X 75 -6.75 25.99 71.05
CA ARG X 75 -6.89 24.75 71.82
C ARG X 75 -6.46 23.59 70.92
N ASP X 76 -5.18 23.23 71.01
CA ASP X 76 -4.66 22.14 70.22
C ASP X 76 -5.03 20.81 70.86
N TYR X 77 -5.60 19.92 70.06
CA TYR X 77 -5.94 18.56 70.49
C TYR X 77 -5.02 17.58 69.79
N ILE X 78 -4.46 16.66 70.58
CA ILE X 78 -3.45 15.73 70.10
C ILE X 78 -4.15 14.50 69.52
N ASP X 79 -5.48 14.51 69.51
CA ASP X 79 -6.26 13.41 68.99
C ASP X 79 -6.92 13.81 67.68
N ILE X 80 -7.08 12.85 66.78
CA ILE X 80 -7.76 13.08 65.51
C ILE X 80 -9.05 12.28 65.54
N SER X 81 -10.16 12.94 65.23
CA SER X 81 -11.46 12.30 65.18
C SER X 81 -12.25 12.92 64.05
N VAL X 82 -12.60 12.11 63.05
CA VAL X 82 -13.25 12.58 61.85
C VAL X 82 -14.73 12.27 61.94
N ALA X 83 -15.56 13.27 61.62
CA ALA X 83 -17.01 13.16 61.73
C ALA X 83 -17.59 12.94 60.34
N VAL X 84 -17.67 11.67 59.93
CA VAL X 84 -18.27 11.35 58.64
C VAL X 84 -19.79 11.51 58.72
N ALA X 85 -20.36 12.00 57.62
CA ALA X 85 -21.80 12.26 57.53
C ALA X 85 -22.44 11.19 56.66
N THR X 86 -23.51 10.59 57.18
CA THR X 86 -24.26 9.58 56.45
C THR X 86 -25.71 10.01 56.29
N PRO X 87 -26.34 9.69 55.17
CA PRO X 87 -27.72 10.12 54.97
C PRO X 87 -28.75 9.12 55.44
N ARG X 88 -29.70 9.57 56.26
CA ARG X 88 -30.95 8.86 56.50
C ARG X 88 -32.04 9.48 55.64
N GLY X 89 -33.27 9.03 55.89
CA GLY X 89 -34.44 9.79 55.49
C GLY X 89 -34.95 10.71 56.58
N LEU X 90 -34.40 10.59 57.79
CA LEU X 90 -34.81 11.36 58.95
C LEU X 90 -33.83 12.46 59.30
N VAL X 91 -33.30 13.17 58.30
CA VAL X 91 -32.34 14.27 58.44
C VAL X 91 -30.94 13.67 58.61
N VAL X 92 -29.99 14.20 57.84
CA VAL X 92 -28.63 13.63 57.83
C VAL X 92 -27.95 13.90 59.16
N PRO X 93 -27.50 12.86 59.89
CA PRO X 93 -26.69 13.09 61.09
C PRO X 93 -25.21 13.01 60.73
N VAL X 94 -24.34 13.31 61.69
CA VAL X 94 -22.89 13.15 61.48
C VAL X 94 -22.31 12.23 62.55
N ILE X 95 -22.00 11.00 62.15
CA ILE X 95 -21.41 10.09 63.10
C ILE X 95 -19.91 10.31 63.08
N ARG X 96 -19.23 9.75 64.07
CA ARG X 96 -17.90 10.23 64.37
C ARG X 96 -17.01 9.09 64.85
N ASN X 97 -15.75 9.09 64.44
CA ASN X 97 -14.81 8.03 64.77
C ASN X 97 -13.88 8.55 65.85
N VAL X 98 -13.64 7.73 66.87
CA VAL X 98 -12.91 8.15 68.06
C VAL X 98 -11.52 7.51 68.05
N GLU X 99 -10.50 8.31 68.36
CA GLU X 99 -9.12 7.85 68.44
C GLU X 99 -8.70 7.13 67.17
N THR X 100 -9.06 7.72 66.04
CA THR X 100 -8.94 7.07 64.74
C THR X 100 -7.57 7.27 64.10
N MET X 101 -6.61 7.90 64.78
CA MET X 101 -5.26 8.02 64.23
C MET X 101 -4.56 6.68 64.07
N ASN X 102 -4.72 5.76 65.01
CA ASN X 102 -3.89 4.57 65.11
C ASN X 102 -4.49 3.35 64.42
N TYR X 103 -5.57 3.52 63.67
CA TYR X 103 -6.28 2.39 63.08
C TYR X 103 -6.37 2.56 61.58
N ALA X 104 -6.23 1.44 60.87
CA ALA X 104 -5.97 1.42 59.45
C ALA X 104 -7.27 1.50 58.64
N ASP X 105 -7.17 1.21 57.35
CA ASP X 105 -8.27 1.41 56.42
C ASP X 105 -9.46 0.52 56.76
N ILE X 106 -9.19 -0.74 57.12
CA ILE X 106 -10.29 -1.66 57.45
C ILE X 106 -10.98 -1.24 58.74
N GLU X 107 -10.21 -0.92 59.77
CA GLU X 107 -10.83 -0.47 61.02
C GLU X 107 -11.60 0.81 60.79
N ARG X 108 -11.31 1.53 59.71
CA ARG X 108 -12.09 2.71 59.36
C ARG X 108 -13.42 2.33 58.71
N THR X 109 -13.50 1.13 58.12
CA THR X 109 -14.72 0.73 57.43
C THR X 109 -15.59 -0.18 58.30
N ILE X 110 -14.97 -1.07 59.08
CA ILE X 110 -15.73 -1.81 60.09
C ILE X 110 -16.37 -0.85 61.06
N ASN X 111 -15.60 0.15 61.52
CA ASN X 111 -16.16 1.16 62.42
C ASN X 111 -17.28 1.90 61.71
N GLU X 112 -17.10 2.22 60.42
CA GLU X 112 -18.12 3.00 59.73
C GLU X 112 -19.38 2.18 59.48
N LEU X 113 -19.24 0.97 58.96
CA LEU X 113 -20.41 0.24 58.46
C LEU X 113 -21.28 -0.28 59.59
N GLY X 114 -20.69 -0.94 60.58
CA GLY X 114 -21.48 -1.43 61.71
C GLY X 114 -22.08 -0.29 62.49
N GLU X 115 -21.40 0.85 62.52
CA GLU X 115 -21.93 2.07 63.09
C GLU X 115 -22.96 2.72 62.16
N LYS X 116 -22.95 2.36 60.87
CA LYS X 116 -24.02 2.79 59.98
C LYS X 116 -25.31 2.04 60.27
N ALA X 117 -25.25 0.72 60.37
CA ALA X 117 -26.40 -0.07 60.80
C ALA X 117 -26.80 0.28 62.22
N ARG X 118 -25.87 0.83 62.99
CA ARG X 118 -26.17 1.25 64.36
C ARG X 118 -27.13 2.44 64.38
N LYS X 119 -27.15 3.23 63.30
CA LYS X 119 -28.12 4.32 63.22
C LYS X 119 -29.20 4.08 62.18
N ASN X 120 -29.16 2.98 61.44
CA ASN X 120 -30.28 2.61 60.59
C ASN X 120 -31.44 2.08 61.43
N GLU X 121 -31.14 1.62 62.64
CA GLU X 121 -32.13 1.08 63.56
C GLU X 121 -32.40 1.99 64.76
N LEU X 122 -31.93 3.24 64.70
CA LEU X 122 -32.21 4.23 65.74
C LEU X 122 -31.69 3.84 67.11
N ALA X 123 -30.64 3.01 67.15
CA ALA X 123 -29.96 2.70 68.40
C ALA X 123 -28.92 3.74 68.78
N ILE X 124 -29.34 4.94 69.18
CA ILE X 124 -28.42 6.06 69.27
C ILE X 124 -28.30 6.54 70.72
N GLU X 125 -27.07 6.72 71.18
CA GLU X 125 -26.78 7.40 72.43
C GLU X 125 -26.01 8.68 72.14
N ASP X 126 -26.42 9.77 72.80
CA ASP X 126 -25.81 11.07 72.52
C ASP X 126 -24.36 11.13 72.99
N MET X 127 -23.96 10.18 73.85
CA MET X 127 -22.58 10.16 74.31
C MET X 127 -21.62 9.86 73.17
N ASP X 128 -22.12 9.26 72.09
CA ASP X 128 -21.28 8.93 70.95
C ASP X 128 -21.17 10.06 69.93
N GLY X 129 -21.61 11.27 70.28
CA GLY X 129 -21.50 12.42 69.42
C GLY X 129 -20.82 13.62 70.04
N GLY X 130 -19.84 13.42 70.92
CA GLY X 130 -19.20 14.53 71.58
C GLY X 130 -18.46 15.43 70.60
N THR X 131 -18.28 16.67 71.02
CA THR X 131 -17.64 17.65 70.16
C THR X 131 -16.16 17.34 70.02
N PHE X 132 -15.81 16.65 68.93
CA PHE X 132 -14.42 16.40 68.58
C PHE X 132 -13.92 17.41 67.56
N THR X 133 -12.76 17.16 66.97
CA THR X 133 -12.06 18.16 66.18
C THR X 133 -12.69 18.47 64.83
N ILE X 134 -13.04 17.45 64.03
CA ILE X 134 -13.16 17.65 62.59
C ILE X 134 -14.27 16.80 61.99
N SER X 135 -14.93 17.36 60.97
CA SER X 135 -15.99 16.69 60.23
C SER X 135 -15.61 16.58 58.76
N ASN X 136 -15.86 15.40 58.19
CA ASN X 136 -15.69 15.14 56.77
C ASN X 136 -17.08 14.95 56.18
N GLY X 137 -17.57 15.97 55.49
CA GLY X 137 -18.91 15.96 54.92
C GLY X 137 -19.04 14.86 53.89
N GLY X 138 -19.75 13.80 54.27
CA GLY X 138 -19.96 12.68 53.36
C GLY X 138 -21.13 12.94 52.44
N VAL X 139 -20.83 13.31 51.20
CA VAL X 139 -21.85 13.64 50.21
C VAL X 139 -21.85 12.69 49.04
N PHE X 140 -21.51 11.42 49.25
CA PHE X 140 -21.42 10.47 48.16
C PHE X 140 -22.77 9.84 47.80
N GLY X 141 -23.82 10.65 47.63
CA GLY X 141 -25.11 10.08 47.25
C GLY X 141 -25.66 10.51 45.89
N SER X 142 -25.51 11.78 45.49
CA SER X 142 -26.39 12.36 44.48
C SER X 142 -25.71 12.96 43.26
N LEU X 143 -24.51 12.52 42.88
CA LEU X 143 -24.00 12.73 41.54
C LEU X 143 -23.97 14.19 41.07
N PHE X 144 -23.22 15.06 41.72
CA PHE X 144 -23.21 16.47 41.33
C PHE X 144 -21.81 17.07 41.41
N GLY X 145 -21.73 18.37 41.10
CA GLY X 145 -20.47 19.02 40.77
C GLY X 145 -19.61 19.66 41.84
N THR X 146 -20.08 20.69 42.55
CA THR X 146 -19.26 21.42 43.51
C THR X 146 -20.12 22.05 44.58
N PRO X 147 -20.00 21.58 45.83
CA PRO X 147 -20.83 22.11 46.93
C PRO X 147 -20.13 23.17 47.76
N ILE X 148 -20.88 23.87 48.56
CA ILE X 148 -20.17 24.71 49.55
C ILE X 148 -20.69 24.01 50.80
N ILE X 149 -19.89 23.76 51.83
CA ILE X 149 -20.54 23.15 53.02
C ILE X 149 -20.69 24.22 54.09
N ASN X 150 -20.99 23.81 55.32
CA ASN X 150 -21.08 24.77 56.44
C ASN X 150 -20.36 24.15 57.64
N PRO X 151 -19.05 24.44 57.85
CA PRO X 151 -18.27 23.80 58.91
C PRO X 151 -19.13 23.43 60.12
N PRO X 152 -19.56 22.16 60.27
CA PRO X 152 -20.43 21.74 61.37
C PRO X 152 -19.86 22.20 62.73
N GLN X 153 -20.24 23.39 63.18
CA GLN X 153 -19.74 23.95 64.47
C GLN X 153 -19.68 22.84 65.54
N SER X 154 -18.62 22.80 66.37
CA SER X 154 -17.63 23.87 66.61
C SER X 154 -16.42 23.61 65.72
N ALA X 155 -16.39 22.45 65.06
CA ALA X 155 -15.40 22.10 64.06
C ALA X 155 -14.98 23.35 63.29
N ILE X 156 -13.73 23.35 62.86
CA ILE X 156 -13.15 24.52 62.20
C ILE X 156 -13.01 24.31 60.69
N LEU X 157 -12.89 23.07 60.22
CA LEU X 157 -12.71 22.86 58.79
C LEU X 157 -13.76 21.89 58.30
N GLY X 158 -13.85 21.74 56.98
CA GLY X 158 -14.85 20.87 56.38
C GLY X 158 -14.46 20.29 55.04
N MET X 159 -14.72 18.99 54.84
CA MET X 159 -14.44 18.25 53.60
C MET X 159 -15.71 18.05 52.78
N HIS X 160 -15.54 17.84 51.48
CA HIS X 160 -16.66 17.53 50.58
C HIS X 160 -16.61 16.13 50.02
N GLY X 161 -17.76 15.70 49.52
CA GLY X 161 -17.88 14.53 48.66
C GLY X 161 -18.52 14.94 47.35
N ILE X 162 -17.72 14.87 46.29
CA ILE X 162 -18.16 15.21 44.93
C ILE X 162 -18.08 13.88 44.16
N PHE X 163 -18.44 13.87 42.89
CA PHE X 163 -18.74 12.60 42.26
C PHE X 163 -17.87 12.30 41.07
N ASP X 164 -17.67 11.01 40.82
CA ASP X 164 -16.77 10.56 39.77
C ASP X 164 -17.43 10.76 38.42
N ARG X 165 -16.79 11.56 37.56
CA ARG X 165 -17.29 11.84 36.24
C ARG X 165 -16.19 11.57 35.23
N PRO X 166 -16.50 10.88 34.13
CA PRO X 166 -15.53 10.75 33.04
C PRO X 166 -15.27 12.12 32.44
N VAL X 167 -14.05 12.63 32.64
CA VAL X 167 -13.69 13.97 32.23
C VAL X 167 -12.39 13.88 31.46
N ALA X 168 -12.37 14.51 30.28
CA ALA X 168 -11.16 14.57 29.48
C ALA X 168 -10.11 15.42 30.16
N VAL X 169 -8.91 14.86 30.34
CA VAL X 169 -7.83 15.52 31.06
C VAL X 169 -6.50 15.26 30.35
N GLY X 170 -5.55 16.14 30.59
CA GLY X 170 -4.24 16.03 29.99
C GLY X 170 -3.23 15.33 30.87
N GLY X 171 -3.00 14.05 30.61
CA GLY X 171 -2.02 13.29 31.36
C GLY X 171 -0.73 13.13 30.58
N LYS X 172 0.37 13.67 31.12
CA LYS X 172 1.66 13.68 30.44
C LYS X 172 1.57 14.31 29.05
N VAL X 173 0.91 15.48 28.99
CA VAL X 173 0.78 16.28 27.77
C VAL X 173 -0.04 15.49 26.74
N GLU X 174 -0.77 14.49 27.20
CA GLU X 174 -1.63 13.68 26.35
C GLU X 174 -3.02 13.66 26.94
N VAL X 175 -4.03 13.64 26.06
CA VAL X 175 -5.42 13.61 26.51
C VAL X 175 -5.79 12.17 26.82
N ARG X 176 -6.23 11.92 28.05
CA ARG X 176 -6.57 10.58 28.49
C ARG X 176 -7.79 10.63 29.41
N PRO X 177 -8.99 10.38 28.88
CA PRO X 177 -10.20 10.45 29.70
C PRO X 177 -10.14 9.56 30.93
N MET X 178 -10.15 10.15 32.12
CA MET X 178 -10.27 9.41 33.36
C MET X 178 -11.44 9.97 34.15
N MET X 179 -11.97 9.15 35.05
CA MET X 179 -13.14 9.52 35.84
C MET X 179 -12.69 10.19 37.13
N TYR X 180 -13.06 11.47 37.28
CA TYR X 180 -12.42 12.34 38.25
C TYR X 180 -13.45 12.91 39.21
N VAL X 181 -12.95 13.45 40.33
CA VAL X 181 -13.75 14.05 41.37
C VAL X 181 -13.15 15.41 41.73
N ALA X 182 -13.99 16.29 42.25
CA ALA X 182 -13.56 17.60 42.74
C ALA X 182 -13.66 17.60 44.25
N LEU X 183 -13.02 18.56 44.89
CA LEU X 183 -13.05 18.66 46.32
C LEU X 183 -12.92 20.11 46.71
N THR X 184 -13.43 20.45 47.89
CA THR X 184 -13.19 21.77 48.42
C THR X 184 -12.92 21.63 49.90
N TYR X 185 -12.55 22.72 50.56
CA TYR X 185 -12.38 22.65 52.00
C TYR X 185 -12.68 24.06 52.53
N ASP X 186 -13.68 24.17 53.41
CA ASP X 186 -14.21 25.45 53.88
C ASP X 186 -13.52 25.91 55.16
N HIS X 187 -12.65 26.92 55.03
CA HIS X 187 -11.79 27.30 56.13
C HIS X 187 -12.28 28.57 56.82
N ARG X 188 -12.29 28.51 58.15
CA ARG X 188 -12.45 29.66 59.02
C ARG X 188 -11.16 30.47 58.99
N LEU X 189 -11.22 31.66 58.38
CA LEU X 189 -10.03 32.50 58.26
C LEU X 189 -9.42 32.81 59.61
N ILE X 190 -10.25 33.00 60.63
CA ILE X 190 -9.72 33.38 61.94
C ILE X 190 -8.86 32.25 62.46
N ASP X 191 -7.56 32.51 62.59
CA ASP X 191 -6.59 31.54 63.08
C ASP X 191 -6.44 30.35 62.12
N GLY X 192 -6.90 30.49 60.88
CA GLY X 192 -6.58 29.53 59.85
C GLY X 192 -6.17 30.21 58.55
N ARG X 193 -4.89 30.10 58.19
CA ARG X 193 -4.37 30.89 57.08
C ARG X 193 -4.79 30.30 55.75
N GLU X 194 -4.90 31.17 54.73
CA GLU X 194 -5.28 30.72 53.40
C GLU X 194 -4.24 29.79 52.80
N ALA X 195 -2.96 30.12 52.93
CA ALA X 195 -1.91 29.35 52.27
C ALA X 195 -1.84 27.92 52.80
N VAL X 196 -2.02 27.75 54.12
CA VAL X 196 -1.90 26.43 54.71
C VAL X 196 -3.10 25.55 54.33
N THR X 197 -4.19 26.19 53.88
CA THR X 197 -5.37 25.43 53.49
C THR X 197 -5.16 24.75 52.13
N PHE X 198 -4.49 25.41 51.21
CA PHE X 198 -4.18 24.80 49.93
C PHE X 198 -3.25 23.59 50.11
N LEU X 199 -2.30 23.71 51.04
CA LEU X 199 -1.36 22.61 51.27
C LEU X 199 -2.06 21.37 51.78
N ARG X 200 -3.03 21.54 52.68
CA ARG X 200 -3.78 20.38 53.16
C ARG X 200 -4.81 19.92 52.13
N LYS X 201 -5.33 20.84 51.33
CA LYS X 201 -6.17 20.44 50.21
C LYS X 201 -5.40 19.61 49.20
N ILE X 202 -4.16 20.01 48.88
CA ILE X 202 -3.37 19.24 47.94
C ILE X 202 -3.06 17.85 48.50
N LYS X 203 -2.64 17.79 49.77
CA LYS X 203 -2.17 16.52 50.32
C LYS X 203 -3.33 15.59 50.64
N ALA X 204 -4.49 16.14 50.97
CA ALA X 204 -5.69 15.30 51.06
C ALA X 204 -6.12 14.84 49.67
N ALA X 205 -5.53 15.43 48.63
CA ALA X 205 -5.78 14.97 47.27
C ALA X 205 -4.51 14.38 46.65
N VAL X 206 -3.44 14.28 47.44
CA VAL X 206 -2.23 13.62 46.97
C VAL X 206 -2.10 12.23 47.57
N GLU X 207 -2.47 12.08 48.85
CA GLU X 207 -2.41 10.76 49.47
C GLU X 207 -3.56 9.88 48.97
N ASP X 208 -4.50 10.46 48.24
CA ASP X 208 -5.65 9.76 47.69
C ASP X 208 -5.35 9.07 46.36
N PRO X 209 -4.74 9.74 45.36
CA PRO X 209 -4.45 9.03 44.11
C PRO X 209 -3.24 8.13 44.19
N ARG X 210 -2.31 8.42 45.09
CA ARG X 210 -1.16 7.53 45.30
C ARG X 210 -1.29 7.06 46.76
N VAL X 211 -2.01 5.95 46.95
CA VAL X 211 -2.37 5.53 48.28
C VAL X 211 -1.15 5.23 49.17
N LEU X 212 0.05 5.17 48.60
CA LEU X 212 1.20 4.69 49.34
C LEU X 212 2.01 5.77 50.04
N LEU X 213 1.67 7.05 49.88
CA LEU X 213 2.32 8.01 50.78
C LEU X 213 1.77 7.90 52.20
N LEU X 214 0.71 7.11 52.40
CA LEU X 214 0.28 6.80 53.75
C LEU X 214 1.32 5.94 54.46
N ASP X 215 2.00 5.07 53.72
CA ASP X 215 3.10 4.29 54.30
C ASP X 215 4.36 5.12 54.47
N LEU X 216 4.55 6.17 53.67
CA LEU X 216 5.74 7.00 53.78
C LEU X 216 5.52 8.15 54.76
#